data_8US0
#
_entry.id   8US0
#
_cell.length_a   127.920
_cell.length_b   241.540
_cell.length_c   144.130
_cell.angle_alpha   90.000
_cell.angle_beta   101.619
_cell.angle_gamma   90.000
#
_symmetry.space_group_name_H-M   'P 1 21 1'
#
loop_
_entity.id
_entity.type
_entity.pdbx_description
1 polymer Hemagglutinin
2 polymer 'human antibody S8V1-157 light chain'
3 polymer 'human antibody S8V1-157 heavy chain'
4 branched beta-D-mannopyranose-(1-4)-2-acetamido-2-deoxy-beta-D-glucopyranose-(1-4)-2-acetamido-2-deoxy-beta-D-glucopyranose
5 branched 2-acetamido-2-deoxy-beta-D-glucopyranose-(1-4)-2-acetamido-2-deoxy-beta-D-glucopyranose
6 non-polymer '2-(N-MORPHOLINO)-ETHANESULFONIC ACID'
7 non-polymer 2-acetamido-2-deoxy-beta-D-glucopyranose
#
loop_
_entity_poly.entity_id
_entity_poly.type
_entity_poly.pdbx_seq_one_letter_code
_entity_poly.pdbx_strand_id
1 'polypeptide(L)'
;VAAQELVESQHLPELCPSPLRLVDGQTCDIVNGALGSPGCDHLNGAEWDIFIERPTAVDTCYPFDVPDYQSLRSILANNG
KFEFIAEEFQWSTVKQNGKSGACKRANVNDFFNRLNWLTKSDGNAYPLQNLTKINNGDYARLYIWGVHHPSTDTEQTNLY
KNNPGRVTVSTKTSQTSVVPNIGSRPWVRGQSGRISFYWTIVEPGDLIVFNTIGNLIAPRGHYKLNSQKKSTILNTAVPI
GSCVSKCHTDRGSITTTKPFQNISRISIGDCPKYVKQGSLKLATGGLEVLFQ
;
A,D,G,J,M,P
2 'polypeptide(L)'
;ASDIVMTQSPSSLPVTPGEPASISCRSSQSLLHSNGYNYLDWYLQKPGQSPQLLIYLGSNRASGVPDRFSGSGSGTDFTL
KISRVEAEDVGVYYCKQALQTLYTFGQGTKLEIKRTVAAPSVFIFPPSDEQLKSGTASVVCLLNNFYPREAKVQWKVDNA
LQSGNSQESVTEQDSKDSTYSLSSTLTLSKADYEKHKVYACEVTHQGLSSPVTKSFNRGEC
;
O,I,C,R,F,L
3 'polypeptide(L)'
;ASEVQLVQSGAEVKKPGASVKVSCKVSGYRLTALSMHWVRQAPGKGLEWMGGFDPEEDETIYAQNFQGRVTLTEDTSTDT
VYMELSSLRSEDTGVYYCATLMGANPFDYWGQGTLIIVSGASTKGPSVFPLAPSSKSTSGGTAALGCLVKDYFPEPVTVS
WNSGALTSGVHTFPAVLQSSGLYSLSSVVTVPSSSLGTQTYICNVNHKPSNTKVDKRVEPKSCDKHHHHHH
;
B,H,K,N,Q,E
#
# COMPACT_ATOMS: atom_id res chain seq x y z
N GLU A 5 11.12 5.84 -25.78
CA GLU A 5 10.23 4.69 -25.77
C GLU A 5 9.24 4.76 -26.93
N LEU A 6 9.03 3.63 -27.60
CA LEU A 6 8.18 3.56 -28.77
C LEU A 6 6.89 2.78 -28.54
N VAL A 7 6.67 2.25 -27.35
CA VAL A 7 5.49 1.46 -27.04
C VAL A 7 4.78 2.11 -25.86
N GLU A 8 3.59 2.65 -26.10
CA GLU A 8 2.81 3.25 -25.02
C GLU A 8 2.15 2.16 -24.20
N SER A 9 2.30 2.26 -22.88
CA SER A 9 1.80 1.24 -21.97
C SER A 9 0.81 1.77 -20.94
N GLN A 10 0.57 3.08 -20.91
CA GLN A 10 -0.31 3.69 -19.93
C GLN A 10 -1.57 4.22 -20.62
N HIS A 11 -2.73 3.79 -20.14
CA HIS A 11 -4.01 4.24 -20.66
C HIS A 11 -4.73 5.07 -19.60
N LEU A 12 -5.70 5.86 -20.06
CA LEU A 12 -6.47 6.68 -19.15
C LEU A 12 -7.51 5.84 -18.41
N PRO A 13 -7.87 6.22 -17.19
CA PRO A 13 -8.84 5.43 -16.43
C PRO A 13 -10.28 5.73 -16.80
N GLU A 14 -10.50 6.27 -18.00
CA GLU A 14 -11.84 6.64 -18.44
C GLU A 14 -11.86 6.73 -19.96
N LEU A 15 -13.06 6.81 -20.51
CA LEU A 15 -13.27 6.92 -21.95
C LEU A 15 -13.56 8.38 -22.29
N CYS A 16 -12.76 8.96 -23.16
CA CYS A 16 -12.88 10.37 -23.48
C CYS A 16 -14.11 10.61 -24.37
N PRO A 17 -15.04 11.47 -23.96
CA PRO A 17 -16.22 11.76 -24.80
C PRO A 17 -15.97 12.77 -25.90
N SER A 18 -14.72 13.20 -26.11
CA SER A 18 -14.37 14.20 -27.11
C SER A 18 -13.07 13.78 -27.79
N PRO A 19 -12.95 14.00 -29.11
CA PRO A 19 -13.97 14.63 -29.97
C PRO A 19 -15.01 13.65 -30.50
N LEU A 20 -14.73 12.35 -30.41
CA LEU A 20 -15.66 11.35 -30.90
C LEU A 20 -16.92 11.32 -30.04
N ARG A 21 -18.07 11.22 -30.70
CA ARG A 21 -19.35 11.21 -30.00
C ARG A 21 -19.64 9.81 -29.48
N LEU A 22 -19.75 9.69 -28.16
CA LEU A 22 -20.00 8.41 -27.51
C LEU A 22 -21.44 8.37 -26.98
N VAL A 23 -22.03 7.19 -27.01
CA VAL A 23 -23.37 6.96 -26.48
C VAL A 23 -23.30 5.77 -25.53
N ASP A 24 -23.73 5.98 -24.29
CA ASP A 24 -23.69 4.95 -23.26
C ASP A 24 -24.96 4.11 -23.35
N GLY A 25 -24.79 2.82 -23.62
CA GLY A 25 -25.94 1.92 -23.65
C GLY A 25 -26.49 1.61 -22.27
N GLN A 26 -25.64 1.67 -21.25
CA GLN A 26 -26.02 1.47 -19.85
C GLN A 26 -26.64 0.08 -19.70
N THR A 27 -27.90 -0.04 -19.29
CA THR A 27 -28.51 -1.34 -19.01
C THR A 27 -28.90 -2.10 -20.28
N CYS A 28 -28.74 -1.50 -21.45
CA CYS A 28 -29.14 -2.13 -22.71
C CYS A 28 -27.92 -2.33 -23.60
N ASP A 29 -27.80 -3.51 -24.19
CA ASP A 29 -26.90 -3.69 -25.31
C ASP A 29 -27.54 -3.09 -26.56
N ILE A 30 -26.80 -3.11 -27.68
CA ILE A 30 -27.32 -2.48 -28.89
C ILE A 30 -28.47 -3.27 -29.49
N VAL A 31 -28.64 -4.54 -29.11
CA VAL A 31 -29.71 -5.35 -29.67
C VAL A 31 -31.04 -5.01 -29.02
N ASN A 32 -31.10 -5.02 -27.68
CA ASN A 32 -32.32 -4.62 -26.99
C ASN A 32 -32.65 -3.16 -27.26
N GLY A 33 -31.65 -2.34 -27.53
CA GLY A 33 -31.91 -0.96 -27.90
C GLY A 33 -32.65 -0.83 -29.21
N ALA A 34 -32.39 -1.75 -30.15
CA ALA A 34 -33.12 -1.75 -31.41
C ALA A 34 -34.51 -2.35 -31.25
N LEU A 35 -34.63 -3.39 -30.43
CA LEU A 35 -35.94 -3.99 -30.18
C LEU A 35 -36.80 -3.10 -29.30
N GLY A 36 -36.18 -2.33 -28.41
CA GLY A 36 -36.94 -1.46 -27.53
C GLY A 36 -37.36 -2.15 -26.24
N SER A 37 -36.46 -2.93 -25.66
CA SER A 37 -36.74 -3.57 -24.39
C SER A 37 -36.85 -2.52 -23.28
N PRO A 38 -37.49 -2.88 -22.16
CA PRO A 38 -37.58 -1.95 -21.03
C PRO A 38 -36.21 -1.43 -20.61
N GLY A 39 -36.13 -0.12 -20.40
CA GLY A 39 -34.89 0.54 -20.06
C GLY A 39 -34.09 1.04 -21.24
N CYS A 40 -34.48 0.69 -22.47
CA CYS A 40 -33.76 1.08 -23.67
C CYS A 40 -34.39 2.30 -24.34
N ASP A 41 -35.12 3.12 -23.58
CA ASP A 41 -35.77 4.30 -24.16
C ASP A 41 -34.79 5.46 -24.33
N HIS A 42 -33.74 5.52 -23.51
CA HIS A 42 -32.79 6.62 -23.58
C HIS A 42 -31.98 6.60 -24.88
N LEU A 43 -32.06 5.53 -25.65
CA LEU A 43 -31.36 5.43 -26.93
C LEU A 43 -32.22 5.85 -28.12
N ASN A 44 -33.50 6.15 -27.89
CA ASN A 44 -34.40 6.51 -28.99
C ASN A 44 -33.94 7.80 -29.65
N GLY A 45 -33.57 7.72 -30.92
CA GLY A 45 -33.10 8.88 -31.64
C GLY A 45 -31.65 9.24 -31.42
N ALA A 46 -30.88 8.37 -30.74
CA ALA A 46 -29.49 8.67 -30.45
C ALA A 46 -28.63 8.48 -31.68
N GLU A 47 -27.55 9.28 -31.75
CA GLU A 47 -26.56 9.18 -32.80
C GLU A 47 -25.19 9.07 -32.16
N TRP A 48 -24.34 8.19 -32.69
CA TRP A 48 -23.07 7.88 -32.06
C TRP A 48 -22.00 7.64 -33.11
N ASP A 49 -20.77 8.07 -32.78
CA ASP A 49 -19.60 7.58 -33.51
C ASP A 49 -19.12 6.25 -32.93
N ILE A 50 -19.31 6.05 -31.63
CA ILE A 50 -18.95 4.80 -30.96
C ILE A 50 -20.03 4.49 -29.94
N PHE A 51 -20.71 3.36 -30.11
CA PHE A 51 -21.69 2.90 -29.13
C PHE A 51 -20.97 2.14 -28.03
N ILE A 52 -21.14 2.59 -26.79
CA ILE A 52 -20.49 1.98 -25.64
C ILE A 52 -21.45 0.97 -25.04
N GLU A 53 -21.16 -0.32 -25.22
CA GLU A 53 -22.00 -1.41 -24.74
C GLU A 53 -21.42 -1.95 -23.44
N ARG A 54 -22.20 -1.92 -22.37
CA ARG A 54 -21.68 -2.35 -21.09
C ARG A 54 -21.80 -3.87 -20.93
N PRO A 55 -20.76 -4.53 -20.43
CA PRO A 55 -20.87 -5.98 -20.16
C PRO A 55 -21.91 -6.30 -19.11
N THR A 56 -22.14 -5.38 -18.17
CA THR A 56 -23.14 -5.58 -17.12
C THR A 56 -24.56 -5.44 -17.62
N ALA A 57 -24.77 -5.22 -18.92
CA ALA A 57 -26.11 -5.11 -19.47
C ALA A 57 -26.86 -6.42 -19.29
N VAL A 58 -28.18 -6.31 -19.13
CA VAL A 58 -29.04 -7.46 -18.87
C VAL A 58 -30.23 -7.42 -19.81
N ASP A 59 -30.82 -8.60 -20.03
CA ASP A 59 -32.05 -8.70 -20.79
C ASP A 59 -33.22 -8.26 -19.93
N THR A 60 -34.10 -7.41 -20.49
CA THR A 60 -35.21 -6.83 -19.74
C THR A 60 -36.56 -7.14 -20.36
N CYS A 61 -36.64 -8.14 -21.25
CA CYS A 61 -37.90 -8.47 -21.89
C CYS A 61 -38.03 -9.97 -22.14
N TYR A 62 -38.70 -10.34 -23.22
CA TYR A 62 -38.92 -11.75 -23.52
C TYR A 62 -37.58 -12.45 -23.78
N PRO A 63 -37.41 -13.68 -23.31
CA PRO A 63 -36.21 -14.45 -23.67
C PRO A 63 -36.19 -14.74 -25.16
N PHE A 64 -35.12 -14.31 -25.81
CA PHE A 64 -35.01 -14.41 -27.26
C PHE A 64 -33.60 -14.82 -27.65
N ASP A 65 -33.45 -15.19 -28.92
CA ASP A 65 -32.15 -15.46 -29.52
C ASP A 65 -32.16 -14.96 -30.96
N VAL A 66 -30.98 -14.60 -31.46
CA VAL A 66 -30.87 -14.05 -32.81
C VAL A 66 -29.98 -14.95 -33.65
N PRO A 67 -30.54 -15.68 -34.61
CA PRO A 67 -29.70 -16.39 -35.59
C PRO A 67 -28.83 -15.38 -36.33
N ASP A 68 -27.52 -15.67 -36.38
CA ASP A 68 -26.52 -14.73 -36.87
C ASP A 68 -26.57 -13.44 -36.06
N TYR A 69 -26.34 -13.60 -34.75
CA TYR A 69 -26.45 -12.48 -33.82
C TYR A 69 -25.44 -11.39 -34.12
N GLN A 70 -24.19 -11.78 -34.44
CA GLN A 70 -23.13 -10.79 -34.58
C GLN A 70 -23.32 -9.92 -35.83
N SER A 71 -24.00 -10.44 -36.85
CA SER A 71 -24.22 -9.65 -38.06
C SER A 71 -25.19 -8.50 -37.80
N LEU A 72 -26.31 -8.78 -37.13
CA LEU A 72 -27.25 -7.72 -36.80
C LEU A 72 -26.62 -6.71 -35.84
N ARG A 73 -25.87 -7.19 -34.85
CA ARG A 73 -25.17 -6.28 -33.94
C ARG A 73 -24.20 -5.39 -34.70
N SER A 74 -23.52 -5.93 -35.70
CA SER A 74 -22.59 -5.12 -36.49
C SER A 74 -23.35 -4.14 -37.39
N ILE A 75 -24.49 -4.55 -37.92
CA ILE A 75 -25.28 -3.66 -38.77
C ILE A 75 -25.84 -2.50 -37.95
N LEU A 76 -26.32 -2.78 -36.74
CA LEU A 76 -26.86 -1.72 -35.88
C LEU A 76 -25.77 -0.73 -35.49
N ALA A 77 -24.55 -1.23 -35.22
CA ALA A 77 -23.48 -0.35 -34.79
C ALA A 77 -22.86 0.41 -35.96
N ASN A 78 -22.68 -0.25 -37.11
CA ASN A 78 -22.08 0.41 -38.26
C ASN A 78 -22.96 1.52 -38.79
N ASN A 79 -24.28 1.41 -38.61
CA ASN A 79 -25.19 2.46 -39.05
C ASN A 79 -24.93 3.75 -38.28
N GLY A 80 -25.02 3.68 -36.96
CA GLY A 80 -24.68 4.81 -36.11
C GLY A 80 -25.82 5.63 -35.59
N LYS A 81 -27.06 5.15 -35.70
CA LYS A 81 -28.20 5.91 -35.21
C LYS A 81 -29.38 4.98 -35.00
N PHE A 82 -30.34 5.46 -34.23
CA PHE A 82 -31.59 4.73 -33.96
C PHE A 82 -32.76 5.63 -34.37
N GLU A 83 -32.97 5.76 -35.68
CA GLU A 83 -34.03 6.59 -36.23
C GLU A 83 -35.16 5.68 -36.72
N PHE A 84 -36.12 5.42 -35.83
CA PHE A 84 -37.26 4.58 -36.18
C PHE A 84 -38.23 5.34 -37.07
N ILE A 85 -38.79 4.64 -38.04
CA ILE A 85 -39.83 5.18 -38.93
C ILE A 85 -41.05 4.29 -38.74
N ALA A 86 -42.00 4.75 -37.93
CA ALA A 86 -43.20 3.97 -37.67
C ALA A 86 -44.05 3.83 -38.93
N GLU A 87 -44.75 2.71 -39.02
CA GLU A 87 -45.62 2.43 -40.16
C GLU A 87 -46.89 1.74 -39.67
N GLU A 88 -47.99 2.01 -40.35
CA GLU A 88 -49.26 1.36 -40.07
C GLU A 88 -49.35 0.06 -40.85
N PHE A 89 -49.60 -1.04 -40.15
CA PHE A 89 -49.72 -2.37 -40.74
C PHE A 89 -51.15 -2.85 -40.58
N GLN A 90 -51.82 -3.11 -41.71
CA GLN A 90 -53.24 -3.48 -41.70
C GLN A 90 -53.39 -4.98 -41.45
N TRP A 91 -53.19 -5.35 -40.19
CA TRP A 91 -53.42 -6.73 -39.78
C TRP A 91 -54.92 -6.98 -39.64
N SER A 92 -55.39 -8.07 -40.23
CA SER A 92 -56.82 -8.36 -40.30
C SER A 92 -57.21 -9.37 -39.22
N THR A 93 -58.30 -9.07 -38.51
CA THR A 93 -58.95 -9.99 -37.59
C THR A 93 -58.09 -10.33 -36.36
N VAL A 94 -56.80 -10.58 -36.57
CA VAL A 94 -55.94 -11.05 -35.48
C VAL A 94 -55.80 -9.99 -34.41
N LYS A 95 -55.58 -10.43 -33.18
CA LYS A 95 -55.28 -9.52 -32.08
C LYS A 95 -53.91 -8.91 -32.27
N GLN A 96 -53.70 -7.74 -31.64
CA GLN A 96 -52.45 -7.02 -31.71
C GLN A 96 -52.04 -6.57 -30.32
N ASN A 97 -50.80 -6.08 -30.23
CA ASN A 97 -50.24 -5.52 -29.00
C ASN A 97 -50.25 -6.55 -27.87
N GLY A 98 -49.58 -7.68 -28.13
CA GLY A 98 -49.44 -8.70 -27.11
C GLY A 98 -48.41 -8.30 -26.06
N LYS A 99 -48.71 -8.63 -24.81
CA LYS A 99 -47.86 -8.26 -23.69
C LYS A 99 -47.55 -9.51 -22.87
N SER A 100 -46.42 -9.46 -22.16
CA SER A 100 -45.92 -10.61 -21.41
C SER A 100 -45.48 -10.18 -20.02
N GLY A 101 -45.63 -11.10 -19.06
CA GLY A 101 -45.19 -10.84 -17.70
C GLY A 101 -43.69 -10.84 -17.53
N ALA A 102 -42.97 -11.47 -18.45
CA ALA A 102 -41.51 -11.45 -18.44
C ALA A 102 -40.93 -10.17 -19.01
N CYS A 103 -41.78 -9.24 -19.44
CA CYS A 103 -41.37 -7.95 -19.98
C CYS A 103 -42.08 -6.83 -19.25
N LYS A 104 -42.07 -6.91 -17.91
CA LYS A 104 -42.80 -5.96 -17.09
C LYS A 104 -42.09 -4.60 -17.08
N ARG A 105 -42.78 -3.58 -17.56
CA ARG A 105 -42.30 -2.21 -17.49
C ARG A 105 -43.21 -1.43 -16.54
N ALA A 106 -42.61 -0.89 -15.46
CA ALA A 106 -43.37 -0.27 -14.38
C ALA A 106 -44.37 -1.25 -13.78
N ASN A 107 -43.91 -2.49 -13.56
CA ASN A 107 -44.74 -3.57 -13.02
C ASN A 107 -45.99 -3.82 -13.86
N VAL A 108 -45.92 -3.49 -15.15
CA VAL A 108 -47.02 -3.70 -16.09
C VAL A 108 -46.50 -4.58 -17.22
N ASN A 109 -47.19 -5.69 -17.46
CA ASN A 109 -46.80 -6.59 -18.54
C ASN A 109 -46.79 -5.86 -19.87
N ASP A 110 -45.63 -5.82 -20.51
CA ASP A 110 -45.45 -5.05 -21.73
C ASP A 110 -44.70 -5.91 -22.73
N PHE A 111 -44.07 -5.27 -23.71
CA PHE A 111 -43.37 -5.96 -24.79
C PHE A 111 -42.36 -4.99 -25.40
N PHE A 112 -41.63 -5.47 -26.40
CA PHE A 112 -40.75 -4.60 -27.17
C PHE A 112 -41.58 -3.51 -27.86
N ASN A 113 -41.24 -2.26 -27.59
CA ASN A 113 -42.02 -1.16 -28.16
C ASN A 113 -41.80 -0.97 -29.66
N ARG A 114 -40.90 -1.74 -30.27
CA ARG A 114 -40.73 -1.74 -31.71
C ARG A 114 -41.38 -2.94 -32.40
N LEU A 115 -41.91 -3.88 -31.62
CA LEU A 115 -42.52 -5.09 -32.16
C LEU A 115 -43.98 -5.17 -31.75
N ASN A 116 -44.74 -5.94 -32.52
CA ASN A 116 -46.17 -6.14 -32.29
C ASN A 116 -46.46 -7.63 -32.26
N TRP A 117 -46.93 -8.12 -31.12
CA TRP A 117 -47.22 -9.54 -30.93
C TRP A 117 -48.64 -9.80 -31.41
N LEU A 118 -48.77 -10.51 -32.53
CA LEU A 118 -50.07 -10.83 -33.10
C LEU A 118 -50.59 -12.14 -32.53
N THR A 119 -51.80 -12.12 -32.00
CA THR A 119 -52.46 -13.29 -31.47
C THR A 119 -53.79 -13.51 -32.19
N LYS A 120 -54.33 -14.72 -32.07
CA LYS A 120 -55.60 -15.03 -32.69
C LYS A 120 -56.72 -14.21 -32.07
N SER A 121 -57.76 -13.96 -32.85
CA SER A 121 -58.88 -13.17 -32.38
C SER A 121 -59.68 -13.94 -31.33
N ASP A 122 -60.62 -13.22 -30.70
CA ASP A 122 -61.50 -13.86 -29.72
C ASP A 122 -62.46 -14.85 -30.38
N GLY A 123 -62.67 -14.73 -31.69
CA GLY A 123 -63.46 -15.69 -32.43
C GLY A 123 -62.71 -16.90 -32.92
N ASN A 124 -61.50 -17.13 -32.39
CA ASN A 124 -60.66 -18.27 -32.77
C ASN A 124 -60.39 -18.28 -34.27
N ALA A 125 -59.81 -17.18 -34.74
CA ALA A 125 -59.55 -17.00 -36.17
C ALA A 125 -58.20 -16.32 -36.33
N TYR A 126 -57.29 -16.99 -37.04
CA TYR A 126 -55.98 -16.43 -37.42
C TYR A 126 -55.84 -16.59 -38.92
N PRO A 127 -56.47 -15.70 -39.70
CA PRO A 127 -56.41 -15.84 -41.15
C PRO A 127 -55.04 -15.47 -41.70
N LEU A 128 -54.82 -15.85 -42.96
CA LEU A 128 -53.56 -15.56 -43.63
C LEU A 128 -53.38 -14.05 -43.78
N GLN A 129 -52.20 -13.56 -43.41
CA GLN A 129 -51.86 -12.16 -43.55
C GLN A 129 -50.81 -12.01 -44.64
N ASN A 130 -51.11 -11.21 -45.65
CA ASN A 130 -50.20 -10.96 -46.77
C ASN A 130 -50.14 -9.45 -47.01
N LEU A 131 -49.33 -8.77 -46.21
CA LEU A 131 -49.14 -7.33 -46.33
C LEU A 131 -47.85 -7.04 -47.10
N THR A 132 -47.83 -5.90 -47.78
CA THR A 132 -46.71 -5.51 -48.62
C THR A 132 -46.36 -4.05 -48.33
N LYS A 133 -45.07 -3.79 -48.12
CA LYS A 133 -44.56 -2.44 -47.91
C LYS A 133 -43.58 -2.11 -49.01
N ILE A 134 -43.85 -1.01 -49.73
CA ILE A 134 -43.01 -0.57 -50.84
C ILE A 134 -42.08 0.53 -50.33
N ASN A 135 -40.79 0.40 -50.63
CA ASN A 135 -39.80 1.40 -50.26
C ASN A 135 -39.67 2.41 -51.39
N ASN A 136 -40.58 3.39 -51.39
CA ASN A 136 -40.56 4.47 -52.35
C ASN A 136 -39.81 5.69 -51.84
N GLY A 137 -38.91 5.52 -50.88
CA GLY A 137 -38.11 6.60 -50.35
C GLY A 137 -36.72 6.64 -50.96
N ASP A 138 -35.87 7.47 -50.36
CA ASP A 138 -34.51 7.66 -50.82
C ASP A 138 -33.47 7.04 -49.90
N TYR A 139 -33.89 6.12 -49.03
CA TYR A 139 -32.99 5.49 -48.07
C TYR A 139 -33.35 4.03 -47.92
N ALA A 140 -32.35 3.23 -47.53
CA ALA A 140 -32.57 1.81 -47.28
C ALA A 140 -33.23 1.62 -45.92
N ARG A 141 -34.18 0.68 -45.86
CA ARG A 141 -34.91 0.39 -44.64
C ARG A 141 -34.39 -0.89 -44.00
N LEU A 142 -34.52 -0.97 -42.68
CA LEU A 142 -34.13 -2.15 -41.91
C LEU A 142 -35.32 -2.58 -41.07
N TYR A 143 -35.95 -3.70 -41.47
CA TYR A 143 -37.07 -4.26 -40.75
C TYR A 143 -36.58 -5.40 -39.84
N ILE A 144 -37.01 -5.37 -38.58
CA ILE A 144 -36.68 -6.41 -37.62
C ILE A 144 -37.96 -7.09 -37.18
N TRP A 145 -38.04 -8.39 -37.38
CA TRP A 145 -39.22 -9.18 -37.07
C TRP A 145 -38.80 -10.45 -36.34
N GLY A 146 -39.77 -11.13 -35.72
CA GLY A 146 -39.47 -12.29 -34.91
C GLY A 146 -40.48 -13.40 -35.14
N VAL A 147 -40.10 -14.59 -34.66
CA VAL A 147 -40.93 -15.78 -34.72
C VAL A 147 -40.99 -16.37 -33.32
N HIS A 148 -42.21 -16.58 -32.82
CA HIS A 148 -42.40 -17.10 -31.47
C HIS A 148 -42.35 -18.62 -31.49
N HIS A 149 -41.67 -19.20 -30.49
CA HIS A 149 -41.56 -20.64 -30.32
C HIS A 149 -42.25 -21.06 -29.04
N PRO A 150 -43.50 -21.54 -29.09
CA PRO A 150 -44.19 -21.94 -27.86
C PRO A 150 -43.57 -23.16 -27.20
N SER A 151 -44.10 -23.54 -26.03
CA SER A 151 -43.56 -24.66 -25.28
C SER A 151 -44.23 -25.98 -25.62
N THR A 152 -45.55 -25.98 -25.81
CA THR A 152 -46.31 -27.19 -26.09
C THR A 152 -47.19 -26.96 -27.30
N ASP A 153 -47.70 -28.07 -27.85
CA ASP A 153 -48.66 -27.98 -28.95
C ASP A 153 -49.94 -27.30 -28.51
N THR A 154 -50.28 -27.40 -27.22
CA THR A 154 -51.45 -26.69 -26.71
C THR A 154 -51.23 -25.18 -26.73
N GLU A 155 -50.04 -24.72 -26.36
CA GLU A 155 -49.75 -23.30 -26.39
C GLU A 155 -49.78 -22.75 -27.82
N GLN A 156 -49.35 -23.56 -28.79
CA GLN A 156 -49.36 -23.13 -30.18
C GLN A 156 -50.77 -22.83 -30.67
N THR A 157 -51.69 -23.77 -30.43
CA THR A 157 -53.07 -23.58 -30.88
C THR A 157 -53.81 -22.56 -30.03
N ASN A 158 -53.45 -22.45 -28.75
CA ASN A 158 -54.10 -21.47 -27.88
C ASN A 158 -53.76 -20.04 -28.27
N LEU A 159 -52.65 -19.83 -28.97
CA LEU A 159 -52.20 -18.49 -29.33
C LEU A 159 -52.46 -18.14 -30.79
N TYR A 160 -52.40 -19.12 -31.69
CA TYR A 160 -52.44 -18.85 -33.13
C TYR A 160 -53.38 -19.80 -33.87
N LYS A 161 -54.17 -20.61 -33.17
CA LYS A 161 -55.10 -21.56 -33.77
C LYS A 161 -54.39 -22.60 -34.64
N ASN A 162 -53.66 -22.13 -35.65
CA ASN A 162 -53.03 -23.04 -36.61
C ASN A 162 -51.80 -23.70 -36.01
N ASN A 163 -51.62 -24.99 -36.33
CA ASN A 163 -50.47 -25.76 -35.89
C ASN A 163 -50.05 -26.72 -36.99
N PRO A 164 -48.85 -26.58 -37.56
CA PRO A 164 -47.87 -25.55 -37.18
C PRO A 164 -48.13 -24.21 -37.84
N GLY A 165 -47.57 -23.15 -37.27
CA GLY A 165 -47.58 -21.84 -37.89
C GLY A 165 -46.51 -21.73 -38.95
N ARG A 166 -46.33 -20.52 -39.46
CA ARG A 166 -45.32 -20.25 -40.47
C ARG A 166 -45.14 -18.75 -40.60
N VAL A 167 -43.88 -18.32 -40.69
CA VAL A 167 -43.53 -16.92 -40.92
C VAL A 167 -42.66 -16.86 -42.16
N THR A 168 -43.06 -16.04 -43.13
CA THR A 168 -42.36 -15.95 -44.41
C THR A 168 -42.24 -14.49 -44.80
N VAL A 169 -41.03 -13.95 -44.74
CA VAL A 169 -40.72 -12.60 -45.19
C VAL A 169 -39.92 -12.69 -46.47
N SER A 170 -40.34 -11.96 -47.50
CA SER A 170 -39.75 -12.08 -48.82
C SER A 170 -39.56 -10.70 -49.44
N THR A 171 -38.51 -10.57 -50.24
CA THR A 171 -38.25 -9.39 -51.05
C THR A 171 -38.22 -9.80 -52.52
N LYS A 172 -37.69 -8.91 -53.36
CA LYS A 172 -37.67 -9.21 -54.80
C LYS A 172 -36.63 -10.28 -55.13
N THR A 173 -35.57 -10.40 -54.32
CA THR A 173 -34.50 -11.34 -54.61
C THR A 173 -34.20 -12.30 -53.47
N SER A 174 -34.95 -12.26 -52.38
CA SER A 174 -34.68 -13.12 -51.24
C SER A 174 -35.99 -13.54 -50.59
N GLN A 175 -35.93 -14.63 -49.81
CA GLN A 175 -37.09 -15.15 -49.10
C GLN A 175 -36.62 -15.97 -47.92
N THR A 176 -37.14 -15.65 -46.73
CA THR A 176 -36.83 -16.38 -45.51
C THR A 176 -38.13 -16.87 -44.89
N SER A 177 -38.27 -18.19 -44.78
CA SER A 177 -39.46 -18.81 -44.20
C SER A 177 -39.06 -19.67 -43.02
N VAL A 178 -39.83 -19.57 -41.94
CA VAL A 178 -39.53 -20.26 -40.68
C VAL A 178 -40.79 -20.96 -40.19
N VAL A 179 -40.65 -22.20 -39.76
CA VAL A 179 -41.72 -22.97 -39.13
C VAL A 179 -41.41 -23.04 -37.64
N PRO A 180 -42.35 -22.73 -36.76
CA PRO A 180 -42.04 -22.69 -35.32
C PRO A 180 -41.57 -24.04 -34.80
N ASN A 181 -40.55 -24.00 -33.95
CA ASN A 181 -40.06 -25.17 -33.24
C ASN A 181 -40.67 -25.19 -31.84
N ILE A 182 -41.44 -26.22 -31.54
CA ILE A 182 -42.18 -26.31 -30.29
C ILE A 182 -41.44 -27.26 -29.35
N GLY A 183 -41.38 -26.88 -28.07
CA GLY A 183 -40.70 -27.67 -27.07
C GLY A 183 -40.38 -26.87 -25.82
N SER A 184 -40.68 -27.42 -24.65
CA SER A 184 -40.41 -26.73 -23.40
C SER A 184 -38.91 -26.58 -23.20
N ARG A 185 -38.45 -25.33 -23.10
CA ARG A 185 -37.06 -24.98 -22.97
C ARG A 185 -36.75 -24.50 -21.56
N PRO A 186 -35.47 -24.40 -21.18
CA PRO A 186 -35.14 -24.02 -19.79
C PRO A 186 -35.80 -22.72 -19.35
N TRP A 187 -36.18 -22.69 -18.08
CA TRP A 187 -36.85 -21.52 -17.52
C TRP A 187 -35.94 -20.30 -17.59
N VAL A 188 -36.36 -19.29 -18.35
CA VAL A 188 -35.64 -18.02 -18.46
C VAL A 188 -36.66 -16.92 -18.25
N ARG A 189 -36.53 -16.18 -17.15
CA ARG A 189 -37.43 -15.08 -16.81
C ARG A 189 -38.88 -15.55 -16.69
N GLY A 190 -39.07 -16.77 -16.20
CA GLY A 190 -40.41 -17.30 -15.99
C GLY A 190 -41.10 -17.81 -17.22
N GLN A 191 -40.35 -18.15 -18.28
CA GLN A 191 -40.95 -18.55 -19.54
C GLN A 191 -40.08 -19.60 -20.20
N SER A 192 -40.73 -20.65 -20.72
CA SER A 192 -40.04 -21.68 -21.48
C SER A 192 -40.08 -21.43 -22.98
N GLY A 193 -41.04 -20.65 -23.45
CA GLY A 193 -41.06 -20.27 -24.85
C GLY A 193 -40.02 -19.20 -25.17
N ARG A 194 -39.63 -19.15 -26.44
CA ARG A 194 -38.62 -18.22 -26.91
C ARG A 194 -39.08 -17.55 -28.20
N ILE A 195 -38.36 -16.51 -28.59
CA ILE A 195 -38.60 -15.78 -29.83
C ILE A 195 -37.30 -15.70 -30.60
N SER A 196 -37.36 -15.99 -31.90
CA SER A 196 -36.21 -15.88 -32.79
C SER A 196 -36.41 -14.65 -33.67
N PHE A 197 -35.54 -13.65 -33.50
CA PHE A 197 -35.64 -12.41 -34.25
C PHE A 197 -34.78 -12.46 -35.51
N TYR A 198 -35.29 -11.89 -36.58
CA TYR A 198 -34.59 -11.81 -37.86
C TYR A 198 -34.64 -10.36 -38.36
N TRP A 199 -33.91 -10.10 -39.44
CA TRP A 199 -33.90 -8.78 -40.04
C TRP A 199 -33.85 -8.91 -41.56
N THR A 200 -34.25 -7.83 -42.24
CA THR A 200 -34.26 -7.79 -43.69
C THR A 200 -34.05 -6.34 -44.13
N ILE A 201 -33.10 -6.12 -45.04
CA ILE A 201 -32.79 -4.80 -45.57
C ILE A 201 -33.51 -4.63 -46.90
N VAL A 202 -34.27 -3.56 -47.03
CA VAL A 202 -35.03 -3.25 -48.24
C VAL A 202 -34.42 -2.01 -48.88
N GLU A 203 -33.87 -2.19 -50.07
CA GLU A 203 -33.30 -1.07 -50.81
C GLU A 203 -34.40 -0.17 -51.36
N PRO A 204 -34.10 1.09 -51.65
CA PRO A 204 -35.09 1.96 -52.29
C PRO A 204 -35.53 1.40 -53.64
N GLY A 205 -36.84 1.33 -53.83
CA GLY A 205 -37.41 0.71 -55.00
C GLY A 205 -37.74 -0.75 -54.84
N ASP A 206 -37.29 -1.39 -53.75
CA ASP A 206 -37.58 -2.78 -53.49
C ASP A 206 -38.84 -2.89 -52.62
N LEU A 207 -39.35 -4.12 -52.51
CA LEU A 207 -40.55 -4.40 -51.73
C LEU A 207 -40.25 -5.47 -50.70
N ILE A 208 -41.13 -5.55 -49.69
CA ILE A 208 -41.04 -6.56 -48.64
C ILE A 208 -42.45 -7.06 -48.34
N VAL A 209 -42.58 -8.37 -48.12
CA VAL A 209 -43.87 -9.00 -47.90
C VAL A 209 -43.79 -9.82 -46.62
N PHE A 210 -44.69 -9.54 -45.68
CA PHE A 210 -44.82 -10.32 -44.45
C PHE A 210 -46.00 -11.26 -44.62
N ASN A 211 -45.71 -12.56 -44.70
CA ASN A 211 -46.73 -13.58 -44.91
C ASN A 211 -46.64 -14.59 -43.78
N THR A 212 -47.73 -14.75 -43.03
CA THR A 212 -47.72 -15.63 -41.87
C THR A 212 -49.08 -16.28 -41.68
N ILE A 213 -49.06 -17.47 -41.08
CA ILE A 213 -50.25 -18.15 -40.59
C ILE A 213 -50.21 -18.32 -39.08
N GLY A 214 -49.24 -17.71 -38.41
CA GLY A 214 -49.11 -17.79 -36.97
C GLY A 214 -47.68 -17.55 -36.53
N ASN A 215 -47.53 -17.16 -35.26
CA ASN A 215 -46.24 -17.04 -34.58
C ASN A 215 -45.38 -15.91 -35.13
N LEU A 216 -45.99 -14.82 -35.60
CA LEU A 216 -45.26 -13.68 -36.14
C LEU A 216 -45.16 -12.59 -35.09
N ILE A 217 -43.92 -12.19 -34.77
CA ILE A 217 -43.67 -11.00 -33.95
C ILE A 217 -43.50 -9.85 -34.93
N ALA A 218 -44.61 -9.18 -35.23
CA ALA A 218 -44.63 -8.23 -36.34
C ALA A 218 -43.91 -6.94 -35.96
N PRO A 219 -43.23 -6.31 -36.92
CA PRO A 219 -42.62 -5.01 -36.64
C PRO A 219 -43.64 -3.88 -36.70
N ARG A 220 -43.35 -2.83 -35.94
CA ARG A 220 -44.17 -1.62 -35.94
C ARG A 220 -43.64 -0.55 -36.88
N GLY A 221 -42.58 -0.84 -37.63
CA GLY A 221 -41.99 0.12 -38.55
C GLY A 221 -40.64 -0.33 -39.04
N HIS A 222 -39.71 0.61 -39.22
CA HIS A 222 -38.38 0.28 -39.68
C HIS A 222 -37.42 1.38 -39.24
N TYR A 223 -36.14 1.06 -39.29
CA TYR A 223 -35.08 2.00 -38.95
C TYR A 223 -34.46 2.58 -40.21
N LYS A 224 -34.04 3.84 -40.13
CA LYS A 224 -33.31 4.46 -41.23
C LYS A 224 -31.89 3.93 -41.28
N LEU A 225 -31.45 3.54 -42.47
CA LEU A 225 -30.07 3.10 -42.69
C LEU A 225 -29.33 4.22 -43.41
N ASN A 226 -28.28 4.73 -42.77
CA ASN A 226 -27.49 5.79 -43.37
C ASN A 226 -26.81 5.30 -44.65
N SER A 227 -26.70 6.19 -45.63
CA SER A 227 -25.97 5.86 -46.85
C SER A 227 -24.49 5.61 -46.53
N GLN A 228 -23.94 6.39 -45.61
CA GLN A 228 -22.58 6.20 -45.13
C GLN A 228 -22.64 5.55 -43.74
N LYS A 229 -22.05 4.37 -43.62
CA LYS A 229 -22.02 3.62 -42.37
C LYS A 229 -20.60 3.64 -41.85
N LYS A 230 -20.34 4.50 -40.87
CA LYS A 230 -18.99 4.76 -40.39
C LYS A 230 -18.80 4.53 -38.90
N SER A 231 -19.86 4.26 -38.14
CA SER A 231 -19.75 4.12 -36.71
C SER A 231 -19.30 2.71 -36.33
N THR A 232 -19.18 2.47 -35.03
CA THR A 232 -18.72 1.19 -34.51
C THR A 232 -19.22 1.03 -33.08
N ILE A 233 -18.90 -0.10 -32.46
CA ILE A 233 -19.32 -0.43 -31.12
C ILE A 233 -18.11 -0.85 -30.30
N LEU A 234 -18.12 -0.49 -29.01
CA LEU A 234 -17.07 -0.87 -28.08
C LEU A 234 -17.72 -1.42 -26.82
N ASN A 235 -17.43 -2.68 -26.51
CA ASN A 235 -17.96 -3.34 -25.33
C ASN A 235 -16.93 -3.24 -24.21
N THR A 236 -17.22 -2.42 -23.20
CA THR A 236 -16.30 -2.20 -22.10
C THR A 236 -17.07 -1.66 -20.90
N ALA A 237 -16.54 -1.92 -19.71
CA ALA A 237 -17.12 -1.45 -18.47
C ALA A 237 -16.48 -0.16 -17.97
N VAL A 238 -15.54 0.39 -18.72
CA VAL A 238 -14.87 1.63 -18.31
C VAL A 238 -15.84 2.80 -18.40
N PRO A 239 -15.98 3.62 -17.37
CA PRO A 239 -16.91 4.75 -17.44
C PRO A 239 -16.42 5.84 -18.38
N ILE A 240 -17.36 6.70 -18.78
CA ILE A 240 -17.07 7.83 -19.65
C ILE A 240 -16.70 9.02 -18.78
N GLY A 241 -15.54 9.60 -19.03
CA GLY A 241 -15.05 10.71 -18.22
C GLY A 241 -15.16 12.06 -18.90
N SER A 242 -14.10 12.86 -18.83
CA SER A 242 -14.11 14.19 -19.42
C SER A 242 -12.81 14.51 -20.15
N CYS A 243 -11.99 13.50 -20.46
CA CYS A 243 -10.72 13.71 -21.12
C CYS A 243 -10.95 14.01 -22.61
N VAL A 244 -9.85 14.26 -23.32
CA VAL A 244 -9.88 14.56 -24.75
C VAL A 244 -8.92 13.60 -25.45
N SER A 245 -9.47 12.68 -26.25
CA SER A 245 -8.65 11.76 -27.00
C SER A 245 -9.47 11.18 -28.15
N LYS A 246 -8.79 10.90 -29.25
CA LYS A 246 -9.39 10.25 -30.41
C LYS A 246 -9.04 8.77 -30.49
N CYS A 247 -8.57 8.20 -29.38
CA CYS A 247 -8.19 6.79 -29.29
C CYS A 247 -8.93 6.16 -28.12
N HIS A 248 -9.50 4.97 -28.34
CA HIS A 248 -10.27 4.30 -27.31
C HIS A 248 -9.99 2.80 -27.37
N THR A 249 -9.91 2.18 -26.19
CA THR A 249 -9.76 0.75 -26.05
C THR A 249 -10.79 0.24 -25.05
N ASP A 250 -10.92 -1.09 -24.96
CA ASP A 250 -11.80 -1.68 -23.96
C ASP A 250 -11.27 -1.52 -22.55
N ARG A 251 -10.01 -1.07 -22.39
CA ARG A 251 -9.45 -0.77 -21.09
C ARG A 251 -9.37 0.73 -20.81
N GLY A 252 -9.69 1.57 -21.80
CA GLY A 252 -9.64 3.00 -21.62
C GLY A 252 -9.07 3.74 -22.81
N SER A 253 -9.12 5.07 -22.77
CA SER A 253 -8.60 5.89 -23.84
C SER A 253 -7.09 6.10 -23.67
N ILE A 254 -6.43 6.46 -24.77
CA ILE A 254 -4.98 6.66 -24.79
C ILE A 254 -4.69 8.01 -25.45
N THR A 255 -3.80 8.78 -24.83
CA THR A 255 -3.30 10.03 -25.39
C THR A 255 -1.79 9.89 -25.53
N THR A 256 -1.31 9.73 -26.76
CA THR A 256 0.12 9.52 -26.97
C THR A 256 0.49 9.84 -28.40
N THR A 257 1.76 10.21 -28.59
CA THR A 257 2.36 10.32 -29.91
C THR A 257 3.19 9.09 -30.27
N LYS A 258 3.19 8.08 -29.41
CA LYS A 258 3.98 6.88 -29.67
C LYS A 258 3.36 6.09 -30.82
N PRO A 259 4.18 5.35 -31.57
CA PRO A 259 3.67 4.60 -32.72
C PRO A 259 3.16 3.20 -32.41
N PHE A 260 3.32 2.71 -31.19
CA PHE A 260 2.87 1.37 -30.83
C PHE A 260 2.29 1.39 -29.42
N GLN A 261 1.53 0.34 -29.11
CA GLN A 261 0.89 0.22 -27.80
C GLN A 261 0.78 -1.27 -27.44
N ASN A 262 0.98 -1.57 -26.16
CA ASN A 262 0.87 -2.94 -25.66
C ASN A 262 -0.25 -3.06 -24.63
N ILE A 263 -1.32 -2.29 -24.82
CA ILE A 263 -2.41 -2.22 -23.84
C ILE A 263 -3.52 -3.18 -24.20
N SER A 264 -4.12 -3.03 -25.37
CA SER A 264 -5.28 -3.84 -25.73
C SER A 264 -5.34 -4.05 -27.23
N ARG A 265 -5.74 -5.26 -27.63
CA ARG A 265 -5.97 -5.56 -29.03
C ARG A 265 -7.18 -4.81 -29.59
N ILE A 266 -8.17 -4.52 -28.74
CA ILE A 266 -9.38 -3.84 -29.16
C ILE A 266 -9.13 -2.34 -29.10
N SER A 267 -9.01 -1.71 -30.27
CA SER A 267 -8.78 -0.28 -30.37
C SER A 267 -9.64 0.29 -31.49
N ILE A 268 -10.08 1.54 -31.29
CA ILE A 268 -10.96 2.22 -32.25
C ILE A 268 -10.47 3.64 -32.43
N GLY A 269 -10.35 4.08 -33.68
CA GLY A 269 -10.06 5.46 -33.98
C GLY A 269 -8.59 5.75 -34.26
N ASP A 270 -8.13 6.91 -33.82
CA ASP A 270 -6.75 7.36 -34.02
C ASP A 270 -5.87 6.72 -32.95
N CYS A 271 -5.57 5.43 -33.16
CA CYS A 271 -4.90 4.63 -32.14
C CYS A 271 -3.59 4.06 -32.68
N PRO A 272 -2.57 3.91 -31.83
CA PRO A 272 -1.33 3.28 -32.27
C PRO A 272 -1.51 1.81 -32.55
N LYS A 273 -0.68 1.30 -33.45
CA LYS A 273 -0.74 -0.12 -33.82
C LYS A 273 -0.42 -1.00 -32.62
N TYR A 274 -1.28 -1.97 -32.35
CA TYR A 274 -1.09 -2.85 -31.21
C TYR A 274 0.07 -3.80 -31.46
N VAL A 275 0.83 -4.07 -30.40
CA VAL A 275 1.92 -5.04 -30.42
C VAL A 275 1.69 -6.01 -29.28
N LYS A 276 2.41 -7.14 -29.36
CA LYS A 276 2.32 -8.14 -28.29
C LYS A 276 2.90 -7.57 -27.00
N GLN A 277 2.93 -8.42 -25.97
CA GLN A 277 3.45 -7.98 -24.68
C GLN A 277 4.89 -7.52 -24.80
N GLY A 278 5.30 -6.64 -23.88
CA GLY A 278 6.65 -6.15 -23.84
C GLY A 278 6.81 -4.80 -24.53
N SER A 279 7.95 -4.16 -24.24
CA SER A 279 8.23 -2.80 -24.72
C SER A 279 9.66 -2.39 -24.43
N LEU A 280 10.42 -2.04 -25.46
CA LEU A 280 11.79 -1.54 -25.29
C LEU A 280 11.93 -0.18 -25.97
N LYS A 281 13.14 0.36 -25.94
CA LYS A 281 13.46 1.67 -26.48
C LYS A 281 14.29 1.51 -27.76
N LEU A 282 14.89 2.61 -28.20
CA LEU A 282 15.71 2.61 -29.40
C LEU A 282 17.19 2.50 -29.06
N GLU B 5 -9.46 -5.96 27.39
CA GLU B 5 -9.97 -4.70 26.86
C GLU B 5 -11.47 -4.59 27.09
N LEU B 6 -11.93 -3.40 27.48
CA LEU B 6 -13.33 -3.17 27.77
C LEU B 6 -14.01 -2.25 26.76
N VAL B 7 -13.25 -1.69 25.81
CA VAL B 7 -13.80 -0.75 24.82
C VAL B 7 -13.73 -1.43 23.46
N GLU B 8 -14.89 -1.59 22.82
CA GLU B 8 -14.94 -2.13 21.47
C GLU B 8 -14.69 -1.01 20.46
N SER B 9 -13.83 -1.29 19.49
CA SER B 9 -13.46 -0.28 18.49
C SER B 9 -13.68 -0.73 17.05
N GLN B 10 -13.91 -2.01 16.81
CA GLN B 10 -14.02 -2.54 15.46
C GLN B 10 -15.47 -2.84 15.15
N HIS B 11 -16.02 -2.15 14.15
CA HIS B 11 -17.38 -2.37 13.69
C HIS B 11 -17.36 -3.17 12.38
N LEU B 12 -18.50 -3.76 12.06
CA LEU B 12 -18.61 -4.50 10.82
C LEU B 12 -18.79 -3.54 9.64
N PRO B 13 -18.33 -3.93 8.45
CA PRO B 13 -18.44 -3.03 7.30
C PRO B 13 -19.82 -3.04 6.64
N GLU B 14 -20.83 -3.50 7.37
CA GLU B 14 -22.18 -3.59 6.83
C GLU B 14 -23.18 -3.55 7.98
N LEU B 15 -24.45 -3.48 7.61
CA LEU B 15 -25.55 -3.51 8.57
C LEU B 15 -26.19 -4.89 8.53
N CYS B 16 -26.27 -5.54 9.69
CA CYS B 16 -26.78 -6.90 9.76
C CYS B 16 -28.30 -6.90 9.63
N PRO B 17 -28.88 -7.58 8.65
CA PRO B 17 -30.34 -7.63 8.52
C PRO B 17 -31.03 -8.62 9.44
N SER B 18 -30.30 -9.21 10.40
CA SER B 18 -30.85 -10.19 11.32
C SER B 18 -30.28 -9.92 12.71
N PRO B 19 -31.09 -10.07 13.77
CA PRO B 19 -32.51 -10.46 13.72
C PRO B 19 -33.46 -9.28 13.51
N LEU B 20 -32.95 -8.06 13.68
CA LEU B 20 -33.78 -6.88 13.53
C LEU B 20 -34.15 -6.67 12.06
N ARG B 21 -35.42 -6.37 11.82
CA ARG B 21 -35.93 -6.18 10.46
C ARG B 21 -35.53 -4.80 9.96
N LEU B 22 -34.67 -4.77 8.95
CA LEU B 22 -34.20 -3.52 8.36
C LEU B 22 -34.88 -3.27 7.03
N VAL B 23 -35.20 -2.01 6.76
CA VAL B 23 -35.79 -1.58 5.50
C VAL B 23 -34.92 -0.49 4.91
N ASP B 24 -34.51 -0.68 3.66
CA ASP B 24 -33.65 0.28 2.96
C ASP B 24 -34.53 1.30 2.24
N GLY B 25 -34.42 2.56 2.65
CA GLY B 25 -35.18 3.61 1.99
C GLY B 25 -34.69 3.91 0.59
N GLN B 26 -33.40 3.67 0.34
CA GLN B 26 -32.78 3.85 -0.98
C GLN B 26 -32.94 5.31 -1.38
N THR B 27 -33.48 5.62 -2.56
CA THR B 27 -33.52 6.98 -3.08
C THR B 27 -34.52 7.86 -2.36
N CYS B 28 -35.28 7.34 -1.40
CA CYS B 28 -36.30 8.10 -0.70
C CYS B 28 -35.98 8.16 0.79
N ASP B 29 -36.05 9.36 1.36
CA ASP B 29 -36.09 9.50 2.80
C ASP B 29 -37.48 9.12 3.33
N ILE B 30 -37.61 9.08 4.65
CA ILE B 30 -38.86 8.63 5.25
C ILE B 30 -39.98 9.63 5.04
N VAL B 31 -39.67 10.90 4.76
CA VAL B 31 -40.71 11.89 4.54
C VAL B 31 -41.33 11.73 3.16
N ASN B 32 -40.50 11.65 2.12
CA ASN B 32 -41.00 11.40 0.78
C ASN B 32 -41.60 10.00 0.66
N GLY B 33 -41.24 9.07 1.54
CA GLY B 33 -41.86 7.77 1.53
C GLY B 33 -43.32 7.81 1.98
N ALA B 34 -43.61 8.63 3.00
CA ALA B 34 -44.99 8.78 3.44
C ALA B 34 -45.79 9.62 2.45
N LEU B 35 -45.19 10.68 1.92
CA LEU B 35 -45.87 11.49 0.91
C LEU B 35 -46.14 10.72 -0.37
N GLY B 36 -45.38 9.66 -0.62
CA GLY B 36 -45.56 8.89 -1.85
C GLY B 36 -44.90 9.51 -3.06
N SER B 37 -43.74 10.12 -2.88
CA SER B 37 -43.02 10.74 -3.98
C SER B 37 -42.57 9.67 -4.98
N PRO B 38 -42.21 10.09 -6.20
CA PRO B 38 -41.69 9.12 -7.18
C PRO B 38 -40.49 8.36 -6.64
N GLY B 39 -40.38 7.11 -7.08
CA GLY B 39 -39.34 6.23 -6.59
C GLY B 39 -39.54 5.70 -5.19
N CYS B 40 -40.60 6.13 -4.50
CA CYS B 40 -40.86 5.70 -3.13
C CYS B 40 -41.96 4.65 -3.05
N ASP B 41 -42.44 4.16 -4.20
CA ASP B 41 -43.43 3.10 -4.19
C ASP B 41 -42.85 1.75 -3.79
N HIS B 42 -41.53 1.62 -3.74
CA HIS B 42 -40.88 0.40 -3.28
C HIS B 42 -40.93 0.27 -1.75
N LEU B 43 -41.80 1.05 -1.09
CA LEU B 43 -41.97 1.00 0.36
C LEU B 43 -43.42 0.85 0.78
N ASN B 44 -44.37 0.86 -0.16
CA ASN B 44 -45.77 0.78 0.18
C ASN B 44 -46.09 -0.53 0.87
N GLY B 45 -46.50 -0.45 2.13
CA GLY B 45 -46.79 -1.62 2.93
C GLY B 45 -45.62 -2.19 3.69
N ALA B 46 -44.46 -1.52 3.67
CA ALA B 46 -43.28 -2.04 4.34
C ALA B 46 -43.40 -1.91 5.85
N GLU B 47 -42.81 -2.86 6.55
CA GLU B 47 -42.73 -2.84 8.01
C GLU B 47 -41.26 -2.97 8.41
N TRP B 48 -40.88 -2.25 9.46
CA TRP B 48 -39.48 -2.20 9.84
C TRP B 48 -39.34 -2.06 11.35
N ASP B 49 -38.26 -2.62 11.88
CA ASP B 49 -37.79 -2.26 13.21
C ASP B 49 -36.83 -1.09 13.17
N ILE B 50 -36.09 -0.94 12.07
CA ILE B 50 -35.15 0.15 11.87
C ILE B 50 -35.23 0.58 10.41
N PHE B 51 -35.67 1.81 10.17
CA PHE B 51 -35.67 2.37 8.83
C PHE B 51 -34.27 2.88 8.50
N ILE B 52 -33.72 2.43 7.37
CA ILE B 52 -32.37 2.81 6.95
C ILE B 52 -32.52 3.94 5.93
N GLU B 53 -32.34 5.17 6.40
CA GLU B 53 -32.44 6.35 5.55
C GLU B 53 -31.06 6.66 4.97
N ARG B 54 -31.00 6.87 3.66
CA ARG B 54 -29.68 7.07 3.07
C ARG B 54 -29.35 8.55 2.98
N PRO B 55 -28.11 8.94 3.31
CA PRO B 55 -27.71 10.33 3.09
C PRO B 55 -27.73 10.74 1.63
N THR B 56 -27.54 9.78 0.72
CA THR B 56 -27.62 10.02 -0.72
C THR B 56 -29.04 10.21 -1.22
N ALA B 57 -30.02 10.30 -0.31
CA ALA B 57 -31.41 10.45 -0.72
C ALA B 57 -31.62 11.79 -1.42
N VAL B 58 -32.41 11.76 -2.49
CA VAL B 58 -32.76 12.96 -3.25
C VAL B 58 -34.27 13.00 -3.40
N ASP B 59 -34.85 14.18 -3.23
CA ASP B 59 -36.29 14.33 -3.40
C ASP B 59 -36.65 14.12 -4.86
N THR B 60 -37.90 13.72 -5.10
CA THR B 60 -38.33 13.34 -6.44
C THR B 60 -39.63 14.02 -6.86
N CYS B 61 -40.05 15.09 -6.19
CA CYS B 61 -41.32 15.72 -6.53
C CYS B 61 -41.27 17.24 -6.41
N TYR B 62 -42.37 17.83 -5.96
CA TYR B 62 -42.47 19.28 -5.89
C TYR B 62 -41.59 19.80 -4.75
N PRO B 63 -40.92 20.95 -4.94
CA PRO B 63 -40.15 21.56 -3.85
C PRO B 63 -41.03 21.83 -2.64
N PHE B 64 -40.66 21.24 -1.51
CA PHE B 64 -41.50 21.27 -0.32
C PHE B 64 -40.64 21.40 0.92
N ASP B 65 -41.26 21.92 1.98
CA ASP B 65 -40.65 21.99 3.30
C ASP B 65 -41.70 21.65 4.34
N VAL B 66 -41.24 21.21 5.51
CA VAL B 66 -42.15 20.79 6.57
C VAL B 66 -41.87 21.58 7.84
N PRO B 67 -42.79 22.45 8.26
CA PRO B 67 -42.68 23.05 9.59
C PRO B 67 -42.67 21.97 10.66
N ASP B 68 -41.71 22.05 11.58
CA ASP B 68 -41.44 20.99 12.54
C ASP B 68 -41.15 19.68 11.83
N TYR B 69 -40.13 19.72 10.96
CA TYR B 69 -39.79 18.57 10.13
C TYR B 69 -39.41 17.36 10.98
N GLN B 70 -38.65 17.58 12.05
CA GLN B 70 -38.12 16.45 12.81
C GLN B 70 -39.20 15.70 13.57
N SER B 71 -40.29 16.39 13.93
CA SER B 71 -41.37 15.72 14.64
C SER B 71 -42.12 14.75 13.74
N LEU B 72 -42.43 15.18 12.51
CA LEU B 72 -43.08 14.28 11.57
C LEU B 72 -42.19 13.11 11.19
N ARG B 73 -40.89 13.37 11.02
CA ARG B 73 -39.94 12.30 10.75
C ARG B 73 -39.88 11.31 11.91
N SER B 74 -40.06 11.79 13.15
CA SER B 74 -40.04 10.90 14.29
C SER B 74 -41.33 10.10 14.39
N ILE B 75 -42.47 10.72 14.06
CA ILE B 75 -43.74 10.01 14.14
C ILE B 75 -43.79 8.87 13.13
N LEU B 76 -43.34 9.13 11.90
CA LEU B 76 -43.34 8.08 10.88
C LEU B 76 -42.43 6.92 11.26
N ALA B 77 -41.23 7.23 11.77
CA ALA B 77 -40.27 6.19 12.10
C ALA B 77 -40.70 5.43 13.35
N ASN B 78 -41.22 6.14 14.36
CA ASN B 78 -41.63 5.48 15.60
C ASN B 78 -42.79 4.53 15.36
N ASN B 79 -43.65 4.83 14.37
CA ASN B 79 -44.76 3.94 14.06
C ASN B 79 -44.27 2.59 13.57
N GLY B 80 -43.49 2.58 12.50
CA GLY B 80 -42.87 1.37 12.01
C GLY B 80 -43.58 0.68 10.86
N LYS B 81 -44.44 1.37 10.13
CA LYS B 81 -45.14 0.77 9.02
C LYS B 81 -45.72 1.85 8.13
N PHE B 82 -45.92 1.52 6.85
CA PHE B 82 -46.55 2.40 5.88
C PHE B 82 -47.83 1.71 5.40
N GLU B 83 -48.87 1.77 6.24
CA GLU B 83 -50.16 1.17 5.93
C GLU B 83 -51.13 2.30 5.60
N PHE B 84 -51.33 2.54 4.30
CA PHE B 84 -52.18 3.62 3.83
C PHE B 84 -53.60 3.11 3.58
N ILE B 85 -54.58 3.79 4.15
CA ILE B 85 -55.99 3.48 3.97
C ILE B 85 -56.60 4.59 3.12
N ALA B 86 -56.85 4.29 1.84
CA ALA B 86 -57.41 5.29 0.95
C ALA B 86 -58.85 5.62 1.34
N GLU B 87 -59.19 6.91 1.27
CA GLU B 87 -60.53 7.39 1.60
C GLU B 87 -61.07 8.24 0.46
N GLU B 88 -62.39 8.24 0.33
CA GLU B 88 -63.07 9.02 -0.70
C GLU B 88 -63.45 10.38 -0.12
N PHE B 89 -62.90 11.44 -0.71
CA PHE B 89 -63.16 12.81 -0.29
C PHE B 89 -64.04 13.48 -1.33
N GLN B 90 -65.22 13.93 -0.92
CA GLN B 90 -66.19 14.54 -1.82
C GLN B 90 -65.87 16.02 -1.99
N TRP B 91 -64.85 16.29 -2.79
CA TRP B 91 -64.50 17.66 -3.13
C TRP B 91 -65.49 18.20 -4.17
N SER B 92 -66.00 19.40 -3.92
CA SER B 92 -67.06 19.97 -4.74
C SER B 92 -66.49 20.93 -5.77
N THR B 93 -66.95 20.80 -7.01
CA THR B 93 -66.69 21.74 -8.09
C THR B 93 -65.22 21.81 -8.50
N VAL B 94 -64.31 21.88 -7.54
CA VAL B 94 -62.91 22.13 -7.84
C VAL B 94 -62.31 20.97 -8.63
N LYS B 95 -61.28 21.28 -9.41
CA LYS B 95 -60.52 20.24 -10.10
C LYS B 95 -59.71 19.43 -9.10
N GLN B 96 -59.42 18.18 -9.46
CA GLN B 96 -58.63 17.30 -8.62
C GLN B 96 -57.47 16.72 -9.44
N ASN B 97 -56.58 16.03 -8.74
CA ASN B 97 -55.46 15.31 -9.34
C ASN B 97 -54.56 16.25 -10.15
N GLY B 98 -54.22 17.38 -9.53
CA GLY B 98 -53.30 18.31 -10.16
C GLY B 98 -51.89 17.72 -10.23
N LYS B 99 -51.24 17.93 -11.36
CA LYS B 99 -49.91 17.38 -11.61
C LYS B 99 -48.94 18.50 -11.95
N SER B 100 -47.66 18.20 -11.78
CA SER B 100 -46.60 19.19 -11.95
C SER B 100 -45.46 18.61 -12.77
N GLY B 101 -44.76 19.51 -13.49
CA GLY B 101 -43.61 19.11 -14.28
C GLY B 101 -42.34 18.87 -13.50
N ALA B 102 -42.31 19.26 -12.23
CA ALA B 102 -41.17 18.98 -11.34
C ALA B 102 -41.32 17.65 -10.62
N CYS B 103 -42.36 16.88 -10.92
CA CYS B 103 -42.63 15.60 -10.30
C CYS B 103 -42.89 14.54 -11.38
N LYS B 104 -42.05 14.55 -12.42
CA LYS B 104 -42.26 13.65 -13.56
C LYS B 104 -41.92 12.22 -13.17
N ARG B 105 -42.93 11.36 -13.11
CA ARG B 105 -42.75 9.94 -12.92
C ARG B 105 -42.86 9.26 -14.28
N ALA B 106 -41.75 8.65 -14.72
CA ALA B 106 -41.66 8.04 -16.05
C ALA B 106 -41.90 9.09 -17.14
N ASN B 107 -41.20 10.21 -17.02
CA ASN B 107 -41.23 11.33 -17.97
C ASN B 107 -42.62 11.96 -18.10
N VAL B 108 -43.57 11.58 -17.24
CA VAL B 108 -44.93 12.10 -17.28
C VAL B 108 -45.17 12.91 -16.01
N ASN B 109 -45.67 14.12 -16.18
CA ASN B 109 -45.95 15.00 -15.04
C ASN B 109 -46.91 14.31 -14.08
N ASP B 110 -46.49 14.17 -12.83
CA ASP B 110 -47.27 13.45 -11.83
C ASP B 110 -47.25 14.26 -10.54
N PHE B 111 -47.51 13.62 -9.42
CA PHE B 111 -47.62 14.27 -8.12
C PHE B 111 -47.41 13.22 -7.04
N PHE B 112 -47.49 13.65 -5.78
CA PHE B 112 -47.47 12.72 -4.66
C PHE B 112 -48.68 11.80 -4.75
N ASN B 113 -48.44 10.49 -4.78
CA ASN B 113 -49.55 9.55 -4.92
C ASN B 113 -50.38 9.42 -3.65
N ARG B 114 -50.00 10.11 -2.57
CA ARG B 114 -50.80 10.18 -1.35
C ARG B 114 -51.47 11.52 -1.18
N LEU B 115 -51.23 12.47 -2.08
CA LEU B 115 -51.80 13.81 -2.00
C LEU B 115 -52.63 14.10 -3.26
N ASN B 116 -53.62 14.97 -3.09
CA ASN B 116 -54.51 15.38 -4.18
C ASN B 116 -54.41 16.90 -4.31
N TRP B 117 -53.95 17.36 -5.48
CA TRP B 117 -53.80 18.78 -5.74
C TRP B 117 -55.12 19.32 -6.29
N LEU B 118 -55.81 20.12 -5.49
CA LEU B 118 -57.08 20.71 -5.89
C LEU B 118 -56.84 22.08 -6.52
N THR B 119 -57.32 22.26 -7.73
CA THR B 119 -57.28 23.54 -8.43
C THR B 119 -58.69 23.95 -8.81
N LYS B 120 -58.84 25.22 -9.20
CA LYS B 120 -60.15 25.75 -9.53
C LYS B 120 -60.70 25.09 -10.79
N SER B 121 -62.03 25.05 -10.87
CA SER B 121 -62.69 24.40 -11.99
C SER B 121 -62.53 25.23 -13.26
N ASP B 122 -62.94 24.63 -14.39
CA ASP B 122 -62.91 25.33 -15.66
C ASP B 122 -63.91 26.48 -15.70
N GLY B 123 -64.92 26.47 -14.83
CA GLY B 123 -65.84 27.56 -14.70
C GLY B 123 -65.37 28.69 -13.82
N ASN B 124 -64.09 28.71 -13.46
CA ASN B 124 -63.49 29.74 -12.61
C ASN B 124 -64.23 29.83 -11.27
N ALA B 125 -64.27 28.70 -10.57
CA ALA B 125 -65.00 28.60 -9.32
C ALA B 125 -64.23 27.73 -8.34
N TYR B 126 -64.04 28.23 -7.12
CA TYR B 126 -63.44 27.47 -6.03
C TYR B 126 -64.27 27.70 -4.78
N PRO B 127 -65.38 26.98 -4.64
CA PRO B 127 -66.25 27.19 -3.47
C PRO B 127 -65.63 26.65 -2.20
N LEU B 128 -66.25 27.03 -1.08
CA LEU B 128 -65.77 26.58 0.23
C LEU B 128 -65.91 25.07 0.34
N GLN B 129 -64.79 24.38 0.57
CA GLN B 129 -64.75 22.93 0.68
C GLN B 129 -64.79 22.55 2.15
N ASN B 130 -65.92 21.97 2.58
CA ASN B 130 -66.11 21.55 3.95
C ASN B 130 -66.32 20.03 3.96
N LEU B 131 -65.33 19.30 4.46
CA LEU B 131 -65.39 17.85 4.53
C LEU B 131 -65.00 17.40 5.94
N THR B 132 -65.77 16.46 6.49
CA THR B 132 -65.55 15.96 7.84
C THR B 132 -65.41 14.44 7.79
N LYS B 133 -64.36 13.93 8.43
CA LYS B 133 -64.11 12.50 8.54
C LYS B 133 -64.21 12.09 10.00
N ILE B 134 -64.94 11.02 10.26
CA ILE B 134 -65.18 10.52 11.61
C ILE B 134 -64.35 9.25 11.79
N ASN B 135 -63.49 9.25 12.81
CA ASN B 135 -62.65 8.09 13.14
C ASN B 135 -63.48 7.14 13.99
N ASN B 136 -64.22 6.26 13.33
CA ASN B 136 -65.03 5.25 14.01
C ASN B 136 -64.36 3.88 14.01
N GLY B 137 -63.02 3.85 14.06
CA GLY B 137 -62.27 2.62 14.13
C GLY B 137 -61.61 2.43 15.48
N ASP B 138 -60.79 1.38 15.55
CA ASP B 138 -60.09 1.02 16.78
C ASP B 138 -58.61 1.42 16.73
N TYR B 139 -58.24 2.35 15.85
CA TYR B 139 -56.86 2.77 15.72
C TYR B 139 -56.82 4.26 15.43
N ALA B 140 -55.73 4.91 15.84
CA ALA B 140 -55.54 6.32 15.58
C ALA B 140 -55.07 6.54 14.14
N ARG B 141 -55.61 7.57 13.51
CA ARG B 141 -55.29 7.89 12.13
C ARG B 141 -54.30 9.04 12.05
N LEU B 142 -53.52 9.05 10.96
CA LEU B 142 -52.54 10.10 10.70
C LEU B 142 -52.81 10.67 9.32
N TYR B 143 -53.17 11.95 9.27
CA TYR B 143 -53.47 12.64 8.02
C TYR B 143 -52.34 13.61 7.70
N ILE B 144 -51.87 13.58 6.46
CA ILE B 144 -50.84 14.49 5.98
C ILE B 144 -51.44 15.36 4.88
N TRP B 145 -51.40 16.67 5.08
CA TRP B 145 -51.99 17.63 4.16
C TRP B 145 -51.01 18.78 3.96
N GLY B 146 -51.14 19.46 2.82
CA GLY B 146 -50.21 20.49 2.44
C GLY B 146 -50.90 21.79 2.07
N VAL B 147 -50.10 22.85 2.03
CA VAL B 147 -50.54 24.18 1.63
C VAL B 147 -49.60 24.69 0.56
N HIS B 148 -50.16 25.11 -0.57
CA HIS B 148 -49.35 25.57 -1.69
C HIS B 148 -49.07 27.06 -1.59
N HIS B 149 -47.81 27.44 -1.84
CA HIS B 149 -47.39 28.84 -1.84
C HIS B 149 -47.06 29.26 -3.26
N PRO B 150 -47.96 29.94 -3.96
CA PRO B 150 -47.65 30.38 -5.33
C PRO B 150 -46.57 31.45 -5.34
N SER B 151 -46.10 31.76 -6.55
CA SER B 151 -45.01 32.70 -6.73
C SER B 151 -45.49 34.15 -6.84
N THR B 152 -46.60 34.37 -7.55
CA THR B 152 -47.13 35.71 -7.78
C THR B 152 -48.61 35.74 -7.44
N ASP B 153 -49.15 36.96 -7.31
CA ASP B 153 -50.58 37.11 -7.14
C ASP B 153 -51.35 36.62 -8.36
N THR B 154 -50.72 36.69 -9.54
CA THR B 154 -51.34 36.15 -10.74
C THR B 154 -51.49 34.63 -10.65
N GLU B 155 -50.46 33.95 -10.15
CA GLU B 155 -50.54 32.49 -10.01
C GLU B 155 -51.57 32.09 -8.97
N GLN B 156 -51.76 32.91 -7.94
CA GLN B 156 -52.75 32.58 -6.90
C GLN B 156 -54.16 32.53 -7.48
N THR B 157 -54.52 33.55 -8.26
CA THR B 157 -55.87 33.58 -8.85
C THR B 157 -56.00 32.65 -10.03
N ASN B 158 -54.90 32.35 -10.73
CA ASN B 158 -54.95 31.42 -11.85
C ASN B 158 -55.21 29.99 -11.42
N LEU B 159 -54.94 29.66 -10.16
CA LEU B 159 -55.07 28.29 -9.67
C LEU B 159 -56.23 28.10 -8.70
N TYR B 160 -56.54 29.10 -7.87
CA TYR B 160 -57.55 28.95 -6.83
C TYR B 160 -58.55 30.09 -6.80
N LYS B 161 -58.54 30.97 -7.80
CA LYS B 161 -59.48 32.10 -7.88
C LYS B 161 -59.35 33.06 -6.70
N ASN B 162 -59.59 32.57 -5.49
CA ASN B 162 -59.58 33.42 -4.31
C ASN B 162 -58.16 33.86 -3.97
N ASN B 163 -58.03 35.11 -3.52
CA ASN B 163 -56.76 35.67 -3.08
C ASN B 163 -57.00 36.63 -1.92
N PRO B 164 -56.50 36.33 -0.72
CA PRO B 164 -55.71 35.12 -0.42
C PRO B 164 -56.57 33.90 -0.13
N GLY B 165 -55.98 32.71 -0.25
CA GLY B 165 -56.63 31.49 0.14
C GLY B 165 -56.51 31.26 1.63
N ARG B 166 -56.96 30.07 2.05
CA ARG B 166 -56.89 29.71 3.46
C ARG B 166 -57.06 28.20 3.59
N VAL B 167 -56.22 27.59 4.43
CA VAL B 167 -56.31 26.18 4.75
C VAL B 167 -56.51 26.06 6.25
N THR B 168 -57.54 25.31 6.65
CA THR B 168 -57.89 25.17 8.06
C THR B 168 -58.27 23.72 8.32
N VAL B 169 -57.46 23.03 9.12
CA VAL B 169 -57.72 21.66 9.54
C VAL B 169 -57.89 21.67 11.05
N SER B 170 -59.03 21.17 11.52
CA SER B 170 -59.38 21.26 12.93
C SER B 170 -59.91 19.91 13.43
N THR B 171 -59.61 19.62 14.69
CA THR B 171 -60.16 18.49 15.41
C THR B 171 -61.06 19.00 16.53
N LYS B 172 -61.38 18.13 17.48
CA LYS B 172 -62.22 18.55 18.60
C LYS B 172 -61.47 19.46 19.56
N THR B 173 -60.15 19.29 19.68
CA THR B 173 -59.36 20.03 20.67
C THR B 173 -58.24 20.85 20.04
N SER B 174 -58.13 20.89 18.72
CA SER B 174 -57.04 21.62 18.08
C SER B 174 -57.53 22.22 16.77
N GLN B 175 -56.74 23.17 16.25
CA GLN B 175 -57.05 23.82 14.99
C GLN B 175 -55.77 24.43 14.43
N THR B 176 -55.45 24.08 13.19
CA THR B 176 -54.30 24.64 12.46
C THR B 176 -54.83 25.34 11.22
N SER B 177 -54.48 26.63 11.08
CA SER B 177 -54.92 27.43 9.96
C SER B 177 -53.74 28.19 9.38
N VAL B 178 -53.58 28.14 8.06
CA VAL B 178 -52.45 28.75 7.36
C VAL B 178 -52.98 29.54 6.17
N VAL B 179 -52.39 30.71 5.94
CA VAL B 179 -52.72 31.54 4.78
C VAL B 179 -51.52 31.55 3.84
N PRO B 180 -51.71 31.44 2.53
CA PRO B 180 -50.58 31.37 1.61
C PRO B 180 -49.67 32.58 1.74
N ASN B 181 -48.36 32.31 1.80
CA ASN B 181 -47.33 33.35 1.80
C ASN B 181 -46.85 33.54 0.36
N ILE B 182 -47.63 34.31 -0.40
CA ILE B 182 -47.35 34.49 -1.82
C ILE B 182 -46.01 35.20 -1.99
N GLY B 183 -45.17 34.64 -2.85
CA GLY B 183 -43.84 35.18 -3.09
C GLY B 183 -43.00 34.26 -3.95
N SER B 184 -42.03 34.82 -4.66
CA SER B 184 -41.19 34.05 -5.57
C SER B 184 -39.94 33.58 -4.84
N ARG B 185 -39.86 32.29 -4.58
CA ARG B 185 -38.69 31.65 -3.97
C ARG B 185 -37.67 31.32 -5.05
N PRO B 186 -36.43 30.97 -4.65
CA PRO B 186 -35.43 30.63 -5.66
C PRO B 186 -35.84 29.43 -6.50
N TRP B 187 -35.23 29.33 -7.68
CA TRP B 187 -35.55 28.27 -8.63
C TRP B 187 -35.13 26.92 -8.06
N VAL B 188 -36.12 26.03 -7.89
CA VAL B 188 -35.87 24.64 -7.50
C VAL B 188 -36.72 23.78 -8.41
N ARG B 189 -36.08 23.05 -9.32
CA ARG B 189 -36.75 22.15 -10.26
C ARG B 189 -37.70 22.90 -11.17
N GLY B 190 -37.28 24.07 -11.62
CA GLY B 190 -38.07 24.84 -12.56
C GLY B 190 -39.30 25.47 -11.99
N GLN B 191 -39.40 25.59 -10.68
CA GLN B 191 -40.59 26.14 -10.02
C GLN B 191 -40.17 27.00 -8.85
N SER B 192 -40.63 28.25 -8.83
CA SER B 192 -40.32 29.18 -7.76
C SER B 192 -41.32 29.12 -6.61
N GLY B 193 -42.39 28.33 -6.74
CA GLY B 193 -43.33 28.14 -5.65
C GLY B 193 -42.88 27.04 -4.70
N ARG B 194 -43.57 26.97 -3.56
CA ARG B 194 -43.26 25.97 -2.53
C ARG B 194 -44.57 25.41 -1.98
N ILE B 195 -44.45 24.30 -1.27
CA ILE B 195 -45.58 23.64 -0.61
C ILE B 195 -45.16 23.29 0.81
N SER B 196 -46.01 23.64 1.77
CA SER B 196 -45.76 23.35 3.19
C SER B 196 -46.70 22.25 3.64
N PHE B 197 -46.12 21.13 4.09
CA PHE B 197 -46.90 19.99 4.53
C PHE B 197 -47.11 20.03 6.04
N TYR B 198 -48.31 19.66 6.47
CA TYR B 198 -48.67 19.57 7.88
C TYR B 198 -49.28 18.20 8.15
N TRP B 199 -49.41 17.87 9.43
CA TRP B 199 -49.97 16.58 9.82
C TRP B 199 -50.92 16.77 10.99
N THR B 200 -51.85 15.82 11.12
CA THR B 200 -52.84 15.85 12.19
C THR B 200 -53.19 14.41 12.57
N ILE B 201 -53.05 14.11 13.86
CA ILE B 201 -53.37 12.79 14.39
C ILE B 201 -54.80 12.80 14.93
N VAL B 202 -55.59 11.81 14.52
CA VAL B 202 -56.99 11.71 14.92
C VAL B 202 -57.15 10.43 15.73
N GLU B 203 -57.44 10.58 17.02
CA GLU B 203 -57.67 9.44 17.88
C GLU B 203 -59.02 8.81 17.56
N PRO B 204 -59.20 7.53 17.91
CA PRO B 204 -60.51 6.90 17.72
C PRO B 204 -61.59 7.63 18.51
N GLY B 205 -62.71 7.89 17.85
CA GLY B 205 -63.79 8.68 18.43
C GLY B 205 -63.68 10.17 18.18
N ASP B 206 -62.57 10.64 17.63
CA ASP B 206 -62.39 12.04 17.31
C ASP B 206 -62.71 12.28 15.83
N LEU B 207 -62.79 13.56 15.46
CA LEU B 207 -63.13 13.97 14.11
C LEU B 207 -62.08 14.94 13.59
N ILE B 208 -62.10 15.15 12.27
CA ILE B 208 -61.20 16.07 11.60
C ILE B 208 -61.97 16.75 10.48
N VAL B 209 -61.73 18.05 10.30
CA VAL B 209 -62.46 18.86 9.33
C VAL B 209 -61.46 19.57 8.44
N PHE B 210 -61.56 19.34 7.13
CA PHE B 210 -60.76 20.04 6.14
C PHE B 210 -61.59 21.17 5.55
N ASN B 211 -61.26 22.41 5.90
CA ASN B 211 -61.99 23.58 5.45
C ASN B 211 -61.01 24.50 4.72
N THR B 212 -61.31 24.78 3.45
CA THR B 212 -60.38 25.53 2.61
C THR B 212 -61.15 26.42 1.65
N ILE B 213 -60.55 27.56 1.31
CA ILE B 213 -60.99 28.40 0.20
C ILE B 213 -59.95 28.44 -0.90
N GLY B 214 -58.91 27.62 -0.82
CA GLY B 214 -57.89 27.56 -1.84
C GLY B 214 -56.59 27.03 -1.29
N ASN B 215 -55.71 26.62 -2.22
CA ASN B 215 -54.33 26.25 -1.93
C ASN B 215 -54.21 24.98 -1.10
N LEU B 216 -55.20 24.09 -1.15
CA LEU B 216 -55.17 22.88 -0.36
C LEU B 216 -54.53 21.75 -1.16
N ILE B 217 -53.50 21.13 -0.58
CA ILE B 217 -52.95 19.88 -1.10
C ILE B 217 -53.65 18.77 -0.32
N ALA B 218 -54.76 18.29 -0.88
CA ALA B 218 -55.68 17.42 -0.15
C ALA B 218 -55.09 16.02 0.01
N PRO B 219 -55.35 15.37 1.15
CA PRO B 219 -54.94 13.98 1.31
C PRO B 219 -55.90 13.03 0.62
N ARG B 220 -55.37 11.87 0.24
CA ARG B 220 -56.17 10.82 -0.38
C ARG B 220 -56.55 9.72 0.60
N GLY B 221 -56.18 9.86 1.87
CA GLY B 221 -56.49 8.87 2.88
C GLY B 221 -55.78 9.14 4.19
N HIS B 222 -55.35 8.08 4.87
CA HIS B 222 -54.64 8.22 6.14
C HIS B 222 -53.80 6.98 6.38
N TYR B 223 -52.76 7.16 7.20
CA TYR B 223 -51.87 6.07 7.57
C TYR B 223 -52.32 5.46 8.89
N LYS B 224 -52.19 4.14 8.99
CA LYS B 224 -52.50 3.46 10.24
C LYS B 224 -51.38 3.70 11.25
N LEU B 225 -51.75 4.01 12.48
CA LEU B 225 -50.80 4.21 13.57
C LEU B 225 -50.88 3.02 14.52
N ASN B 226 -49.74 2.40 14.79
CA ASN B 226 -49.69 1.27 15.71
C ASN B 226 -49.97 1.73 17.13
N SER B 227 -50.64 0.87 17.90
CA SER B 227 -50.82 1.14 19.32
C SER B 227 -49.48 1.12 20.04
N GLN B 228 -48.64 0.16 19.73
CA GLN B 228 -47.28 0.08 20.26
C GLN B 228 -46.32 0.61 19.20
N LYS B 229 -45.77 1.81 19.44
CA LYS B 229 -44.80 2.42 18.56
C LYS B 229 -43.40 2.12 19.10
N LYS B 230 -42.70 1.21 18.43
CA LYS B 230 -41.43 0.70 18.93
C LYS B 230 -40.28 0.77 17.93
N SER B 231 -40.52 1.26 16.72
CA SER B 231 -39.48 1.29 15.70
C SER B 231 -38.68 2.59 15.77
N THR B 232 -37.64 2.65 14.94
CA THR B 232 -36.75 3.81 14.92
C THR B 232 -36.17 3.94 13.52
N ILE B 233 -35.31 4.95 13.34
CA ILE B 233 -34.71 5.25 12.04
C ILE B 233 -33.22 5.48 12.23
N LEU B 234 -32.44 5.06 11.23
CA LEU B 234 -30.99 5.26 11.23
C LEU B 234 -30.58 5.84 9.88
N ASN B 235 -29.92 6.99 9.91
CA ASN B 235 -29.45 7.67 8.70
C ASN B 235 -27.99 7.31 8.49
N THR B 236 -27.72 6.43 7.52
CA THR B 236 -26.36 6.00 7.25
C THR B 236 -26.28 5.48 5.83
N ALA B 237 -25.09 5.62 5.24
CA ALA B 237 -24.82 5.12 3.90
C ALA B 237 -24.20 3.72 3.91
N VAL B 238 -24.02 3.13 5.09
CA VAL B 238 -23.44 1.79 5.19
C VAL B 238 -24.41 0.78 4.59
N PRO B 239 -23.97 -0.09 3.69
CA PRO B 239 -24.90 -1.03 3.05
C PRO B 239 -25.33 -2.14 4.00
N ILE B 240 -26.40 -2.83 3.61
CA ILE B 240 -26.93 -3.95 4.37
C ILE B 240 -26.28 -5.24 3.85
N GLY B 241 -25.69 -6.00 4.75
CA GLY B 241 -25.00 -7.24 4.40
C GLY B 241 -25.82 -8.46 4.74
N SER B 242 -25.13 -9.48 5.29
CA SER B 242 -25.78 -10.73 5.68
C SER B 242 -25.36 -11.21 7.06
N CYS B 243 -24.72 -10.35 7.85
CA CYS B 243 -24.27 -10.73 9.18
C CYS B 243 -25.45 -10.84 10.14
N VAL B 244 -25.14 -11.17 11.39
CA VAL B 244 -26.14 -11.31 12.44
C VAL B 244 -25.69 -10.47 13.63
N SER B 245 -26.45 -9.42 13.94
CA SER B 245 -26.15 -8.59 15.10
C SER B 245 -27.41 -7.82 15.49
N LYS B 246 -27.52 -7.54 16.79
CA LYS B 246 -28.59 -6.70 17.32
C LYS B 246 -28.10 -5.31 17.69
N CYS B 247 -26.88 -4.95 17.27
CA CYS B 247 -26.31 -3.63 17.50
C CYS B 247 -25.97 -3.00 16.16
N HIS B 248 -26.45 -1.77 15.95
CA HIS B 248 -26.23 -1.06 14.70
C HIS B 248 -25.81 0.37 14.99
N THR B 249 -24.89 0.89 14.19
CA THR B 249 -24.45 2.28 14.26
C THR B 249 -24.52 2.88 12.86
N ASP B 250 -24.37 4.21 12.81
CA ASP B 250 -24.29 4.88 11.51
C ASP B 250 -23.01 4.52 10.77
N ARG B 251 -22.04 3.93 11.45
CA ARG B 251 -20.80 3.48 10.83
C ARG B 251 -20.77 1.97 10.61
N GLY B 252 -21.80 1.25 11.05
CA GLY B 252 -21.85 -0.19 10.86
C GLY B 252 -22.37 -0.94 12.07
N SER B 253 -22.56 -2.24 11.94
CA SER B 253 -23.02 -3.06 13.05
C SER B 253 -21.85 -3.46 13.94
N ILE B 254 -22.17 -3.88 15.16
CA ILE B 254 -21.19 -4.28 16.15
C ILE B 254 -21.57 -5.65 16.71
N THR B 255 -20.60 -6.54 16.79
CA THR B 255 -20.77 -7.87 17.41
C THR B 255 -19.70 -8.01 18.48
N THR B 256 -20.05 -7.70 19.73
CA THR B 256 -19.08 -7.75 20.81
C THR B 256 -19.77 -8.06 22.13
N THR B 257 -19.01 -8.70 23.02
CA THR B 257 -19.42 -8.90 24.40
C THR B 257 -18.91 -7.80 25.32
N LYS B 258 -18.24 -6.80 24.78
CA LYS B 258 -17.66 -5.74 25.59
C LYS B 258 -18.76 -4.81 26.11
N PRO B 259 -18.53 -4.15 27.25
CA PRO B 259 -19.53 -3.23 27.80
C PRO B 259 -19.47 -1.81 27.25
N PHE B 260 -18.40 -1.43 26.56
CA PHE B 260 -18.27 -0.09 26.01
C PHE B 260 -17.77 -0.17 24.58
N GLN B 261 -18.03 0.91 23.84
CA GLN B 261 -17.60 1.03 22.45
C GLN B 261 -17.28 2.49 22.17
N ASN B 262 -16.23 2.74 21.41
CA ASN B 262 -15.86 4.10 21.02
C ASN B 262 -15.99 4.29 19.50
N ILE B 263 -17.08 3.79 18.94
CA ILE B 263 -17.33 3.87 17.50
C ILE B 263 -18.26 5.02 17.15
N SER B 264 -19.44 5.05 17.77
CA SER B 264 -20.43 6.08 17.44
C SER B 264 -21.47 6.17 18.55
N ARG B 265 -21.86 7.39 18.88
CA ARG B 265 -22.97 7.59 19.82
C ARG B 265 -24.31 7.22 19.21
N ILE B 266 -24.41 7.25 17.88
CA ILE B 266 -25.64 6.87 17.19
C ILE B 266 -25.71 5.35 17.10
N SER B 267 -26.16 4.71 18.17
CA SER B 267 -26.29 3.26 18.23
C SER B 267 -27.73 2.90 18.58
N ILE B 268 -28.23 1.84 17.95
CA ILE B 268 -29.62 1.41 18.12
C ILE B 268 -29.63 -0.04 18.57
N GLY B 269 -30.45 -0.34 19.58
CA GLY B 269 -30.65 -1.70 20.01
C GLY B 269 -29.75 -2.14 21.15
N ASP B 270 -29.29 -3.39 21.11
CA ASP B 270 -28.44 -3.96 22.14
C ASP B 270 -26.99 -3.56 21.87
N CYS B 271 -26.65 -2.36 22.32
CA CYS B 271 -25.35 -1.76 22.02
C CYS B 271 -24.65 -1.32 23.30
N PRO B 272 -23.32 -1.34 23.31
CA PRO B 272 -22.58 -0.81 24.46
C PRO B 272 -22.61 0.71 24.48
N LYS B 273 -22.18 1.26 25.61
CA LYS B 273 -22.14 2.71 25.77
C LYS B 273 -21.04 3.31 24.91
N TYR B 274 -21.33 4.44 24.27
CA TYR B 274 -20.34 5.12 23.43
C TYR B 274 -19.41 5.90 24.33
N VAL B 275 -18.36 5.24 24.82
CA VAL B 275 -17.28 5.96 25.49
C VAL B 275 -16.50 6.75 24.44
N LYS B 276 -15.89 7.85 24.88
CA LYS B 276 -15.22 8.76 23.95
C LYS B 276 -14.09 8.05 23.20
N GLN B 277 -12.97 7.82 23.87
CA GLN B 277 -11.83 7.14 23.27
C GLN B 277 -11.02 6.49 24.38
N GLY B 278 -10.14 5.55 23.98
CA GLY B 278 -9.17 5.01 24.90
C GLY B 278 -9.18 3.50 24.93
N SER B 279 -8.70 2.96 26.05
CA SER B 279 -8.50 1.52 26.19
C SER B 279 -8.33 1.22 27.67
N LEU B 280 -9.08 0.24 28.17
CA LEU B 280 -9.05 -0.10 29.59
C LEU B 280 -9.07 -1.62 29.74
N LYS B 281 -8.20 -2.12 30.63
CA LYS B 281 -8.16 -3.55 30.94
C LYS B 281 -7.49 -3.78 32.30
N GLN C 4 -23.24 16.60 -13.27
CA GLN C 4 -21.94 16.59 -13.92
C GLN C 4 -20.96 17.52 -13.20
N GLU C 5 -19.73 17.04 -13.01
CA GLU C 5 -18.72 17.82 -12.33
C GLU C 5 -18.11 18.85 -13.28
N LEU C 6 -17.91 20.06 -12.78
CA LEU C 6 -17.42 21.17 -13.59
C LEU C 6 -15.98 21.56 -13.26
N VAL C 7 -15.36 20.95 -12.26
CA VAL C 7 -14.00 21.28 -11.85
C VAL C 7 -13.13 20.05 -12.09
N GLU C 8 -12.13 20.20 -12.96
CA GLU C 8 -11.18 19.13 -13.21
C GLU C 8 -10.14 19.10 -12.09
N SER C 9 -9.86 17.90 -11.59
CA SER C 9 -8.94 17.73 -10.47
C SER C 9 -7.78 16.79 -10.76
N GLN C 10 -7.79 16.08 -11.88
CA GLN C 10 -6.77 15.09 -12.19
C GLN C 10 -5.91 15.60 -13.34
N HIS C 11 -4.60 15.66 -13.10
CA HIS C 11 -3.62 16.06 -14.12
C HIS C 11 -2.80 14.85 -14.55
N LEU C 12 -2.17 14.98 -15.71
CA LEU C 12 -1.29 13.93 -16.18
C LEU C 12 0.04 13.96 -15.42
N PRO C 13 0.70 12.81 -15.29
CA PRO C 13 1.98 12.79 -14.57
C PRO C 13 3.16 13.23 -15.44
N GLU C 14 2.87 13.87 -16.57
CA GLU C 14 3.92 14.29 -17.50
C GLU C 14 3.45 15.53 -18.25
N LEU C 15 4.40 16.15 -18.96
CA LEU C 15 4.11 17.27 -19.83
C LEU C 15 4.02 16.78 -21.27
N CYS C 16 2.98 17.22 -21.97
CA CYS C 16 2.73 16.73 -23.33
C CYS C 16 3.55 17.54 -24.33
N PRO C 17 4.47 16.93 -25.08
CA PRO C 17 5.24 17.67 -26.09
C PRO C 17 4.46 17.95 -27.37
N SER C 18 3.19 17.58 -27.42
CA SER C 18 2.33 17.83 -28.58
C SER C 18 1.02 18.45 -28.13
N PRO C 19 0.49 19.44 -28.86
CA PRO C 19 1.09 19.98 -30.09
C PRO C 19 2.10 21.10 -29.84
N LEU C 20 2.07 21.68 -28.65
CA LEU C 20 2.96 22.78 -28.33
C LEU C 20 4.41 22.31 -28.28
N ARG C 21 5.29 23.06 -28.95
CA ARG C 21 6.71 22.69 -29.02
C ARG C 21 7.38 23.06 -27.71
N LEU C 22 7.78 22.05 -26.95
CA LEU C 22 8.45 22.25 -25.67
C LEU C 22 9.95 22.09 -25.83
N VAL C 23 10.70 22.78 -24.97
CA VAL C 23 12.16 22.70 -24.92
C VAL C 23 12.59 22.56 -23.47
N ASP C 24 13.36 21.52 -23.19
CA ASP C 24 13.83 21.24 -21.83
C ASP C 24 15.17 21.93 -21.62
N GLY C 25 15.20 22.94 -20.75
CA GLY C 25 16.46 23.57 -20.38
C GLY C 25 17.40 22.68 -19.61
N GLN C 26 16.86 21.68 -18.90
CA GLN C 26 17.65 20.67 -18.18
C GLN C 26 18.50 21.37 -17.13
N THR C 27 19.82 21.24 -17.14
CA THR C 27 20.66 21.84 -16.12
C THR C 27 20.75 23.35 -16.20
N CYS C 28 20.31 23.95 -17.31
CA CYS C 28 20.43 25.39 -17.53
C CYS C 28 19.07 26.05 -17.42
N ASP C 29 19.00 27.10 -16.61
CA ASP C 29 17.87 28.01 -16.69
C ASP C 29 17.99 28.87 -17.95
N ILE C 30 16.93 29.65 -18.22
CA ILE C 30 16.91 30.40 -19.47
C ILE C 30 17.90 31.56 -19.46
N VAL C 31 18.37 31.99 -18.28
CA VAL C 31 19.34 33.06 -18.23
C VAL C 31 20.74 32.56 -18.59
N ASN C 32 21.18 31.48 -17.94
CA ASN C 32 22.47 30.89 -18.29
C ASN C 32 22.46 30.33 -19.71
N GLY C 33 21.28 29.96 -20.22
CA GLY C 33 21.20 29.52 -21.61
C GLY C 33 21.49 30.65 -22.58
N ALA C 34 21.01 31.85 -22.27
CA ALA C 34 21.34 33.01 -23.11
C ALA C 34 22.79 33.40 -22.94
N LEU C 35 23.30 33.37 -21.71
CA LEU C 35 24.72 33.63 -21.48
C LEU C 35 25.60 32.52 -22.04
N GLY C 36 25.06 31.32 -22.24
CA GLY C 36 25.84 30.23 -22.76
C GLY C 36 26.80 29.60 -21.76
N SER C 37 26.35 29.40 -20.53
CA SER C 37 27.19 28.77 -19.52
C SER C 37 27.50 27.33 -19.94
N PRO C 38 28.58 26.76 -19.41
CA PRO C 38 28.91 25.36 -19.71
C PRO C 38 27.72 24.44 -19.48
N GLY C 39 27.47 23.58 -20.47
CA GLY C 39 26.32 22.70 -20.44
C GLY C 39 25.06 23.27 -21.04
N CYS C 40 25.07 24.53 -21.48
CA CYS C 40 23.93 25.17 -22.10
C CYS C 40 24.03 25.23 -23.62
N ASP C 41 25.08 24.61 -24.19
CA ASP C 41 25.27 24.64 -25.64
C ASP C 41 24.20 23.85 -26.39
N HIS C 42 23.46 22.98 -25.70
CA HIS C 42 22.39 22.24 -26.36
C HIS C 42 21.22 23.13 -26.74
N LEU C 43 21.04 24.25 -26.02
CA LEU C 43 19.97 25.20 -26.32
C LEU C 43 20.28 26.11 -27.50
N ASN C 44 21.46 25.97 -28.11
CA ASN C 44 21.85 26.83 -29.21
C ASN C 44 20.94 26.62 -30.41
N GLY C 45 20.33 27.70 -30.90
CA GLY C 45 19.46 27.64 -32.04
C GLY C 45 18.10 27.02 -31.80
N ALA C 46 17.75 26.78 -30.54
CA ALA C 46 16.48 26.14 -30.23
C ALA C 46 15.33 27.13 -30.35
N GLU C 47 14.16 26.60 -30.68
CA GLU C 47 12.92 27.37 -30.76
C GLU C 47 11.84 26.64 -29.97
N TRP C 48 11.01 27.39 -29.25
CA TRP C 48 10.07 26.78 -28.34
C TRP C 48 8.77 27.57 -28.29
N ASP C 49 7.68 26.85 -28.02
CA ASP C 49 6.44 27.48 -27.58
C ASP C 49 6.34 27.57 -26.07
N ILE C 50 7.06 26.72 -25.34
CA ILE C 50 7.15 26.76 -23.88
C ILE C 50 8.55 26.30 -23.49
N PHE C 51 9.29 27.17 -22.80
CA PHE C 51 10.58 26.79 -22.25
C PHE C 51 10.37 26.09 -20.92
N ILE C 52 10.81 24.84 -20.82
CA ILE C 52 10.65 24.05 -19.61
C ILE C 52 11.91 24.26 -18.76
N GLU C 53 11.84 25.19 -17.82
CA GLU C 53 12.95 25.48 -16.93
C GLU C 53 12.89 24.56 -15.73
N ARG C 54 14.05 24.07 -15.30
CA ARG C 54 13.99 23.12 -14.20
C ARG C 54 14.33 23.79 -12.88
N PRO C 55 13.58 23.48 -11.82
CA PRO C 55 13.94 24.02 -10.49
C PRO C 55 15.28 23.51 -9.99
N THR C 56 15.70 22.32 -10.43
CA THR C 56 16.98 21.76 -10.06
C THR C 56 18.14 22.31 -10.89
N ALA C 57 17.93 23.41 -11.60
CA ALA C 57 18.98 24.02 -12.40
C ALA C 57 20.12 24.49 -11.50
N VAL C 58 21.32 24.55 -12.08
CA VAL C 58 22.52 24.91 -11.34
C VAL C 58 23.32 25.93 -12.14
N ASP C 59 24.00 26.82 -11.42
CA ASP C 59 24.91 27.77 -12.06
C ASP C 59 26.24 27.08 -12.34
N THR C 60 26.76 27.31 -13.55
CA THR C 60 27.95 26.62 -14.02
C THR C 60 28.99 27.60 -14.55
N CYS C 61 29.11 28.77 -13.94
CA CYS C 61 30.08 29.76 -14.39
C CYS C 61 30.36 30.74 -13.26
N TYR C 62 30.87 31.92 -13.63
CA TYR C 62 31.20 32.94 -12.64
C TYR C 62 29.96 33.32 -11.85
N PRO C 63 30.07 33.53 -10.54
CA PRO C 63 28.92 34.01 -9.76
C PRO C 63 28.44 35.35 -10.28
N PHE C 64 27.16 35.39 -10.67
CA PHE C 64 26.58 36.55 -11.32
C PHE C 64 25.30 36.96 -10.62
N ASP C 65 24.85 38.17 -10.93
CA ASP C 65 23.57 38.68 -10.46
C ASP C 65 23.05 39.68 -11.49
N VAL C 66 21.74 39.63 -11.74
CA VAL C 66 21.13 40.45 -12.79
C VAL C 66 20.20 41.46 -12.11
N PRO C 67 20.55 42.74 -12.09
CA PRO C 67 19.57 43.76 -11.69
C PRO C 67 18.38 43.71 -12.64
N ASP C 68 17.18 43.69 -12.06
CA ASP C 68 15.95 43.44 -12.80
C ASP C 68 16.01 42.09 -13.50
N TYR C 69 16.20 41.04 -12.69
CA TYR C 69 16.40 39.70 -13.22
C TYR C 69 15.17 39.19 -13.96
N GLN C 70 13.98 39.41 -13.40
CA GLN C 70 12.76 38.85 -13.99
C GLN C 70 12.45 39.46 -15.34
N SER C 71 12.85 40.72 -15.58
CA SER C 71 12.59 41.34 -16.87
C SER C 71 13.41 40.68 -17.98
N LEU C 72 14.69 40.43 -17.73
CA LEU C 72 15.50 39.72 -18.71
C LEU C 72 15.00 38.30 -18.93
N ARG C 73 14.62 37.62 -17.85
CA ARG C 73 14.05 36.28 -17.96
C ARG C 73 12.77 36.29 -18.78
N SER C 74 11.97 37.36 -18.64
CA SER C 74 10.73 37.45 -19.39
C SER C 74 10.99 37.76 -20.87
N ILE C 75 11.99 38.61 -21.14
CA ILE C 75 12.30 38.96 -22.52
C ILE C 75 12.81 37.74 -23.28
N LEU C 76 13.62 36.92 -22.62
CA LEU C 76 14.17 35.73 -23.28
C LEU C 76 13.07 34.71 -23.58
N ALA C 77 12.21 34.43 -22.61
CA ALA C 77 11.16 33.44 -22.81
C ALA C 77 10.10 33.96 -23.78
N ASN C 78 9.76 35.24 -23.69
CA ASN C 78 8.78 35.80 -24.61
C ASN C 78 9.29 35.87 -26.04
N ASN C 79 10.60 35.78 -26.25
CA ASN C 79 11.14 35.77 -27.61
C ASN C 79 10.83 34.44 -28.30
N GLY C 80 11.30 33.34 -27.72
CA GLY C 80 11.01 32.02 -28.23
C GLY C 80 12.12 31.33 -28.99
N LYS C 81 13.31 31.92 -29.05
CA LYS C 81 14.40 31.31 -29.79
C LYS C 81 15.72 31.87 -29.27
N PHE C 82 16.80 31.11 -29.53
CA PHE C 82 18.16 31.50 -29.18
C PHE C 82 18.96 31.59 -30.48
N GLU C 83 18.74 32.66 -31.24
CA GLU C 83 19.43 32.88 -32.50
C GLU C 83 20.50 33.94 -32.26
N PHE C 84 21.75 33.49 -32.13
CA PHE C 84 22.87 34.37 -31.85
C PHE C 84 23.63 34.67 -33.13
N ILE C 85 23.89 35.95 -33.37
CA ILE C 85 24.64 36.42 -34.54
C ILE C 85 25.96 36.98 -34.02
N ALA C 86 27.06 36.31 -34.35
CA ALA C 86 28.37 36.73 -33.87
C ALA C 86 28.83 37.98 -34.62
N GLU C 87 29.36 38.93 -33.86
CA GLU C 87 29.88 40.18 -34.41
C GLU C 87 31.34 40.35 -34.01
N GLU C 88 32.09 41.04 -34.86
CA GLU C 88 33.49 41.36 -34.59
C GLU C 88 33.56 42.72 -33.92
N PHE C 89 34.07 42.76 -32.69
CA PHE C 89 34.25 43.99 -31.94
C PHE C 89 35.73 44.32 -31.89
N GLN C 90 36.10 45.48 -32.44
CA GLN C 90 37.51 45.87 -32.55
C GLN C 90 37.97 46.50 -31.23
N TRP C 91 38.14 45.64 -30.22
CA TRP C 91 38.71 46.08 -28.97
C TRP C 91 40.20 46.36 -29.14
N SER C 92 40.65 47.50 -28.63
CA SER C 92 42.00 47.98 -28.85
C SER C 92 42.90 47.62 -27.68
N THR C 93 44.08 47.06 -27.99
CA THR C 93 45.17 46.86 -27.04
C THR C 93 44.84 45.85 -25.94
N VAL C 94 43.64 45.94 -25.36
CA VAL C 94 43.32 45.14 -24.18
C VAL C 94 43.33 43.65 -24.51
N LYS C 95 43.53 42.85 -23.47
CA LYS C 95 43.43 41.40 -23.60
C LYS C 95 41.98 40.99 -23.79
N GLN C 96 41.77 39.88 -24.48
CA GLN C 96 40.43 39.34 -24.72
C GLN C 96 40.39 37.87 -24.31
N ASN C 97 39.19 37.32 -24.32
CA ASN C 97 38.95 35.90 -24.02
C ASN C 97 39.46 35.52 -22.63
N GLY C 98 39.05 36.31 -21.63
CA GLY C 98 39.40 35.99 -20.26
C GLY C 98 38.63 34.78 -19.76
N LYS C 99 39.34 33.90 -19.07
CA LYS C 99 38.77 32.65 -18.59
C LYS C 99 38.94 32.56 -17.07
N SER C 100 38.11 31.72 -16.46
CA SER C 100 38.07 31.59 -15.01
C SER C 100 38.03 30.11 -14.63
N GLY C 101 38.55 29.81 -13.44
CA GLY C 101 38.48 28.46 -12.91
C GLY C 101 37.12 28.08 -12.38
N ALA C 102 36.25 29.05 -12.12
CA ALA C 102 34.88 28.81 -11.69
C ALA C 102 33.93 28.54 -12.85
N CYS C 103 34.47 28.38 -14.06
CA CYS C 103 33.66 28.20 -15.27
C CYS C 103 34.43 27.32 -16.24
N LYS C 104 34.84 26.13 -15.77
CA LYS C 104 35.67 25.24 -16.56
C LYS C 104 34.82 24.16 -17.22
N ARG C 105 35.04 23.97 -18.52
CA ARG C 105 34.41 22.90 -19.29
C ARG C 105 35.43 21.78 -19.46
N ALA C 106 35.14 20.62 -18.87
CA ALA C 106 36.05 19.48 -18.85
C ALA C 106 37.37 19.87 -18.17
N ASN C 107 37.25 20.51 -17.00
CA ASN C 107 38.38 20.97 -16.21
C ASN C 107 39.30 21.92 -16.98
N VAL C 108 38.79 22.56 -18.01
CA VAL C 108 39.54 23.54 -18.80
C VAL C 108 38.88 24.90 -18.56
N ASN C 109 39.60 25.80 -17.90
CA ASN C 109 39.07 27.11 -17.55
C ASN C 109 38.52 27.82 -18.77
N ASP C 110 37.27 28.26 -18.68
CA ASP C 110 36.58 28.87 -19.82
C ASP C 110 35.74 30.02 -19.28
N PHE C 111 34.72 30.41 -20.05
CA PHE C 111 33.88 31.55 -19.74
C PHE C 111 32.55 31.38 -20.47
N PHE C 112 31.66 32.35 -20.29
CA PHE C 112 30.45 32.42 -21.10
C PHE C 112 30.82 32.52 -22.57
N ASN C 113 30.37 31.56 -23.37
CA ASN C 113 30.74 31.55 -24.78
C ASN C 113 30.12 32.70 -25.57
N ARG C 114 29.11 33.37 -25.01
CA ARG C 114 28.51 34.54 -25.64
C ARG C 114 29.13 35.84 -25.18
N LEU C 115 30.08 35.80 -24.25
CA LEU C 115 30.68 36.98 -23.67
C LEU C 115 32.19 36.99 -23.88
N ASN C 116 32.79 38.17 -23.73
CA ASN C 116 34.22 38.37 -23.90
C ASN C 116 34.73 39.15 -22.70
N TRP C 117 35.58 38.51 -21.89
CA TRP C 117 36.16 39.15 -20.71
C TRP C 117 37.40 39.92 -21.14
N LEU C 118 37.31 41.25 -21.16
CA LEU C 118 38.42 42.10 -21.55
C LEU C 118 39.29 42.39 -20.33
N THR C 119 40.60 42.27 -20.50
CA THR C 119 41.57 42.54 -19.44
C THR C 119 42.67 43.42 -19.99
N LYS C 120 43.44 44.02 -19.08
CA LYS C 120 44.52 44.90 -19.48
C LYS C 120 45.61 44.14 -20.21
N SER C 121 46.30 44.84 -21.11
CA SER C 121 47.34 44.22 -21.91
C SER C 121 48.57 43.91 -21.05
N ASP C 122 49.50 43.15 -21.63
CA ASP C 122 50.74 42.83 -20.94
C ASP C 122 51.62 44.05 -20.73
N GLY C 123 51.43 45.10 -21.52
CA GLY C 123 52.11 46.36 -21.32
C GLY C 123 51.49 47.25 -20.27
N ASN C 124 50.56 46.72 -19.46
CA ASN C 124 49.87 47.47 -18.42
C ASN C 124 49.16 48.69 -19.01
N ALA C 125 48.18 48.41 -19.86
CA ALA C 125 47.45 49.47 -20.55
C ALA C 125 46.01 49.04 -20.77
N TYR C 126 45.08 49.93 -20.44
CA TYR C 126 43.65 49.72 -20.69
C TYR C 126 43.08 51.04 -21.16
N PRO C 127 43.25 51.37 -22.45
CA PRO C 127 42.77 52.66 -22.95
C PRO C 127 41.25 52.67 -23.08
N LEU C 128 40.73 53.87 -23.35
CA LEU C 128 39.30 54.06 -23.51
C LEU C 128 38.82 53.32 -24.75
N GLN C 129 37.89 52.38 -24.55
CA GLN C 129 37.32 51.60 -25.64
C GLN C 129 36.01 52.24 -26.07
N ASN C 130 35.96 52.69 -27.32
CA ASN C 130 34.77 53.34 -27.88
C ASN C 130 34.39 52.59 -29.15
N LEU C 131 33.41 51.69 -29.05
CA LEU C 131 32.93 50.92 -30.17
C LEU C 131 31.45 51.20 -30.40
N THR C 132 31.05 51.27 -31.67
CA THR C 132 29.69 51.60 -32.06
C THR C 132 29.20 50.59 -33.07
N LYS C 133 28.02 50.04 -32.82
CA LYS C 133 27.36 49.10 -33.73
C LYS C 133 26.06 49.72 -34.22
N ILE C 134 25.85 49.69 -35.53
CA ILE C 134 24.67 50.26 -36.16
C ILE C 134 23.74 49.13 -36.58
N ASN C 135 22.47 49.25 -36.20
CA ASN C 135 21.45 48.24 -36.55
C ASN C 135 20.83 48.65 -37.87
N ASN C 136 21.46 48.20 -38.97
CA ASN C 136 20.97 48.47 -40.32
C ASN C 136 20.20 47.28 -40.89
N GLY C 137 19.67 46.41 -40.04
CA GLY C 137 18.87 45.29 -40.47
C GLY C 137 17.39 45.53 -40.34
N ASP C 138 16.62 44.46 -40.53
CA ASP C 138 15.17 44.53 -40.47
C ASP C 138 14.60 43.92 -39.18
N TYR C 139 15.45 43.67 -38.19
CA TYR C 139 15.01 43.09 -36.92
C TYR C 139 15.68 43.82 -35.77
N ALA C 140 15.11 43.66 -34.59
CA ALA C 140 15.66 44.26 -33.38
C ALA C 140 16.73 43.37 -32.78
N ARG C 141 17.77 43.98 -32.23
CA ARG C 141 18.90 43.27 -31.65
C ARG C 141 18.85 43.36 -30.13
N LEU C 142 19.30 42.29 -29.47
CA LEU C 142 19.38 42.22 -28.02
C LEU C 142 20.84 41.98 -27.64
N TYR C 143 21.46 42.97 -27.01
CA TYR C 143 22.85 42.89 -26.58
C TYR C 143 22.91 42.64 -25.09
N ILE C 144 23.68 41.63 -24.68
CA ILE C 144 23.84 41.27 -23.28
C ILE C 144 25.30 41.52 -22.89
N TRP C 145 25.50 42.39 -21.90
CA TRP C 145 26.84 42.75 -21.45
C TRP C 145 26.86 42.76 -19.93
N GLY C 146 28.06 42.66 -19.36
CA GLY C 146 28.22 42.55 -17.93
C GLY C 146 29.28 43.50 -17.40
N VAL C 147 29.23 43.69 -16.08
CA VAL C 147 30.18 44.53 -15.35
C VAL C 147 30.78 43.70 -14.24
N HIS C 148 32.11 43.66 -14.16
CA HIS C 148 32.81 42.84 -13.19
C HIS C 148 33.05 43.63 -11.90
N HIS C 149 32.77 43.00 -10.77
CA HIS C 149 33.02 43.59 -9.45
C HIS C 149 34.13 42.83 -8.76
N PRO C 150 35.36 43.35 -8.72
CA PRO C 150 36.46 42.65 -8.03
C PRO C 150 36.28 42.63 -6.53
N SER C 151 37.24 42.02 -5.82
CA SER C 151 37.15 41.89 -4.37
C SER C 151 37.91 43.00 -3.65
N THR C 152 39.11 43.34 -4.11
CA THR C 152 39.95 44.33 -3.45
C THR C 152 40.40 45.37 -4.46
N ASP C 153 40.87 46.51 -3.94
CA ASP C 153 41.45 47.54 -4.79
C ASP C 153 42.68 47.01 -5.51
N THR C 154 43.36 46.01 -4.93
CA THR C 154 44.48 45.38 -5.60
C THR C 154 44.01 44.61 -6.83
N GLU C 155 42.90 43.88 -6.71
CA GLU C 155 42.39 43.10 -7.84
C GLU C 155 41.94 44.00 -8.97
N GLN C 156 41.36 45.16 -8.65
CA GLN C 156 40.89 46.07 -9.69
C GLN C 156 42.04 46.53 -10.58
N THR C 157 43.17 46.90 -9.97
CA THR C 157 44.32 47.37 -10.74
C THR C 157 45.08 46.23 -11.39
N ASN C 158 45.07 45.04 -10.78
CA ASN C 158 45.78 43.91 -11.35
C ASN C 158 45.10 43.35 -12.59
N LEU C 159 43.82 43.65 -12.79
CA LEU C 159 43.06 43.14 -13.92
C LEU C 159 42.86 44.16 -15.03
N TYR C 160 42.60 45.42 -14.68
CA TYR C 160 42.31 46.46 -15.67
C TYR C 160 43.14 47.72 -15.49
N LYS C 161 44.13 47.69 -14.60
CA LYS C 161 45.00 48.84 -14.33
C LYS C 161 44.24 50.04 -13.77
N ASN C 162 43.28 50.56 -14.54
CA ASN C 162 42.55 51.76 -14.14
C ASN C 162 41.70 51.47 -12.90
N ASN C 163 41.64 52.45 -12.00
CA ASN C 163 40.88 52.32 -10.76
C ASN C 163 40.31 53.69 -10.39
N PRO C 164 38.97 53.82 -10.26
CA PRO C 164 38.03 52.73 -10.55
C PRO C 164 37.70 52.61 -12.02
N GLY C 165 36.91 51.61 -12.39
CA GLY C 165 36.48 51.44 -13.77
C GLY C 165 35.16 52.16 -14.04
N ARG C 166 34.66 51.95 -15.25
CA ARG C 166 33.37 52.51 -15.65
C ARG C 166 32.88 51.78 -16.88
N VAL C 167 31.61 51.41 -16.88
CA VAL C 167 30.94 50.78 -18.02
C VAL C 167 29.78 51.67 -18.44
N THR C 168 29.73 52.02 -19.71
CA THR C 168 28.71 52.94 -20.22
C THR C 168 28.25 52.45 -21.59
N VAL C 169 27.01 51.94 -21.64
CA VAL C 169 26.38 51.53 -22.89
C VAL C 169 25.24 52.50 -23.17
N SER C 170 25.22 53.05 -24.38
CA SER C 170 24.27 54.10 -24.72
C SER C 170 23.70 53.88 -26.11
N THR C 171 22.43 54.23 -26.28
CA THR C 171 21.76 54.24 -27.56
C THR C 171 21.39 55.68 -27.92
N LYS C 172 20.45 55.86 -28.85
CA LYS C 172 20.07 57.20 -29.26
C LYS C 172 19.23 57.90 -28.20
N THR C 173 18.45 57.14 -27.42
CA THR C 173 17.53 57.74 -26.46
C THR C 173 17.72 57.21 -25.03
N SER C 174 18.79 56.47 -24.77
CA SER C 174 19.02 55.91 -23.45
C SER C 174 20.52 55.82 -23.18
N GLN C 175 20.85 55.59 -21.91
CA GLN C 175 22.24 55.46 -21.49
C GLN C 175 22.29 54.80 -20.12
N THR C 176 23.07 53.74 -19.99
CA THR C 176 23.28 53.04 -18.73
C THR C 176 24.76 53.10 -18.37
N SER C 177 25.06 53.58 -17.17
CA SER C 177 26.43 53.73 -16.71
C SER C 177 26.57 53.14 -15.31
N VAL C 178 27.55 52.26 -15.13
CA VAL C 178 27.76 51.55 -13.89
C VAL C 178 29.20 51.74 -13.44
N VAL C 179 29.40 51.92 -12.15
CA VAL C 179 30.73 52.02 -11.53
C VAL C 179 30.96 50.76 -10.72
N PRO C 180 32.11 50.10 -10.87
CA PRO C 180 32.37 48.86 -10.12
C PRO C 180 32.31 49.09 -8.61
N ASN C 181 31.66 48.15 -7.93
CA ASN C 181 31.54 48.19 -6.46
C ASN C 181 32.60 47.23 -5.90
N ILE C 182 33.80 47.76 -5.69
CA ILE C 182 34.90 46.93 -5.18
C ILE C 182 34.62 46.54 -3.74
N GLY C 183 34.72 45.24 -3.46
CA GLY C 183 34.46 44.74 -2.12
C GLY C 183 34.39 43.23 -2.08
N SER C 184 34.85 42.63 -0.97
CA SER C 184 34.84 41.19 -0.81
C SER C 184 33.43 40.72 -0.44
N ARG C 185 32.96 39.67 -1.11
CA ARG C 185 31.62 39.14 -0.92
C ARG C 185 31.72 37.66 -0.55
N PRO C 186 30.64 37.04 -0.06
CA PRO C 186 30.72 35.62 0.31
C PRO C 186 31.21 34.73 -0.82
N TRP C 187 31.86 33.64 -0.45
CA TRP C 187 32.46 32.73 -1.42
C TRP C 187 31.37 32.00 -2.19
N VAL C 188 31.45 32.05 -3.52
CA VAL C 188 30.53 31.33 -4.40
C VAL C 188 31.34 30.73 -5.53
N ARG C 189 31.31 29.40 -5.65
CA ARG C 189 31.97 28.67 -6.74
C ARG C 189 33.46 28.94 -6.80
N GLY C 190 34.08 29.23 -5.65
CA GLY C 190 35.52 29.38 -5.57
C GLY C 190 36.04 30.79 -5.74
N GLN C 191 35.16 31.78 -5.93
CA GLN C 191 35.61 33.15 -6.15
C GLN C 191 34.67 34.10 -5.42
N SER C 192 35.24 35.20 -4.94
CA SER C 192 34.48 36.20 -4.20
C SER C 192 33.94 37.33 -5.06
N GLY C 193 34.50 37.52 -6.26
CA GLY C 193 34.00 38.54 -7.16
C GLY C 193 32.64 38.18 -7.74
N ARG C 194 32.00 39.19 -8.31
CA ARG C 194 30.68 39.02 -8.93
C ARG C 194 30.62 39.82 -10.21
N ILE C 195 29.76 39.38 -11.12
CA ILE C 195 29.52 40.05 -12.40
C ILE C 195 28.05 40.43 -12.48
N SER C 196 27.78 41.70 -12.77
CA SER C 196 26.43 42.21 -12.92
C SER C 196 26.12 42.33 -14.42
N PHE C 197 25.15 41.57 -14.89
CA PHE C 197 24.81 41.53 -16.30
C PHE C 197 23.65 42.47 -16.60
N TYR C 198 23.75 43.17 -17.73
CA TYR C 198 22.71 44.08 -18.20
C TYR C 198 22.39 43.75 -19.65
N TRP C 199 21.30 44.33 -20.15
CA TRP C 199 20.89 44.10 -21.52
C TRP C 199 20.43 45.42 -22.14
N THR C 200 20.50 45.47 -23.47
CA THR C 200 20.10 46.64 -24.23
C THR C 200 19.47 46.19 -25.54
N ILE C 201 18.31 46.77 -25.87
CA ILE C 201 17.59 46.45 -27.10
C ILE C 201 17.82 47.58 -28.10
N VAL C 202 18.23 47.24 -29.31
CA VAL C 202 18.52 48.20 -30.36
C VAL C 202 17.53 47.96 -31.50
N GLU C 203 16.63 48.93 -31.71
CA GLU C 203 15.67 48.83 -32.80
C GLU C 203 16.37 49.04 -34.14
N PRO C 204 15.76 48.56 -35.23
CA PRO C 204 16.33 48.82 -36.56
C PRO C 204 16.40 50.31 -36.84
N GLY C 205 17.61 50.77 -37.19
CA GLY C 205 17.87 52.17 -37.39
C GLY C 205 18.52 52.87 -36.22
N ASP C 206 18.59 52.21 -35.06
CA ASP C 206 19.22 52.77 -33.88
C ASP C 206 20.67 52.31 -33.79
N LEU C 207 21.41 52.94 -32.89
CA LEU C 207 22.81 52.64 -32.66
C LEU C 207 23.04 52.29 -31.20
N ILE C 208 24.17 51.64 -30.94
CA ILE C 208 24.58 51.29 -29.58
C ILE C 208 26.07 51.54 -29.45
N VAL C 209 26.48 52.14 -28.34
CA VAL C 209 27.87 52.54 -28.11
C VAL C 209 28.35 51.91 -26.81
N PHE C 210 29.40 51.10 -26.88
CA PHE C 210 30.05 50.53 -25.71
C PHE C 210 31.26 51.40 -25.38
N ASN C 211 31.22 52.06 -24.22
CA ASN C 211 32.30 52.94 -23.78
C ASN C 211 32.71 52.52 -22.38
N THR C 212 33.97 52.10 -22.23
CA THR C 212 34.45 51.54 -20.98
C THR C 212 35.89 51.96 -20.73
N ILE C 213 36.24 52.08 -19.44
CA ILE C 213 37.61 52.22 -19.00
C ILE C 213 38.05 51.05 -18.12
N GLY C 214 37.27 49.99 -18.10
CA GLY C 214 37.61 48.80 -17.33
C GLY C 214 36.36 48.04 -16.93
N ASN C 215 36.57 46.78 -16.55
CA ASN C 215 35.54 45.91 -15.94
C ASN C 215 34.40 45.60 -16.90
N LEU C 216 34.66 45.58 -18.20
CA LEU C 216 33.62 45.30 -19.18
C LEU C 216 33.63 43.81 -19.54
N ILE C 217 32.49 43.16 -19.34
CA ILE C 217 32.26 41.81 -19.86
C ILE C 217 31.63 42.01 -21.23
N ALA C 218 32.49 42.08 -22.25
CA ALA C 218 32.05 42.51 -23.56
C ALA C 218 31.19 41.44 -24.24
N PRO C 219 30.17 41.83 -24.99
CA PRO C 219 29.40 40.85 -25.76
C PRO C 219 30.10 40.47 -27.04
N ARG C 220 29.92 39.21 -27.42
CA ARG C 220 30.46 38.69 -28.68
C ARG C 220 29.49 38.82 -29.83
N GLY C 221 28.31 39.40 -29.60
CA GLY C 221 27.32 39.53 -30.66
C GLY C 221 25.99 39.98 -30.10
N HIS C 222 24.92 39.51 -30.74
CA HIS C 222 23.57 39.85 -30.31
C HIS C 222 22.64 38.71 -30.66
N TYR C 223 21.47 38.71 -30.02
CA TYR C 223 20.42 37.73 -30.28
C TYR C 223 19.35 38.35 -31.17
N LYS C 224 18.85 37.58 -32.12
CA LYS C 224 17.76 38.05 -32.97
C LYS C 224 16.47 38.09 -32.16
N LEU C 225 15.86 39.27 -32.08
CA LEU C 225 14.59 39.44 -31.40
C LEU C 225 13.47 39.22 -32.41
N ASN C 226 12.58 38.27 -32.13
CA ASN C 226 11.48 37.96 -33.03
C ASN C 226 10.62 39.19 -33.27
N SER C 227 10.20 39.38 -34.53
CA SER C 227 9.34 40.51 -34.86
C SER C 227 8.02 40.45 -34.11
N GLN C 228 7.44 39.26 -34.01
CA GLN C 228 6.22 39.04 -33.24
C GLN C 228 6.52 37.95 -32.21
N LYS C 229 6.83 38.37 -30.99
CA LYS C 229 7.26 37.46 -29.94
C LYS C 229 6.09 36.73 -29.30
N LYS C 230 6.27 35.44 -29.06
CA LYS C 230 5.27 34.61 -28.37
C LYS C 230 6.02 33.61 -27.48
N SER C 231 5.29 32.60 -26.99
CA SER C 231 5.80 31.55 -26.12
C SER C 231 6.04 32.06 -24.70
N THR C 232 6.40 31.16 -23.80
CA THR C 232 6.58 31.50 -22.38
C THR C 232 7.51 30.46 -21.76
N ILE C 233 7.55 30.44 -20.42
CA ILE C 233 8.45 29.56 -19.67
C ILE C 233 7.69 28.99 -18.49
N LEU C 234 7.98 27.74 -18.15
CA LEU C 234 7.33 27.04 -17.04
C LEU C 234 8.41 26.38 -16.20
N ASN C 235 8.60 26.88 -14.97
CA ASN C 235 9.61 26.35 -14.05
C ASN C 235 8.99 25.20 -13.29
N THR C 236 9.10 23.99 -13.85
CA THR C 236 8.53 22.80 -13.24
C THR C 236 9.53 21.66 -13.35
N ALA C 237 9.42 20.72 -12.41
CA ALA C 237 10.24 19.52 -12.39
C ALA C 237 9.55 18.32 -13.03
N VAL C 238 8.35 18.51 -13.54
CA VAL C 238 7.61 17.40 -14.17
C VAL C 238 8.30 17.03 -15.48
N PRO C 239 8.58 15.74 -15.72
CA PRO C 239 9.25 15.36 -16.97
C PRO C 239 8.32 15.50 -18.17
N ILE C 240 8.93 15.47 -19.35
CA ILE C 240 8.20 15.58 -20.61
C ILE C 240 7.92 14.16 -21.11
N GLY C 241 6.64 13.86 -21.29
CA GLY C 241 6.20 12.53 -21.69
C GLY C 241 5.92 12.43 -23.18
N SER C 242 4.84 11.74 -23.52
CA SER C 242 4.47 11.53 -24.92
C SER C 242 2.99 11.81 -25.18
N CYS C 243 2.28 12.40 -24.22
CA CYS C 243 0.85 12.64 -24.37
C CYS C 243 0.59 13.76 -25.37
N VAL C 244 -0.69 14.05 -25.60
CA VAL C 244 -1.13 15.09 -26.52
C VAL C 244 -2.09 16.00 -25.76
N SER C 245 -1.67 17.22 -25.48
CA SER C 245 -2.51 18.19 -24.81
C SER C 245 -1.99 19.59 -25.06
N LYS C 246 -2.90 20.55 -25.14
CA LYS C 246 -2.56 21.96 -25.29
C LYS C 246 -2.66 22.72 -23.98
N CYS C 247 -2.79 22.01 -22.87
CA CYS C 247 -2.85 22.62 -21.54
C CYS C 247 -1.70 22.07 -20.70
N HIS C 248 -0.99 22.96 -20.02
CA HIS C 248 0.18 22.59 -19.24
C HIS C 248 0.22 23.40 -17.95
N THR C 249 0.53 22.72 -16.85
CA THR C 249 0.71 23.35 -15.55
C THR C 249 2.06 22.96 -14.99
N ASP C 250 2.48 23.64 -13.92
CA ASP C 250 3.71 23.28 -13.23
C ASP C 250 3.60 21.94 -12.52
N ARG C 251 2.39 21.38 -12.39
CA ARG C 251 2.19 20.07 -11.80
C ARG C 251 1.89 19.00 -12.85
N GLY C 252 1.82 19.38 -14.12
CA GLY C 252 1.56 18.44 -15.20
C GLY C 252 0.54 18.98 -16.18
N SER C 253 0.44 18.29 -17.31
CA SER C 253 -0.51 18.66 -18.34
C SER C 253 -1.92 18.24 -17.94
N ILE C 254 -2.90 18.82 -18.63
CA ILE C 254 -4.31 18.58 -18.35
C ILE C 254 -5.00 18.22 -19.66
N THR C 255 -5.76 17.12 -19.66
CA THR C 255 -6.61 16.72 -20.78
C THR C 255 -8.04 16.64 -20.25
N THR C 256 -8.81 17.71 -20.42
CA THR C 256 -10.16 17.75 -19.88
C THR C 256 -11.03 18.67 -20.72
N THR C 257 -12.34 18.47 -20.61
CA THR C 257 -13.33 19.34 -21.21
C THR C 257 -14.03 20.22 -20.18
N LYS C 258 -13.71 20.05 -18.89
CA LYS C 258 -14.36 20.84 -17.85
C LYS C 258 -13.90 22.30 -17.94
N PRO C 259 -14.79 23.23 -17.61
CA PRO C 259 -14.44 24.66 -17.73
C PRO C 259 -13.52 25.18 -16.64
N PHE C 260 -13.38 24.47 -15.52
CA PHE C 260 -12.57 24.93 -14.41
C PHE C 260 -11.61 23.83 -13.98
N GLN C 261 -10.70 24.20 -13.08
CA GLN C 261 -9.71 23.26 -12.55
C GLN C 261 -9.17 23.82 -11.24
N ASN C 262 -8.89 22.91 -10.30
CA ASN C 262 -8.33 23.30 -9.00
C ASN C 262 -6.96 22.68 -8.79
N ILE C 263 -6.19 22.53 -9.87
CA ILE C 263 -4.87 21.91 -9.81
C ILE C 263 -3.81 22.96 -9.52
N SER C 264 -3.60 23.88 -10.46
CA SER C 264 -2.55 24.88 -10.31
C SER C 264 -2.95 26.16 -11.01
N ARG C 265 -2.60 27.29 -10.38
CA ARG C 265 -2.81 28.59 -11.00
C ARG C 265 -1.94 28.75 -12.24
N ILE C 266 -0.72 28.22 -12.20
CA ILE C 266 0.24 28.39 -13.28
C ILE C 266 -0.16 27.49 -14.44
N SER C 267 -1.01 28.01 -15.32
CA SER C 267 -1.47 27.28 -16.50
C SER C 267 -1.12 28.05 -17.76
N ILE C 268 -0.72 27.33 -18.79
CA ILE C 268 -0.26 27.93 -20.04
C ILE C 268 -1.02 27.30 -21.20
N GLY C 269 -1.53 28.14 -22.10
CA GLY C 269 -2.16 27.66 -23.31
C GLY C 269 -3.65 27.48 -23.21
N ASP C 270 -4.17 26.40 -23.78
CA ASP C 270 -5.60 26.12 -23.80
C ASP C 270 -5.97 25.41 -22.50
N CYS C 271 -6.05 26.20 -21.43
CA CYS C 271 -6.25 25.67 -20.09
C CYS C 271 -7.51 26.21 -19.46
N PRO C 272 -8.21 25.41 -18.64
CA PRO C 272 -9.39 25.91 -17.95
C PRO C 272 -9.02 26.88 -16.84
N LYS C 273 -9.99 27.70 -16.47
CA LYS C 273 -9.77 28.71 -15.44
C LYS C 273 -9.55 28.06 -14.08
N TYR C 274 -8.59 28.59 -13.33
CA TYR C 274 -8.26 28.05 -12.02
C TYR C 274 -9.31 28.44 -11.00
N VAL C 275 -9.67 27.48 -10.16
CA VAL C 275 -10.52 27.72 -8.99
C VAL C 275 -9.75 27.29 -7.76
N LYS C 276 -10.17 27.81 -6.61
CA LYS C 276 -9.43 27.59 -5.37
C LYS C 276 -9.44 26.12 -4.97
N GLN C 277 -10.61 25.59 -4.63
CA GLN C 277 -10.72 24.22 -4.17
C GLN C 277 -12.20 23.84 -4.14
N GLY C 278 -12.47 22.55 -4.06
CA GLY C 278 -13.83 22.05 -3.97
C GLY C 278 -14.47 21.89 -5.34
N SER C 279 -15.46 21.00 -5.39
CA SER C 279 -16.13 20.70 -6.66
C SER C 279 -17.50 20.14 -6.37
N LEU C 280 -18.55 20.85 -6.77
CA LEU C 280 -19.93 20.41 -6.58
C LEU C 280 -20.69 20.56 -7.89
N LYS C 281 -21.91 20.03 -7.90
CA LYS C 281 -22.77 20.11 -9.07
C LYS C 281 -24.20 20.49 -8.69
N GLU D 5 -26.58 -13.31 -2.98
CA GLU D 5 -25.44 -14.18 -2.77
C GLU D 5 -25.74 -15.22 -1.70
N LEU D 6 -25.38 -16.47 -1.96
CA LEU D 6 -25.61 -17.57 -1.03
C LEU D 6 -24.34 -18.16 -0.46
N VAL D 7 -23.16 -17.75 -0.94
CA VAL D 7 -21.89 -18.28 -0.48
C VAL D 7 -21.22 -17.21 0.36
N GLU D 8 -21.07 -17.48 1.65
CA GLU D 8 -20.34 -16.58 2.54
C GLU D 8 -18.84 -16.76 2.33
N SER D 9 -18.16 -15.65 2.04
CA SER D 9 -16.74 -15.69 1.73
C SER D 9 -15.87 -14.88 2.68
N GLN D 10 -16.46 -14.27 3.71
CA GLN D 10 -15.74 -13.42 4.65
C GLN D 10 -15.88 -13.98 6.06
N HIS D 11 -14.76 -14.19 6.73
CA HIS D 11 -14.74 -14.65 8.11
C HIS D 11 -14.19 -13.57 9.02
N LEU D 12 -14.57 -13.65 10.30
CA LEU D 12 -14.05 -12.72 11.29
C LEU D 12 -12.57 -13.03 11.55
N PRO D 13 -11.78 -12.00 11.85
CA PRO D 13 -10.35 -12.22 12.15
C PRO D 13 -10.08 -12.78 13.54
N GLU D 14 -11.09 -13.27 14.25
CA GLU D 14 -10.91 -13.78 15.59
C GLU D 14 -11.94 -14.86 15.86
N LEU D 15 -11.74 -15.58 16.96
CA LEU D 15 -12.66 -16.62 17.41
C LEU D 15 -13.56 -16.06 18.49
N CYS D 16 -14.87 -16.22 18.31
CA CYS D 16 -15.83 -15.66 19.24
C CYS D 16 -15.93 -16.54 20.49
N PRO D 17 -15.67 -16.01 21.68
CA PRO D 17 -15.80 -16.82 22.90
C PRO D 17 -17.22 -16.98 23.41
N SER D 18 -18.22 -16.57 22.62
CA SER D 18 -19.62 -16.66 23.01
C SER D 18 -20.44 -17.09 21.80
N PRO D 19 -21.46 -17.94 21.99
CA PRO D 19 -21.88 -18.49 23.28
C PRO D 19 -21.17 -19.78 23.64
N LEU D 20 -20.44 -20.36 22.69
CA LEU D 20 -19.73 -21.61 22.94
C LEU D 20 -18.54 -21.37 23.86
N ARG D 21 -18.39 -22.23 24.86
CA ARG D 21 -17.31 -22.12 25.82
C ARG D 21 -16.01 -22.62 25.19
N LEU D 22 -15.08 -21.71 24.94
CA LEU D 22 -13.77 -22.05 24.39
C LEU D 22 -12.73 -22.06 25.50
N VAL D 23 -11.71 -22.89 25.31
CA VAL D 23 -10.57 -22.95 26.21
C VAL D 23 -9.29 -22.95 25.38
N ASP D 24 -8.39 -22.01 25.68
CA ASP D 24 -7.16 -21.86 24.92
C ASP D 24 -6.08 -22.73 25.54
N GLY D 25 -5.60 -23.72 24.77
CA GLY D 25 -4.52 -24.56 25.26
C GLY D 25 -3.19 -23.82 25.33
N GLN D 26 -3.02 -22.78 24.52
CA GLN D 26 -1.82 -21.94 24.51
C GLN D 26 -0.62 -22.82 24.18
N THR D 27 0.38 -22.94 25.05
CA THR D 27 1.58 -23.70 24.75
C THR D 27 1.36 -25.21 24.75
N CYS D 28 0.24 -25.68 25.30
CA CYS D 28 -0.01 -27.11 25.45
C CYS D 28 -1.09 -27.56 24.48
N ASP D 29 -0.83 -28.68 23.80
CA ASP D 29 -1.87 -29.39 23.09
C ASP D 29 -2.71 -30.18 24.09
N ILE D 30 -3.79 -30.81 23.60
CA ILE D 30 -4.69 -31.52 24.49
C ILE D 30 -4.04 -32.76 25.08
N VAL D 31 -2.96 -33.27 24.48
CA VAL D 31 -2.33 -34.49 24.98
C VAL D 31 -1.44 -34.18 26.19
N ASN D 32 -0.51 -33.24 26.03
CA ASN D 32 0.35 -32.87 27.15
C ASN D 32 -0.45 -32.25 28.29
N GLY D 33 -1.61 -31.68 27.98
CA GLY D 33 -2.49 -31.19 29.04
C GLY D 33 -3.06 -32.33 29.88
N ALA D 34 -3.33 -33.47 29.23
CA ALA D 34 -3.81 -34.63 29.96
C ALA D 34 -2.67 -35.28 30.74
N LEU D 35 -1.47 -35.30 30.17
CA LEU D 35 -0.32 -35.89 30.87
C LEU D 35 0.14 -35.01 32.01
N GLY D 36 -0.06 -33.70 31.91
CA GLY D 36 0.35 -32.79 32.96
C GLY D 36 1.78 -32.31 32.80
N SER D 37 2.18 -32.01 31.57
CA SER D 37 3.52 -31.52 31.31
C SER D 37 3.70 -30.12 31.88
N PRO D 38 4.93 -29.71 32.14
CA PRO D 38 5.18 -28.37 32.69
C PRO D 38 4.57 -27.28 31.83
N GLY D 39 3.83 -26.38 32.48
CA GLY D 39 3.12 -25.33 31.78
C GLY D 39 1.72 -25.70 31.34
N CYS D 40 1.31 -26.96 31.49
CA CYS D 40 -0.04 -27.39 31.18
C CYS D 40 -0.94 -27.43 32.41
N ASP D 41 -0.47 -26.88 33.53
CA ASP D 41 -1.25 -26.90 34.77
C ASP D 41 -2.46 -25.99 34.71
N HIS D 42 -2.49 -25.04 33.77
CA HIS D 42 -3.64 -24.15 33.67
C HIS D 42 -4.86 -24.86 33.11
N LEU D 43 -4.64 -25.90 32.30
CA LEU D 43 -5.75 -26.68 31.75
C LEU D 43 -6.40 -27.58 32.80
N ASN D 44 -5.80 -27.69 33.99
CA ASN D 44 -6.38 -28.51 35.04
C ASN D 44 -7.71 -27.93 35.51
N GLY D 45 -8.68 -28.80 35.74
CA GLY D 45 -9.98 -28.36 36.21
C GLY D 45 -10.72 -27.46 35.24
N ALA D 46 -10.48 -27.62 33.95
CA ALA D 46 -11.11 -26.79 32.93
C ALA D 46 -12.23 -27.56 32.22
N GLU D 47 -13.18 -26.81 31.69
CA GLU D 47 -14.29 -27.35 30.92
C GLU D 47 -14.47 -26.54 29.65
N TRP D 48 -14.76 -27.23 28.55
CA TRP D 48 -14.85 -26.55 27.26
C TRP D 48 -15.89 -27.22 26.38
N ASP D 49 -16.50 -26.42 25.51
CA ASP D 49 -17.24 -26.97 24.38
C ASP D 49 -16.38 -27.13 23.15
N ILE D 50 -15.31 -26.33 23.04
CA ILE D 50 -14.33 -26.44 21.96
C ILE D 50 -12.96 -26.17 22.54
N PHE D 51 -12.05 -27.14 22.43
CA PHE D 51 -10.68 -26.98 22.88
C PHE D 51 -9.87 -26.35 21.75
N ILE D 52 -9.34 -25.15 22.00
CA ILE D 52 -8.57 -24.41 21.01
C ILE D 52 -7.12 -24.86 21.16
N GLU D 53 -6.69 -25.77 20.28
CA GLU D 53 -5.33 -26.28 20.28
C GLU D 53 -4.47 -25.46 19.33
N ARG D 54 -3.27 -25.11 19.78
CA ARG D 54 -2.46 -24.24 18.95
C ARG D 54 -1.47 -25.03 18.12
N PRO D 55 -1.26 -24.63 16.86
CA PRO D 55 -0.21 -25.28 16.06
C PRO D 55 1.18 -25.04 16.60
N THR D 56 1.42 -23.91 17.24
CA THR D 56 2.71 -23.60 17.84
C THR D 56 2.98 -24.35 19.13
N ALA D 57 2.06 -25.21 19.55
CA ALA D 57 2.24 -25.97 20.79
C ALA D 57 3.49 -26.84 20.69
N VAL D 58 4.39 -26.66 21.65
CA VAL D 58 5.67 -27.37 21.67
C VAL D 58 5.66 -28.35 22.83
N ASP D 59 6.46 -29.41 22.70
CA ASP D 59 6.63 -30.35 23.79
C ASP D 59 7.46 -29.73 24.90
N THR D 60 7.21 -30.18 26.12
CA THR D 60 7.84 -29.55 27.29
C THR D 60 8.12 -30.55 28.40
N CYS D 61 8.31 -31.82 28.06
CA CYS D 61 8.64 -32.84 29.04
C CYS D 61 9.41 -33.97 28.37
N TYR D 62 9.07 -35.22 28.70
CA TYR D 62 9.84 -36.34 28.17
C TYR D 62 9.41 -36.63 26.73
N PRO D 63 10.36 -36.94 25.84
CA PRO D 63 10.00 -37.36 24.48
C PRO D 63 9.12 -38.61 24.50
N PHE D 64 7.93 -38.48 23.93
CA PHE D 64 6.92 -39.53 24.03
C PHE D 64 6.25 -39.76 22.68
N ASP D 65 5.85 -41.01 22.46
CA ASP D 65 5.05 -41.41 21.32
C ASP D 65 3.82 -42.16 21.82
N VAL D 66 2.72 -42.07 21.08
CA VAL D 66 1.45 -42.63 21.49
C VAL D 66 0.83 -43.41 20.34
N PRO D 67 0.53 -44.71 20.51
CA PRO D 67 -0.24 -45.42 19.49
C PRO D 67 -1.68 -44.90 19.45
N ASP D 68 -2.19 -44.73 18.23
CA ASP D 68 -3.51 -44.13 18.00
C ASP D 68 -3.59 -42.76 18.69
N TYR D 69 -2.66 -41.89 18.29
CA TYR D 69 -2.59 -40.55 18.89
C TYR D 69 -3.89 -39.79 18.69
N GLN D 70 -4.49 -39.90 17.50
CA GLN D 70 -5.73 -39.19 17.22
C GLN D 70 -6.91 -39.77 17.98
N SER D 71 -6.82 -41.03 18.40
CA SER D 71 -7.91 -41.65 19.15
C SER D 71 -8.08 -40.98 20.51
N LEU D 72 -7.01 -40.99 21.32
CA LEU D 72 -7.07 -40.35 22.64
C LEU D 72 -7.41 -38.87 22.51
N ARG D 73 -6.86 -38.20 21.50
CA ARG D 73 -7.20 -36.80 21.26
C ARG D 73 -8.70 -36.62 21.08
N SER D 74 -9.34 -37.54 20.36
CA SER D 74 -10.79 -37.46 20.18
C SER D 74 -11.53 -37.82 21.46
N ILE D 75 -11.01 -38.78 22.22
CA ILE D 75 -11.64 -39.15 23.48
C ILE D 75 -11.56 -38.00 24.49
N LEU D 76 -10.39 -37.38 24.61
CA LEU D 76 -10.23 -36.27 25.54
C LEU D 76 -11.05 -35.07 25.12
N ALA D 77 -11.06 -34.75 23.82
CA ALA D 77 -11.79 -33.58 23.34
C ALA D 77 -13.30 -33.78 23.45
N ASN D 78 -13.77 -34.99 23.14
CA ASN D 78 -15.20 -35.26 23.26
C ASN D 78 -15.67 -35.15 24.70
N ASN D 79 -14.82 -35.53 25.66
CA ASN D 79 -15.17 -35.40 27.07
C ASN D 79 -15.41 -33.94 27.44
N GLY D 80 -14.56 -33.04 26.95
CA GLY D 80 -14.74 -31.62 27.22
C GLY D 80 -14.40 -31.19 28.63
N LYS D 81 -13.56 -31.94 29.32
CA LYS D 81 -13.20 -31.60 30.70
C LYS D 81 -11.91 -32.32 31.07
N PHE D 82 -11.31 -31.89 32.18
CA PHE D 82 -10.10 -32.49 32.72
C PHE D 82 -10.28 -32.74 34.22
N GLU D 83 -11.24 -33.60 34.56
CA GLU D 83 -11.54 -33.94 35.95
C GLU D 83 -10.69 -35.14 36.34
N PHE D 84 -9.53 -34.87 36.96
CA PHE D 84 -8.59 -35.91 37.34
C PHE D 84 -8.85 -36.32 38.78
N ILE D 85 -9.29 -37.57 38.98
CA ILE D 85 -9.49 -38.12 40.32
C ILE D 85 -8.23 -38.88 40.70
N ALA D 86 -7.45 -38.31 41.62
CA ALA D 86 -6.22 -38.93 42.05
C ALA D 86 -6.49 -40.20 42.85
N GLU D 87 -5.54 -41.14 42.76
CA GLU D 87 -5.65 -42.40 43.48
C GLU D 87 -4.30 -42.74 44.10
N GLU D 88 -4.34 -43.56 45.14
CA GLU D 88 -3.14 -43.98 45.85
C GLU D 88 -2.83 -45.41 45.44
N PHE D 89 -1.85 -45.57 44.54
CA PHE D 89 -1.39 -46.88 44.10
C PHE D 89 -0.30 -47.34 45.04
N GLN D 90 -0.53 -48.45 45.73
CA GLN D 90 0.40 -48.96 46.75
C GLN D 90 1.58 -49.69 46.11
N TRP D 91 2.38 -48.93 45.36
CA TRP D 91 3.60 -49.48 44.80
C TRP D 91 4.59 -49.80 45.93
N SER D 92 5.18 -50.99 45.87
CA SER D 92 6.06 -51.46 46.93
C SER D 92 7.50 -51.50 46.43
N THR D 93 8.43 -51.20 47.36
CA THR D 93 9.86 -51.32 47.15
C THR D 93 10.40 -50.34 46.10
N VAL D 94 9.80 -50.33 44.91
CA VAL D 94 10.31 -49.50 43.84
C VAL D 94 10.23 -48.02 44.22
N LYS D 95 11.20 -47.25 43.72
CA LYS D 95 11.20 -45.81 43.96
C LYS D 95 10.10 -45.14 43.16
N GLN D 96 9.34 -44.27 43.82
CA GLN D 96 8.26 -43.53 43.17
C GLN D 96 8.71 -42.10 42.89
N ASN D 97 7.82 -41.32 42.28
CA ASN D 97 8.03 -39.90 42.01
C ASN D 97 9.31 -39.67 41.20
N GLY D 98 9.44 -40.42 40.11
CA GLY D 98 10.60 -40.26 39.25
C GLY D 98 10.57 -38.94 38.52
N LYS D 99 11.75 -38.35 38.34
CA LYS D 99 11.88 -37.04 37.70
C LYS D 99 13.03 -37.08 36.72
N SER D 100 12.91 -36.28 35.66
CA SER D 100 13.93 -36.24 34.60
C SER D 100 14.23 -34.79 34.25
N GLY D 101 15.36 -34.60 33.56
CA GLY D 101 15.80 -33.26 33.22
C GLY D 101 15.01 -32.60 32.10
N ALA D 102 14.52 -33.38 31.13
CA ALA D 102 13.76 -32.81 30.02
C ALA D 102 12.43 -32.24 30.47
N CYS D 103 11.95 -32.60 31.67
CA CYS D 103 10.67 -32.13 32.20
C CYS D 103 10.86 -31.06 33.25
N LYS D 104 11.75 -30.10 32.99
CA LYS D 104 12.08 -29.07 33.97
C LYS D 104 10.89 -28.15 34.17
N ARG D 105 10.28 -28.18 35.35
CA ARG D 105 9.13 -27.33 35.62
C ARG D 105 9.55 -25.87 35.76
N ALA D 106 10.66 -25.60 36.47
CA ALA D 106 11.18 -24.25 36.69
C ALA D 106 12.67 -24.36 36.97
N ASN D 107 13.42 -24.74 35.94
CA ASN D 107 14.85 -25.04 36.05
C ASN D 107 15.12 -26.11 37.09
N VAL D 108 14.13 -26.97 37.31
CA VAL D 108 14.21 -28.06 38.29
C VAL D 108 13.64 -29.30 37.63
N ASN D 109 14.42 -30.38 37.61
CA ASN D 109 13.99 -31.62 36.95
C ASN D 109 12.72 -32.15 37.58
N ASP D 110 11.71 -32.41 36.74
CA ASP D 110 10.43 -32.94 37.21
C ASP D 110 9.92 -34.01 36.25
N PHE D 111 8.60 -34.09 36.08
CA PHE D 111 7.97 -35.14 35.27
C PHE D 111 6.52 -34.73 35.04
N PHE D 112 5.81 -35.57 34.29
CA PHE D 112 4.37 -35.42 34.16
C PHE D 112 3.71 -35.53 35.53
N ASN D 113 2.97 -34.50 35.94
CA ASN D 113 2.37 -34.52 37.27
C ASN D 113 1.21 -35.49 37.39
N ARG D 114 0.75 -36.07 36.27
CA ARG D 114 -0.28 -37.11 36.30
C ARG D 114 0.30 -38.51 36.27
N LEU D 115 1.62 -38.65 36.06
CA LEU D 115 2.27 -39.94 35.96
C LEU D 115 3.28 -40.10 37.08
N ASN D 116 3.68 -41.35 37.32
CA ASN D 116 4.64 -41.70 38.37
C ASN D 116 5.68 -42.62 37.76
N TRP D 117 6.92 -42.15 37.68
CA TRP D 117 8.01 -42.93 37.10
C TRP D 117 8.59 -43.84 38.17
N LEU D 118 8.38 -45.15 38.02
CA LEU D 118 8.87 -46.13 38.98
C LEU D 118 10.25 -46.62 38.56
N THR D 119 11.19 -46.63 39.50
CA THR D 119 12.53 -47.15 39.28
C THR D 119 12.87 -48.15 40.37
N LYS D 120 13.89 -48.97 40.11
CA LYS D 120 14.30 -49.98 41.07
C LYS D 120 14.77 -49.33 42.37
N SER D 121 14.63 -50.07 43.46
CA SER D 121 15.02 -49.56 44.77
C SER D 121 16.54 -49.49 44.90
N ASP D 122 16.99 -48.86 45.99
CA ASP D 122 18.43 -48.77 46.25
C ASP D 122 19.04 -50.14 46.52
N GLY D 123 18.24 -51.09 46.99
CA GLY D 123 18.70 -52.44 47.18
C GLY D 123 18.79 -53.28 45.93
N ASN D 124 18.70 -52.65 44.76
CA ASN D 124 18.74 -53.34 43.47
C ASN D 124 17.65 -54.40 43.38
N ALA D 125 16.40 -53.95 43.55
CA ALA D 125 15.26 -54.85 43.55
C ALA D 125 14.09 -54.15 42.88
N TYR D 126 13.53 -54.77 41.84
CA TYR D 126 12.32 -54.31 41.16
C TYR D 126 11.31 -55.45 41.20
N PRO D 127 10.67 -55.68 42.34
CA PRO D 127 9.74 -56.81 42.45
C PRO D 127 8.51 -56.60 41.58
N LEU D 128 7.86 -57.73 41.29
CA LEU D 128 6.64 -57.70 40.49
C LEU D 128 5.54 -56.97 41.23
N GLN D 129 5.03 -55.90 40.64
CA GLN D 129 3.95 -55.12 41.22
C GLN D 129 2.63 -55.57 40.59
N ASN D 130 1.68 -55.97 41.43
CA ASN D 130 0.37 -56.46 40.98
C ASN D 130 -0.71 -55.67 41.73
N LEU D 131 -0.93 -54.43 41.31
CA LEU D 131 -1.98 -53.59 41.87
C LEU D 131 -3.24 -53.68 41.04
N THR D 132 -4.38 -53.41 41.67
CA THR D 132 -5.67 -53.53 41.03
C THR D 132 -6.61 -52.48 41.57
N LYS D 133 -7.37 -51.86 40.68
CA LYS D 133 -8.39 -50.88 41.03
C LYS D 133 -9.75 -51.32 40.48
N ILE D 134 -10.81 -50.96 41.19
CA ILE D 134 -12.17 -51.33 40.82
C ILE D 134 -12.98 -50.05 40.64
N ASN D 135 -13.65 -49.94 39.49
CA ASN D 135 -14.53 -48.80 39.22
C ASN D 135 -15.93 -49.10 39.77
N ASN D 136 -16.02 -49.08 41.10
CA ASN D 136 -17.29 -49.31 41.78
C ASN D 136 -18.18 -48.08 41.78
N GLY D 137 -17.74 -46.97 41.20
CA GLY D 137 -18.53 -45.76 41.16
C GLY D 137 -19.58 -45.80 40.07
N ASP D 138 -20.12 -44.61 39.77
CA ASP D 138 -21.16 -44.44 38.77
C ASP D 138 -20.66 -43.70 37.53
N TYR D 139 -19.35 -43.78 37.26
CA TYR D 139 -18.76 -43.05 36.16
C TYR D 139 -17.63 -43.87 35.55
N ALA D 140 -17.43 -43.69 34.25
CA ALA D 140 -16.33 -44.36 33.56
C ALA D 140 -15.02 -43.64 33.82
N ARG D 141 -13.96 -44.42 34.04
CA ARG D 141 -12.65 -43.88 34.33
C ARG D 141 -11.74 -44.01 33.12
N LEU D 142 -10.75 -43.11 33.04
CA LEU D 142 -9.78 -43.11 31.96
C LEU D 142 -8.38 -43.08 32.58
N TYR D 143 -7.70 -44.23 32.54
CA TYR D 143 -6.35 -44.35 33.05
C TYR D 143 -5.36 -44.18 31.91
N ILE D 144 -4.37 -43.32 32.10
CA ILE D 144 -3.31 -43.10 31.12
C ILE D 144 -1.99 -43.54 31.74
N TRP D 145 -1.30 -44.45 31.06
CA TRP D 145 -0.05 -45.02 31.55
C TRP D 145 0.94 -45.12 30.40
N GLY D 146 2.22 -45.25 30.75
CA GLY D 146 3.28 -45.24 29.75
C GLY D 146 4.25 -46.40 29.95
N VAL D 147 5.06 -46.62 28.91
CA VAL D 147 6.10 -47.63 28.91
C VAL D 147 7.40 -46.95 28.51
N HIS D 148 8.42 -47.07 29.35
CA HIS D 148 9.70 -46.42 29.11
C HIS D 148 10.57 -47.29 28.21
N HIS D 149 11.12 -46.69 27.15
CA HIS D 149 12.02 -47.38 26.24
C HIS D 149 13.44 -46.85 26.45
N PRO D 150 14.30 -47.58 27.16
CA PRO D 150 15.69 -47.10 27.35
C PRO D 150 16.50 -47.15 26.08
N SER D 151 17.75 -46.69 26.15
CA SER D 151 18.61 -46.61 24.97
C SER D 151 19.58 -47.77 24.86
N THR D 152 20.05 -48.32 25.97
CA THR D 152 20.99 -49.44 25.95
C THR D 152 20.55 -50.49 26.95
N ASP D 153 21.07 -51.71 26.79
CA ASP D 153 20.82 -52.76 27.75
C ASP D 153 21.36 -52.40 29.13
N THR D 154 22.38 -51.54 29.17
CA THR D 154 22.89 -51.05 30.45
C THR D 154 21.86 -50.16 31.14
N GLU D 155 21.21 -49.28 30.37
CA GLU D 155 20.20 -48.39 30.95
C GLU D 155 18.99 -49.17 31.45
N GLN D 156 18.62 -50.25 30.75
CA GLN D 156 17.47 -51.05 31.18
C GLN D 156 17.70 -51.65 32.55
N THR D 157 18.88 -52.24 32.77
CA THR D 157 19.18 -52.86 34.06
C THR D 157 19.46 -51.83 35.14
N ASN D 158 20.04 -50.67 34.76
CA ASN D 158 20.34 -49.64 35.74
C ASN D 158 19.08 -48.99 36.31
N LEU D 159 17.96 -49.06 35.60
CA LEU D 159 16.73 -48.43 36.03
C LEU D 159 15.71 -49.41 36.59
N TYR D 160 15.65 -50.63 36.08
CA TYR D 160 14.60 -51.58 36.43
C TYR D 160 15.13 -52.97 36.74
N LYS D 161 16.44 -53.14 36.87
CA LYS D 161 17.06 -54.42 37.18
C LYS D 161 16.76 -55.49 36.13
N ASN D 162 15.49 -55.85 36.00
CA ASN D 162 15.11 -56.93 35.09
C ASN D 162 15.30 -56.52 33.64
N ASN D 163 15.76 -57.47 32.82
CA ASN D 163 15.96 -57.26 31.40
C ASN D 163 15.55 -58.53 30.64
N PRO D 164 14.52 -58.47 29.80
CA PRO D 164 13.73 -57.26 29.53
C PRO D 164 12.63 -57.04 30.56
N GLY D 165 12.09 -55.82 30.57
CA GLY D 165 10.93 -55.52 31.37
C GLY D 165 9.66 -55.99 30.69
N ARG D 166 8.53 -55.62 31.29
CA ARG D 166 7.22 -55.95 30.73
C ARG D 166 6.13 -55.12 31.39
N VAL D 167 5.23 -54.54 30.58
CA VAL D 167 4.10 -53.78 31.07
C VAL D 167 2.84 -54.47 30.60
N THR D 168 1.91 -54.73 31.52
CA THR D 168 0.68 -55.45 31.21
C THR D 168 -0.46 -54.83 31.98
N VAL D 169 -1.39 -54.19 31.28
CA VAL D 169 -2.61 -53.65 31.85
C VAL D 169 -3.79 -54.43 31.29
N SER D 170 -4.64 -54.94 32.18
CA SER D 170 -5.72 -55.84 31.77
C SER D 170 -6.98 -55.51 32.54
N THR D 171 -8.11 -55.57 31.83
CA THR D 171 -9.43 -55.44 32.43
C THR D 171 -10.14 -56.80 32.39
N LYS D 172 -11.46 -56.79 32.55
CA LYS D 172 -12.20 -58.04 32.56
C LYS D 172 -12.26 -58.69 31.18
N THR D 173 -12.23 -57.87 30.12
CA THR D 173 -12.38 -58.39 28.76
C THR D 173 -11.25 -57.98 27.82
N SER D 174 -10.21 -57.29 28.31
CA SER D 174 -9.14 -56.83 27.45
C SER D 174 -7.81 -56.95 28.18
N GLN D 175 -6.73 -56.89 27.40
CA GLN D 175 -5.38 -56.98 27.95
C GLN D 175 -4.40 -56.41 26.94
N THR D 176 -3.53 -55.51 27.39
CA THR D 176 -2.47 -54.94 26.58
C THR D 176 -1.14 -55.22 27.25
N SER D 177 -0.22 -55.85 26.52
CA SER D 177 1.09 -56.21 27.04
C SER D 177 2.17 -55.68 26.12
N VAL D 178 3.18 -55.02 26.69
CA VAL D 178 4.25 -54.39 25.94
C VAL D 178 5.59 -54.81 26.54
N VAL D 179 6.57 -55.04 25.67
CA VAL D 179 7.94 -55.34 26.06
C VAL D 179 8.82 -54.18 25.64
N PRO D 180 9.69 -53.67 26.51
CA PRO D 180 10.54 -52.53 26.13
C PRO D 180 11.41 -52.85 24.92
N ASN D 181 11.38 -51.95 23.93
CA ASN D 181 12.18 -52.08 22.72
C ASN D 181 13.42 -51.20 22.90
N ILE D 182 14.39 -51.71 23.67
CA ILE D 182 15.57 -50.93 24.02
C ILE D 182 16.38 -50.62 22.77
N GLY D 183 16.85 -49.38 22.69
CA GLY D 183 17.65 -48.94 21.56
C GLY D 183 17.93 -47.46 21.57
N SER D 184 19.11 -47.06 21.11
CA SER D 184 19.49 -45.65 21.07
C SER D 184 18.81 -44.97 19.88
N ARG D 185 17.94 -44.02 20.18
CA ARG D 185 17.14 -43.29 19.20
C ARG D 185 17.62 -41.85 19.10
N PRO D 186 17.20 -41.12 18.06
CA PRO D 186 17.67 -39.74 17.87
C PRO D 186 17.45 -38.88 19.11
N TRP D 187 18.38 -37.94 19.32
CA TRP D 187 18.33 -37.06 20.48
C TRP D 187 17.10 -36.16 20.41
N VAL D 188 16.29 -36.17 21.47
CA VAL D 188 15.14 -35.29 21.60
C VAL D 188 15.18 -34.70 23.00
N ARG D 189 15.40 -33.39 23.09
CA ARG D 189 15.49 -32.67 24.37
C ARG D 189 16.53 -33.31 25.28
N GLY D 190 17.69 -33.64 24.72
CA GLY D 190 18.79 -34.16 25.49
C GLY D 190 18.67 -35.61 25.91
N GLN D 191 17.77 -36.37 25.31
CA GLN D 191 17.55 -37.76 25.70
C GLN D 191 17.30 -38.60 24.47
N SER D 192 17.85 -39.82 24.47
CA SER D 192 17.63 -40.78 23.40
C SER D 192 16.53 -41.78 23.71
N GLY D 193 16.14 -41.93 24.99
CA GLY D 193 15.06 -42.81 25.34
C GLY D 193 13.70 -42.19 25.06
N ARG D 194 12.69 -43.05 25.00
CA ARG D 194 11.33 -42.62 24.70
C ARG D 194 10.36 -43.31 25.64
N ILE D 195 9.15 -42.75 25.75
CA ILE D 195 8.07 -43.31 26.54
C ILE D 195 6.86 -43.48 25.63
N SER D 196 6.29 -44.68 25.63
CA SER D 196 5.09 -44.99 24.86
C SER D 196 3.89 -44.97 25.80
N PHE D 197 3.01 -43.98 25.62
CA PHE D 197 1.84 -43.83 26.47
C PHE D 197 0.64 -44.58 25.90
N TYR D 198 -0.12 -45.21 26.79
CA TYR D 198 -1.32 -45.94 26.43
C TYR D 198 -2.46 -45.49 27.34
N TRP D 199 -3.68 -45.93 27.01
CA TRP D 199 -4.85 -45.60 27.82
C TRP D 199 -5.76 -46.82 27.91
N THR D 200 -6.59 -46.82 28.95
CA THR D 200 -7.55 -47.90 29.18
C THR D 200 -8.79 -47.32 29.85
N ILE D 201 -9.96 -47.66 29.32
CA ILE D 201 -11.23 -47.18 29.84
C ILE D 201 -11.86 -48.29 30.67
N VAL D 202 -12.24 -47.96 31.90
CA VAL D 202 -12.83 -48.91 32.84
C VAL D 202 -14.26 -48.49 33.11
N GLU D 203 -15.22 -49.32 32.71
CA GLU D 203 -16.62 -49.04 32.95
C GLU D 203 -16.97 -49.27 34.42
N PRO D 204 -18.04 -48.66 34.90
CA PRO D 204 -18.49 -48.94 36.27
C PRO D 204 -18.82 -50.42 36.46
N GLY D 205 -18.28 -51.00 37.52
CA GLY D 205 -18.38 -52.43 37.76
C GLY D 205 -17.24 -53.23 37.18
N ASP D 206 -16.39 -52.63 36.35
CA ASP D 206 -15.24 -53.31 35.78
C ASP D 206 -14.00 -53.05 36.64
N LEU D 207 -12.95 -53.83 36.37
CA LEU D 207 -11.70 -53.74 37.11
C LEU D 207 -10.55 -53.49 36.14
N ILE D 208 -9.41 -53.09 36.71
CA ILE D 208 -8.19 -52.85 35.94
C ILE D 208 -7.00 -53.29 36.78
N VAL D 209 -6.02 -53.92 36.14
CA VAL D 209 -4.86 -54.48 36.81
C VAL D 209 -3.60 -53.97 36.14
N PHE D 210 -2.71 -53.38 36.93
CA PHE D 210 -1.38 -52.96 36.47
C PHE D 210 -0.37 -54.00 36.96
N ASN D 211 0.24 -54.71 36.01
CA ASN D 211 1.21 -55.76 36.33
C ASN D 211 2.47 -55.49 35.53
N THR D 212 3.58 -55.26 36.23
CA THR D 212 4.82 -54.86 35.57
C THR D 212 6.03 -55.47 36.28
N ILE D 213 7.03 -55.85 35.49
CA ILE D 213 8.34 -56.21 36.00
C ILE D 213 9.38 -55.16 35.65
N GLY D 214 8.96 -54.02 35.13
CA GLY D 214 9.87 -52.94 34.80
C GLY D 214 9.28 -51.99 33.78
N ASN D 215 9.86 -50.79 33.74
CA ASN D 215 9.61 -49.80 32.68
C ASN D 215 8.19 -49.24 32.72
N LEU D 216 7.55 -49.22 33.88
CA LEU D 216 6.18 -48.73 33.99
C LEU D 216 6.20 -47.24 34.33
N ILE D 217 5.54 -46.44 33.49
CA ILE D 217 5.24 -45.05 33.83
C ILE D 217 3.86 -45.08 34.47
N ALA D 218 3.84 -45.22 35.80
CA ALA D 218 2.61 -45.50 36.50
C ALA D 218 1.71 -44.27 36.56
N PRO D 219 0.40 -44.43 36.45
CA PRO D 219 -0.50 -43.29 36.63
C PRO D 219 -0.69 -42.95 38.10
N ARG D 220 -1.02 -41.68 38.33
CA ARG D 220 -1.33 -41.21 39.68
C ARG D 220 -2.82 -41.16 39.95
N GLY D 221 -3.65 -41.59 38.99
CA GLY D 221 -5.08 -41.56 39.16
C GLY D 221 -5.80 -41.85 37.85
N HIS D 222 -6.94 -41.19 37.68
CA HIS D 222 -7.72 -41.37 36.47
C HIS D 222 -8.52 -40.10 36.21
N TYR D 223 -9.01 -39.98 34.97
CA TYR D 223 -9.84 -38.85 34.56
C TYR D 223 -11.30 -39.26 34.53
N LYS D 224 -12.18 -38.38 35.00
CA LYS D 224 -13.61 -38.61 34.87
C LYS D 224 -14.02 -38.54 33.40
N LEU D 225 -14.88 -39.47 33.00
CA LEU D 225 -15.43 -39.50 31.65
C LEU D 225 -16.91 -39.16 31.74
N ASN D 226 -17.30 -38.07 31.08
CA ASN D 226 -18.70 -37.65 31.10
C ASN D 226 -19.57 -38.71 30.44
N SER D 227 -20.77 -38.92 31.01
CA SER D 227 -21.70 -39.88 30.43
C SER D 227 -22.10 -39.48 29.01
N GLN D 228 -22.38 -38.20 28.81
CA GLN D 228 -22.69 -37.65 27.49
C GLN D 228 -21.56 -36.73 27.07
N LYS D 229 -21.04 -36.97 25.86
CA LYS D 229 -19.89 -36.23 25.34
C LYS D 229 -20.31 -35.45 24.10
N LYS D 230 -20.05 -34.15 24.11
CA LYS D 230 -20.44 -33.26 23.02
C LYS D 230 -19.34 -32.34 22.53
N SER D 231 -18.31 -32.09 23.32
CA SER D 231 -17.29 -31.11 22.95
C SER D 231 -16.40 -31.64 21.82
N THR D 232 -15.54 -30.77 21.33
CA THR D 232 -14.64 -31.10 20.23
C THR D 232 -13.38 -30.25 20.37
N ILE D 233 -12.47 -30.41 19.40
CA ILE D 233 -11.19 -29.71 19.41
C ILE D 233 -11.01 -29.04 18.05
N LEU D 234 -10.38 -27.86 18.07
CA LEU D 234 -10.09 -27.11 16.85
C LEU D 234 -8.64 -26.66 16.91
N ASN D 235 -7.87 -27.00 15.87
CA ASN D 235 -6.46 -26.65 15.78
C ASN D 235 -6.32 -25.43 14.86
N THR D 236 -5.99 -24.29 15.45
CA THR D 236 -5.86 -23.05 14.69
C THR D 236 -4.99 -22.08 15.46
N ALA D 237 -4.39 -21.14 14.73
CA ALA D 237 -3.58 -20.08 15.31
C ALA D 237 -4.35 -18.77 15.46
N VAL D 238 -5.61 -18.73 15.03
CA VAL D 238 -6.40 -17.51 15.15
C VAL D 238 -6.71 -17.24 16.62
N PRO D 239 -6.49 -16.02 17.11
CA PRO D 239 -6.72 -15.75 18.53
C PRO D 239 -8.19 -15.66 18.87
N ILE D 240 -8.48 -15.67 20.16
CA ILE D 240 -9.84 -15.56 20.67
C ILE D 240 -10.14 -14.08 20.92
N GLY D 241 -11.25 -13.61 20.37
CA GLY D 241 -11.61 -12.21 20.50
C GLY D 241 -12.76 -11.95 21.46
N SER D 242 -13.69 -11.09 21.03
CA SER D 242 -14.84 -10.76 21.86
C SER D 242 -16.15 -10.78 21.09
N CYS D 243 -16.17 -11.32 19.88
CA CYS D 243 -17.37 -11.33 19.06
C CYS D 243 -18.36 -12.38 19.59
N VAL D 244 -19.52 -12.44 18.94
CA VAL D 244 -20.58 -13.40 19.28
C VAL D 244 -20.94 -14.15 18.01
N SER D 245 -20.65 -15.46 18.00
CA SER D 245 -21.02 -16.31 16.87
C SER D 245 -20.97 -17.76 17.32
N LYS D 246 -21.87 -18.56 16.77
CA LYS D 246 -21.92 -19.99 17.05
C LYS D 246 -21.28 -20.82 15.94
N CYS D 247 -20.48 -20.17 15.08
CA CYS D 247 -19.76 -20.86 14.01
C CYS D 247 -18.28 -20.55 14.13
N HIS D 248 -17.45 -21.57 14.01
CA HIS D 248 -16.00 -21.42 14.17
C HIS D 248 -15.29 -22.27 13.13
N THR D 249 -14.23 -21.71 12.55
CA THR D 249 -13.38 -22.41 11.60
C THR D 249 -11.92 -22.29 12.04
N ASP D 250 -11.04 -22.99 11.33
CA ASP D 250 -9.62 -22.87 11.60
C ASP D 250 -9.04 -21.54 11.10
N ARG D 251 -9.81 -20.79 10.32
CA ARG D 251 -9.39 -19.47 9.85
C ARG D 251 -10.11 -18.33 10.57
N GLY D 252 -11.02 -18.65 11.50
CA GLY D 252 -11.77 -17.66 12.23
C GLY D 252 -13.24 -18.03 12.30
N SER D 253 -13.99 -17.19 13.00
CA SER D 253 -15.42 -17.38 13.16
C SER D 253 -16.18 -16.79 11.99
N ILE D 254 -17.43 -17.22 11.83
CA ILE D 254 -18.30 -16.78 10.75
C ILE D 254 -19.61 -16.30 11.34
N THR D 255 -20.00 -15.08 10.99
CA THR D 255 -21.34 -14.57 11.28
C THR D 255 -22.02 -14.25 9.95
N THR D 256 -23.11 -14.94 9.66
CA THR D 256 -23.74 -14.84 8.35
C THR D 256 -25.13 -15.47 8.41
N THR D 257 -25.94 -15.15 7.41
CA THR D 257 -27.22 -15.79 7.17
C THR D 257 -27.24 -16.57 5.87
N LYS D 258 -26.08 -16.75 5.23
CA LYS D 258 -26.03 -17.47 3.98
C LYS D 258 -25.98 -18.98 4.22
N PRO D 259 -26.59 -19.77 3.33
CA PRO D 259 -26.63 -21.23 3.56
C PRO D 259 -25.30 -21.92 3.31
N PHE D 260 -24.40 -21.33 2.52
CA PHE D 260 -23.13 -21.96 2.18
C PHE D 260 -21.98 -21.03 2.51
N GLN D 261 -20.77 -21.61 2.52
CA GLN D 261 -19.55 -20.86 2.78
C GLN D 261 -18.40 -21.54 2.04
N ASN D 262 -17.46 -20.74 1.54
CA ASN D 262 -16.29 -21.25 0.84
C ASN D 262 -15.00 -20.89 1.56
N ILE D 263 -15.08 -20.75 2.89
CA ILE D 263 -13.93 -20.32 3.69
C ILE D 263 -13.08 -21.53 4.07
N SER D 264 -13.66 -22.47 4.83
CA SER D 264 -12.90 -23.61 5.29
C SER D 264 -13.83 -24.79 5.52
N ARG D 265 -13.33 -25.98 5.17
CA ARG D 265 -14.05 -27.22 5.47
C ARG D 265 -14.21 -27.42 6.97
N ILE D 266 -13.17 -27.07 7.73
CA ILE D 266 -13.13 -27.34 9.17
C ILE D 266 -14.04 -26.33 9.88
N SER D 267 -15.29 -26.71 10.08
CA SER D 267 -16.28 -25.87 10.75
C SER D 267 -16.93 -26.64 11.88
N ILE D 268 -17.19 -25.95 12.98
CA ILE D 268 -17.74 -26.57 14.19
C ILE D 268 -18.97 -25.77 14.62
N GLY D 269 -20.06 -26.48 14.91
CA GLY D 269 -21.25 -25.86 15.46
C GLY D 269 -22.28 -25.45 14.43
N ASP D 270 -22.93 -24.32 14.67
CA ASP D 270 -23.98 -23.81 13.78
C ASP D 270 -23.31 -23.07 12.62
N CYS D 271 -22.92 -23.85 11.61
CA CYS D 271 -22.13 -23.34 10.50
C CYS D 271 -22.81 -23.68 9.18
N PRO D 272 -22.64 -22.83 8.16
CA PRO D 272 -23.13 -23.17 6.82
C PRO D 272 -22.26 -24.23 6.18
N LYS D 273 -22.86 -24.98 5.25
CA LYS D 273 -22.14 -26.07 4.61
C LYS D 273 -21.07 -25.53 3.67
N TYR D 274 -19.93 -26.21 3.66
CA TYR D 274 -18.77 -25.76 2.89
C TYR D 274 -18.97 -26.05 1.41
N VAL D 275 -18.55 -25.11 0.57
CA VAL D 275 -18.55 -25.28 -0.88
C VAL D 275 -17.12 -25.12 -1.39
N LYS D 276 -16.97 -24.86 -2.68
CA LYS D 276 -15.64 -24.82 -3.30
C LYS D 276 -15.21 -23.40 -3.64
N GLN D 277 -15.88 -22.74 -4.59
CA GLN D 277 -15.45 -21.42 -5.03
C GLN D 277 -16.57 -20.79 -5.86
N GLY D 278 -16.59 -19.46 -5.90
CA GLY D 278 -17.48 -18.72 -6.76
C GLY D 278 -18.41 -17.82 -5.96
N SER D 279 -19.30 -17.16 -6.71
CA SER D 279 -20.34 -16.31 -6.14
C SER D 279 -21.68 -16.72 -6.71
N LEU D 280 -22.63 -17.03 -5.82
CA LEU D 280 -23.95 -17.44 -6.27
C LEU D 280 -24.72 -16.24 -6.80
N LYS D 281 -25.58 -16.51 -7.79
CA LYS D 281 -26.40 -15.48 -8.41
C LYS D 281 -27.26 -14.75 -7.38
N GLU E 5 25.86 14.93 1.31
CA GLU E 5 25.03 15.15 2.50
C GLU E 5 25.77 14.72 3.76
N LEU E 6 25.49 15.39 4.87
CA LEU E 6 26.20 15.16 6.12
C LEU E 6 25.28 14.71 7.25
N VAL E 7 24.01 14.45 6.97
CA VAL E 7 23.03 14.08 7.98
C VAL E 7 22.52 12.68 7.65
N GLU E 8 22.78 11.72 8.55
CA GLU E 8 22.22 10.38 8.41
C GLU E 8 20.81 10.37 8.95
N SER E 9 19.87 9.90 8.13
CA SER E 9 18.45 9.92 8.48
C SER E 9 17.84 8.53 8.57
N GLN E 10 18.60 7.47 8.32
CA GLN E 10 18.07 6.11 8.29
C GLN E 10 18.79 5.27 9.33
N HIS E 11 18.02 4.66 10.22
CA HIS E 11 18.54 3.76 11.24
C HIS E 11 18.15 2.32 10.91
N LEU E 12 18.75 1.39 11.64
CA LEU E 12 18.40 -0.01 11.45
C LEU E 12 17.16 -0.38 12.26
N PRO E 13 16.34 -1.30 11.77
CA PRO E 13 15.13 -1.72 12.51
C PRO E 13 15.39 -2.58 13.72
N GLU E 14 16.64 -2.80 14.11
CA GLU E 14 16.99 -3.67 15.23
C GLU E 14 18.20 -3.09 15.95
N LEU E 15 18.52 -3.67 17.09
CA LEU E 15 19.71 -3.31 17.86
C LEU E 15 20.78 -4.36 17.62
N CYS E 16 21.96 -3.91 17.21
CA CYS E 16 23.05 -4.83 16.87
C CYS E 16 23.69 -5.37 18.15
N PRO E 17 23.71 -6.69 18.36
CA PRO E 17 24.36 -7.24 19.55
C PRO E 17 25.87 -7.33 19.46
N SER E 18 26.47 -6.84 18.38
CA SER E 18 27.90 -6.87 18.18
C SER E 18 28.38 -5.50 17.72
N PRO E 19 29.55 -5.04 18.20
CA PRO E 19 30.42 -5.75 19.14
C PRO E 19 30.06 -5.50 20.61
N LEU E 20 29.24 -4.50 20.86
CA LEU E 20 28.88 -4.16 22.24
C LEU E 20 27.99 -5.24 22.84
N ARG E 21 28.29 -5.65 24.06
CA ARG E 21 27.55 -6.72 24.74
C ARG E 21 26.24 -6.14 25.27
N LEU E 22 25.13 -6.58 24.70
CA LEU E 22 23.80 -6.13 25.10
C LEU E 22 23.14 -7.18 25.98
N VAL E 23 22.34 -6.71 26.94
CA VAL E 23 21.57 -7.58 27.82
C VAL E 23 20.12 -7.10 27.82
N ASP E 24 19.20 -7.99 27.48
CA ASP E 24 17.78 -7.66 27.40
C ASP E 24 17.13 -7.93 28.77
N GLY E 25 16.54 -6.89 29.35
CA GLY E 25 15.85 -7.07 30.62
C GLY E 25 14.51 -7.75 30.47
N GLN E 26 13.89 -7.64 29.30
CA GLN E 26 12.61 -8.28 28.98
C GLN E 26 11.56 -7.79 29.95
N THR E 27 10.91 -8.64 30.74
CA THR E 27 9.84 -8.23 31.63
C THR E 27 10.34 -7.44 32.84
N CYS E 28 11.65 -7.24 32.97
CA CYS E 28 12.23 -6.60 34.14
C CYS E 28 12.96 -5.34 33.74
N ASP E 29 12.75 -4.26 34.50
CA ASP E 29 13.63 -3.12 34.43
C ASP E 29 14.87 -3.39 35.28
N ILE E 30 15.81 -2.45 35.28
CA ILE E 30 17.07 -2.69 35.99
C ILE E 30 16.91 -2.57 37.50
N VAL E 31 15.84 -1.93 37.98
CA VAL E 31 15.65 -1.76 39.42
C VAL E 31 15.16 -3.06 40.05
N ASN E 32 14.06 -3.62 39.54
CA ASN E 32 13.58 -4.89 40.07
C ASN E 32 14.50 -6.06 39.74
N GLY E 33 15.44 -5.87 38.81
CA GLY E 33 16.42 -6.91 38.56
C GLY E 33 17.45 -6.99 39.66
N ALA E 34 17.86 -5.84 40.21
CA ALA E 34 18.76 -5.85 41.35
C ALA E 34 18.05 -6.31 42.61
N LEU E 35 16.78 -5.93 42.77
CA LEU E 35 15.98 -6.40 43.90
C LEU E 35 15.69 -7.89 43.81
N GLY E 36 15.82 -8.48 42.63
CA GLY E 36 15.52 -9.89 42.46
C GLY E 36 14.03 -10.20 42.39
N SER E 37 13.26 -9.32 41.74
CA SER E 37 11.83 -9.54 41.61
C SER E 37 11.55 -10.75 40.72
N PRO E 38 10.35 -11.32 40.81
CA PRO E 38 9.99 -12.43 39.92
C PRO E 38 10.15 -12.05 38.46
N GLY E 39 10.51 -13.05 37.65
CA GLY E 39 10.80 -12.85 36.24
C GLY E 39 12.18 -12.31 35.94
N CYS E 40 12.96 -11.95 36.96
CA CYS E 40 14.27 -11.36 36.77
C CYS E 40 15.40 -12.32 37.12
N ASP E 41 15.10 -13.60 37.36
CA ASP E 41 16.13 -14.59 37.64
C ASP E 41 17.05 -14.85 36.45
N HIS E 42 16.66 -14.41 35.25
CA HIS E 42 17.47 -14.56 34.05
C HIS E 42 18.59 -13.52 33.96
N LEU E 43 18.85 -12.78 35.03
CA LEU E 43 19.88 -11.75 35.03
C LEU E 43 20.99 -11.97 36.04
N ASN E 44 20.86 -12.97 36.91
CA ASN E 44 21.88 -13.21 37.93
C ASN E 44 23.20 -13.60 37.29
N GLY E 45 24.24 -12.81 37.55
CA GLY E 45 25.55 -13.06 36.99
C GLY E 45 25.78 -12.52 35.60
N ALA E 46 24.87 -11.69 35.09
CA ALA E 46 25.00 -11.16 33.74
C ALA E 46 25.96 -9.98 33.71
N GLU E 47 26.56 -9.76 32.54
CA GLU E 47 27.45 -8.64 32.30
C GLU E 47 27.02 -7.94 31.03
N TRP E 48 27.05 -6.61 31.03
CA TRP E 48 26.57 -5.85 29.89
C TRP E 48 27.41 -4.59 29.70
N ASP E 49 27.62 -4.23 28.43
CA ASP E 49 28.05 -2.89 28.09
C ASP E 49 26.86 -1.93 27.94
N ILE E 50 25.70 -2.46 27.57
CA ILE E 50 24.47 -1.69 27.44
C ILE E 50 23.32 -2.55 27.95
N PHE E 51 22.61 -2.05 28.97
CA PHE E 51 21.42 -2.71 29.47
C PHE E 51 20.22 -2.25 28.65
N ILE E 52 19.51 -3.19 28.05
CA ILE E 52 18.35 -2.90 27.22
C ILE E 52 17.11 -3.03 28.10
N GLU E 53 16.63 -1.90 28.62
CA GLU E 53 15.45 -1.88 29.48
C GLU E 53 14.21 -1.71 28.62
N ARG E 54 13.19 -2.51 28.92
CA ARG E 54 12.01 -2.44 28.06
C ARG E 54 10.96 -1.50 28.65
N PRO E 55 10.31 -0.70 27.80
CA PRO E 55 9.20 0.13 28.31
C PRO E 55 8.02 -0.69 28.77
N THR E 56 7.84 -1.89 28.24
CA THR E 56 6.76 -2.79 28.63
C THR E 56 7.03 -3.51 29.94
N ALA E 57 8.13 -3.18 30.63
CA ALA E 57 8.44 -3.81 31.90
C ALA E 57 7.37 -3.48 32.93
N VAL E 58 7.01 -4.48 33.74
CA VAL E 58 5.95 -4.35 34.72
C VAL E 58 6.47 -4.78 36.09
N ASP E 59 5.86 -4.23 37.14
CA ASP E 59 6.21 -4.62 38.50
C ASP E 59 5.69 -6.02 38.78
N THR E 60 6.55 -6.89 39.30
CA THR E 60 6.22 -8.28 39.54
C THR E 60 6.29 -8.66 41.02
N CYS E 61 6.30 -7.68 41.91
CA CYS E 61 6.40 -7.98 43.34
C CYS E 61 5.67 -6.94 44.18
N TYR E 62 6.17 -6.69 45.39
CA TYR E 62 5.52 -5.73 46.28
C TYR E 62 5.52 -4.35 45.65
N PRO E 63 4.43 -3.58 45.80
CA PRO E 63 4.45 -2.19 45.33
C PRO E 63 5.45 -1.36 46.12
N PHE E 64 6.43 -0.82 45.41
CA PHE E 64 7.55 -0.12 46.03
C PHE E 64 7.81 1.21 45.34
N ASP E 65 8.57 2.06 46.02
CA ASP E 65 9.06 3.30 45.46
C ASP E 65 10.49 3.50 45.93
N VAL E 66 11.25 4.28 45.15
CA VAL E 66 12.65 4.54 45.47
C VAL E 66 12.88 6.04 45.56
N PRO E 67 13.09 6.60 46.75
CA PRO E 67 13.51 8.00 46.83
C PRO E 67 14.82 8.20 46.08
N ASP E 68 14.84 9.21 45.22
CA ASP E 68 15.93 9.41 44.26
C ASP E 68 16.09 8.18 43.37
N TYR E 69 15.02 7.90 42.61
CA TYR E 69 14.95 6.67 41.82
C TYR E 69 16.02 6.65 40.73
N GLN E 70 16.24 7.78 40.06
CA GLN E 70 17.14 7.80 38.92
C GLN E 70 18.59 7.57 39.33
N SER E 71 18.95 7.93 40.56
CA SER E 71 20.33 7.73 41.01
C SER E 71 20.65 6.26 41.16
N LEU E 72 19.78 5.49 41.83
CA LEU E 72 20.00 4.07 41.98
C LEU E 72 19.98 3.37 40.62
N ARG E 73 19.08 3.80 39.73
CA ARG E 73 19.05 3.24 38.38
C ARG E 73 20.35 3.54 37.64
N SER E 74 20.92 4.73 37.85
CA SER E 74 22.17 5.08 37.20
C SER E 74 23.35 4.32 37.79
N ILE E 75 23.33 4.05 39.09
CA ILE E 75 24.43 3.32 39.72
C ILE E 75 24.47 1.88 39.22
N LEU E 76 23.31 1.24 39.14
CA LEU E 76 23.25 -0.16 38.71
C LEU E 76 23.69 -0.31 37.26
N ALA E 77 23.24 0.59 36.40
CA ALA E 77 23.56 0.49 34.97
C ALA E 77 25.02 0.83 34.71
N ASN E 78 25.53 1.87 35.37
CA ASN E 78 26.93 2.27 35.15
C ASN E 78 27.88 1.17 35.57
N ASN E 79 27.55 0.44 36.64
CA ASN E 79 28.41 -0.64 37.11
C ASN E 79 28.61 -1.69 36.02
N GLY E 80 27.52 -2.27 35.54
CA GLY E 80 27.57 -3.17 34.40
C GLY E 80 27.54 -4.65 34.70
N LYS E 81 27.13 -5.05 35.91
CA LYS E 81 27.05 -6.47 36.24
C LYS E 81 26.16 -6.65 37.45
N PHE E 82 25.62 -7.86 37.57
CA PHE E 82 24.80 -8.27 38.71
C PHE E 82 25.52 -9.41 39.42
N GLU E 83 26.51 -9.05 40.24
CA GLU E 83 27.30 -10.02 40.99
C GLU E 83 26.94 -9.87 42.47
N PHE E 84 26.02 -10.72 42.93
CA PHE E 84 25.55 -10.67 44.31
C PHE E 84 26.35 -11.62 45.18
N ILE E 85 26.73 -11.14 46.36
CA ILE E 85 27.49 -11.93 47.33
C ILE E 85 26.60 -12.11 48.55
N ALA E 86 26.13 -13.33 48.77
CA ALA E 86 25.26 -13.61 49.90
C ALA E 86 26.03 -13.51 51.21
N GLU E 87 25.42 -12.87 52.20
CA GLU E 87 26.01 -12.70 53.51
C GLU E 87 25.03 -13.17 54.58
N GLU E 88 25.56 -13.82 55.62
CA GLU E 88 24.75 -14.27 56.73
C GLU E 88 24.54 -13.13 57.71
N PHE E 89 23.29 -12.79 57.99
CA PHE E 89 22.93 -11.72 58.91
C PHE E 89 22.30 -12.34 60.15
N GLN E 90 22.93 -12.12 61.31
CA GLN E 90 22.50 -12.74 62.56
C GLN E 90 21.38 -11.91 63.20
N TRP E 91 20.20 -12.01 62.60
CA TRP E 91 19.03 -11.37 63.18
C TRP E 91 18.58 -12.15 64.42
N SER E 92 17.89 -11.45 65.32
CA SER E 92 17.54 -11.98 66.63
C SER E 92 16.04 -12.22 66.71
N THR E 93 15.65 -13.51 66.81
CA THR E 93 14.31 -13.93 67.19
C THR E 93 13.24 -13.58 66.17
N VAL E 94 13.36 -12.43 65.50
CA VAL E 94 12.32 -11.96 64.60
C VAL E 94 12.12 -12.96 63.47
N LYS E 95 10.87 -13.11 63.04
CA LYS E 95 10.58 -13.96 61.89
C LYS E 95 11.24 -13.40 60.64
N GLN E 96 11.88 -14.28 59.88
CA GLN E 96 12.56 -13.90 58.65
C GLN E 96 11.85 -14.53 57.46
N ASN E 97 12.31 -14.15 56.26
CA ASN E 97 11.78 -14.66 55.00
C ASN E 97 10.28 -14.38 54.87
N GLY E 98 9.89 -13.15 55.18
CA GLY E 98 8.50 -12.77 55.05
C GLY E 98 8.08 -12.73 53.58
N LYS E 99 6.92 -13.31 53.30
CA LYS E 99 6.42 -13.43 51.93
C LYS E 99 5.09 -12.69 51.80
N SER E 100 4.74 -12.37 50.55
CA SER E 100 3.58 -11.55 50.25
C SER E 100 2.76 -12.18 49.14
N GLY E 101 1.47 -11.85 49.13
CA GLY E 101 0.58 -12.33 48.08
C GLY E 101 0.73 -11.61 46.76
N ALA E 102 1.29 -10.40 46.77
CA ALA E 102 1.53 -9.63 45.56
C ALA E 102 2.87 -9.97 44.90
N CYS E 103 3.47 -11.09 45.27
CA CYS E 103 4.79 -11.45 44.76
C CYS E 103 4.89 -12.96 44.62
N LYS E 104 3.93 -13.56 43.91
CA LYS E 104 3.93 -15.00 43.72
C LYS E 104 4.89 -15.39 42.59
N ARG E 105 5.74 -16.38 42.85
CA ARG E 105 6.67 -16.86 41.84
C ARG E 105 6.01 -17.89 40.92
N ALA E 106 5.15 -18.75 41.48
CA ALA E 106 4.40 -19.73 40.72
C ALA E 106 3.10 -20.00 41.48
N ASN E 107 2.27 -18.97 41.60
CA ASN E 107 1.07 -18.96 42.45
C ASN E 107 1.40 -19.26 43.90
N VAL E 108 2.67 -19.08 44.29
CA VAL E 108 3.13 -19.33 45.65
C VAL E 108 3.70 -18.03 46.19
N ASN E 109 3.16 -17.58 47.32
CA ASN E 109 3.53 -16.29 47.90
C ASN E 109 5.03 -16.25 48.18
N ASP E 110 5.71 -15.26 47.60
CA ASP E 110 7.15 -15.15 47.72
C ASP E 110 7.50 -13.70 47.98
N PHE E 111 8.75 -13.31 47.71
CA PHE E 111 9.26 -11.98 48.01
C PHE E 111 10.56 -11.81 47.23
N PHE E 112 11.10 -10.60 47.26
CA PHE E 112 12.40 -10.33 46.64
C PHE E 112 13.46 -11.28 47.18
N ASN E 113 14.08 -12.04 46.27
CA ASN E 113 15.08 -13.03 46.69
C ASN E 113 16.38 -12.40 47.14
N ARG E 114 16.56 -11.09 46.96
CA ARG E 114 17.72 -10.38 47.49
C ARG E 114 17.44 -9.69 48.82
N LEU E 115 16.19 -9.66 49.26
CA LEU E 115 15.79 -8.99 50.49
C LEU E 115 15.28 -10.01 51.49
N ASN E 116 15.20 -9.58 52.76
CA ASN E 116 14.71 -10.41 53.85
C ASN E 116 13.70 -9.59 54.64
N TRP E 117 12.44 -10.00 54.58
CA TRP E 117 11.38 -9.31 55.31
C TRP E 117 11.35 -9.80 56.75
N LEU E 118 11.69 -8.92 57.68
CA LEU E 118 11.74 -9.25 59.10
C LEU E 118 10.42 -8.84 59.76
N THR E 119 9.79 -9.78 60.45
CA THR E 119 8.57 -9.52 61.20
C THR E 119 8.75 -10.05 62.62
N LYS E 120 7.89 -9.56 63.52
CA LYS E 120 7.99 -9.93 64.92
C LYS E 120 7.79 -11.42 65.10
N SER E 121 8.39 -11.96 66.16
CA SER E 121 8.33 -13.39 66.42
C SER E 121 6.94 -13.77 66.95
N ASP E 122 6.73 -15.08 67.08
CA ASP E 122 5.47 -15.59 67.63
C ASP E 122 5.29 -15.23 69.10
N GLY E 123 6.37 -14.88 69.80
CA GLY E 123 6.29 -14.42 71.17
C GLY E 123 5.97 -12.96 71.32
N ASN E 124 5.60 -12.28 70.23
CA ASN E 124 5.28 -10.84 70.24
C ASN E 124 6.46 -10.02 70.77
N ALA E 125 7.56 -10.07 70.03
CA ALA E 125 8.77 -9.36 70.42
C ALA E 125 9.57 -9.01 69.18
N TYR E 126 9.91 -7.72 69.03
CA TYR E 126 10.78 -7.23 67.96
C TYR E 126 11.99 -6.58 68.62
N PRO E 127 12.98 -7.38 69.03
CA PRO E 127 14.15 -6.80 69.70
C PRO E 127 14.96 -5.92 68.76
N LEU E 128 15.69 -4.98 69.35
CA LEU E 128 16.53 -4.07 68.58
C LEU E 128 17.63 -4.85 67.87
N GLN E 129 17.62 -4.80 66.54
CA GLN E 129 18.63 -5.46 65.73
C GLN E 129 19.78 -4.49 65.48
N ASN E 130 20.99 -4.89 65.88
CA ASN E 130 22.19 -4.06 65.71
C ASN E 130 23.30 -4.95 65.14
N LEU E 131 23.29 -5.12 63.81
CA LEU E 131 24.32 -5.85 63.11
C LEU E 131 25.24 -4.89 62.37
N THR E 132 26.49 -5.30 62.18
CA THR E 132 27.49 -4.47 61.53
C THR E 132 28.34 -5.34 60.61
N LYS E 133 28.55 -4.88 59.39
CA LYS E 133 29.35 -5.59 58.40
C LYS E 133 30.59 -4.76 58.07
N ILE E 134 31.75 -5.39 58.13
CA ILE E 134 33.03 -4.74 57.83
C ILE E 134 33.45 -5.14 56.42
N ASN E 135 33.79 -4.15 55.61
CA ASN E 135 34.25 -4.38 54.23
C ASN E 135 35.76 -4.57 54.28
N ASN E 136 36.18 -5.81 54.49
CA ASN E 136 37.59 -6.17 54.50
C ASN E 136 38.04 -6.77 53.16
N GLY E 137 37.36 -6.41 52.07
CA GLY E 137 37.74 -6.84 50.75
C GLY E 137 38.42 -5.75 49.96
N ASP E 138 38.66 -6.04 48.68
CA ASP E 138 39.32 -5.11 47.77
C ASP E 138 38.36 -4.46 46.79
N TYR E 139 37.07 -4.44 47.10
CA TYR E 139 36.06 -3.86 46.22
C TYR E 139 35.00 -3.16 47.06
N ALA E 140 34.39 -2.13 46.48
CA ALA E 140 33.29 -1.44 47.13
C ALA E 140 32.02 -2.26 47.05
N ARG E 141 31.25 -2.27 48.13
CA ARG E 141 30.02 -3.03 48.22
C ARG E 141 28.81 -2.11 48.08
N LEU E 142 27.73 -2.66 47.54
CA LEU E 142 26.47 -1.93 47.36
C LEU E 142 25.37 -2.71 48.08
N TYR E 143 24.88 -2.15 49.18
CA TYR E 143 23.80 -2.74 49.95
C TYR E 143 22.48 -2.06 49.60
N ILE E 144 21.45 -2.86 49.34
CA ILE E 144 20.11 -2.36 49.05
C ILE E 144 19.18 -2.83 50.16
N TRP E 145 18.46 -1.88 50.75
CA TRP E 145 17.57 -2.16 51.87
C TRP E 145 16.32 -1.29 51.75
N GLY E 146 15.24 -1.76 52.37
CA GLY E 146 13.96 -1.10 52.23
C GLY E 146 13.32 -0.83 53.58
N VAL E 147 12.33 0.06 53.55
CA VAL E 147 11.55 0.44 54.73
C VAL E 147 10.08 0.20 54.40
N HIS E 148 9.45 -0.71 55.13
CA HIS E 148 8.04 -1.04 54.88
C HIS E 148 7.13 0.03 55.47
N HIS E 149 6.08 0.37 54.72
CA HIS E 149 5.10 1.36 55.15
C HIS E 149 3.74 0.70 55.30
N PRO E 150 3.32 0.36 56.51
CA PRO E 150 1.97 -0.18 56.70
C PRO E 150 0.91 0.88 56.42
N SER E 151 -0.34 0.41 56.33
CA SER E 151 -1.46 1.30 56.06
C SER E 151 -2.32 1.58 57.28
N THR E 152 -2.28 0.71 58.29
CA THR E 152 -3.03 0.90 59.52
C THR E 152 -2.12 0.68 60.71
N ASP E 153 -2.42 1.38 61.81
CA ASP E 153 -1.64 1.20 63.03
C ASP E 153 -1.71 -0.23 63.54
N THR E 154 -2.86 -0.89 63.37
CA THR E 154 -2.99 -2.29 63.75
C THR E 154 -2.03 -3.16 62.94
N GLU E 155 -1.85 -2.83 61.66
CA GLU E 155 -0.90 -3.58 60.84
C GLU E 155 0.51 -3.48 61.40
N GLN E 156 0.93 -2.28 61.81
CA GLN E 156 2.25 -2.12 62.38
C GLN E 156 2.40 -2.90 63.68
N THR E 157 1.37 -2.88 64.53
CA THR E 157 1.42 -3.63 65.77
C THR E 157 1.39 -5.14 65.52
N ASN E 158 0.63 -5.57 64.51
CA ASN E 158 0.55 -6.99 64.18
C ASN E 158 1.71 -7.48 63.35
N LEU E 159 2.71 -6.64 63.09
CA LEU E 159 3.87 -7.04 62.29
C LEU E 159 5.20 -6.74 62.98
N TYR E 160 5.31 -5.62 63.67
CA TYR E 160 6.59 -5.20 64.26
C TYR E 160 6.46 -4.80 65.72
N LYS E 161 5.30 -5.04 66.35
CA LYS E 161 5.07 -4.70 67.76
C LYS E 161 5.25 -3.21 68.04
N ASN E 162 6.47 -2.71 67.87
CA ASN E 162 6.77 -1.32 68.18
C ASN E 162 6.06 -0.37 67.21
N ASN E 163 5.43 0.66 67.75
CA ASN E 163 4.76 1.68 66.96
C ASN E 163 5.16 3.05 67.50
N PRO E 164 5.89 3.87 66.74
CA PRO E 164 6.34 3.55 65.38
C PRO E 164 7.66 2.77 65.36
N GLY E 165 8.08 2.35 64.18
CA GLY E 165 9.37 1.72 63.98
C GLY E 165 10.43 2.73 63.60
N ARG E 166 11.58 2.20 63.21
CA ARG E 166 12.70 3.05 62.80
C ARG E 166 13.72 2.20 62.07
N VAL E 167 14.23 2.73 60.95
CA VAL E 167 15.26 2.07 60.16
C VAL E 167 16.43 3.03 60.04
N THR E 168 17.59 2.63 60.56
CA THR E 168 18.78 3.47 60.58
C THR E 168 19.96 2.68 60.02
N VAL E 169 20.44 3.09 58.85
CA VAL E 169 21.63 2.51 58.23
C VAL E 169 22.72 3.57 58.24
N SER E 170 23.85 3.25 58.87
CA SER E 170 24.91 4.24 59.10
C SER E 170 26.26 3.68 58.67
N THR E 171 27.10 4.58 58.16
CA THR E 171 28.50 4.26 57.87
C THR E 171 29.40 5.11 58.75
N LYS E 172 30.68 5.23 58.38
CA LYS E 172 31.61 6.01 59.18
C LYS E 172 31.34 7.51 59.04
N THR E 173 30.82 7.95 57.90
CA THR E 173 30.65 9.38 57.64
C THR E 173 29.22 9.71 57.20
N SER E 174 28.26 8.81 57.40
CA SER E 174 26.89 9.09 56.99
C SER E 174 25.94 8.24 57.83
N GLN E 175 24.73 8.78 58.02
CA GLN E 175 23.69 8.09 58.77
C GLN E 175 22.32 8.54 58.25
N THR E 176 21.43 7.58 58.01
CA THR E 176 20.09 7.87 57.51
C THR E 176 19.08 7.09 58.32
N SER E 177 18.07 7.80 58.85
CA SER E 177 17.04 7.19 59.67
C SER E 177 15.66 7.57 59.12
N VAL E 178 14.76 6.59 59.09
CA VAL E 178 13.42 6.76 58.54
C VAL E 178 12.39 6.18 59.51
N VAL E 179 11.26 6.86 59.63
CA VAL E 179 10.16 6.40 60.47
C VAL E 179 9.01 5.99 59.54
N PRO E 180 8.32 4.88 59.83
CA PRO E 180 7.23 4.45 58.95
C PRO E 180 6.14 5.50 58.82
N ASN E 181 5.64 5.66 57.60
CA ASN E 181 4.55 6.58 57.30
C ASN E 181 3.26 5.78 57.19
N ILE E 182 2.70 5.44 58.35
CA ILE E 182 1.51 4.59 58.40
C ILE E 182 0.33 5.35 57.82
N GLY E 183 -0.20 4.84 56.70
CA GLY E 183 -1.33 5.46 56.05
C GLY E 183 -1.90 4.62 54.92
N SER E 184 -3.23 4.60 54.79
CA SER E 184 -3.88 3.81 53.76
C SER E 184 -3.64 4.43 52.39
N ARG E 185 -2.84 3.76 51.57
CA ARG E 185 -2.49 4.21 50.24
C ARG E 185 -3.31 3.46 49.19
N PRO E 186 -3.38 3.97 47.96
CA PRO E 186 -4.23 3.33 46.95
C PRO E 186 -3.88 1.87 46.72
N TRP E 187 -4.89 1.09 46.34
CA TRP E 187 -4.73 -0.34 46.13
C TRP E 187 -3.85 -0.60 44.91
N VAL E 188 -2.72 -1.27 45.12
CA VAL E 188 -1.83 -1.68 44.04
C VAL E 188 -1.44 -3.13 44.28
N ARG E 189 -1.79 -4.00 43.33
CA ARG E 189 -1.46 -5.43 43.40
C ARG E 189 -2.06 -6.08 44.64
N GLY E 190 -3.30 -5.71 44.96
CA GLY E 190 -4.00 -6.29 46.09
C GLY E 190 -3.45 -5.92 47.45
N GLN E 191 -2.70 -4.82 47.54
CA GLN E 191 -2.11 -4.38 48.79
C GLN E 191 -2.18 -2.86 48.88
N SER E 192 -2.29 -2.37 50.12
CA SER E 192 -2.34 -0.94 50.39
C SER E 192 -1.03 -0.37 50.90
N GLY E 193 -0.19 -1.19 51.54
CA GLY E 193 1.09 -0.72 52.01
C GLY E 193 2.14 -0.69 50.92
N ARG E 194 3.21 0.06 51.17
CA ARG E 194 4.31 0.22 50.22
C ARG E 194 5.63 -0.04 50.92
N ILE E 195 6.71 -0.03 50.14
CA ILE E 195 8.07 -0.20 50.64
C ILE E 195 8.96 0.81 49.94
N SER E 196 9.73 1.56 50.73
CA SER E 196 10.69 2.53 50.20
C SER E 196 12.08 1.93 50.27
N PHE E 197 12.69 1.69 49.11
CA PHE E 197 14.00 1.08 49.03
C PHE E 197 15.10 2.14 49.00
N TYR E 198 16.18 1.88 49.72
CA TYR E 198 17.34 2.75 49.76
C TYR E 198 18.58 1.93 49.47
N TRP E 199 19.72 2.61 49.34
CA TRP E 199 20.98 1.95 49.05
C TRP E 199 22.11 2.64 49.81
N THR E 200 23.19 1.90 50.01
CA THR E 200 24.37 2.43 50.70
C THR E 200 25.61 1.78 50.13
N ILE E 201 26.58 2.59 49.74
CA ILE E 201 27.84 2.12 49.17
C ILE E 201 28.90 2.13 50.28
N VAL E 202 29.57 1.00 50.45
CA VAL E 202 30.58 0.82 51.50
C VAL E 202 31.92 0.59 50.82
N GLU E 203 32.82 1.55 50.95
CA GLU E 203 34.15 1.42 50.39
C GLU E 203 34.95 0.36 51.15
N PRO E 204 36.00 -0.18 50.55
CA PRO E 204 36.89 -1.10 51.28
C PRO E 204 37.50 -0.41 52.49
N GLY E 205 37.43 -1.07 53.64
CA GLY E 205 37.88 -0.50 54.89
C GLY E 205 36.81 0.25 55.66
N ASP E 206 35.62 0.39 55.11
CA ASP E 206 34.51 1.07 55.77
C ASP E 206 33.56 0.04 56.39
N LEU E 207 32.69 0.53 57.27
CA LEU E 207 31.72 -0.30 57.96
C LEU E 207 30.31 0.22 57.68
N ILE E 208 29.33 -0.66 57.88
CA ILE E 208 27.93 -0.32 57.70
C ILE E 208 27.14 -0.97 58.84
N VAL E 209 26.18 -0.24 59.39
CA VAL E 209 25.43 -0.68 60.56
C VAL E 209 23.95 -0.63 60.22
N PHE E 210 23.26 -1.77 60.39
CA PHE E 210 21.81 -1.84 60.25
C PHE E 210 21.21 -1.85 61.66
N ASN E 211 20.49 -0.78 62.00
CA ASN E 211 19.89 -0.62 63.32
C ASN E 211 18.41 -0.35 63.15
N THR E 212 17.56 -1.23 63.67
CA THR E 212 16.13 -1.15 63.45
C THR E 212 15.36 -1.60 64.68
N ILE E 213 14.24 -0.94 64.94
CA ILE E 213 13.24 -1.42 65.88
C ILE E 213 11.97 -1.84 65.16
N GLY E 214 11.99 -1.92 63.84
CA GLY E 214 10.84 -2.37 63.08
C GLY E 214 10.93 -1.91 61.63
N ASN E 215 10.15 -2.60 60.79
CA ASN E 215 9.89 -2.20 59.41
C ASN E 215 11.14 -2.27 58.53
N LEU E 216 12.06 -3.17 58.83
CA LEU E 216 13.28 -3.31 58.03
C LEU E 216 13.07 -4.36 56.95
N ILE E 217 13.29 -3.96 55.69
CA ILE E 217 13.40 -4.91 54.58
C ILE E 217 14.89 -5.21 54.45
N ALA E 218 15.34 -6.24 55.16
CA ALA E 218 16.76 -6.45 55.34
C ALA E 218 17.39 -7.03 54.07
N PRO E 219 18.63 -6.64 53.77
CA PRO E 219 19.33 -7.23 52.62
C PRO E 219 19.88 -8.61 52.96
N ARG E 220 19.98 -9.44 51.93
CA ARG E 220 20.57 -10.77 52.06
C ARG E 220 22.05 -10.79 51.68
N GLY E 221 22.63 -9.64 51.41
CA GLY E 221 24.03 -9.55 51.02
C GLY E 221 24.36 -8.21 50.39
N HIS E 222 25.24 -8.22 49.38
CA HIS E 222 25.63 -7.00 48.71
C HIS E 222 26.01 -7.32 47.26
N TYR E 223 26.08 -6.26 46.46
CA TYR E 223 26.49 -6.37 45.06
C TYR E 223 27.93 -5.88 44.91
N LYS E 224 28.70 -6.60 44.09
CA LYS E 224 30.04 -6.14 43.76
C LYS E 224 29.98 -4.93 42.84
N LEU E 225 30.85 -3.96 43.10
CA LEU E 225 30.96 -2.75 42.30
C LEU E 225 32.31 -2.75 41.59
N ASN E 226 32.27 -2.66 40.27
CA ASN E 226 33.51 -2.67 39.49
C ASN E 226 34.38 -1.48 39.85
N SER E 227 35.69 -1.65 39.67
CA SER E 227 36.63 -0.56 39.94
C SER E 227 36.36 0.62 39.02
N GLN E 228 36.16 0.36 37.73
CA GLN E 228 35.87 1.39 36.75
C GLN E 228 34.56 1.04 36.05
N LYS E 229 33.66 2.01 35.99
CA LYS E 229 32.34 1.83 35.39
C LYS E 229 32.37 2.32 33.94
N LYS E 230 31.95 1.45 33.02
CA LYS E 230 31.93 1.78 31.61
C LYS E 230 30.61 1.47 30.92
N SER E 231 29.67 0.81 31.59
CA SER E 231 28.43 0.40 30.98
C SER E 231 27.39 1.52 31.03
N THR E 232 26.23 1.25 30.45
CA THR E 232 25.14 2.22 30.39
C THR E 232 23.83 1.46 30.16
N ILE E 233 22.74 2.20 30.07
CA ILE E 233 21.42 1.62 29.92
C ILE E 233 20.68 2.33 28.79
N LEU E 234 19.83 1.58 28.08
CA LEU E 234 19.03 2.11 26.99
C LEU E 234 17.62 1.58 27.12
N ASN E 235 16.66 2.49 27.33
CA ASN E 235 15.25 2.12 27.45
C ASN E 235 14.61 2.23 26.07
N THR E 236 14.28 1.09 25.47
CA THR E 236 13.70 1.05 24.14
C THR E 236 12.96 -0.26 23.96
N ALA E 237 11.93 -0.21 23.11
CA ALA E 237 11.17 -1.41 22.76
C ALA E 237 11.69 -2.09 21.51
N VAL E 238 12.73 -1.55 20.88
CA VAL E 238 13.30 -2.16 19.67
C VAL E 238 13.92 -3.50 20.02
N PRO E 239 13.61 -4.57 19.30
CA PRO E 239 14.21 -5.87 19.61
C PRO E 239 15.68 -5.92 19.18
N ILE E 240 16.36 -6.95 19.68
CA ILE E 240 17.77 -7.17 19.38
C ILE E 240 17.88 -8.11 18.19
N GLY E 241 18.67 -7.71 17.18
CA GLY E 241 18.79 -8.49 15.97
C GLY E 241 20.11 -9.20 15.82
N SER E 242 20.70 -9.14 14.62
CA SER E 242 21.96 -9.81 14.36
C SER E 242 22.95 -8.93 13.58
N CYS E 243 22.71 -7.63 13.47
CA CYS E 243 23.57 -6.74 12.72
C CYS E 243 24.86 -6.47 13.50
N VAL E 244 25.74 -5.66 12.90
CA VAL E 244 27.02 -5.29 13.50
C VAL E 244 27.13 -3.78 13.46
N SER E 245 27.10 -3.14 14.63
CA SER E 245 27.26 -1.70 14.72
C SER E 245 27.67 -1.33 16.13
N LYS E 246 28.39 -0.22 16.24
CA LYS E 246 28.80 0.32 17.54
C LYS E 246 28.02 1.57 17.91
N CYS E 247 26.92 1.84 17.21
CA CYS E 247 26.05 2.98 17.49
C CYS E 247 24.64 2.48 17.74
N HIS E 248 24.03 2.95 18.83
CA HIS E 248 22.70 2.50 19.21
C HIS E 248 21.87 3.67 19.67
N THR E 249 20.60 3.70 19.23
CA THR E 249 19.63 4.68 19.66
C THR E 249 18.40 3.96 20.21
N ASP E 250 17.51 4.72 20.84
CA ASP E 250 16.24 4.16 21.28
C ASP E 250 15.32 3.80 20.13
N ARG E 251 15.66 4.23 18.91
CA ARG E 251 14.91 3.86 17.71
C ARG E 251 15.62 2.79 16.88
N GLY E 252 16.80 2.35 17.30
CA GLY E 252 17.56 1.34 16.61
C GLY E 252 19.01 1.73 16.45
N SER E 253 19.78 0.83 15.85
CA SER E 253 21.20 1.05 15.61
C SER E 253 21.41 1.80 14.30
N ILE E 254 22.60 2.36 14.16
CA ILE E 254 22.97 3.16 12.99
C ILE E 254 24.32 2.69 12.48
N THR E 255 24.41 2.49 11.17
CA THR E 255 25.67 2.14 10.49
C THR E 255 25.91 3.21 9.43
N THR E 256 26.74 4.20 9.75
CA THR E 256 26.99 5.29 8.82
C THR E 256 28.34 5.91 9.10
N THR E 257 28.91 6.54 8.07
CA THR E 257 30.10 7.36 8.20
C THR E 257 29.77 8.85 8.22
N LYS E 258 28.49 9.21 8.13
CA LYS E 258 28.10 10.61 8.14
C LYS E 258 28.38 11.22 9.51
N PRO E 259 28.85 12.47 9.56
CA PRO E 259 29.21 13.07 10.86
C PRO E 259 28.02 13.44 11.72
N PHE E 260 26.84 13.59 11.14
CA PHE E 260 25.66 14.03 11.88
C PHE E 260 24.50 13.08 11.63
N GLN E 261 23.54 13.09 12.56
CA GLN E 261 22.34 12.27 12.46
C GLN E 261 21.17 13.05 13.04
N ASN E 262 19.99 12.87 12.45
CA ASN E 262 18.77 13.50 12.93
C ASN E 262 17.73 12.46 13.35
N ILE E 263 18.19 11.34 13.89
CA ILE E 263 17.31 10.21 14.21
C ILE E 263 16.86 10.30 15.66
N SER E 264 17.81 10.24 16.59
CA SER E 264 17.47 10.27 18.01
C SER E 264 18.63 10.86 18.80
N ARG E 265 18.28 11.68 19.79
CA ARG E 265 19.30 12.25 20.66
C ARG E 265 19.88 11.20 21.59
N ILE E 266 19.08 10.22 22.00
CA ILE E 266 19.53 9.16 22.89
C ILE E 266 20.40 8.20 22.09
N SER E 267 21.70 8.50 22.04
CA SER E 267 22.67 7.69 21.30
C SER E 267 23.78 7.24 22.24
N ILE E 268 24.23 6.00 22.07
CA ILE E 268 25.23 5.39 22.93
C ILE E 268 26.34 4.81 22.07
N GLY E 269 27.59 5.10 22.42
CA GLY E 269 28.73 4.50 21.76
C GLY E 269 29.34 5.34 20.67
N ASP E 270 29.79 4.69 19.60
CA ASP E 270 30.42 5.37 18.47
C ASP E 270 29.32 5.90 17.54
N CYS E 271 28.75 7.05 17.93
CA CYS E 271 27.61 7.61 17.24
C CYS E 271 27.91 9.01 16.71
N PRO E 272 27.29 9.40 15.60
CA PRO E 272 27.45 10.78 15.12
C PRO E 272 26.69 11.76 16.00
N LYS E 273 26.98 13.04 15.78
CA LYS E 273 26.35 14.10 16.57
C LYS E 273 24.92 14.32 16.12
N TYR E 274 24.04 14.60 17.08
CA TYR E 274 22.62 14.74 16.81
C TYR E 274 22.31 16.08 16.16
N VAL E 275 21.25 16.11 15.37
CA VAL E 275 20.83 17.30 14.62
C VAL E 275 19.32 17.46 14.75
N LYS E 276 18.87 18.70 14.89
CA LYS E 276 17.45 19.01 15.06
C LYS E 276 16.75 19.02 13.70
N GLN E 277 16.57 17.83 13.15
CA GLN E 277 15.78 17.60 11.93
C GLN E 277 16.22 18.52 10.79
N GLY E 278 17.40 18.21 10.25
CA GLY E 278 17.97 18.96 9.15
C GLY E 278 18.52 18.04 8.08
N SER E 279 18.85 18.65 6.94
CA SER E 279 19.41 17.92 5.81
C SER E 279 19.94 18.86 4.73
N LEU E 280 21.21 18.69 4.35
CA LEU E 280 21.82 19.43 3.26
C LEU E 280 23.18 18.80 2.97
N LYS E 281 23.68 19.03 1.75
CA LYS E 281 25.00 18.58 1.36
C LYS E 281 25.97 19.75 1.27
N GLU F 5 17.87 -17.71 14.47
CA GLU F 5 18.01 -17.83 13.03
C GLU F 5 19.48 -17.80 12.62
N LEU F 6 19.87 -18.76 11.79
CA LEU F 6 21.26 -18.88 11.33
C LEU F 6 21.43 -18.45 9.88
N VAL F 7 20.36 -17.98 9.22
CA VAL F 7 20.41 -17.59 7.82
C VAL F 7 20.02 -16.12 7.73
N GLU F 8 20.94 -15.28 7.29
CA GLU F 8 20.64 -13.87 7.07
C GLU F 8 19.91 -13.72 5.74
N SER F 9 18.73 -13.10 5.79
CA SER F 9 17.91 -12.92 4.59
C SER F 9 17.69 -11.46 4.24
N GLN F 10 18.15 -10.52 5.07
CA GLN F 10 17.94 -9.10 4.85
C GLN F 10 19.28 -8.43 4.53
N HIS F 11 19.38 -7.87 3.34
CA HIS F 11 20.55 -7.11 2.94
C HIS F 11 20.25 -5.62 2.97
N LEU F 12 21.30 -4.83 2.89
CA LEU F 12 21.14 -3.39 2.87
C LEU F 12 20.77 -2.92 1.46
N PRO F 13 20.00 -1.83 1.34
CA PRO F 13 19.63 -1.31 0.02
C PRO F 13 20.74 -0.55 -0.69
N GLU F 14 21.98 -0.61 -0.20
CA GLU F 14 23.08 0.15 -0.80
C GLU F 14 24.38 -0.62 -0.59
N LEU F 15 25.43 -0.12 -1.24
CA LEU F 15 26.77 -0.66 -1.08
C LEU F 15 27.57 0.23 -0.15
N CYS F 16 28.20 -0.37 0.86
CA CYS F 16 28.93 0.40 1.86
C CYS F 16 30.29 0.80 1.32
N PRO F 17 30.63 2.09 1.31
CA PRO F 17 31.95 2.52 0.84
C PRO F 17 33.07 2.39 1.86
N SER F 18 32.80 1.78 3.01
CA SER F 18 33.78 1.60 4.08
C SER F 18 33.61 0.20 4.65
N PRO F 19 34.72 -0.47 5.00
CA PRO F 19 36.10 0.01 4.89
C PRO F 19 36.73 -0.23 3.52
N LEU F 20 36.14 -1.12 2.74
CA LEU F 20 36.70 -1.45 1.43
C LEU F 20 36.59 -0.26 0.48
N ARG F 21 37.59 -0.13 -0.39
CA ARG F 21 37.67 0.99 -1.32
C ARG F 21 36.90 0.62 -2.59
N LEU F 22 35.77 1.30 -2.81
CA LEU F 22 34.94 1.07 -3.98
C LEU F 22 35.15 2.16 -5.02
N VAL F 23 35.05 1.78 -6.29
CA VAL F 23 35.16 2.71 -7.41
C VAL F 23 34.00 2.43 -8.36
N ASP F 24 33.17 3.45 -8.58
CA ASP F 24 32.00 3.32 -9.44
C ASP F 24 32.41 3.58 -10.89
N GLY F 25 32.24 2.57 -11.75
CA GLY F 25 32.54 2.75 -13.16
C GLY F 25 31.54 3.63 -13.87
N GLN F 26 30.30 3.68 -13.37
CA GLN F 26 29.22 4.52 -13.91
C GLN F 26 28.98 4.11 -15.36
N THR F 27 29.11 5.02 -16.34
CA THR F 27 28.81 4.69 -17.72
C THR F 27 29.83 3.77 -18.35
N CYS F 28 30.99 3.56 -17.72
CA CYS F 28 32.05 2.73 -18.26
C CYS F 28 32.17 1.45 -17.48
N ASP F 29 32.26 0.32 -18.19
CA ASP F 29 32.66 -0.93 -17.56
C ASP F 29 34.18 -0.90 -17.40
N ILE F 30 34.76 -2.01 -16.93
CA ILE F 30 36.20 -2.03 -16.69
C ILE F 30 37.01 -2.16 -17.97
N VAL F 31 36.38 -2.51 -19.09
CA VAL F 31 37.11 -2.67 -20.34
C VAL F 31 37.25 -1.36 -21.08
N ASN F 32 36.15 -0.62 -21.26
CA ASN F 32 36.26 0.72 -21.85
C ASN F 32 37.04 1.68 -20.95
N GLY F 33 37.10 1.40 -19.65
CA GLY F 33 37.95 2.20 -18.79
C GLY F 33 39.42 1.97 -19.03
N ALA F 34 39.80 0.71 -19.32
CA ALA F 34 41.18 0.42 -19.66
C ALA F 34 41.53 0.92 -21.05
N LEU F 35 40.62 0.74 -22.01
CA LEU F 35 40.85 1.25 -23.36
C LEU F 35 40.84 2.76 -23.42
N GLY F 36 40.27 3.43 -22.42
CA GLY F 36 40.18 4.87 -22.41
C GLY F 36 39.12 5.39 -23.37
N SER F 37 37.92 4.82 -23.29
CA SER F 37 36.81 5.23 -24.13
C SER F 37 36.29 6.59 -23.65
N PRO F 38 35.49 7.27 -24.48
CA PRO F 38 34.90 8.55 -24.03
C PRO F 38 34.10 8.39 -22.75
N GLY F 39 34.17 9.41 -21.91
CA GLY F 39 33.49 9.37 -20.63
C GLY F 39 34.09 8.44 -19.61
N CYS F 40 35.25 7.85 -19.89
CA CYS F 40 35.93 6.96 -18.96
C CYS F 40 37.15 7.63 -18.31
N ASP F 41 37.36 8.91 -18.55
CA ASP F 41 38.52 9.61 -18.00
C ASP F 41 38.46 9.74 -16.49
N HIS F 42 37.28 9.58 -15.88
CA HIS F 42 37.16 9.68 -14.43
C HIS F 42 37.81 8.51 -13.71
N LEU F 43 38.27 7.49 -14.44
CA LEU F 43 38.93 6.33 -13.85
C LEU F 43 40.44 6.40 -13.96
N ASN F 44 40.98 7.37 -14.69
CA ASN F 44 42.43 7.46 -14.88
C ASN F 44 43.12 7.72 -13.55
N GLY F 45 43.95 6.76 -13.14
CA GLY F 45 44.68 6.87 -11.89
C GLY F 45 43.94 6.37 -10.67
N ALA F 46 42.75 5.80 -10.83
CA ALA F 46 41.97 5.34 -9.71
C ALA F 46 42.47 4.00 -9.19
N GLU F 47 42.30 3.78 -7.89
CA GLU F 47 42.63 2.52 -7.24
C GLU F 47 41.40 2.00 -6.52
N TRP F 48 41.23 0.67 -6.53
CA TRP F 48 40.02 0.09 -5.97
C TRP F 48 40.34 -1.26 -5.34
N ASP F 49 39.58 -1.60 -4.31
CA ASP F 49 39.51 -2.97 -3.83
C ASP F 49 38.39 -3.74 -4.51
N ILE F 50 37.33 -3.04 -4.92
CA ILE F 50 36.19 -3.64 -5.62
C ILE F 50 35.75 -2.66 -6.70
N PHE F 51 35.87 -3.06 -7.96
CA PHE F 51 35.39 -2.24 -9.07
C PHE F 51 33.90 -2.47 -9.24
N ILE F 52 33.09 -1.43 -9.02
CA ILE F 52 31.64 -1.51 -9.14
C ILE F 52 31.30 -1.24 -10.61
N GLU F 53 31.07 -2.31 -11.37
CA GLU F 53 30.71 -2.20 -12.77
C GLU F 53 29.19 -2.10 -12.90
N ARG F 54 28.73 -1.12 -13.67
CA ARG F 54 27.28 -0.92 -13.76
C ARG F 54 26.71 -1.71 -14.93
N PRO F 55 25.61 -2.45 -14.71
CA PRO F 55 24.98 -3.15 -15.83
C PRO F 55 24.47 -2.20 -16.91
N THR F 56 24.12 -0.98 -16.54
CA THR F 56 23.63 0.01 -17.50
C THR F 56 24.77 0.72 -18.19
N ALA F 57 25.92 0.06 -18.30
CA ALA F 57 27.05 0.63 -19.03
C ALA F 57 26.73 0.63 -20.53
N VAL F 58 27.43 1.51 -21.26
CA VAL F 58 27.21 1.70 -22.68
C VAL F 58 28.55 1.81 -23.38
N ASP F 59 28.63 1.25 -24.59
CA ASP F 59 29.82 1.43 -25.42
C ASP F 59 29.80 2.83 -26.00
N THR F 60 30.87 3.59 -25.73
CA THR F 60 30.94 5.00 -26.11
C THR F 60 31.94 5.27 -27.23
N CYS F 61 32.48 4.22 -27.85
CA CYS F 61 33.48 4.42 -28.91
C CYS F 61 33.26 3.48 -30.07
N TYR F 62 34.35 3.12 -30.75
CA TYR F 62 34.27 2.24 -31.90
C TYR F 62 33.70 0.87 -31.48
N PRO F 63 32.86 0.25 -32.31
CA PRO F 63 32.42 -1.12 -32.01
C PRO F 63 33.60 -2.08 -32.02
N PHE F 64 33.72 -2.85 -30.92
CA PHE F 64 34.87 -3.72 -30.74
C PHE F 64 34.43 -5.03 -30.10
N ASP F 65 35.25 -6.05 -30.30
CA ASP F 65 35.09 -7.34 -29.64
C ASP F 65 36.44 -7.81 -29.14
N VAL F 66 36.45 -8.52 -28.02
CA VAL F 66 37.66 -8.94 -27.35
C VAL F 66 37.65 -10.45 -27.16
N PRO F 67 38.55 -11.20 -27.79
CA PRO F 67 38.66 -12.63 -27.49
C PRO F 67 39.12 -12.84 -26.06
N ASP F 68 38.53 -13.84 -25.39
CA ASP F 68 38.78 -14.11 -23.98
C ASP F 68 38.49 -12.86 -23.15
N TYR F 69 37.32 -12.27 -23.38
CA TYR F 69 36.95 -11.01 -22.72
C TYR F 69 36.96 -11.16 -21.21
N GLN F 70 36.42 -12.26 -20.69
CA GLN F 70 36.31 -12.43 -19.24
C GLN F 70 37.68 -12.53 -18.58
N SER F 71 38.66 -13.09 -19.27
CA SER F 71 40.01 -13.19 -18.70
C SER F 71 40.63 -11.81 -18.53
N LEU F 72 40.65 -11.01 -19.59
CA LEU F 72 41.20 -9.66 -19.50
C LEU F 72 40.44 -8.83 -18.48
N ARG F 73 39.11 -8.98 -18.43
CA ARG F 73 38.33 -8.32 -17.39
C ARG F 73 38.78 -8.74 -16.00
N SER F 74 39.15 -10.02 -15.84
CA SER F 74 39.65 -10.49 -14.55
C SER F 74 41.03 -9.93 -14.26
N ILE F 75 41.87 -9.81 -15.29
CA ILE F 75 43.23 -9.30 -15.09
C ILE F 75 43.19 -7.84 -14.64
N LEU F 76 42.39 -7.01 -15.31
CA LEU F 76 42.30 -5.60 -14.94
C LEU F 76 41.72 -5.43 -13.55
N ALA F 77 40.68 -6.20 -13.22
CA ALA F 77 40.06 -6.08 -11.91
C ALA F 77 40.98 -6.60 -10.81
N ASN F 78 41.61 -7.76 -11.04
CA ASN F 78 42.48 -8.34 -10.02
C ASN F 78 43.68 -7.45 -9.74
N ASN F 79 44.14 -6.69 -10.75
CA ASN F 79 45.24 -5.76 -10.53
C ASN F 79 44.85 -4.68 -9.54
N GLY F 80 43.76 -3.97 -9.82
CA GLY F 80 43.20 -3.02 -8.88
C GLY F 80 43.56 -1.56 -9.08
N LYS F 81 44.06 -1.18 -10.26
CA LYS F 81 44.41 0.21 -10.51
C LYS F 81 44.53 0.44 -12.00
N PHE F 82 44.43 1.72 -12.38
CA PHE F 82 44.59 2.17 -13.77
C PHE F 82 45.78 3.13 -13.79
N GLU F 83 46.98 2.58 -13.79
CA GLU F 83 48.21 3.37 -13.82
C GLU F 83 48.84 3.20 -15.20
N PHE F 84 48.52 4.11 -16.10
CA PHE F 84 49.01 4.07 -17.47
C PHE F 84 50.36 4.77 -17.58
N ILE F 85 51.27 4.17 -18.33
CA ILE F 85 52.60 4.70 -18.56
C ILE F 85 52.74 4.96 -20.06
N ALA F 86 52.76 6.22 -20.44
CA ALA F 86 52.85 6.57 -21.86
C ALA F 86 54.26 6.33 -22.37
N GLU F 87 54.34 5.74 -23.57
CA GLU F 87 55.61 5.45 -24.22
C GLU F 87 55.61 6.03 -25.62
N GLU F 88 56.75 6.58 -26.04
CA GLU F 88 56.91 7.08 -27.40
C GLU F 88 57.16 5.92 -28.34
N PHE F 89 56.32 5.80 -29.36
CA PHE F 89 56.45 4.76 -30.37
C PHE F 89 56.83 5.42 -31.69
N GLN F 90 58.00 5.06 -32.22
CA GLN F 90 58.55 5.69 -33.41
C GLN F 90 57.98 5.01 -34.66
N TRP F 91 56.70 5.28 -34.91
CA TRP F 91 56.06 4.78 -36.13
C TRP F 91 56.58 5.57 -37.33
N SER F 92 56.96 4.85 -38.38
CA SER F 92 57.61 5.44 -39.55
C SER F 92 56.58 5.67 -40.65
N THR F 93 56.60 6.88 -41.23
CA THR F 93 55.87 7.22 -42.44
C THR F 93 54.35 7.21 -42.26
N VAL F 94 53.82 6.20 -41.58
CA VAL F 94 52.37 6.03 -41.51
C VAL F 94 51.72 7.18 -40.75
N LYS F 95 50.44 7.40 -41.02
CA LYS F 95 49.66 8.36 -40.28
C LYS F 95 49.34 7.84 -38.89
N GLN F 96 49.17 8.75 -37.94
CA GLN F 96 48.83 8.42 -36.57
C GLN F 96 47.63 9.23 -36.12
N ASN F 97 47.12 8.87 -34.94
CA ASN F 97 45.98 9.56 -34.32
C ASN F 97 44.74 9.53 -35.23
N GLY F 98 44.37 8.32 -35.63
CA GLY F 98 43.16 8.16 -36.43
C GLY F 98 41.92 8.32 -35.56
N LYS F 99 40.95 9.10 -36.05
CA LYS F 99 39.75 9.40 -35.30
C LYS F 99 38.52 8.95 -36.09
N SER F 100 37.45 8.62 -35.36
CA SER F 100 36.25 8.05 -35.96
C SER F 100 35.02 8.83 -35.51
N GLY F 101 34.01 8.85 -36.39
CA GLY F 101 32.74 9.45 -36.04
C GLY F 101 31.91 8.64 -35.07
N ALA F 102 32.23 7.35 -34.92
CA ALA F 102 31.58 6.49 -33.94
C ALA F 102 32.15 6.65 -32.54
N CYS F 103 33.06 7.60 -32.35
CA CYS F 103 33.71 7.83 -31.07
C CYS F 103 33.79 9.33 -30.79
N LYS F 104 32.64 10.00 -30.86
CA LYS F 104 32.58 11.44 -30.69
C LYS F 104 32.79 11.80 -29.22
N ARG F 105 33.79 12.64 -28.96
CA ARG F 105 34.06 13.17 -27.62
C ARG F 105 33.70 14.65 -27.65
N ALA F 106 32.57 15.00 -27.05
CA ALA F 106 32.02 16.35 -27.08
C ALA F 106 31.81 16.83 -28.51
N ASN F 107 31.06 16.02 -29.27
CA ASN F 107 30.72 16.27 -30.66
C ASN F 107 31.96 16.39 -31.55
N VAL F 108 33.08 15.84 -31.11
CA VAL F 108 34.33 15.86 -31.87
C VAL F 108 34.76 14.42 -32.09
N ASN F 109 34.96 14.04 -33.36
CA ASN F 109 35.38 12.69 -33.70
C ASN F 109 36.71 12.37 -33.02
N ASP F 110 36.69 11.38 -32.13
CA ASP F 110 37.87 11.04 -31.32
C ASP F 110 38.08 9.53 -31.42
N PHE F 111 38.81 8.98 -30.46
CA PHE F 111 39.18 7.58 -30.43
C PHE F 111 39.66 7.25 -29.03
N PHE F 112 39.88 5.97 -28.77
CA PHE F 112 40.43 5.53 -27.49
C PHE F 112 41.71 6.29 -27.17
N ASN F 113 41.72 6.98 -26.03
CA ASN F 113 42.89 7.78 -25.68
C ASN F 113 44.08 6.94 -25.24
N ARG F 114 43.92 5.62 -25.14
CA ARG F 114 45.03 4.71 -24.86
C ARG F 114 45.50 3.98 -26.11
N LEU F 115 44.83 4.16 -27.24
CA LEU F 115 45.16 3.49 -28.48
C LEU F 115 45.46 4.52 -29.57
N ASN F 116 46.27 4.10 -30.54
CA ASN F 116 46.66 4.95 -31.66
C ASN F 116 46.29 4.25 -32.95
N TRP F 117 45.43 4.87 -33.75
CA TRP F 117 44.97 4.29 -35.00
C TRP F 117 45.93 4.69 -36.11
N LEU F 118 46.71 3.72 -36.59
CA LEU F 118 47.69 3.97 -37.65
C LEU F 118 47.03 3.80 -39.01
N THR F 119 47.26 4.78 -39.88
CA THR F 119 46.74 4.76 -41.24
C THR F 119 47.88 4.99 -42.22
N LYS F 120 47.61 4.66 -43.49
CA LYS F 120 48.61 4.87 -44.53
C LYS F 120 48.86 6.35 -44.73
N SER F 121 50.09 6.68 -45.15
CA SER F 121 50.47 8.06 -45.37
C SER F 121 49.76 8.62 -46.60
N ASP F 122 49.85 9.95 -46.76
CA ASP F 122 49.27 10.59 -47.93
C ASP F 122 49.99 10.19 -49.21
N GLY F 123 51.23 9.70 -49.12
CA GLY F 123 51.94 9.18 -50.26
C GLY F 123 51.62 7.76 -50.63
N ASN F 124 50.56 7.18 -50.04
CA ASN F 124 50.11 5.82 -50.32
C ASN F 124 51.22 4.81 -50.04
N ALA F 125 51.61 4.74 -48.78
CA ALA F 125 52.68 3.84 -48.36
C ALA F 125 52.47 3.44 -46.91
N TYR F 126 52.46 2.13 -46.65
CA TYR F 126 52.36 1.57 -45.31
C TYR F 126 53.57 0.66 -45.10
N PRO F 127 54.73 1.22 -44.78
CA PRO F 127 55.93 0.38 -44.63
C PRO F 127 55.82 -0.56 -43.44
N LEU F 128 56.59 -1.64 -43.51
CA LEU F 128 56.61 -2.63 -42.46
C LEU F 128 57.14 -2.02 -41.17
N GLN F 129 56.27 -1.87 -40.18
CA GLN F 129 56.64 -1.33 -38.88
C GLN F 129 57.17 -2.45 -38.00
N ASN F 130 58.41 -2.32 -37.53
CA ASN F 130 59.06 -3.33 -36.69
C ASN F 130 59.68 -2.60 -35.49
N LEU F 131 58.84 -2.31 -34.49
CA LEU F 131 59.28 -1.67 -33.26
C LEU F 131 59.29 -2.67 -32.12
N THR F 132 60.13 -2.39 -31.13
CA THR F 132 60.35 -3.30 -30.01
C THR F 132 60.51 -2.50 -28.73
N LYS F 133 59.95 -3.02 -27.63
CA LYS F 133 60.06 -2.42 -26.31
C LYS F 133 60.75 -3.40 -25.37
N ILE F 134 61.66 -2.86 -24.55
CA ILE F 134 62.39 -3.65 -23.57
C ILE F 134 61.86 -3.28 -22.18
N ASN F 135 61.47 -4.29 -21.40
CA ASN F 135 60.97 -4.07 -20.05
C ASN F 135 62.14 -4.03 -19.07
N ASN F 136 62.91 -2.94 -19.16
CA ASN F 136 64.03 -2.74 -18.25
C ASN F 136 63.57 -2.48 -16.83
N GLY F 137 62.33 -2.07 -16.63
CA GLY F 137 61.80 -1.83 -15.30
C GLY F 137 61.57 -3.12 -14.54
N ASP F 138 61.18 -2.96 -13.28
CA ASP F 138 60.94 -4.07 -12.38
C ASP F 138 59.47 -4.47 -12.30
N TYR F 139 58.61 -3.86 -13.10
CA TYR F 139 57.18 -4.11 -13.06
C TYR F 139 56.73 -4.70 -14.40
N ALA F 140 55.89 -5.73 -14.32
CA ALA F 140 55.35 -6.34 -15.53
C ALA F 140 54.40 -5.37 -16.23
N ARG F 141 54.57 -5.22 -17.54
CA ARG F 141 53.78 -4.27 -18.31
C ARG F 141 52.67 -4.99 -19.05
N LEU F 142 51.47 -4.38 -19.03
CA LEU F 142 50.30 -4.91 -19.72
C LEU F 142 50.03 -4.03 -20.93
N TYR F 143 50.30 -4.56 -22.13
CA TYR F 143 50.07 -3.86 -23.38
C TYR F 143 48.74 -4.30 -23.96
N ILE F 144 47.92 -3.34 -24.39
CA ILE F 144 46.63 -3.61 -25.02
C ILE F 144 46.67 -3.06 -26.43
N TRP F 145 46.46 -3.94 -27.41
CA TRP F 145 46.52 -3.57 -28.82
C TRP F 145 45.35 -4.22 -29.54
N GLY F 146 44.99 -3.63 -30.70
CA GLY F 146 43.83 -4.07 -31.44
C GLY F 146 44.15 -4.34 -32.90
N VAL F 147 43.21 -5.00 -33.56
CA VAL F 147 43.29 -5.31 -34.99
C VAL F 147 41.98 -4.84 -35.62
N HIS F 148 42.09 -3.93 -36.59
CA HIS F 148 40.91 -3.39 -37.25
C HIS F 148 40.42 -4.33 -38.35
N HIS F 149 39.11 -4.47 -38.44
CA HIS F 149 38.47 -5.34 -39.44
C HIS F 149 37.60 -4.50 -40.36
N PRO F 150 38.07 -4.14 -41.55
CA PRO F 150 37.25 -3.34 -42.46
C PRO F 150 36.05 -4.10 -42.99
N SER F 151 35.22 -3.43 -43.80
CA SER F 151 34.01 -4.04 -44.34
C SER F 151 34.17 -4.52 -45.77
N THR F 152 34.98 -3.84 -46.58
CA THR F 152 35.18 -4.21 -47.97
C THR F 152 36.67 -4.17 -48.30
N ASP F 153 37.02 -4.81 -49.43
CA ASP F 153 38.40 -4.78 -49.88
C ASP F 153 38.85 -3.37 -50.22
N THR F 154 37.92 -2.52 -50.68
CA THR F 154 38.26 -1.13 -50.96
C THR F 154 38.62 -0.39 -49.67
N GLU F 155 37.93 -0.70 -48.57
CA GLU F 155 38.23 -0.05 -47.30
C GLU F 155 39.60 -0.47 -46.79
N GLN F 156 39.99 -1.72 -47.02
CA GLN F 156 41.30 -2.19 -46.58
C GLN F 156 42.43 -1.45 -47.30
N THR F 157 42.28 -1.26 -48.62
CA THR F 157 43.31 -0.57 -49.39
C THR F 157 43.28 0.93 -49.12
N ASN F 158 42.09 1.51 -48.96
CA ASN F 158 41.98 2.94 -48.69
C ASN F 158 42.58 3.33 -47.35
N LEU F 159 42.74 2.37 -46.44
CA LEU F 159 43.25 2.64 -45.10
C LEU F 159 44.68 2.16 -44.88
N TYR F 160 45.06 1.02 -45.46
CA TYR F 160 46.34 0.40 -45.15
C TYR F 160 47.11 -0.05 -46.38
N LYS F 161 46.64 0.30 -47.59
CA LYS F 161 47.31 -0.05 -48.85
C LYS F 161 47.42 -1.56 -49.03
N ASN F 162 48.10 -2.24 -48.11
CA ASN F 162 48.35 -3.68 -48.24
C ASN F 162 47.06 -4.46 -48.11
N ASN F 163 46.67 -5.14 -49.18
CA ASN F 163 45.52 -6.06 -49.15
C ASN F 163 46.02 -7.45 -49.52
N PRO F 164 46.06 -8.41 -48.58
CA PRO F 164 45.61 -8.22 -47.19
C PRO F 164 46.68 -7.62 -46.28
N GLY F 165 46.31 -7.39 -45.02
CA GLY F 165 47.23 -6.93 -44.00
C GLY F 165 47.59 -8.03 -43.02
N ARG F 166 48.35 -7.64 -41.99
CA ARG F 166 48.79 -8.59 -40.98
C ARG F 166 49.21 -7.83 -39.73
N VAL F 167 48.84 -8.37 -38.57
CA VAL F 167 49.22 -7.82 -37.28
C VAL F 167 49.85 -8.94 -36.46
N THR F 168 51.13 -8.77 -36.11
CA THR F 168 51.87 -9.81 -35.39
C THR F 168 52.59 -9.18 -34.20
N VAL F 169 52.36 -9.73 -33.01
CA VAL F 169 53.02 -9.30 -31.79
C VAL F 169 53.68 -10.52 -31.15
N SER F 170 54.92 -10.37 -30.72
CA SER F 170 55.69 -11.50 -30.21
C SER F 170 56.54 -11.07 -29.03
N THR F 171 56.71 -11.99 -28.08
CA THR F 171 57.64 -11.87 -26.97
C THR F 171 58.71 -12.95 -27.13
N LYS F 172 59.45 -13.23 -26.05
CA LYS F 172 60.48 -14.26 -26.11
C LYS F 172 59.88 -15.65 -26.25
N THR F 173 58.75 -15.90 -25.58
CA THR F 173 58.12 -17.22 -25.58
C THR F 173 56.72 -17.19 -26.18
N SER F 174 56.42 -16.22 -27.04
CA SER F 174 55.09 -16.14 -27.62
C SER F 174 55.16 -15.38 -28.94
N GLN F 175 54.17 -15.64 -29.80
CA GLN F 175 54.04 -14.92 -31.07
C GLN F 175 52.60 -15.06 -31.52
N THR F 176 51.87 -13.94 -31.57
CA THR F 176 50.46 -13.93 -31.95
C THR F 176 50.29 -13.08 -33.20
N SER F 177 49.68 -13.66 -34.23
CA SER F 177 49.45 -12.98 -35.50
C SER F 177 47.99 -13.06 -35.87
N VAL F 178 47.47 -11.98 -36.47
CA VAL F 178 46.07 -11.87 -36.86
C VAL F 178 45.99 -11.36 -38.29
N VAL F 179 45.11 -11.94 -39.08
CA VAL F 179 44.83 -11.51 -40.45
C VAL F 179 43.45 -10.86 -40.47
N PRO F 180 43.30 -9.67 -41.03
CA PRO F 180 42.01 -8.97 -40.98
C PRO F 180 40.93 -9.73 -41.73
N ASN F 181 39.76 -9.85 -41.10
CA ASN F 181 38.59 -10.44 -41.73
C ASN F 181 37.76 -9.33 -42.37
N ILE F 182 37.60 -9.39 -43.69
CA ILE F 182 36.93 -8.34 -44.46
C ILE F 182 35.51 -8.81 -44.75
N GLY F 183 34.53 -7.99 -44.36
CA GLY F 183 33.14 -8.31 -44.60
C GLY F 183 32.19 -7.30 -44.01
N SER F 184 31.05 -7.09 -44.67
CA SER F 184 30.04 -6.17 -44.17
C SER F 184 29.28 -6.81 -43.01
N ARG F 185 29.16 -6.08 -41.91
CA ARG F 185 28.62 -6.56 -40.66
C ARG F 185 27.49 -5.65 -40.21
N PRO F 186 26.72 -6.07 -39.20
CA PRO F 186 25.60 -5.23 -38.74
C PRO F 186 26.03 -3.82 -38.37
N TRP F 187 25.20 -2.85 -38.74
CA TRP F 187 25.46 -1.45 -38.42
C TRP F 187 25.46 -1.25 -36.91
N VAL F 188 26.61 -0.87 -36.36
CA VAL F 188 26.77 -0.63 -34.93
C VAL F 188 27.39 0.74 -34.75
N ARG F 189 26.64 1.67 -34.16
CA ARG F 189 27.12 3.03 -33.88
C ARG F 189 27.61 3.71 -35.15
N GLY F 190 26.89 3.50 -36.26
CA GLY F 190 27.29 4.06 -37.53
C GLY F 190 28.59 3.50 -38.08
N GLN F 191 28.77 2.19 -37.99
CA GLN F 191 29.99 1.56 -38.48
C GLN F 191 29.71 0.09 -38.78
N SER F 192 30.16 -0.37 -39.95
CA SER F 192 30.04 -1.76 -40.33
C SER F 192 31.27 -2.60 -40.01
N GLY F 193 32.43 -1.95 -39.79
CA GLY F 193 33.62 -2.67 -39.41
C GLY F 193 33.73 -2.87 -37.91
N ARG F 194 34.75 -3.62 -37.51
CA ARG F 194 34.98 -3.94 -36.11
C ARG F 194 36.47 -3.86 -35.81
N ILE F 195 36.80 -3.91 -34.53
CA ILE F 195 38.18 -3.96 -34.05
C ILE F 195 38.29 -5.05 -33.00
N SER F 196 39.29 -5.91 -33.14
CA SER F 196 39.55 -6.99 -32.19
C SER F 196 40.75 -6.60 -31.32
N PHE F 197 40.49 -6.40 -30.03
CA PHE F 197 41.54 -6.00 -29.09
C PHE F 197 42.17 -7.22 -28.45
N TYR F 198 43.50 -7.20 -28.34
CA TYR F 198 44.25 -8.25 -27.67
C TYR F 198 45.14 -7.62 -26.61
N TRP F 199 45.78 -8.47 -25.80
CA TRP F 199 46.67 -8.01 -24.76
C TRP F 199 47.88 -8.92 -24.65
N THR F 200 48.96 -8.38 -24.10
CA THR F 200 50.20 -9.13 -23.91
C THR F 200 50.87 -8.64 -22.64
N ILE F 201 51.25 -9.58 -21.76
CA ILE F 201 51.92 -9.27 -20.51
C ILE F 201 53.41 -9.49 -20.70
N VAL F 202 54.22 -8.49 -20.36
CA VAL F 202 55.65 -8.52 -20.54
C VAL F 202 56.29 -8.51 -19.16
N GLU F 203 56.96 -9.60 -18.80
CA GLU F 203 57.63 -9.71 -17.51
C GLU F 203 58.91 -8.87 -17.51
N PRO F 204 59.42 -8.53 -16.32
CA PRO F 204 60.70 -7.81 -16.26
C PRO F 204 61.82 -8.61 -16.91
N GLY F 205 62.60 -7.93 -17.76
CA GLY F 205 63.62 -8.58 -18.54
C GLY F 205 63.14 -9.12 -19.88
N ASP F 206 61.83 -9.17 -20.10
CA ASP F 206 61.27 -9.64 -21.36
C ASP F 206 61.07 -8.48 -22.33
N LEU F 207 60.91 -8.83 -23.60
CA LEU F 207 60.70 -7.85 -24.66
C LEU F 207 59.40 -8.16 -25.39
N ILE F 208 58.88 -7.14 -26.09
CA ILE F 208 57.67 -7.27 -26.89
C ILE F 208 57.90 -6.56 -28.22
N VAL F 209 57.43 -7.17 -29.30
CA VAL F 209 57.66 -6.67 -30.66
C VAL F 209 56.30 -6.48 -31.32
N PHE F 210 56.05 -5.26 -31.81
CA PHE F 210 54.87 -4.97 -32.61
C PHE F 210 55.29 -4.91 -34.08
N ASN F 211 54.80 -5.87 -34.86
CA ASN F 211 55.17 -6.00 -36.28
C ASN F 211 53.89 -6.05 -37.10
N THR F 212 53.71 -5.08 -37.99
CA THR F 212 52.47 -4.95 -38.73
C THR F 212 52.75 -4.45 -40.15
N ILE F 213 51.94 -4.93 -41.09
CA ILE F 213 51.86 -4.36 -42.43
C ILE F 213 50.51 -3.71 -42.67
N GLY F 214 49.70 -3.57 -41.63
CA GLY F 214 48.41 -2.91 -41.75
C GLY F 214 47.46 -3.35 -40.66
N ASN F 215 46.46 -2.51 -40.42
CA ASN F 215 45.32 -2.82 -39.53
C ASN F 215 45.75 -2.92 -38.07
N LEU F 216 46.67 -2.06 -37.65
CA LEU F 216 47.16 -2.08 -36.26
C LEU F 216 46.51 -0.94 -35.48
N ILE F 217 45.87 -1.27 -34.38
CA ILE F 217 45.41 -0.29 -33.39
C ILE F 217 46.49 -0.27 -32.33
N ALA F 218 47.45 0.62 -32.50
CA ALA F 218 48.67 0.63 -31.71
C ALA F 218 48.43 1.17 -30.30
N PRO F 219 49.11 0.62 -29.30
CA PRO F 219 49.01 1.17 -27.95
C PRO F 219 49.89 2.40 -27.77
N ARG F 220 49.39 3.33 -26.97
CA ARG F 220 50.14 4.53 -26.64
C ARG F 220 51.03 4.34 -25.41
N GLY F 221 51.09 3.13 -24.86
CA GLY F 221 51.90 2.84 -23.69
C GLY F 221 51.56 1.51 -23.07
N HIS F 222 51.53 1.46 -21.74
CA HIS F 222 51.23 0.22 -21.03
C HIS F 222 50.72 0.56 -19.64
N TYR F 223 50.04 -0.41 -19.03
CA TYR F 223 49.52 -0.28 -17.68
C TYR F 223 50.44 -0.97 -16.69
N LYS F 224 50.58 -0.38 -15.51
CA LYS F 224 51.36 -1.00 -14.45
C LYS F 224 50.58 -2.17 -13.86
N LEU F 225 51.26 -3.31 -13.71
CA LEU F 225 50.67 -4.48 -13.09
C LEU F 225 51.23 -4.62 -11.68
N ASN F 226 50.35 -4.59 -10.68
CA ASN F 226 50.78 -4.75 -9.30
C ASN F 226 51.40 -6.13 -9.09
N SER F 227 52.42 -6.19 -8.24
CA SER F 227 53.01 -7.47 -7.87
C SER F 227 51.99 -8.36 -7.20
N GLN F 228 51.36 -7.86 -6.13
CA GLN F 228 50.25 -8.54 -5.49
C GLN F 228 48.95 -8.10 -6.17
N LYS F 229 48.09 -9.07 -6.47
CA LYS F 229 46.82 -8.81 -7.14
C LYS F 229 45.71 -9.31 -6.23
N LYS F 230 44.98 -8.38 -5.61
CA LYS F 230 44.02 -8.71 -4.57
C LYS F 230 42.65 -8.10 -4.76
N SER F 231 42.45 -7.29 -5.82
CA SER F 231 41.17 -6.63 -6.02
C SER F 231 40.23 -7.52 -6.83
N THR F 232 39.02 -7.03 -7.05
CA THR F 232 38.00 -7.79 -7.77
C THR F 232 37.01 -6.80 -8.38
N ILE F 233 36.01 -7.35 -9.09
CA ILE F 233 35.00 -6.54 -9.76
C ILE F 233 33.62 -7.07 -9.35
N LEU F 234 32.67 -6.15 -9.20
CA LEU F 234 31.29 -6.50 -8.88
C LEU F 234 30.37 -5.77 -9.86
N ASN F 235 29.59 -6.55 -10.63
CA ASN F 235 28.66 -6.00 -11.61
C ASN F 235 27.29 -5.92 -10.95
N THR F 236 26.90 -4.71 -10.54
CA THR F 236 25.63 -4.51 -9.86
C THR F 236 25.15 -3.08 -10.09
N ALA F 237 23.83 -2.91 -10.11
CA ALA F 237 23.22 -1.60 -10.24
C ALA F 237 22.89 -0.97 -8.90
N VAL F 238 23.19 -1.65 -7.79
CA VAL F 238 22.92 -1.09 -6.46
C VAL F 238 23.80 0.12 -6.22
N PRO F 239 23.26 1.24 -5.79
CA PRO F 239 24.09 2.44 -5.59
C PRO F 239 24.98 2.30 -4.36
N ILE F 240 25.97 3.19 -4.29
CA ILE F 240 26.90 3.24 -3.18
C ILE F 240 26.34 4.20 -2.13
N GLY F 241 26.19 3.72 -0.91
CA GLY F 241 25.60 4.48 0.18
C GLY F 241 26.64 5.04 1.12
N SER F 242 26.32 5.02 2.42
CA SER F 242 27.20 5.54 3.45
C SER F 242 27.34 4.57 4.63
N CYS F 243 26.93 3.32 4.47
CA CYS F 243 26.98 2.35 5.56
C CYS F 243 28.41 1.85 5.77
N VAL F 244 28.58 0.97 6.75
CA VAL F 244 29.87 0.39 7.09
C VAL F 244 29.70 -1.12 7.09
N SER F 245 30.31 -1.80 6.12
CA SER F 245 30.26 -3.26 6.05
C SER F 245 31.42 -3.74 5.19
N LYS F 246 31.89 -4.94 5.51
CA LYS F 246 32.95 -5.59 4.73
C LYS F 246 32.39 -6.73 3.88
N CYS F 247 31.08 -6.76 3.66
CA CYS F 247 30.42 -7.75 2.84
C CYS F 247 29.58 -7.04 1.78
N HIS F 248 29.66 -7.51 0.54
CA HIS F 248 28.94 -6.90 -0.56
C HIS F 248 28.41 -7.97 -1.49
N THR F 249 27.19 -7.76 -1.98
CA THR F 249 26.57 -8.64 -2.97
C THR F 249 26.07 -7.79 -4.13
N ASP F 250 25.69 -8.48 -5.22
CA ASP F 250 25.08 -7.80 -6.34
C ASP F 250 23.70 -7.24 -6.01
N ARG F 251 23.11 -7.67 -4.90
CA ARG F 251 21.85 -7.12 -4.42
C ARG F 251 22.03 -6.11 -3.30
N GLY F 252 23.25 -5.93 -2.81
CA GLY F 252 23.54 -4.99 -1.75
C GLY F 252 24.44 -5.58 -0.69
N SER F 253 24.86 -4.72 0.23
CA SER F 253 25.74 -5.13 1.32
C SER F 253 24.95 -5.86 2.40
N ILE F 254 25.69 -6.58 3.25
CA ILE F 254 25.12 -7.38 4.33
C ILE F 254 25.85 -7.04 5.62
N THR F 255 25.08 -6.76 6.67
CA THR F 255 25.60 -6.52 8.02
C THR F 255 24.93 -7.52 8.95
N THR F 256 25.62 -8.61 9.25
CA THR F 256 25.03 -9.67 10.06
C THR F 256 26.10 -10.42 10.82
N THR F 257 25.67 -11.12 11.87
CA THR F 257 26.51 -12.05 12.60
C THR F 257 26.16 -13.50 12.30
N LYS F 258 25.17 -13.75 11.45
CA LYS F 258 24.76 -15.11 11.16
C LYS F 258 25.80 -15.79 10.27
N PRO F 259 26.03 -17.09 10.46
CA PRO F 259 27.06 -17.78 9.66
C PRO F 259 26.63 -18.03 8.23
N PHE F 260 25.34 -17.94 7.91
CA PHE F 260 24.84 -18.26 6.58
C PHE F 260 23.97 -17.13 6.07
N GLN F 261 23.80 -17.10 4.74
CA GLN F 261 22.94 -16.11 4.09
C GLN F 261 22.31 -16.76 2.87
N ASN F 262 21.08 -16.37 2.58
CA ASN F 262 20.35 -16.88 1.42
C ASN F 262 19.98 -15.76 0.46
N ILE F 263 20.82 -14.73 0.40
CA ILE F 263 20.51 -13.55 -0.39
C ILE F 263 21.06 -13.68 -1.81
N SER F 264 22.39 -13.75 -1.94
CA SER F 264 23.00 -13.80 -3.26
C SER F 264 24.27 -14.63 -3.21
N ARG F 265 24.48 -15.43 -4.26
CA ARG F 265 25.73 -16.16 -4.40
C ARG F 265 26.91 -15.22 -4.58
N ILE F 266 26.72 -14.13 -5.31
CA ILE F 266 27.78 -13.21 -5.66
C ILE F 266 28.12 -12.37 -4.43
N SER F 267 29.08 -12.83 -3.63
CA SER F 267 29.50 -12.15 -2.43
C SER F 267 30.99 -11.93 -2.44
N ILE F 268 31.43 -10.76 -1.97
CA ILE F 268 32.84 -10.38 -1.97
C ILE F 268 33.21 -9.91 -0.57
N GLY F 269 34.32 -10.42 -0.05
CA GLY F 269 34.84 -9.95 1.22
C GLY F 269 34.48 -10.82 2.40
N ASP F 270 34.24 -10.18 3.55
CA ASP F 270 33.89 -10.88 4.78
C ASP F 270 32.39 -11.17 4.76
N CYS F 271 32.03 -12.25 4.07
CA CYS F 271 30.63 -12.57 3.85
C CYS F 271 30.29 -13.95 4.39
N PRO F 272 29.09 -14.13 4.92
CA PRO F 272 28.67 -15.47 5.35
C PRO F 272 28.48 -16.40 4.16
N LYS F 273 28.45 -17.69 4.45
CA LYS F 273 28.29 -18.69 3.40
C LYS F 273 26.91 -18.59 2.78
N TYR F 274 26.85 -18.57 1.46
CA TYR F 274 25.57 -18.51 0.75
C TYR F 274 24.96 -19.91 0.76
N VAL F 275 24.00 -20.14 1.64
CA VAL F 275 23.31 -21.42 1.70
C VAL F 275 22.28 -21.47 0.57
N LYS F 276 21.79 -22.67 0.27
CA LYS F 276 20.79 -22.87 -0.78
C LYS F 276 19.42 -22.51 -0.20
N GLN F 277 19.21 -21.22 0.01
CA GLN F 277 17.99 -20.67 0.59
C GLN F 277 17.72 -21.26 1.97
N GLY F 278 16.54 -21.00 2.52
CA GLY F 278 16.21 -21.53 3.84
C GLY F 278 15.16 -20.72 4.57
N SER F 279 14.17 -21.41 5.13
CA SER F 279 13.07 -20.75 5.83
C SER F 279 13.35 -20.56 7.32
N LEU F 280 14.17 -21.43 7.92
CA LEU F 280 14.46 -21.38 9.35
C LEU F 280 15.97 -21.47 9.56
N LYS F 281 16.37 -21.49 10.82
CA LYS F 281 17.78 -21.58 11.17
C LYS F 281 18.40 -22.89 10.69
N ASP G 3 36.38 23.65 30.63
CA ASP G 3 36.58 24.32 29.35
C ASP G 3 37.87 23.87 28.68
N ILE G 4 37.85 23.82 27.35
CA ILE G 4 39.03 23.49 26.56
C ILE G 4 39.61 24.78 26.00
N VAL G 5 40.94 24.87 25.99
CA VAL G 5 41.65 26.10 25.65
C VAL G 5 42.27 25.94 24.26
N MET G 6 42.11 26.96 23.42
CA MET G 6 42.70 26.99 22.09
C MET G 6 43.87 27.99 22.08
N THR G 7 45.01 27.53 21.58
CA THR G 7 46.23 28.34 21.53
C THR G 7 46.61 28.50 20.06
N GLN G 8 46.14 29.60 19.46
CA GLN G 8 46.50 29.91 18.09
C GLN G 8 47.89 30.51 18.02
N SER G 9 48.64 30.12 16.98
CA SER G 9 49.95 30.68 16.70
C SER G 9 50.21 30.61 15.20
N PRO G 10 50.71 31.68 14.57
CA PRO G 10 51.15 32.93 15.20
C PRO G 10 50.00 33.86 15.62
N SER G 11 50.32 34.84 16.46
CA SER G 11 49.31 35.83 16.84
C SER G 11 49.05 36.79 15.69
N SER G 12 50.10 37.23 15.00
CA SER G 12 49.99 38.06 13.81
C SER G 12 50.80 37.41 12.69
N LEU G 13 50.30 37.51 11.47
CA LEU G 13 50.90 36.82 10.33
C LEU G 13 50.94 37.72 9.11
N PRO G 14 52.04 38.46 8.93
CA PRO G 14 52.25 39.18 7.66
C PRO G 14 52.74 38.21 6.59
N VAL G 15 52.14 38.31 5.39
CA VAL G 15 52.47 37.42 4.29
C VAL G 15 52.57 38.24 3.01
N THR G 16 53.45 37.82 2.11
CA THR G 16 53.57 38.46 0.81
C THR G 16 52.49 37.92 -0.13
N PRO G 17 51.75 38.79 -0.83
CA PRO G 17 50.76 38.31 -1.80
C PRO G 17 51.39 37.41 -2.85
N GLY G 18 50.88 36.19 -2.96
CA GLY G 18 51.45 35.21 -3.85
C GLY G 18 52.40 34.23 -3.21
N GLU G 19 52.39 34.10 -1.89
CA GLU G 19 53.28 33.24 -1.14
C GLU G 19 52.47 32.37 -0.21
N PRO G 20 53.03 31.25 0.25
CA PRO G 20 52.30 30.38 1.18
C PRO G 20 52.27 30.96 2.60
N ALA G 21 51.43 30.34 3.43
CA ALA G 21 51.28 30.74 4.82
C ALA G 21 50.67 29.58 5.59
N SER G 22 50.80 29.65 6.92
CA SER G 22 50.30 28.58 7.78
C SER G 22 49.88 29.17 9.12
N ILE G 23 48.78 28.64 9.66
CA ILE G 23 48.28 29.03 10.98
C ILE G 23 47.97 27.74 11.75
N SER G 24 48.64 27.55 12.88
CA SER G 24 48.47 26.36 13.70
C SER G 24 47.54 26.67 14.87
N CYS G 25 46.53 25.83 15.04
CA CYS G 25 45.59 25.94 16.15
C CYS G 25 45.76 24.70 17.03
N ARG G 26 46.03 24.92 18.32
CA ARG G 26 46.33 23.85 19.26
C ARG G 26 45.32 23.88 20.40
N SER G 27 44.75 22.72 20.72
CA SER G 27 43.76 22.58 21.78
C SER G 27 44.40 22.02 23.04
N SER G 28 43.61 21.99 24.12
CA SER G 28 44.05 21.42 25.38
C SER G 28 43.44 20.05 25.67
N GLN G 29 42.47 19.62 24.86
CA GLN G 29 41.91 18.27 24.97
C GLN G 29 41.78 17.68 23.58
N SER G 30 41.62 16.37 23.53
CA SER G 30 41.49 15.66 22.26
C SER G 30 40.16 16.03 21.60
N LEU G 31 40.23 16.66 20.42
CA LEU G 31 39.05 17.02 19.67
C LEU G 31 38.66 15.95 18.65
N LEU G 32 38.89 14.68 18.95
CA LEU G 32 38.62 13.57 18.04
C LEU G 32 37.55 12.68 18.67
N HIS G 33 36.35 12.71 18.12
CA HIS G 33 35.30 11.80 18.54
C HIS G 33 35.64 10.38 18.09
N SER G 34 35.03 9.39 18.76
CA SER G 34 35.17 8.01 18.35
C SER G 34 34.75 7.80 16.90
N ASN G 35 33.98 8.73 16.33
CA ASN G 35 33.60 8.68 14.92
C ASN G 35 34.80 8.80 13.98
N GLY G 36 35.98 9.15 14.51
CA GLY G 36 37.09 9.52 13.68
C GLY G 36 37.03 10.93 13.16
N TYR G 37 35.96 11.67 13.45
CA TYR G 37 35.80 13.04 13.00
C TYR G 37 36.38 14.00 14.03
N ASN G 38 37.23 14.91 13.57
CA ASN G 38 37.82 15.94 14.42
C ASN G 38 36.91 17.16 14.37
N TYR G 39 36.23 17.44 15.48
CA TYR G 39 35.23 18.51 15.54
C TYR G 39 35.92 19.85 15.78
N LEU G 40 36.67 20.28 14.76
CA LEU G 40 37.31 21.58 14.73
C LEU G 40 36.92 22.30 13.45
N ASP G 41 36.59 23.58 13.56
CA ASP G 41 36.21 24.40 12.42
C ASP G 41 37.11 25.62 12.34
N TRP G 42 37.32 26.10 11.11
CA TRP G 42 38.13 27.27 10.84
C TRP G 42 37.23 28.39 10.30
N TYR G 43 37.25 29.54 10.98
CA TYR G 43 36.46 30.69 10.57
C TYR G 43 37.39 31.82 10.13
N LEU G 44 36.91 32.61 9.17
CA LEU G 44 37.63 33.79 8.70
C LEU G 44 36.69 34.98 8.77
N GLN G 45 37.03 35.95 9.61
CA GLN G 45 36.26 37.19 9.74
C GLN G 45 36.93 38.24 8.87
N LYS G 46 36.44 38.38 7.64
CA LYS G 46 36.96 39.39 6.73
C LYS G 46 36.74 40.79 7.32
N PRO G 47 37.57 41.77 6.92
CA PRO G 47 37.46 43.12 7.50
C PRO G 47 36.07 43.71 7.39
N GLY G 48 35.45 43.99 8.54
CA GLY G 48 34.11 44.57 8.55
C GLY G 48 33.02 43.64 8.08
N GLN G 49 33.19 42.34 8.28
CA GLN G 49 32.22 41.35 7.83
C GLN G 49 31.92 40.37 8.96
N SER G 50 30.80 39.67 8.83
CA SER G 50 30.44 38.66 9.80
C SER G 50 31.38 37.45 9.70
N PRO G 51 31.61 36.75 10.81
CA PRO G 51 32.47 35.55 10.75
C PRO G 51 31.90 34.51 9.79
N GLN G 52 32.71 34.15 8.80
CA GLN G 52 32.34 33.17 7.79
C GLN G 52 33.18 31.91 7.97
N LEU G 53 32.65 30.79 7.50
CA LEU G 53 33.28 29.49 7.66
C LEU G 53 34.21 29.18 6.48
N LEU G 54 35.35 28.57 6.78
CA LEU G 54 36.31 28.14 5.76
C LEU G 54 36.52 26.64 5.78
N ILE G 55 36.89 26.07 6.91
CA ILE G 55 37.14 24.63 7.03
C ILE G 55 36.28 24.10 8.18
N TYR G 56 35.69 22.93 7.96
CA TYR G 56 34.91 22.25 8.99
C TYR G 56 35.40 20.81 9.12
N LEU G 57 35.30 20.29 10.35
CA LEU G 57 35.70 18.92 10.65
C LEU G 57 37.18 18.68 10.35
N GLY G 58 38.01 19.66 10.69
CA GLY G 58 39.46 19.51 10.57
C GLY G 58 40.09 19.67 9.21
N SER G 59 39.56 18.99 8.20
CA SER G 59 40.16 19.02 6.87
C SER G 59 39.17 19.19 5.73
N ASN G 60 37.87 19.02 5.96
CA ASN G 60 36.88 19.12 4.88
C ASN G 60 36.64 20.59 4.55
N ARG G 61 36.91 20.96 3.30
CA ARG G 61 36.73 22.34 2.86
C ARG G 61 35.25 22.67 2.77
N ALA G 62 34.89 23.88 3.18
CA ALA G 62 33.50 24.31 3.18
C ALA G 62 33.07 24.71 1.77
N SER G 63 31.81 25.11 1.65
CA SER G 63 31.23 25.43 0.35
C SER G 63 31.83 26.73 -0.20
N GLY G 64 32.10 26.73 -1.50
CA GLY G 64 32.62 27.90 -2.18
C GLY G 64 34.04 28.30 -1.81
N VAL G 65 34.61 27.72 -0.76
CA VAL G 65 35.98 28.09 -0.35
C VAL G 65 36.94 27.69 -1.45
N PRO G 66 37.82 28.58 -1.91
CA PRO G 66 38.72 28.25 -3.01
C PRO G 66 39.65 27.10 -2.65
N ASP G 67 40.17 26.44 -3.69
CA ASP G 67 41.09 25.33 -3.51
C ASP G 67 42.40 25.75 -2.84
N ARG G 68 42.68 27.06 -2.77
CA ARG G 68 43.90 27.53 -2.13
C ARG G 68 43.96 27.20 -0.65
N PHE G 69 42.81 27.03 0.00
CA PHE G 69 42.75 26.74 1.42
C PHE G 69 42.82 25.23 1.66
N SER G 70 43.31 24.87 2.85
CA SER G 70 43.45 23.46 3.22
C SER G 70 43.63 23.37 4.73
N GLY G 71 43.07 22.31 5.31
CA GLY G 71 43.19 22.07 6.73
C GLY G 71 43.75 20.68 7.00
N SER G 72 44.45 20.56 8.12
CA SER G 72 45.09 19.31 8.50
C SER G 72 45.18 19.24 10.02
N GLY G 73 45.75 18.15 10.51
CA GLY G 73 45.94 17.94 11.93
C GLY G 73 44.92 16.99 12.51
N SER G 74 45.20 16.55 13.74
CA SER G 74 44.31 15.65 14.45
C SER G 74 44.62 15.71 15.94
N GLY G 75 43.62 15.37 16.75
CA GLY G 75 43.78 15.34 18.19
C GLY G 75 43.83 16.71 18.82
N THR G 76 45.04 17.22 19.07
CA THR G 76 45.22 18.50 19.73
C THR G 76 46.05 19.50 18.93
N ASP G 77 46.61 19.09 17.79
CA ASP G 77 47.42 19.97 16.96
C ASP G 77 46.87 19.96 15.54
N PHE G 78 46.49 21.14 15.04
CA PHE G 78 45.93 21.29 13.71
C PHE G 78 46.66 22.42 12.99
N THR G 79 46.40 22.53 11.69
CA THR G 79 47.09 23.51 10.87
C THR G 79 46.20 23.93 9.69
N LEU G 80 46.10 25.24 9.48
CA LEU G 80 45.45 25.80 8.30
C LEU G 80 46.52 26.32 7.35
N LYS G 81 46.35 26.05 6.06
CA LYS G 81 47.35 26.39 5.06
C LYS G 81 46.69 27.07 3.86
N ILE G 82 47.38 28.05 3.30
CA ILE G 82 46.96 28.72 2.07
C ILE G 82 48.13 28.71 1.10
N SER G 83 47.88 28.24 -0.13
CA SER G 83 48.95 28.09 -1.11
C SER G 83 49.42 29.44 -1.63
N ARG G 84 48.55 30.16 -2.33
CA ARG G 84 48.87 31.47 -2.90
C ARG G 84 47.91 32.49 -2.28
N VAL G 85 48.37 33.16 -1.23
CA VAL G 85 47.54 34.17 -0.58
C VAL G 85 47.31 35.34 -1.53
N GLU G 86 46.12 35.92 -1.47
CA GLU G 86 45.76 37.07 -2.28
C GLU G 86 45.13 38.12 -1.38
N ALA G 87 44.89 39.30 -1.96
CA ALA G 87 44.35 40.41 -1.18
C ALA G 87 42.97 40.09 -0.62
N GLU G 88 42.22 39.21 -1.28
CA GLU G 88 40.90 38.82 -0.81
C GLU G 88 40.94 37.89 0.39
N ASP G 89 42.13 37.53 0.88
CA ASP G 89 42.28 36.59 1.99
C ASP G 89 42.67 37.28 3.29
N VAL G 90 42.67 38.61 3.33
CA VAL G 90 43.04 39.33 4.55
C VAL G 90 41.91 39.24 5.56
N GLY G 91 42.27 39.26 6.83
CA GLY G 91 41.30 39.18 7.91
C GLY G 91 41.90 38.48 9.11
N VAL G 92 41.01 37.98 9.97
CA VAL G 92 41.39 37.27 11.18
C VAL G 92 40.80 35.87 11.13
N TYR G 93 41.61 34.87 11.43
CA TYR G 93 41.20 33.47 11.37
C TYR G 93 41.06 32.93 12.79
N TYR G 94 39.87 32.43 13.12
CA TYR G 94 39.61 31.79 14.40
C TYR G 94 39.34 30.30 14.20
N CYS G 95 39.68 29.50 15.20
CA CYS G 95 39.34 28.09 15.23
C CYS G 95 38.37 27.81 16.37
N LYS G 96 37.63 26.71 16.24
CA LYS G 96 36.48 26.46 17.10
C LYS G 96 36.69 25.21 17.98
N GLN G 97 35.60 24.65 18.49
CA GLN G 97 35.61 23.45 19.32
C GLN G 97 34.27 22.75 19.27
N ALA G 98 33.95 22.09 18.16
CA ALA G 98 32.63 21.51 17.99
C ALA G 98 32.42 20.26 18.84
N LEU G 99 33.46 19.74 19.49
CA LEU G 99 33.29 18.55 20.33
C LEU G 99 32.37 18.84 21.51
N GLN G 100 32.72 19.83 22.32
CA GLN G 100 31.84 20.31 23.39
C GLN G 100 30.97 21.43 22.84
N THR G 101 29.66 21.35 23.11
CA THR G 101 28.76 22.41 22.71
C THR G 101 29.10 23.74 23.38
N LEU G 102 29.87 23.70 24.48
CA LEU G 102 30.44 24.90 25.05
C LEU G 102 31.60 25.37 24.17
N TYR G 103 31.30 25.80 22.95
CA TYR G 103 32.33 26.15 21.98
C TYR G 103 33.18 27.30 22.50
N THR G 104 34.50 27.09 22.53
CA THR G 104 35.45 28.13 22.90
C THR G 104 36.38 28.35 21.72
N PHE G 105 36.37 29.57 21.18
CA PHE G 105 37.15 29.89 19.99
C PHE G 105 38.61 30.16 20.37
N GLY G 106 39.39 30.57 19.37
CA GLY G 106 40.78 30.94 19.58
C GLY G 106 40.97 32.45 19.60
N GLN G 107 42.22 32.84 19.87
CA GLN G 107 42.54 34.26 19.94
C GLN G 107 42.46 34.93 18.58
N GLY G 108 42.62 34.17 17.50
CA GLY G 108 42.56 34.72 16.17
C GLY G 108 43.91 35.18 15.65
N THR G 109 44.16 34.97 14.36
CA THR G 109 45.41 35.34 13.71
C THR G 109 45.12 36.36 12.62
N LYS G 110 45.72 37.56 12.76
CA LYS G 110 45.53 38.62 11.79
C LYS G 110 46.49 38.44 10.62
N LEU G 111 45.99 38.63 9.41
CA LEU G 111 46.75 38.42 8.18
C LEU G 111 46.97 39.78 7.50
N GLU G 112 48.20 40.26 7.54
CA GLU G 112 48.57 41.54 6.93
C GLU G 112 49.40 41.32 5.68
N ILE G 113 49.38 42.32 4.81
CA ILE G 113 50.22 42.31 3.61
C ILE G 113 51.64 42.71 3.99
N LYS G 114 52.62 42.15 3.29
CA LYS G 114 54.02 42.52 3.48
C LYS G 114 54.37 43.68 2.57
N ARG G 115 54.94 44.73 3.15
CA ARG G 115 55.29 45.95 2.44
C ARG G 115 56.71 46.33 2.80
N THR G 116 57.43 46.89 1.81
CA THR G 116 58.77 47.41 2.08
C THR G 116 58.71 48.44 3.21
N VAL G 117 59.63 48.30 4.16
CA VAL G 117 59.63 49.13 5.37
C VAL G 117 59.53 50.61 5.01
N ALA G 118 58.41 51.23 5.36
CA ALA G 118 58.12 52.61 5.01
C ALA G 118 58.27 53.49 6.24
N ALA G 119 58.85 54.67 6.04
CA ALA G 119 59.01 55.63 7.13
C ALA G 119 57.82 56.58 7.16
N PRO G 120 57.25 56.85 8.34
CA PRO G 120 56.08 57.73 8.39
C PRO G 120 56.45 59.19 8.17
N SER G 121 55.55 59.90 7.49
CA SER G 121 55.67 61.35 7.33
C SER G 121 55.04 62.01 8.54
N VAL G 122 55.88 62.63 9.38
CA VAL G 122 55.44 63.16 10.67
C VAL G 122 55.01 64.61 10.49
N PHE G 123 53.77 64.91 10.89
CA PHE G 123 53.24 66.26 10.90
C PHE G 123 52.74 66.60 12.29
N ILE G 124 52.61 67.89 12.57
CA ILE G 124 52.12 68.37 13.85
C ILE G 124 51.19 69.55 13.60
N PHE G 125 50.16 69.65 14.44
CA PHE G 125 49.13 70.68 14.28
C PHE G 125 48.90 71.39 15.61
N PRO G 126 49.22 72.68 15.71
CA PRO G 126 48.92 73.42 16.93
C PRO G 126 47.42 73.57 17.10
N PRO G 127 46.93 73.68 18.34
CA PRO G 127 45.49 73.84 18.55
C PRO G 127 45.00 75.15 17.94
N SER G 128 43.88 75.06 17.21
CA SER G 128 43.28 76.25 16.62
C SER G 128 42.69 77.14 17.70
N ASP G 129 42.65 78.44 17.42
CA ASP G 129 42.08 79.39 18.37
C ASP G 129 40.61 79.12 18.65
N GLU G 130 39.93 78.43 17.72
CA GLU G 130 38.53 78.09 17.94
C GLU G 130 38.37 77.12 19.11
N GLN G 131 39.23 76.09 19.17
CA GLN G 131 39.16 75.16 20.29
C GLN G 131 39.73 75.77 21.56
N LEU G 132 40.76 76.61 21.43
CA LEU G 132 41.28 77.33 22.58
C LEU G 132 40.22 78.24 23.19
N LYS G 133 39.30 78.75 22.37
CA LYS G 133 38.20 79.54 22.88
C LYS G 133 37.26 78.70 23.75
N SER G 134 37.19 77.40 23.48
CA SER G 134 36.35 76.48 24.25
C SER G 134 37.05 75.97 25.51
N GLY G 135 38.19 76.56 25.89
CA GLY G 135 38.86 76.14 27.11
C GLY G 135 39.57 74.81 27.04
N THR G 136 39.95 74.37 25.84
CA THR G 136 40.64 73.10 25.68
C THR G 136 41.62 73.20 24.53
N ALA G 137 42.80 72.60 24.70
CA ALA G 137 43.85 72.61 23.68
C ALA G 137 44.16 71.18 23.28
N SER G 138 44.02 70.87 21.99
CA SER G 138 44.30 69.56 21.45
C SER G 138 45.40 69.67 20.41
N VAL G 139 46.53 69.01 20.67
CA VAL G 139 47.66 68.98 19.76
C VAL G 139 47.68 67.63 19.09
N VAL G 140 47.59 67.61 17.76
CA VAL G 140 47.47 66.39 16.97
C VAL G 140 48.81 66.11 16.30
N CYS G 141 49.27 64.87 16.39
CA CYS G 141 50.47 64.41 15.72
C CYS G 141 50.07 63.38 14.65
N LEU G 142 50.63 63.53 13.45
CA LEU G 142 50.22 62.73 12.30
C LEU G 142 51.37 61.87 11.83
N LEU G 143 51.12 60.55 11.75
CA LEU G 143 52.02 59.59 11.12
C LEU G 143 51.33 59.05 9.89
N ASN G 144 51.92 59.24 8.72
CA ASN G 144 51.28 58.97 7.45
C ASN G 144 52.06 57.93 6.66
N ASN G 145 51.36 56.88 6.22
CA ASN G 145 51.91 55.88 5.31
C ASN G 145 53.20 55.26 5.81
N PHE G 146 53.09 54.29 6.71
CA PHE G 146 54.27 53.62 7.26
C PHE G 146 53.99 52.13 7.39
N TYR G 147 55.07 51.36 7.48
CA TYR G 147 55.01 49.92 7.69
C TYR G 147 56.28 49.46 8.40
N PRO G 148 56.19 48.60 9.41
CA PRO G 148 54.96 47.95 9.90
C PRO G 148 54.11 48.82 10.82
N ARG G 149 53.19 48.17 11.53
CA ARG G 149 52.23 48.89 12.37
C ARG G 149 52.88 49.42 13.64
N GLU G 150 53.87 48.71 14.19
CA GLU G 150 54.46 49.10 15.46
C GLU G 150 55.14 50.45 15.36
N ALA G 151 54.68 51.40 16.16
CA ALA G 151 55.23 52.76 16.15
C ALA G 151 55.11 53.36 17.54
N LYS G 152 56.13 54.13 17.92
CA LYS G 152 56.17 54.80 19.21
C LYS G 152 56.05 56.31 19.00
N VAL G 153 55.11 56.94 19.70
CA VAL G 153 54.89 58.38 19.62
C VAL G 153 55.03 58.95 21.03
N GLN G 154 56.04 59.79 21.22
CA GLN G 154 56.34 60.39 22.52
C GLN G 154 56.11 61.89 22.45
N TRP G 155 55.22 62.39 23.29
CA TRP G 155 54.98 63.82 23.38
C TRP G 155 55.97 64.48 24.31
N LYS G 156 56.34 65.72 23.99
CA LYS G 156 57.24 66.51 24.82
C LYS G 156 56.70 67.93 24.92
N VAL G 157 56.40 68.37 26.14
CA VAL G 157 55.99 69.75 26.42
C VAL G 157 57.13 70.40 27.20
N ASP G 158 57.72 71.43 26.59
CA ASP G 158 58.91 72.09 27.14
C ASP G 158 60.04 71.08 27.36
N ASN G 159 60.21 70.17 26.41
CA ASN G 159 61.18 69.08 26.43
C ASN G 159 60.98 68.13 27.60
N ALA G 160 59.83 68.21 28.28
CA ALA G 160 59.48 67.29 29.35
C ALA G 160 58.52 66.24 28.82
N LEU G 161 58.81 64.98 29.11
CA LEU G 161 58.02 63.89 28.57
C LEU G 161 56.64 63.84 29.23
N GLN G 162 55.61 63.66 28.41
CA GLN G 162 54.24 63.60 28.87
C GLN G 162 53.77 62.15 28.94
N SER G 163 52.71 61.94 29.72
CA SER G 163 52.15 60.60 29.90
C SER G 163 50.73 60.72 30.46
N GLY G 164 49.83 59.91 29.91
CA GLY G 164 48.47 59.84 30.40
C GLY G 164 47.51 60.87 29.84
N ASN G 165 47.99 61.82 29.03
CA ASN G 165 47.15 62.88 28.48
C ASN G 165 47.08 62.82 26.96
N SER G 166 47.40 61.68 26.35
CA SER G 166 47.37 61.53 24.91
C SER G 166 46.70 60.22 24.55
N GLN G 167 45.92 60.24 23.47
CA GLN G 167 45.22 59.05 22.98
C GLN G 167 45.47 58.94 21.49
N GLU G 168 45.94 57.78 21.05
CA GLU G 168 46.30 57.56 19.65
C GLU G 168 45.36 56.55 19.00
N SER G 169 45.16 56.72 17.70
CA SER G 169 44.36 55.80 16.90
C SER G 169 45.09 55.53 15.59
N VAL G 170 44.90 54.33 15.05
CA VAL G 170 45.58 53.89 13.84
C VAL G 170 44.54 53.43 12.83
N THR G 171 44.80 53.72 11.56
CA THR G 171 43.91 53.30 10.49
C THR G 171 44.15 51.84 10.12
N GLU G 172 43.21 51.28 9.37
CA GLU G 172 43.40 49.94 8.83
C GLU G 172 44.41 49.97 7.70
N GLN G 173 44.91 48.79 7.35
CA GLN G 173 45.85 48.67 6.24
C GLN G 173 45.21 49.16 4.96
N ASP G 174 45.89 50.07 4.26
CA ASP G 174 45.35 50.62 3.03
C ASP G 174 45.24 49.54 1.97
N SER G 175 44.17 49.62 1.17
CA SER G 175 43.88 48.60 0.17
C SER G 175 44.77 48.70 -1.06
N LYS G 176 45.62 49.72 -1.17
CA LYS G 176 46.44 49.92 -2.35
C LYS G 176 47.94 49.80 -2.06
N ASP G 177 48.46 50.55 -1.09
CA ASP G 177 49.87 50.51 -0.76
C ASP G 177 50.17 49.71 0.51
N SER G 178 49.13 49.16 1.16
CA SER G 178 49.30 48.32 2.35
C SER G 178 50.05 49.04 3.46
N THR G 179 49.78 50.34 3.61
CA THR G 179 50.42 51.17 4.62
C THR G 179 49.42 51.48 5.74
N TYR G 180 49.95 52.01 6.84
CA TYR G 180 49.16 52.40 7.99
C TYR G 180 49.30 53.90 8.22
N SER G 181 48.35 54.45 8.99
CA SER G 181 48.37 55.85 9.39
C SER G 181 47.94 55.96 10.84
N LEU G 182 48.66 56.76 11.61
CA LEU G 182 48.41 56.89 13.03
C LEU G 182 48.32 58.36 13.41
N SER G 183 47.37 58.68 14.29
CA SER G 183 47.17 60.05 14.77
C SER G 183 47.16 60.04 16.29
N SER G 184 48.03 60.86 16.88
CA SER G 184 48.11 61.00 18.33
C SER G 184 47.69 62.41 18.70
N THR G 185 46.62 62.54 19.47
CA THR G 185 46.11 63.83 19.90
C THR G 185 46.45 64.05 21.37
N LEU G 186 47.02 65.22 21.67
CA LEU G 186 47.40 65.59 23.02
C LEU G 186 46.39 66.61 23.55
N THR G 187 45.56 66.18 24.50
CA THR G 187 44.50 67.01 25.04
C THR G 187 44.98 67.69 26.32
N LEU G 188 45.03 69.03 26.29
CA LEU G 188 45.40 69.84 27.43
C LEU G 188 44.29 70.82 27.75
N SER G 189 44.24 71.23 29.02
CA SER G 189 43.35 72.32 29.39
C SER G 189 43.92 73.65 28.88
N LYS G 190 43.04 74.64 28.74
CA LYS G 190 43.48 75.94 28.25
C LYS G 190 44.48 76.59 29.19
N ALA G 191 44.39 76.28 30.49
CA ALA G 191 45.33 76.84 31.45
C ALA G 191 46.73 76.24 31.26
N ASP G 192 46.81 74.91 31.19
CA ASP G 192 48.11 74.26 31.08
C ASP G 192 48.76 74.46 29.72
N TYR G 193 47.97 74.74 28.68
CA TYR G 193 48.55 74.96 27.35
C TYR G 193 49.35 76.26 27.33
N GLU G 194 48.77 77.35 27.84
CA GLU G 194 49.47 78.63 27.87
C GLU G 194 50.54 78.68 28.95
N LYS G 195 50.60 77.69 29.85
CA LYS G 195 51.66 77.65 30.85
C LYS G 195 53.01 77.28 30.24
N HIS G 196 53.03 76.70 29.04
CA HIS G 196 54.25 76.23 28.41
C HIS G 196 54.36 76.81 27.01
N LYS G 197 55.46 76.49 26.34
CA LYS G 197 55.76 77.10 25.05
C LYS G 197 56.15 76.10 23.97
N VAL G 198 57.00 75.12 24.29
CA VAL G 198 57.52 74.17 23.31
C VAL G 198 56.69 72.90 23.37
N TYR G 199 56.19 72.46 22.21
CA TYR G 199 55.44 71.23 22.08
C TYR G 199 56.04 70.39 20.97
N ALA G 200 56.55 69.22 21.30
CA ALA G 200 57.25 68.37 20.37
C ALA G 200 56.55 67.01 20.25
N CYS G 201 56.92 66.28 19.21
CA CYS G 201 56.36 64.94 18.94
C CYS G 201 57.49 64.07 18.40
N GLU G 202 58.06 63.23 19.26
CA GLU G 202 59.15 62.35 18.88
C GLU G 202 58.59 61.01 18.41
N VAL G 203 58.97 60.59 17.20
CA VAL G 203 58.46 59.38 16.57
C VAL G 203 59.63 58.42 16.35
N THR G 204 59.47 57.18 16.80
CA THR G 204 60.44 56.13 16.60
C THR G 204 59.78 54.99 15.83
N HIS G 205 60.42 54.54 14.77
CA HIS G 205 59.85 53.51 13.90
C HIS G 205 60.97 52.70 13.27
N GLN G 206 60.61 51.53 12.74
CA GLN G 206 61.58 50.68 12.07
C GLN G 206 62.16 51.36 10.83
N GLY G 207 61.40 52.25 10.21
CA GLY G 207 61.83 52.99 9.05
C GLY G 207 62.61 54.26 9.34
N LEU G 208 63.04 54.47 10.57
CA LEU G 208 63.81 55.65 10.94
C LEU G 208 65.07 55.20 11.68
N SER G 209 66.23 55.50 11.10
CA SER G 209 67.49 55.17 11.77
C SER G 209 67.63 55.93 13.08
N SER G 210 67.09 57.14 13.15
CA SER G 210 67.04 57.94 14.37
C SER G 210 65.64 58.53 14.51
N PRO G 211 65.17 58.72 15.74
CA PRO G 211 63.82 59.27 15.94
C PRO G 211 63.67 60.64 15.31
N VAL G 212 62.44 60.92 14.85
CA VAL G 212 62.11 62.17 14.18
C VAL G 212 61.19 62.97 15.08
N THR G 213 61.45 64.27 15.17
CA THR G 213 60.69 65.17 16.04
C THR G 213 60.22 66.38 15.26
N LYS G 214 58.93 66.70 15.37
CA LYS G 214 58.35 67.90 14.81
C LYS G 214 57.83 68.77 15.94
N SER G 215 58.17 70.06 15.92
CA SER G 215 57.89 70.95 17.03
C SER G 215 57.28 72.26 16.53
N PHE G 216 56.73 73.01 17.48
CA PHE G 216 56.23 74.35 17.24
C PHE G 216 56.29 75.12 18.56
N ASN G 217 56.28 76.45 18.46
CA ASN G 217 56.47 77.31 19.62
C ASN G 217 55.40 78.41 19.62
N ARG G 218 54.41 78.27 20.50
CA ARG G 218 53.40 79.30 20.70
C ARG G 218 52.88 79.29 22.13
N ASP H 3 -10.93 47.80 -19.48
CA ASP H 3 -12.24 47.27 -19.14
C ASP H 3 -13.03 46.90 -20.38
N ILE H 4 -13.87 45.88 -20.27
CA ILE H 4 -14.76 45.46 -21.35
C ILE H 4 -16.15 46.01 -21.05
N VAL H 5 -16.83 46.49 -22.10
CA VAL H 5 -18.11 47.18 -21.96
C VAL H 5 -19.22 46.27 -22.43
N MET H 6 -20.31 46.21 -21.65
CA MET H 6 -21.49 45.41 -21.97
C MET H 6 -22.63 46.35 -22.35
N THR H 7 -23.20 46.13 -23.54
CA THR H 7 -24.29 46.94 -24.07
C THR H 7 -25.52 46.06 -24.18
N GLN H 8 -26.39 46.13 -23.17
CA GLN H 8 -27.63 45.38 -23.19
C GLN H 8 -28.69 46.13 -24.00
N SER H 9 -29.53 45.37 -24.70
CA SER H 9 -30.58 45.94 -25.52
C SER H 9 -31.77 44.98 -25.55
N PRO H 10 -32.99 45.47 -25.33
CA PRO H 10 -33.26 46.89 -25.05
C PRO H 10 -33.07 47.24 -23.57
N SER H 11 -33.38 48.48 -23.22
CA SER H 11 -33.32 48.88 -21.81
C SER H 11 -34.59 48.48 -21.06
N SER H 12 -35.75 48.66 -21.69
CA SER H 12 -37.02 48.23 -21.14
C SER H 12 -37.68 47.28 -22.12
N LEU H 13 -38.17 46.14 -21.63
CA LEU H 13 -38.75 45.09 -22.47
C LEU H 13 -40.11 44.69 -21.93
N PRO H 14 -41.17 45.37 -22.33
CA PRO H 14 -42.53 44.90 -22.01
C PRO H 14 -42.87 43.66 -22.85
N VAL H 15 -43.41 42.65 -22.18
CA VAL H 15 -43.77 41.39 -22.84
C VAL H 15 -45.10 40.91 -22.30
N THR H 16 -45.98 40.47 -23.20
CA THR H 16 -47.23 39.86 -22.77
C THR H 16 -46.95 38.47 -22.19
N PRO H 17 -47.57 38.12 -21.07
CA PRO H 17 -47.40 36.76 -20.53
C PRO H 17 -47.84 35.71 -21.53
N GLY H 18 -47.15 34.57 -21.51
CA GLY H 18 -47.39 33.51 -22.47
C GLY H 18 -46.78 33.74 -23.83
N GLU H 19 -45.89 34.71 -23.96
CA GLU H 19 -45.24 35.05 -25.22
C GLU H 19 -43.73 35.03 -25.04
N PRO H 20 -42.98 34.79 -26.10
CA PRO H 20 -41.51 34.75 -26.00
C PRO H 20 -40.92 36.15 -25.87
N ALA H 21 -39.63 36.19 -25.57
CA ALA H 21 -38.90 37.43 -25.43
C ALA H 21 -37.43 37.18 -25.77
N SER H 22 -36.67 38.27 -25.88
CA SER H 22 -35.26 38.18 -26.24
C SER H 22 -34.53 39.40 -25.71
N ILE H 23 -33.40 39.15 -25.03
CA ILE H 23 -32.52 40.19 -24.53
C ILE H 23 -31.12 39.92 -25.08
N SER H 24 -30.58 40.89 -25.79
CA SER H 24 -29.26 40.76 -26.40
C SER H 24 -28.22 41.49 -25.57
N CYS H 25 -27.13 40.79 -25.23
CA CYS H 25 -26.02 41.37 -24.47
C CYS H 25 -24.78 41.33 -25.36
N ARG H 26 -24.29 42.51 -25.73
CA ARG H 26 -23.17 42.65 -26.64
C ARG H 26 -21.96 43.21 -25.90
N SER H 27 -20.81 42.56 -26.07
CA SER H 27 -19.57 42.96 -25.43
C SER H 27 -18.69 43.72 -26.40
N SER H 28 -17.59 44.26 -25.86
CA SER H 28 -16.62 45.00 -26.66
C SER H 28 -15.36 44.19 -26.96
N GLN H 29 -15.16 43.06 -26.28
CA GLN H 29 -14.05 42.16 -26.55
C GLN H 29 -14.57 40.74 -26.65
N SER H 30 -13.75 39.88 -27.25
CA SER H 30 -14.10 38.47 -27.39
C SER H 30 -14.15 37.79 -26.02
N LEU H 31 -15.32 37.29 -25.64
CA LEU H 31 -15.49 36.57 -24.38
C LEU H 31 -15.51 35.06 -24.60
N LEU H 32 -14.51 34.55 -25.32
CA LEU H 32 -14.42 33.12 -25.62
C LEU H 32 -12.98 32.68 -25.45
N HIS H 33 -12.66 32.11 -24.29
CA HIS H 33 -11.36 31.50 -24.07
C HIS H 33 -11.14 30.39 -25.10
N SER H 34 -9.86 30.11 -25.39
CA SER H 34 -9.53 28.99 -26.25
C SER H 34 -10.09 27.66 -25.75
N ASN H 35 -10.57 27.62 -24.51
CA ASN H 35 -11.21 26.43 -23.96
C ASN H 35 -12.45 26.02 -24.76
N GLY H 36 -13.03 26.95 -25.52
CA GLY H 36 -14.31 26.72 -26.15
C GLY H 36 -15.49 27.13 -25.31
N TYR H 37 -15.26 27.75 -24.14
CA TYR H 37 -16.32 28.18 -23.25
C TYR H 37 -16.43 29.71 -23.33
N ASN H 38 -17.63 30.19 -23.63
CA ASN H 38 -17.89 31.62 -23.61
C ASN H 38 -18.16 32.04 -22.17
N TYR H 39 -17.14 32.60 -21.52
CA TYR H 39 -17.25 32.94 -20.12
C TYR H 39 -18.16 34.15 -19.91
N LEU H 40 -19.46 33.94 -20.12
CA LEU H 40 -20.48 34.94 -19.88
C LEU H 40 -21.63 34.31 -19.11
N ASP H 41 -22.16 35.04 -18.13
CA ASP H 41 -23.26 34.56 -17.31
C ASP H 41 -24.43 35.53 -17.40
N TRP H 42 -25.62 35.01 -17.10
CA TRP H 42 -26.85 35.79 -17.08
C TRP H 42 -27.44 35.77 -15.69
N TYR H 43 -27.81 36.94 -15.18
CA TYR H 43 -28.39 37.08 -13.86
C TYR H 43 -29.77 37.73 -13.95
N LEU H 44 -30.66 37.30 -13.06
CA LEU H 44 -31.99 37.88 -12.93
C LEU H 44 -32.17 38.36 -11.50
N GLN H 45 -32.33 39.67 -11.33
CA GLN H 45 -32.62 40.28 -10.03
C GLN H 45 -34.13 40.47 -9.94
N LYS H 46 -34.80 39.53 -9.26
CA LYS H 46 -36.23 39.64 -9.07
C LYS H 46 -36.56 40.85 -8.20
N PRO H 47 -37.78 41.40 -8.31
CA PRO H 47 -38.13 42.60 -7.54
C PRO H 47 -37.90 42.45 -6.05
N GLY H 48 -36.98 43.24 -5.51
CA GLY H 48 -36.65 43.18 -4.09
C GLY H 48 -35.99 41.88 -3.69
N GLN H 49 -34.99 41.46 -4.46
CA GLN H 49 -34.31 40.19 -4.20
C GLN H 49 -32.84 40.34 -4.55
N SER H 50 -32.05 39.37 -4.11
CA SER H 50 -30.64 39.33 -4.45
C SER H 50 -30.46 38.79 -5.86
N PRO H 51 -29.40 39.19 -6.56
CA PRO H 51 -29.14 38.65 -7.89
C PRO H 51 -28.97 37.14 -7.86
N GLN H 52 -29.63 36.46 -8.79
CA GLN H 52 -29.56 35.01 -8.92
C GLN H 52 -29.13 34.64 -10.33
N LEU H 53 -28.54 33.46 -10.45
CA LEU H 53 -27.97 33.00 -11.72
C LEU H 53 -29.01 32.25 -12.53
N LEU H 54 -29.07 32.54 -13.83
CA LEU H 54 -29.98 31.87 -14.75
C LEU H 54 -29.24 31.08 -15.81
N ILE H 55 -28.37 31.74 -16.59
CA ILE H 55 -27.57 31.08 -17.62
C ILE H 55 -26.11 31.35 -17.31
N TYR H 56 -25.29 30.29 -17.33
CA TYR H 56 -23.87 30.40 -17.05
C TYR H 56 -23.08 29.79 -18.20
N LEU H 57 -21.88 30.32 -18.41
CA LEU H 57 -20.95 29.85 -19.45
C LEU H 57 -21.56 29.98 -20.84
N GLY H 58 -22.42 30.97 -21.05
CA GLY H 58 -22.96 31.23 -22.36
C GLY H 58 -24.34 30.64 -22.61
N SER H 59 -24.42 29.30 -22.57
CA SER H 59 -25.67 28.61 -22.86
C SER H 59 -26.09 27.60 -21.80
N ASN H 60 -25.20 27.18 -20.91
CA ASN H 60 -25.55 26.18 -19.91
C ASN H 60 -26.56 26.75 -18.91
N ARG H 61 -27.66 26.03 -18.74
CA ARG H 61 -28.72 26.45 -17.84
C ARG H 61 -28.32 26.18 -16.39
N ALA H 62 -28.57 27.16 -15.52
CA ALA H 62 -28.17 27.04 -14.13
C ALA H 62 -29.05 26.02 -13.40
N SER H 63 -28.71 25.77 -12.14
CA SER H 63 -29.39 24.75 -11.37
C SER H 63 -30.82 25.16 -11.06
N GLY H 64 -31.76 24.24 -11.26
CA GLY H 64 -33.16 24.45 -10.95
C GLY H 64 -33.90 25.41 -11.86
N VAL H 65 -33.24 25.97 -12.88
CA VAL H 65 -33.86 26.93 -13.78
C VAL H 65 -34.81 26.18 -14.71
N PRO H 66 -36.01 26.68 -14.96
CA PRO H 66 -36.91 26.01 -15.91
C PRO H 66 -36.33 25.96 -17.30
N ASP H 67 -36.70 24.93 -18.06
CA ASP H 67 -36.24 24.80 -19.44
C ASP H 67 -36.78 25.91 -20.35
N ARG H 68 -37.67 26.76 -19.84
CA ARG H 68 -38.18 27.88 -20.63
C ARG H 68 -37.10 28.92 -20.93
N PHE H 69 -36.03 28.94 -20.14
CA PHE H 69 -34.92 29.86 -20.38
C PHE H 69 -33.86 29.19 -21.25
N SER H 70 -33.14 30.02 -22.01
CA SER H 70 -32.14 29.50 -22.93
C SER H 70 -31.14 30.59 -23.26
N GLY H 71 -29.88 30.21 -23.43
CA GLY H 71 -28.83 31.13 -23.83
C GLY H 71 -28.15 30.70 -25.10
N SER H 72 -27.56 31.64 -25.82
CA SER H 72 -26.89 31.35 -27.09
C SER H 72 -25.92 32.48 -27.40
N GLY H 73 -25.22 32.35 -28.51
CA GLY H 73 -24.28 33.34 -28.96
C GLY H 73 -22.84 32.99 -28.59
N SER H 74 -21.92 33.73 -29.20
CA SER H 74 -20.50 33.54 -28.94
C SER H 74 -19.74 34.79 -29.39
N GLY H 75 -18.54 34.96 -28.83
CA GLY H 75 -17.70 36.08 -29.20
C GLY H 75 -18.08 37.38 -28.53
N THR H 76 -18.76 38.26 -29.27
CA THR H 76 -19.15 39.57 -28.77
C THR H 76 -20.65 39.82 -28.84
N ASP H 77 -21.43 38.82 -29.25
CA ASP H 77 -22.88 38.98 -29.35
C ASP H 77 -23.54 37.74 -28.75
N PHE H 78 -24.45 37.97 -27.80
CA PHE H 78 -25.14 36.89 -27.12
C PHE H 78 -26.62 37.24 -27.02
N THR H 79 -27.43 36.25 -26.67
CA THR H 79 -28.87 36.42 -26.61
C THR H 79 -29.47 35.52 -25.55
N LEU H 80 -30.32 36.10 -24.69
CA LEU H 80 -31.10 35.35 -23.72
C LEU H 80 -32.54 35.27 -24.21
N LYS H 81 -33.11 34.07 -24.18
CA LYS H 81 -34.45 33.84 -24.71
C LYS H 81 -35.30 33.11 -23.69
N ILE H 82 -36.55 33.55 -23.56
CA ILE H 82 -37.57 32.87 -22.76
C ILE H 82 -38.64 32.38 -23.72
N SER H 83 -38.96 31.08 -23.64
CA SER H 83 -39.95 30.50 -24.54
C SER H 83 -41.34 31.07 -24.26
N ARG H 84 -41.78 30.99 -23.01
CA ARG H 84 -43.10 31.50 -22.60
C ARG H 84 -42.91 32.23 -21.27
N VAL H 85 -42.89 33.55 -21.31
CA VAL H 85 -42.72 34.33 -20.09
C VAL H 85 -43.95 34.19 -19.21
N GLU H 86 -43.74 34.25 -17.91
CA GLU H 86 -44.81 34.18 -16.92
C GLU H 86 -44.62 35.29 -15.91
N ALA H 87 -45.52 35.33 -14.91
CA ALA H 87 -45.46 36.39 -13.91
C ALA H 87 -44.21 36.32 -13.05
N GLU H 88 -43.72 35.11 -12.77
CA GLU H 88 -42.53 34.94 -11.93
C GLU H 88 -41.24 35.36 -12.64
N ASP H 89 -41.31 35.79 -13.90
CA ASP H 89 -40.14 36.15 -14.67
C ASP H 89 -39.88 37.65 -14.70
N VAL H 90 -40.67 38.43 -13.95
CA VAL H 90 -40.47 39.88 -13.94
C VAL H 90 -39.23 40.23 -13.15
N GLY H 91 -38.59 41.34 -13.51
CA GLY H 91 -37.39 41.80 -12.87
C GLY H 91 -36.45 42.41 -13.88
N VAL H 92 -35.19 42.55 -13.48
CA VAL H 92 -34.15 43.12 -14.33
C VAL H 92 -33.09 42.06 -14.57
N TYR H 93 -32.68 41.91 -15.83
CA TYR H 93 -31.71 40.90 -16.25
C TYR H 93 -30.39 41.56 -16.57
N TYR H 94 -29.34 41.17 -15.86
CA TYR H 94 -27.98 41.64 -16.10
C TYR H 94 -27.13 40.52 -16.69
N CYS H 95 -26.14 40.90 -17.48
CA CYS H 95 -25.17 39.98 -18.03
C CYS H 95 -23.77 40.35 -17.52
N LYS H 96 -23.02 39.33 -17.11
CA LYS H 96 -21.74 39.48 -16.41
C LYS H 96 -20.59 39.45 -17.41
N GLN H 97 -19.37 39.11 -16.95
CA GLN H 97 -18.16 38.95 -17.77
C GLN H 97 -17.21 38.02 -17.01
N ALA H 98 -17.49 36.72 -17.10
CA ALA H 98 -16.61 35.76 -16.44
C ALA H 98 -15.24 35.69 -17.08
N LEU H 99 -15.01 36.36 -18.20
CA LEU H 99 -13.70 36.32 -18.84
C LEU H 99 -12.63 36.95 -17.96
N GLN H 100 -12.73 38.26 -17.75
CA GLN H 100 -11.80 38.96 -16.88
C GLN H 100 -12.39 39.03 -15.48
N THR H 101 -11.55 38.76 -14.48
CA THR H 101 -11.99 38.85 -13.10
C THR H 101 -12.38 40.26 -12.70
N LEU H 102 -11.98 41.26 -13.48
CA LEU H 102 -12.48 42.62 -13.34
C LEU H 102 -13.87 42.67 -13.96
N TYR H 103 -14.81 42.02 -13.28
CA TYR H 103 -16.15 41.83 -13.82
C TYR H 103 -16.86 43.17 -14.02
N THR H 104 -17.47 43.34 -15.18
CA THR H 104 -18.32 44.50 -15.46
C THR H 104 -19.67 43.98 -15.95
N PHE H 105 -20.72 44.28 -15.20
CA PHE H 105 -22.07 43.83 -15.54
C PHE H 105 -22.61 44.70 -16.68
N GLY H 106 -23.91 44.56 -16.95
CA GLY H 106 -24.59 45.37 -17.94
C GLY H 106 -25.54 46.37 -17.28
N GLN H 107 -26.16 47.18 -18.15
CA GLN H 107 -27.14 48.15 -17.66
C GLN H 107 -28.36 47.46 -17.08
N GLY H 108 -28.75 46.33 -17.63
CA GLY H 108 -29.93 45.63 -17.18
C GLY H 108 -31.15 45.92 -18.03
N THR H 109 -32.02 44.93 -18.15
CA THR H 109 -33.25 45.05 -18.93
C THR H 109 -34.41 44.62 -18.06
N LYS H 110 -35.38 45.53 -17.86
CA LYS H 110 -36.53 45.27 -17.02
C LYS H 110 -37.64 44.62 -17.84
N LEU H 111 -38.23 43.55 -17.30
CA LEU H 111 -39.31 42.83 -17.95
C LEU H 111 -40.63 43.26 -17.31
N GLU H 112 -41.48 43.93 -18.08
CA GLU H 112 -42.75 44.42 -17.60
C GLU H 112 -43.89 43.72 -18.36
N ILE H 113 -45.05 43.66 -17.72
CA ILE H 113 -46.23 43.07 -18.34
C ILE H 113 -46.86 44.08 -19.30
N LYS H 114 -47.26 43.60 -20.47
CA LYS H 114 -47.94 44.47 -21.42
C LYS H 114 -49.41 44.68 -21.02
N ARG H 115 -49.90 45.89 -21.31
CA ARG H 115 -51.29 46.23 -21.07
C ARG H 115 -51.70 47.30 -22.06
N THR H 116 -52.95 47.23 -22.50
CA THR H 116 -53.52 48.29 -23.33
C THR H 116 -53.30 49.65 -22.67
N VAL H 117 -52.87 50.62 -23.47
CA VAL H 117 -52.49 51.94 -22.99
C VAL H 117 -53.61 52.55 -22.15
N ALA H 118 -53.42 52.56 -20.83
CA ALA H 118 -54.42 53.06 -19.89
C ALA H 118 -54.14 54.54 -19.61
N ALA H 119 -55.09 55.39 -19.98
CA ALA H 119 -54.95 56.81 -19.67
C ALA H 119 -55.01 57.03 -18.17
N PRO H 120 -54.08 57.81 -17.60
CA PRO H 120 -54.07 57.99 -16.14
C PRO H 120 -55.24 58.82 -15.66
N SER H 121 -55.51 58.71 -14.36
CA SER H 121 -56.49 59.54 -13.68
C SER H 121 -55.74 60.56 -12.84
N VAL H 122 -55.82 61.83 -13.25
CA VAL H 122 -55.03 62.89 -12.65
C VAL H 122 -55.84 63.57 -11.55
N PHE H 123 -55.21 63.75 -10.39
CA PHE H 123 -55.80 64.50 -9.29
C PHE H 123 -54.75 65.43 -8.70
N ILE H 124 -55.22 66.51 -8.08
CA ILE H 124 -54.36 67.48 -7.42
C ILE H 124 -54.91 67.75 -6.02
N PHE H 125 -54.01 67.86 -5.06
CA PHE H 125 -54.40 68.02 -3.65
C PHE H 125 -53.80 69.30 -3.09
N PRO H 126 -54.60 70.23 -2.59
CA PRO H 126 -54.05 71.45 -2.01
C PRO H 126 -53.31 71.15 -0.72
N PRO H 127 -52.37 72.02 -0.32
CA PRO H 127 -51.68 71.81 0.95
C PRO H 127 -52.63 71.88 2.13
N SER H 128 -52.42 71.00 3.10
CA SER H 128 -53.27 70.96 4.27
C SER H 128 -53.08 72.21 5.12
N ASP H 129 -54.16 72.66 5.76
CA ASP H 129 -54.09 73.83 6.62
C ASP H 129 -53.16 73.60 7.81
N GLU H 130 -53.03 72.34 8.25
CA GLU H 130 -52.11 72.04 9.34
C GLU H 130 -50.66 72.23 8.90
N GLN H 131 -50.33 71.83 7.67
CA GLN H 131 -48.97 72.03 7.17
C GLN H 131 -48.71 73.51 6.86
N LEU H 132 -49.74 74.23 6.42
CA LEU H 132 -49.59 75.68 6.21
C LEU H 132 -49.29 76.39 7.52
N LYS H 133 -49.81 75.87 8.64
CA LYS H 133 -49.48 76.45 9.94
C LYS H 133 -48.03 76.20 10.31
N SER H 134 -47.44 75.12 9.80
CA SER H 134 -46.05 74.81 10.11
C SER H 134 -45.10 75.78 9.42
N GLY H 135 -45.39 76.14 8.17
CA GLY H 135 -44.54 77.06 7.43
C GLY H 135 -44.04 76.49 6.12
N THR H 136 -44.80 75.55 5.56
CA THR H 136 -44.42 74.90 4.31
C THR H 136 -45.70 74.49 3.59
N ALA H 137 -45.70 74.60 2.26
CA ALA H 137 -46.83 74.22 1.43
C ALA H 137 -46.42 73.10 0.49
N SER H 138 -47.15 71.99 0.52
CA SER H 138 -46.88 70.84 -0.33
C SER H 138 -48.11 70.56 -1.19
N VAL H 139 -47.95 70.66 -2.50
CA VAL H 139 -49.02 70.39 -3.46
C VAL H 139 -48.73 69.04 -4.10
N VAL H 140 -49.63 68.09 -3.90
CA VAL H 140 -49.45 66.72 -4.35
C VAL H 140 -50.29 66.50 -5.60
N CYS H 141 -49.66 66.01 -6.66
CA CYS H 141 -50.35 65.62 -7.88
C CYS H 141 -50.35 64.09 -7.98
N LEU H 142 -51.49 63.53 -8.36
CA LEU H 142 -51.69 62.08 -8.32
C LEU H 142 -52.02 61.56 -9.72
N LEU H 143 -51.17 60.67 -10.22
CA LEU H 143 -51.42 59.91 -11.44
C LEU H 143 -51.69 58.47 -11.05
N ASN H 144 -52.86 57.97 -11.41
CA ASN H 144 -53.34 56.68 -10.93
C ASN H 144 -53.60 55.72 -12.09
N ASN H 145 -53.04 54.51 -11.99
CA ASN H 145 -53.33 53.41 -12.89
C ASN H 145 -53.13 53.77 -14.36
N PHE H 146 -51.89 53.70 -14.83
CA PHE H 146 -51.59 54.03 -16.22
C PHE H 146 -50.51 53.10 -16.74
N TYR H 147 -50.38 53.07 -18.07
CA TYR H 147 -49.39 52.25 -18.75
C TYR H 147 -49.16 52.87 -20.11
N PRO H 148 -47.89 53.03 -20.54
CA PRO H 148 -46.68 52.56 -19.85
C PRO H 148 -46.19 53.44 -18.71
N ARG H 149 -44.95 53.20 -18.28
CA ARG H 149 -44.39 53.92 -17.14
C ARG H 149 -44.02 55.35 -17.51
N GLU H 150 -43.55 55.57 -18.74
CA GLU H 150 -43.09 56.90 -19.15
C GLU H 150 -44.23 57.91 -19.09
N ALA H 151 -44.05 58.95 -18.28
CA ALA H 151 -45.05 59.99 -18.12
C ALA H 151 -44.36 61.30 -17.78
N LYS H 152 -44.93 62.40 -18.28
CA LYS H 152 -44.40 63.73 -18.06
C LYS H 152 -45.36 64.52 -17.17
N VAL H 153 -44.83 65.11 -16.11
CA VAL H 153 -45.61 65.89 -15.16
C VAL H 153 -44.99 67.28 -15.06
N GLN H 154 -45.75 68.30 -15.45
CA GLN H 154 -45.30 69.68 -15.45
C GLN H 154 -46.14 70.50 -14.49
N TRP H 155 -45.47 71.20 -13.56
CA TRP H 155 -46.14 72.06 -12.61
C TRP H 155 -46.25 73.48 -13.17
N LYS H 156 -47.36 74.15 -12.86
CA LYS H 156 -47.58 75.53 -13.28
C LYS H 156 -48.14 76.32 -12.11
N VAL H 157 -47.42 77.36 -11.69
CA VAL H 157 -47.88 78.30 -10.68
C VAL H 157 -48.16 79.62 -11.39
N ASP H 158 -49.43 80.04 -11.40
CA ASP H 158 -49.87 81.20 -12.17
C ASP H 158 -49.51 81.05 -13.65
N ASN H 159 -49.72 79.85 -14.18
CA ASN H 159 -49.43 79.47 -15.55
C ASN H 159 -47.95 79.56 -15.90
N ALA H 160 -47.09 79.80 -14.91
CA ALA H 160 -45.65 79.85 -15.12
C ALA H 160 -45.03 78.51 -14.75
N LEU H 161 -44.11 78.04 -15.60
CA LEU H 161 -43.48 76.74 -15.37
C LEU H 161 -42.62 76.77 -14.11
N GLN H 162 -42.47 75.61 -13.49
CA GLN H 162 -41.69 75.47 -12.27
C GLN H 162 -40.65 74.38 -12.45
N SER H 163 -39.53 74.52 -11.76
CA SER H 163 -38.42 73.58 -11.87
C SER H 163 -37.64 73.58 -10.56
N GLY H 164 -37.27 72.37 -10.11
CA GLY H 164 -36.47 72.21 -8.92
C GLY H 164 -37.23 72.26 -7.61
N ASN H 165 -38.45 72.79 -7.61
CA ASN H 165 -39.24 72.91 -6.39
C ASN H 165 -40.18 71.74 -6.17
N SER H 166 -39.99 70.64 -6.89
CA SER H 166 -40.87 69.48 -6.78
C SER H 166 -40.06 68.20 -6.86
N GLN H 167 -40.67 67.11 -6.41
CA GLN H 167 -40.08 65.78 -6.45
C GLN H 167 -41.17 64.77 -6.72
N GLU H 168 -40.80 63.63 -7.31
CA GLU H 168 -41.79 62.65 -7.74
C GLU H 168 -41.31 61.24 -7.40
N SER H 169 -42.27 60.32 -7.33
CA SER H 169 -42.01 58.92 -7.09
C SER H 169 -43.07 58.10 -7.82
N VAL H 170 -42.73 56.85 -8.11
CA VAL H 170 -43.60 55.94 -8.85
C VAL H 170 -43.67 54.61 -8.11
N THR H 171 -44.85 54.01 -8.08
CA THR H 171 -45.03 52.70 -7.48
C THR H 171 -44.48 51.60 -8.39
N GLU H 172 -44.43 50.39 -7.86
CA GLU H 172 -44.07 49.24 -8.66
C GLU H 172 -45.28 48.79 -9.47
N GLN H 173 -45.02 47.99 -10.50
CA GLN H 173 -46.09 47.46 -11.34
C GLN H 173 -47.07 46.65 -10.49
N ASP H 174 -48.35 46.96 -10.62
CA ASP H 174 -49.36 46.31 -9.80
C ASP H 174 -49.43 44.82 -10.13
N SER H 175 -49.65 44.01 -9.09
CA SER H 175 -49.70 42.56 -9.24
C SER H 175 -50.98 42.06 -9.88
N LYS H 176 -51.95 42.94 -10.14
CA LYS H 176 -53.24 42.52 -10.68
C LYS H 176 -53.52 43.10 -12.05
N ASP H 177 -53.43 44.42 -12.22
CA ASP H 177 -53.74 45.05 -13.50
C ASP H 177 -52.50 45.52 -14.24
N SER H 178 -51.30 45.32 -13.68
CA SER H 178 -50.04 45.67 -14.35
C SER H 178 -49.99 47.16 -14.70
N THR H 179 -50.46 48.00 -13.80
CA THR H 179 -50.48 49.45 -13.99
C THR H 179 -49.48 50.11 -13.05
N TYR H 180 -49.22 51.38 -13.32
CA TYR H 180 -48.32 52.20 -12.51
C TYR H 180 -49.10 53.35 -11.88
N SER H 181 -48.55 53.86 -10.78
CA SER H 181 -49.11 55.03 -10.10
C SER H 181 -47.97 55.96 -9.74
N LEU H 182 -48.13 57.24 -10.06
CA LEU H 182 -47.07 58.23 -9.85
C LEU H 182 -47.62 59.40 -9.03
N SER H 183 -46.78 59.90 -8.13
CA SER H 183 -47.12 61.05 -7.30
C SER H 183 -46.00 62.07 -7.38
N SER H 184 -46.35 63.31 -7.70
CA SER H 184 -45.41 64.42 -7.79
C SER H 184 -45.81 65.46 -6.77
N THR H 185 -44.93 65.72 -5.80
CA THR H 185 -45.20 66.67 -4.73
C THR H 185 -44.41 67.96 -4.97
N LEU H 186 -45.12 69.09 -4.95
CA LEU H 186 -44.52 70.41 -5.14
C LEU H 186 -44.32 71.05 -3.78
N THR H 187 -43.04 71.26 -3.42
CA THR H 187 -42.68 71.80 -2.11
C THR H 187 -42.42 73.30 -2.24
N LEU H 188 -43.25 74.10 -1.59
CA LEU H 188 -43.11 75.54 -1.56
C LEU H 188 -43.02 76.04 -0.13
N SER H 189 -42.39 77.19 0.05
CA SER H 189 -42.43 77.87 1.34
C SER H 189 -43.78 78.54 1.53
N LYS H 190 -44.14 78.79 2.79
CA LYS H 190 -45.42 79.42 3.08
C LYS H 190 -45.49 80.83 2.49
N ALA H 191 -44.35 81.50 2.36
CA ALA H 191 -44.34 82.85 1.80
C ALA H 191 -44.66 82.82 0.30
N ASP H 192 -43.97 81.97 -0.45
CA ASP H 192 -44.17 81.91 -1.89
C ASP H 192 -45.52 81.28 -2.27
N TYR H 193 -46.12 80.49 -1.38
CA TYR H 193 -47.42 79.90 -1.70
C TYR H 193 -48.52 80.94 -1.71
N GLU H 194 -48.52 81.85 -0.73
CA GLU H 194 -49.52 82.90 -0.67
C GLU H 194 -49.24 84.04 -1.64
N LYS H 195 -48.03 84.11 -2.20
CA LYS H 195 -47.71 85.12 -3.19
C LYS H 195 -48.46 84.90 -4.49
N HIS H 196 -48.90 83.69 -4.77
CA HIS H 196 -49.54 83.34 -6.03
C HIS H 196 -50.93 82.76 -5.75
N LYS H 197 -51.63 82.41 -6.83
CA LYS H 197 -53.03 82.01 -6.72
C LYS H 197 -53.32 80.71 -7.47
N VAL H 198 -52.95 80.64 -8.74
CA VAL H 198 -53.28 79.51 -9.59
C VAL H 198 -52.18 78.45 -9.48
N TYR H 199 -52.59 77.20 -9.27
CA TYR H 199 -51.66 76.07 -9.20
C TYR H 199 -52.20 74.95 -10.07
N ALA H 200 -51.45 74.58 -11.11
CA ALA H 200 -51.88 73.61 -12.09
C ALA H 200 -50.94 72.42 -12.12
N CYS H 201 -51.42 71.33 -12.75
CA CYS H 201 -50.64 70.11 -12.92
C CYS H 201 -50.96 69.56 -14.31
N GLU H 202 -50.02 69.73 -15.24
CA GLU H 202 -50.18 69.26 -16.61
C GLU H 202 -49.53 67.89 -16.76
N VAL H 203 -50.25 66.96 -17.37
CA VAL H 203 -49.80 65.58 -17.52
C VAL H 203 -49.83 65.20 -18.99
N THR H 204 -48.72 64.65 -19.47
CA THR H 204 -48.61 64.15 -20.84
C THR H 204 -48.25 62.68 -20.79
N HIS H 205 -49.02 61.85 -21.51
CA HIS H 205 -48.85 60.41 -21.46
C HIS H 205 -49.25 59.83 -22.82
N GLN H 206 -48.81 58.59 -23.06
CA GLN H 206 -49.16 57.92 -24.31
C GLN H 206 -50.66 57.71 -24.44
N GLY H 207 -51.36 57.59 -23.32
CA GLY H 207 -52.79 57.38 -23.31
C GLY H 207 -53.64 58.64 -23.37
N LEU H 208 -53.04 59.79 -23.67
CA LEU H 208 -53.77 61.05 -23.76
C LEU H 208 -53.49 61.69 -25.11
N SER H 209 -54.54 61.88 -25.91
CA SER H 209 -54.38 62.56 -27.19
C SER H 209 -53.94 64.00 -26.99
N SER H 210 -54.35 64.63 -25.89
CA SER H 210 -53.93 65.97 -25.52
C SER H 210 -53.64 66.00 -24.04
N PRO H 211 -52.67 66.80 -23.60
CA PRO H 211 -52.34 66.84 -22.18
C PRO H 211 -53.52 67.28 -21.32
N VAL H 212 -53.54 66.77 -20.09
CA VAL H 212 -54.63 67.01 -19.14
C VAL H 212 -54.11 67.86 -18.00
N THR H 213 -54.90 68.85 -17.59
CA THR H 213 -54.52 69.77 -16.53
C THR H 213 -55.59 69.78 -15.45
N LYS H 214 -55.14 69.68 -14.19
CA LYS H 214 -56.00 69.81 -13.02
C LYS H 214 -55.49 70.94 -12.16
N SER H 215 -56.37 71.87 -11.80
CA SER H 215 -55.96 73.12 -11.16
C SER H 215 -56.83 73.40 -9.94
N PHE H 216 -56.39 74.39 -9.17
CA PHE H 216 -57.16 74.93 -8.06
C PHE H 216 -56.67 76.35 -7.79
N ASN H 217 -57.53 77.14 -7.15
CA ASN H 217 -57.26 78.56 -6.92
C ASN H 217 -57.45 78.88 -5.45
N ARG H 218 -56.34 79.07 -4.74
CA ARG H 218 -56.38 79.50 -3.34
C ARG H 218 -55.14 80.32 -2.99
N ASP I 3 -4.47 -7.32 -51.74
CA ASP I 3 -3.05 -7.12 -51.47
C ASP I 3 -2.58 -5.76 -51.98
N ILE I 4 -1.63 -5.17 -51.25
CA ILE I 4 -1.05 -3.89 -51.65
C ILE I 4 0.23 -4.17 -52.44
N VAL I 5 0.35 -3.52 -53.59
CA VAL I 5 1.45 -3.77 -54.53
C VAL I 5 2.51 -2.70 -54.33
N MET I 6 3.76 -3.14 -54.20
CA MET I 6 4.91 -2.25 -54.07
C MET I 6 5.70 -2.28 -55.38
N THR I 7 5.90 -1.11 -55.96
CA THR I 7 6.60 -0.98 -57.24
C THR I 7 7.84 -0.12 -57.04
N GLN I 8 8.93 -0.75 -56.63
CA GLN I 8 10.19 -0.04 -56.46
C GLN I 8 10.77 0.35 -57.81
N SER I 9 11.43 1.52 -57.84
CA SER I 9 12.07 2.00 -59.05
C SER I 9 13.24 2.88 -58.63
N PRO I 10 14.40 2.74 -59.28
CA PRO I 10 14.64 1.81 -60.39
C PRO I 10 14.90 0.38 -59.92
N SER I 11 15.16 -0.52 -60.88
CA SER I 11 15.49 -1.89 -60.56
C SER I 11 16.99 -2.10 -60.35
N SER I 12 17.81 -1.51 -61.22
CA SER I 12 19.25 -1.51 -61.07
C SER I 12 19.72 -0.06 -60.93
N LEU I 13 20.48 0.22 -59.88
CA LEU I 13 20.93 1.57 -59.56
C LEU I 13 22.45 1.59 -59.49
N PRO I 14 23.14 1.70 -60.63
CA PRO I 14 24.58 1.93 -60.60
C PRO I 14 24.89 3.32 -60.08
N VAL I 15 25.73 3.40 -59.04
CA VAL I 15 26.06 4.66 -58.39
C VAL I 15 27.55 4.71 -58.15
N THR I 16 28.17 5.84 -58.49
CA THR I 16 29.58 6.04 -58.19
C THR I 16 29.77 6.27 -56.70
N PRO I 17 30.77 5.64 -56.08
CA PRO I 17 31.06 5.92 -54.67
C PRO I 17 31.37 7.39 -54.44
N GLY I 18 30.97 7.88 -53.27
CA GLY I 18 31.10 9.30 -52.98
C GLY I 18 30.05 10.18 -53.63
N GLU I 19 28.99 9.58 -54.18
CA GLU I 19 27.91 10.30 -54.84
C GLU I 19 26.58 9.84 -54.28
N PRO I 20 25.55 10.69 -54.36
CA PRO I 20 24.25 10.32 -53.79
C PRO I 20 23.49 9.36 -54.68
N ALA I 21 22.36 8.89 -54.14
CA ALA I 21 21.48 7.96 -54.85
C ALA I 21 20.07 8.10 -54.28
N SER I 22 19.11 7.55 -55.01
CA SER I 22 17.71 7.64 -54.62
C SER I 22 16.95 6.43 -55.14
N ILE I 23 16.14 5.83 -54.27
CA ILE I 23 15.29 4.69 -54.62
C ILE I 23 13.87 5.03 -54.20
N SER I 24 12.96 5.09 -55.17
CA SER I 24 11.56 5.38 -54.89
C SER I 24 10.76 4.10 -54.70
N CYS I 25 9.90 4.08 -53.68
CA CYS I 25 9.04 2.96 -53.38
C CYS I 25 7.60 3.44 -53.43
N ARG I 26 6.84 2.96 -54.41
CA ARG I 26 5.48 3.42 -54.65
C ARG I 26 4.51 2.28 -54.36
N SER I 27 3.57 2.52 -53.46
CA SER I 27 2.58 1.52 -53.08
C SER I 27 1.32 1.68 -53.93
N SER I 28 0.34 0.82 -53.69
CA SER I 28 -0.95 0.89 -54.37
C SER I 28 -2.08 1.39 -53.46
N GLN I 29 -1.83 1.55 -52.16
CA GLN I 29 -2.80 2.10 -51.23
C GLN I 29 -2.10 3.05 -50.28
N SER I 30 -2.90 3.87 -49.60
CA SER I 30 -2.36 4.83 -48.65
C SER I 30 -1.81 4.11 -47.44
N LEU I 31 -0.50 4.26 -47.20
CA LEU I 31 0.16 3.67 -46.04
C LEU I 31 0.20 4.63 -44.85
N LEU I 32 -0.74 5.57 -44.78
CA LEU I 32 -0.77 6.57 -43.72
C LEU I 32 -1.93 6.23 -42.78
N HIS I 33 -1.61 5.69 -41.62
CA HIS I 33 -2.60 5.47 -40.59
C HIS I 33 -3.07 6.80 -40.02
N SER I 34 -4.22 6.79 -39.35
CA SER I 34 -4.74 8.00 -38.72
C SER I 34 -3.75 8.61 -37.73
N ASN I 35 -2.78 7.83 -37.25
CA ASN I 35 -1.75 8.34 -36.35
C ASN I 35 -0.80 9.31 -37.04
N GLY I 36 -0.90 9.46 -38.36
CA GLY I 36 0.11 10.18 -39.11
C GLY I 36 1.39 9.40 -39.30
N TYR I 37 1.50 8.21 -38.71
CA TYR I 37 2.69 7.38 -38.83
C TYR I 37 2.58 6.54 -40.10
N ASN I 38 3.40 6.89 -41.09
CA ASN I 38 3.47 6.09 -42.31
C ASN I 38 4.17 4.78 -42.00
N TYR I 39 3.41 3.68 -42.05
CA TYR I 39 3.93 2.36 -41.67
C TYR I 39 4.60 1.73 -42.88
N LEU I 40 5.81 2.21 -43.18
CA LEU I 40 6.64 1.64 -44.23
C LEU I 40 8.08 1.59 -43.74
N ASP I 41 8.75 0.48 -44.01
CA ASP I 41 10.13 0.27 -43.60
C ASP I 41 11.01 0.01 -44.82
N TRP I 42 12.31 0.24 -44.64
CA TRP I 42 13.31 0.01 -45.67
C TRP I 42 14.33 -1.01 -45.18
N TYR I 43 14.53 -2.07 -45.96
CA TYR I 43 15.49 -3.11 -45.62
C TYR I 43 16.62 -3.14 -46.65
N LEU I 44 17.76 -3.66 -46.21
CA LEU I 44 18.93 -3.85 -47.07
C LEU I 44 19.44 -5.27 -46.88
N GLN I 45 19.50 -6.03 -47.97
CA GLN I 45 20.04 -7.38 -47.94
C GLN I 45 21.44 -7.34 -48.56
N LYS I 46 22.46 -7.28 -47.71
CA LYS I 46 23.83 -7.26 -48.17
C LYS I 46 24.19 -8.60 -48.82
N PRO I 47 25.20 -8.61 -49.68
CA PRO I 47 25.56 -9.86 -50.39
C PRO I 47 25.89 -10.98 -49.41
N GLY I 48 25.16 -12.09 -49.55
CA GLY I 48 25.33 -13.24 -48.68
C GLY I 48 25.05 -12.91 -47.22
N GLN I 49 23.96 -12.21 -46.96
CA GLN I 49 23.65 -11.75 -45.62
C GLN I 49 22.14 -11.75 -45.42
N SER I 50 21.74 -11.91 -44.16
CA SER I 50 20.33 -11.83 -43.82
C SER I 50 19.85 -10.39 -43.94
N PRO I 51 18.55 -10.18 -44.18
CA PRO I 51 18.03 -8.81 -44.30
C PRO I 51 18.26 -8.02 -43.02
N GLN I 52 18.49 -6.71 -43.19
CA GLN I 52 18.68 -5.80 -42.07
C GLN I 52 17.87 -4.54 -42.32
N LEU I 53 17.47 -3.89 -41.23
CA LEU I 53 16.61 -2.71 -41.30
C LEU I 53 17.45 -1.45 -41.35
N LEU I 54 17.01 -0.50 -42.19
CA LEU I 54 17.68 0.78 -42.33
C LEU I 54 16.79 1.95 -41.92
N ILE I 55 15.60 2.05 -42.49
CA ILE I 55 14.66 3.13 -42.20
C ILE I 55 13.35 2.50 -41.74
N TYR I 56 12.86 2.94 -40.57
CA TYR I 56 11.62 2.43 -40.02
C TYR I 56 10.62 3.57 -39.87
N LEU I 57 9.34 3.23 -40.00
CA LEU I 57 8.23 4.18 -39.83
C LEU I 57 8.36 5.35 -40.79
N GLY I 58 8.66 5.06 -42.04
CA GLY I 58 8.71 6.07 -43.07
C GLY I 58 10.07 6.73 -43.23
N SER I 59 10.49 7.48 -42.21
CA SER I 59 11.74 8.24 -42.28
C SER I 59 12.64 8.09 -41.08
N ASN I 60 12.18 7.48 -39.98
CA ASN I 60 13.01 7.35 -38.79
C ASN I 60 14.14 6.36 -39.05
N ARG I 61 15.37 6.80 -38.84
CA ARG I 61 16.53 5.95 -39.05
C ARG I 61 16.61 4.87 -37.99
N ALA I 62 16.87 3.63 -38.42
CA ALA I 62 16.94 2.51 -37.51
C ALA I 62 18.16 2.61 -36.61
N SER I 63 18.26 1.67 -35.67
CA SER I 63 19.33 1.69 -34.69
C SER I 63 20.68 1.42 -35.36
N GLY I 64 21.68 2.21 -34.97
CA GLY I 64 23.03 2.06 -35.46
C GLY I 64 23.24 2.37 -36.93
N VAL I 65 22.20 2.81 -37.63
CA VAL I 65 22.33 3.10 -39.06
C VAL I 65 23.13 4.39 -39.24
N PRO I 66 24.09 4.45 -40.17
CA PRO I 66 24.83 5.70 -40.38
C PRO I 66 23.91 6.83 -40.81
N ASP I 67 24.34 8.06 -40.50
CA ASP I 67 23.55 9.24 -40.81
C ASP I 67 23.41 9.51 -42.30
N ARG I 68 24.23 8.86 -43.14
CA ARG I 68 24.14 9.08 -44.57
C ARG I 68 22.81 8.60 -45.14
N PHE I 69 22.20 7.58 -44.53
CA PHE I 69 20.91 7.08 -44.97
C PHE I 69 19.79 7.99 -44.49
N SER I 70 18.74 8.07 -45.29
CA SER I 70 17.60 8.92 -44.96
C SER I 70 16.41 8.53 -45.83
N GLY I 71 15.21 8.74 -45.29
CA GLY I 71 13.98 8.44 -45.99
C GLY I 71 13.00 9.59 -45.92
N SER I 72 11.98 9.51 -46.76
CA SER I 72 10.93 10.53 -46.83
C SER I 72 9.77 9.95 -47.61
N GLY I 73 8.69 10.72 -47.72
CA GLY I 73 7.52 10.33 -48.46
C GLY I 73 6.31 10.12 -47.56
N SER I 74 5.16 9.98 -48.20
CA SER I 74 3.90 9.77 -47.49
C SER I 74 2.86 9.23 -48.46
N GLY I 75 1.89 8.50 -47.91
CA GLY I 75 0.79 7.98 -48.70
C GLY I 75 1.16 6.79 -49.57
N THR I 76 1.30 7.03 -50.87
CA THR I 76 1.67 5.99 -51.82
C THR I 76 3.00 6.26 -52.51
N ASP I 77 3.73 7.29 -52.08
CA ASP I 77 5.01 7.66 -52.68
C ASP I 77 6.02 7.87 -51.56
N PHE I 78 7.12 7.12 -51.61
CA PHE I 78 8.18 7.23 -50.62
C PHE I 78 9.52 7.17 -51.34
N THR I 79 10.59 7.47 -50.60
CA THR I 79 11.92 7.54 -51.20
C THR I 79 12.98 7.29 -50.13
N LEU I 80 13.96 6.46 -50.48
CA LEU I 80 15.15 6.24 -49.66
C LEU I 80 16.34 6.92 -50.34
N LYS I 81 17.17 7.59 -49.53
CA LYS I 81 18.30 8.34 -50.06
C LYS I 81 19.55 8.06 -49.26
N ILE I 82 20.70 8.19 -49.92
CA ILE I 82 22.01 8.08 -49.30
C ILE I 82 22.83 9.28 -49.75
N SER I 83 23.44 9.98 -48.78
CA SER I 83 24.20 11.18 -49.11
C SER I 83 25.48 10.82 -49.87
N ARG I 84 26.34 10.00 -49.27
CA ARG I 84 27.59 9.57 -49.88
C ARG I 84 27.62 8.05 -49.84
N VAL I 85 27.29 7.41 -50.97
CA VAL I 85 27.31 5.95 -51.01
C VAL I 85 28.76 5.47 -50.91
N GLU I 86 28.93 4.31 -50.27
CA GLU I 86 30.25 3.71 -50.11
C GLU I 86 30.13 2.22 -50.35
N ALA I 87 31.28 1.55 -50.36
CA ALA I 87 31.29 0.10 -50.59
C ALA I 87 30.55 -0.66 -49.50
N GLU I 88 30.39 -0.06 -48.31
CA GLU I 88 29.61 -0.68 -47.25
C GLU I 88 28.11 -0.67 -47.52
N ASP I 89 27.66 0.03 -48.56
CA ASP I 89 26.25 0.18 -48.87
C ASP I 89 25.80 -0.67 -50.05
N VAL I 90 26.64 -1.59 -50.52
CA VAL I 90 26.27 -2.42 -51.67
C VAL I 90 25.24 -3.46 -51.23
N GLY I 91 24.42 -3.89 -52.18
CA GLY I 91 23.41 -4.89 -51.94
C GLY I 91 22.11 -4.51 -52.62
N VAL I 92 21.03 -5.15 -52.18
CA VAL I 92 19.69 -4.93 -52.74
C VAL I 92 18.79 -4.46 -51.62
N TYR I 93 18.05 -3.37 -51.87
CA TYR I 93 17.18 -2.77 -50.87
C TYR I 93 15.72 -3.12 -51.16
N TYR I 94 14.98 -3.43 -50.11
CA TYR I 94 13.56 -3.74 -50.21
C TYR I 94 12.78 -2.87 -49.25
N CYS I 95 11.60 -2.42 -49.69
CA CYS I 95 10.66 -1.70 -48.84
C CYS I 95 9.49 -2.60 -48.51
N LYS I 96 9.04 -2.55 -47.26
CA LYS I 96 8.00 -3.47 -46.79
C LYS I 96 6.63 -2.83 -46.92
N GLN I 97 5.74 -3.10 -45.95
CA GLN I 97 4.40 -2.55 -45.89
C GLN I 97 3.81 -3.00 -44.56
N ALA I 98 3.79 -2.11 -43.56
CA ALA I 98 3.42 -2.49 -42.20
C ALA I 98 1.95 -2.24 -41.88
N LEU I 99 1.24 -1.47 -42.70
CA LEU I 99 -0.18 -1.19 -42.48
C LEU I 99 -0.96 -2.50 -42.39
N GLN I 100 -1.05 -3.21 -43.51
CA GLN I 100 -1.66 -4.53 -43.51
C GLN I 100 -0.62 -5.56 -43.07
N THR I 101 -0.98 -6.37 -42.07
CA THR I 101 -0.05 -7.37 -41.56
C THR I 101 0.27 -8.44 -42.61
N LEU I 102 -0.53 -8.52 -43.67
CA LEU I 102 -0.15 -9.31 -44.84
C LEU I 102 0.95 -8.57 -45.59
N TYR I 103 2.16 -8.57 -45.03
CA TYR I 103 3.24 -7.75 -45.57
C TYR I 103 3.59 -8.15 -46.99
N THR I 104 3.71 -7.16 -47.87
CA THR I 104 4.11 -7.35 -49.26
C THR I 104 5.36 -6.52 -49.50
N PHE I 105 6.48 -7.21 -49.75
CA PHE I 105 7.73 -6.52 -50.01
C PHE I 105 7.74 -5.99 -51.45
N GLY I 106 8.88 -5.40 -51.84
CA GLY I 106 9.08 -4.93 -53.18
C GLY I 106 10.01 -5.84 -53.96
N GLN I 107 10.15 -5.52 -55.26
CA GLN I 107 11.02 -6.32 -56.12
C GLN I 107 12.48 -6.19 -55.72
N GLY I 108 12.86 -5.07 -55.12
CA GLY I 108 14.23 -4.86 -54.72
C GLY I 108 15.05 -4.13 -55.76
N THR I 109 15.89 -3.19 -55.32
CA THR I 109 16.75 -2.42 -56.21
C THR I 109 18.20 -2.77 -55.93
N LYS I 110 18.88 -3.34 -56.93
CA LYS I 110 20.28 -3.69 -56.79
C LYS I 110 21.16 -2.46 -56.97
N LEU I 111 22.17 -2.33 -56.11
CA LEU I 111 23.07 -1.19 -56.12
C LEU I 111 24.44 -1.64 -56.60
N GLU I 112 24.70 -1.47 -57.90
CA GLU I 112 26.01 -1.74 -58.46
C GLU I 112 26.87 -0.48 -58.44
N ILE I 113 28.16 -0.67 -58.66
CA ILE I 113 29.11 0.43 -58.81
C ILE I 113 29.18 0.80 -60.28
N LYS I 114 29.09 2.09 -60.58
CA LYS I 114 29.17 2.55 -61.96
C LYS I 114 30.50 2.12 -62.58
N ARG I 115 30.43 1.69 -63.83
CA ARG I 115 31.59 1.22 -64.56
C ARG I 115 31.48 1.64 -66.01
N THR I 116 32.64 1.80 -66.66
CA THR I 116 32.68 1.97 -68.11
C THR I 116 31.91 0.82 -68.77
N VAL I 117 31.25 1.14 -69.89
CA VAL I 117 30.34 0.18 -70.52
C VAL I 117 31.09 -1.08 -70.93
N ALA I 118 32.18 -0.91 -71.68
CA ALA I 118 32.99 -2.03 -72.17
C ALA I 118 32.18 -3.02 -72.98
N ALA I 119 32.72 -4.22 -73.19
CA ALA I 119 32.09 -5.22 -74.04
C ALA I 119 32.40 -6.60 -73.48
N PRO I 120 31.55 -7.60 -73.73
CA PRO I 120 31.83 -8.95 -73.25
C PRO I 120 32.71 -9.76 -74.20
N SER I 121 33.79 -10.34 -73.67
CA SER I 121 34.65 -11.23 -74.46
C SER I 121 34.00 -12.60 -74.49
N VAL I 122 33.60 -13.05 -75.68
CA VAL I 122 32.84 -14.28 -75.84
C VAL I 122 33.78 -15.38 -76.31
N PHE I 123 33.67 -16.55 -75.67
CA PHE I 123 34.40 -17.74 -76.08
C PHE I 123 33.47 -18.94 -76.00
N ILE I 124 33.89 -20.03 -76.65
CA ILE I 124 33.11 -21.27 -76.66
C ILE I 124 34.07 -22.44 -76.46
N PHE I 125 33.61 -23.44 -75.74
CA PHE I 125 34.43 -24.60 -75.40
C PHE I 125 33.71 -25.88 -75.82
N PRO I 126 34.19 -26.59 -76.83
CA PRO I 126 33.56 -27.86 -77.23
C PRO I 126 33.70 -28.91 -76.15
N PRO I 127 32.83 -29.91 -76.12
CA PRO I 127 32.96 -30.98 -75.12
C PRO I 127 34.26 -31.75 -75.29
N SER I 128 34.75 -32.30 -74.18
CA SER I 128 35.97 -33.07 -74.20
C SER I 128 35.71 -34.50 -74.62
N ASP I 129 36.73 -35.12 -75.22
CA ASP I 129 36.62 -36.52 -75.61
C ASP I 129 36.45 -37.42 -74.40
N GLU I 130 36.95 -36.98 -73.24
CA GLU I 130 36.81 -37.76 -72.02
C GLU I 130 35.39 -37.70 -71.46
N GLN I 131 34.69 -36.58 -71.69
CA GLN I 131 33.31 -36.47 -71.22
C GLN I 131 32.37 -37.29 -72.11
N LEU I 132 32.58 -37.23 -73.42
CA LEU I 132 31.76 -38.03 -74.34
C LEU I 132 31.95 -39.52 -74.13
N LYS I 133 33.03 -39.93 -73.48
CA LYS I 133 33.23 -41.34 -73.16
C LYS I 133 32.18 -41.84 -72.17
N SER I 134 31.66 -40.96 -71.32
CA SER I 134 30.66 -41.34 -70.33
C SER I 134 29.24 -41.24 -70.85
N GLY I 135 29.02 -40.62 -72.01
CA GLY I 135 27.71 -40.49 -72.59
C GLY I 135 27.03 -39.15 -72.39
N THR I 136 27.78 -38.06 -72.32
CA THR I 136 27.21 -36.74 -72.14
C THR I 136 28.13 -35.71 -72.78
N ALA I 137 27.53 -34.68 -73.38
CA ALA I 137 28.28 -33.60 -74.01
C ALA I 137 27.80 -32.27 -73.45
N SER I 138 28.73 -31.48 -72.91
CA SER I 138 28.41 -30.17 -72.34
C SER I 138 29.24 -29.12 -73.06
N VAL I 139 28.56 -28.18 -73.69
CA VAL I 139 29.19 -27.07 -74.40
C VAL I 139 29.07 -25.82 -73.52
N VAL I 140 30.21 -25.25 -73.14
CA VAL I 140 30.25 -24.11 -72.23
C VAL I 140 30.53 -22.85 -73.04
N CYS I 141 29.72 -21.83 -72.80
CA CYS I 141 29.91 -20.51 -73.40
C CYS I 141 30.36 -19.54 -72.32
N LEU I 142 31.34 -18.69 -72.65
CA LEU I 142 31.98 -17.82 -71.67
C LEU I 142 31.79 -16.37 -72.05
N LEU I 143 31.29 -15.58 -71.10
CA LEU I 143 31.19 -14.13 -71.22
C LEU I 143 32.07 -13.52 -70.14
N ASN I 144 33.12 -12.81 -70.55
CA ASN I 144 34.17 -12.37 -69.65
C ASN I 144 34.20 -10.85 -69.55
N ASN I 145 34.08 -10.34 -68.32
CA ASN I 145 34.30 -8.94 -68.00
C ASN I 145 33.42 -8.00 -68.82
N PHE I 146 32.16 -7.84 -68.41
CA PHE I 146 31.22 -6.96 -69.10
C PHE I 146 30.41 -6.19 -68.07
N TYR I 147 29.74 -5.14 -68.55
CA TYR I 147 28.91 -4.30 -67.72
C TYR I 147 27.84 -3.67 -68.62
N PRO I 148 26.56 -3.67 -68.20
CA PRO I 148 26.07 -4.14 -66.90
C PRO I 148 25.84 -5.64 -66.82
N ARG I 149 25.07 -6.06 -65.81
CA ARG I 149 24.83 -7.48 -65.58
C ARG I 149 23.95 -8.08 -66.67
N GLU I 150 22.98 -7.31 -67.17
CA GLU I 150 22.01 -7.84 -68.12
C GLU I 150 22.69 -8.28 -69.40
N ALA I 151 22.44 -9.53 -69.79
CA ALA I 151 23.03 -10.09 -71.00
C ALA I 151 22.15 -11.23 -71.49
N LYS I 152 22.08 -11.38 -72.80
CA LYS I 152 21.28 -12.42 -73.46
C LYS I 152 22.21 -13.43 -74.12
N VAL I 153 22.02 -14.71 -73.80
CA VAL I 153 22.82 -15.79 -74.36
C VAL I 153 21.87 -16.77 -75.04
N GLN I 154 22.08 -16.97 -76.34
CA GLN I 154 21.22 -17.83 -77.14
C GLN I 154 22.07 -18.93 -77.79
N TRP I 155 21.62 -20.17 -77.68
CA TRP I 155 22.30 -21.31 -78.26
C TRP I 155 21.70 -21.66 -79.62
N LYS I 156 22.54 -22.10 -80.54
CA LYS I 156 22.09 -22.52 -81.87
C LYS I 156 22.80 -23.81 -82.26
N VAL I 157 22.04 -24.88 -82.40
CA VAL I 157 22.53 -26.16 -82.90
C VAL I 157 22.05 -26.33 -84.33
N ASP I 158 22.99 -26.42 -85.26
CA ASP I 158 22.68 -26.41 -86.70
C ASP I 158 21.85 -25.18 -87.06
N ASN I 159 22.23 -24.04 -86.47
CA ASN I 159 21.55 -22.76 -86.63
C ASN I 159 20.11 -22.79 -86.11
N ALA I 160 19.72 -23.84 -85.41
CA ALA I 160 18.38 -23.95 -84.83
C ALA I 160 18.46 -23.56 -83.35
N LEU I 161 17.58 -22.66 -82.93
CA LEU I 161 17.64 -22.13 -81.57
C LEU I 161 17.24 -23.20 -80.56
N GLN I 162 17.97 -23.25 -79.46
CA GLN I 162 17.73 -24.20 -78.39
C GLN I 162 17.00 -23.54 -77.23
N SER I 163 16.39 -24.37 -76.40
CA SER I 163 15.64 -23.88 -75.24
C SER I 163 15.46 -25.00 -74.24
N GLY I 164 15.59 -24.67 -72.96
CA GLY I 164 15.40 -25.63 -71.89
C GLY I 164 16.56 -26.57 -71.64
N ASN I 165 17.58 -26.58 -72.49
CA ASN I 165 18.73 -27.46 -72.35
C ASN I 165 20.00 -26.71 -71.95
N SER I 166 19.86 -25.49 -71.44
CA SER I 166 21.00 -24.68 -71.04
C SER I 166 20.74 -24.07 -69.67
N GLN I 167 21.82 -23.85 -68.92
CA GLN I 167 21.75 -23.28 -67.58
C GLN I 167 22.96 -22.38 -67.39
N GLU I 168 22.73 -21.09 -67.19
CA GLU I 168 23.80 -20.11 -67.07
C GLU I 168 23.97 -19.65 -65.63
N SER I 169 25.15 -19.13 -65.33
CA SER I 169 25.48 -18.59 -64.02
C SER I 169 26.40 -17.40 -64.19
N VAL I 170 26.34 -16.47 -63.24
CA VAL I 170 27.09 -15.22 -63.31
C VAL I 170 27.86 -15.03 -62.01
N THR I 171 29.06 -14.48 -62.12
CA THR I 171 29.87 -14.17 -60.96
C THR I 171 29.37 -12.90 -60.28
N GLU I 172 29.88 -12.66 -59.07
CA GLU I 172 29.60 -11.41 -58.37
C GLU I 172 30.40 -10.28 -59.01
N GLN I 173 30.06 -9.06 -58.61
CA GLN I 173 30.79 -7.90 -59.11
C GLN I 173 32.23 -7.93 -58.64
N ASP I 174 33.17 -7.81 -59.57
CA ASP I 174 34.58 -7.91 -59.24
C ASP I 174 35.00 -6.78 -58.32
N SER I 175 35.96 -7.07 -57.44
CA SER I 175 36.38 -6.12 -56.41
C SER I 175 37.32 -5.04 -56.92
N LYS I 176 37.88 -5.20 -58.12
CA LYS I 176 38.84 -4.24 -58.66
C LYS I 176 38.27 -3.46 -59.84
N ASP I 177 37.84 -4.14 -60.89
CA ASP I 177 37.30 -3.48 -62.08
C ASP I 177 35.78 -3.47 -62.14
N SER I 178 35.11 -4.12 -61.18
CA SER I 178 33.65 -4.11 -61.07
C SER I 178 32.98 -4.73 -62.30
N THR I 179 33.58 -5.81 -62.80
CA THR I 179 33.02 -6.50 -63.96
C THR I 179 32.13 -7.67 -63.52
N TYR I 180 31.37 -8.19 -64.47
CA TYR I 180 30.64 -9.43 -64.31
C TYR I 180 31.15 -10.45 -65.31
N SER I 181 31.07 -11.72 -64.95
CA SER I 181 31.44 -12.82 -65.83
C SER I 181 30.31 -13.85 -65.82
N LEU I 182 29.89 -14.27 -67.01
CA LEU I 182 28.77 -15.19 -67.17
C LEU I 182 29.22 -16.42 -67.93
N SER I 183 28.80 -17.59 -67.46
CA SER I 183 29.08 -18.86 -68.09
C SER I 183 27.77 -19.58 -68.39
N SER I 184 27.62 -20.06 -69.62
CA SER I 184 26.42 -20.76 -70.05
C SER I 184 26.83 -22.13 -70.60
N THR I 185 26.37 -23.19 -69.94
CA THR I 185 26.69 -24.56 -70.33
C THR I 185 25.49 -25.20 -70.99
N LEU I 186 25.72 -25.85 -72.13
CA LEU I 186 24.67 -26.53 -72.90
C LEU I 186 24.88 -28.03 -72.75
N THR I 187 24.01 -28.67 -71.97
CA THR I 187 24.14 -30.10 -71.69
C THR I 187 23.32 -30.89 -72.69
N LEU I 188 24.00 -31.74 -73.46
CA LEU I 188 23.37 -32.61 -74.44
C LEU I 188 23.74 -34.06 -74.15
N SER I 189 22.85 -34.98 -74.53
CA SER I 189 23.19 -36.39 -74.52
C SER I 189 24.20 -36.69 -75.62
N LYS I 190 24.96 -37.78 -75.43
CA LYS I 190 25.97 -38.14 -76.42
C LYS I 190 25.35 -38.47 -77.77
N ALA I 191 24.10 -38.95 -77.76
CA ALA I 191 23.42 -39.26 -79.02
C ALA I 191 23.12 -37.99 -79.81
N ASP I 192 22.43 -37.03 -79.18
CA ASP I 192 22.02 -35.82 -79.90
C ASP I 192 23.22 -34.95 -80.27
N TYR I 193 24.33 -35.06 -79.54
CA TYR I 193 25.51 -34.26 -79.86
C TYR I 193 26.10 -34.67 -81.21
N GLU I 194 26.19 -35.97 -81.48
CA GLU I 194 26.70 -36.46 -82.74
C GLU I 194 25.67 -36.39 -83.87
N LYS I 195 24.39 -36.18 -83.54
CA LYS I 195 23.36 -36.05 -84.56
C LYS I 195 23.45 -34.73 -85.32
N HIS I 196 24.30 -33.80 -84.88
CA HIS I 196 24.45 -32.50 -85.52
C HIS I 196 25.91 -32.10 -85.49
N LYS I 197 26.24 -31.05 -86.25
CA LYS I 197 27.62 -30.59 -86.34
C LYS I 197 27.77 -29.11 -86.07
N VAL I 198 26.90 -28.27 -86.63
CA VAL I 198 27.03 -26.82 -86.44
C VAL I 198 26.59 -26.45 -85.04
N TYR I 199 27.43 -25.68 -84.34
CA TYR I 199 27.15 -25.26 -82.98
C TYR I 199 27.52 -23.79 -82.85
N ALA I 200 26.68 -23.02 -82.15
CA ALA I 200 26.90 -21.59 -82.01
C ALA I 200 26.36 -21.11 -80.67
N CYS I 201 26.87 -19.97 -80.23
CA CYS I 201 26.44 -19.33 -78.99
C CYS I 201 26.37 -17.83 -79.24
N GLU I 202 25.16 -17.31 -79.41
CA GLU I 202 24.96 -15.89 -79.71
C GLU I 202 24.86 -15.09 -78.42
N VAL I 203 25.46 -13.90 -78.42
CA VAL I 203 25.50 -13.04 -77.25
C VAL I 203 25.01 -11.66 -77.65
N THR I 204 24.07 -11.12 -76.87
CA THR I 204 23.56 -9.76 -77.06
C THR I 204 23.81 -8.98 -75.77
N HIS I 205 24.40 -7.79 -75.91
CA HIS I 205 24.79 -7.01 -74.74
C HIS I 205 24.72 -5.53 -75.08
N GLN I 206 24.68 -4.70 -74.04
CA GLN I 206 24.60 -3.26 -74.23
C GLN I 206 25.83 -2.73 -74.94
N GLY I 207 27.02 -3.20 -74.55
CA GLY I 207 28.25 -2.77 -75.20
C GLY I 207 28.41 -3.23 -76.64
N LEU I 208 27.61 -4.20 -77.08
CA LEU I 208 27.68 -4.72 -78.43
C LEU I 208 26.70 -3.94 -79.33
N SER I 209 27.23 -3.34 -80.39
CA SER I 209 26.36 -2.70 -81.37
C SER I 209 25.57 -3.73 -82.16
N SER I 210 26.13 -4.91 -82.35
CA SER I 210 25.47 -6.04 -83.00
C SER I 210 25.84 -7.31 -82.24
N PRO I 211 24.95 -8.30 -82.23
CA PRO I 211 25.24 -9.54 -81.48
C PRO I 211 26.49 -10.23 -82.00
N VAL I 212 27.19 -10.88 -81.07
CA VAL I 212 28.44 -11.58 -81.35
C VAL I 212 28.19 -13.08 -81.23
N THR I 213 28.70 -13.85 -82.19
CA THR I 213 28.52 -15.29 -82.23
C THR I 213 29.87 -15.98 -82.33
N LYS I 214 30.07 -17.03 -81.53
CA LYS I 214 31.25 -17.86 -81.58
C LYS I 214 30.82 -19.29 -81.85
N SER I 215 31.45 -19.95 -82.82
CA SER I 215 30.98 -21.23 -83.33
C SER I 215 32.13 -22.22 -83.45
N PHE I 216 31.77 -23.49 -83.58
CA PHE I 216 32.71 -24.56 -83.87
C PHE I 216 31.96 -25.69 -84.56
N ASN I 217 32.69 -26.51 -85.32
CA ASN I 217 32.10 -27.57 -86.12
C ASN I 217 32.82 -28.88 -85.83
N ARG I 218 32.11 -29.81 -85.18
CA ARG I 218 32.61 -31.16 -84.96
C ARG I 218 31.45 -32.16 -84.88
N ASP J 3 43.43 -30.56 -1.19
CA ASP J 3 42.58 -31.10 -0.14
C ASP J 3 43.17 -30.82 1.25
N ILE J 4 42.31 -30.61 2.23
CA ILE J 4 42.70 -30.41 3.62
C ILE J 4 42.62 -31.74 4.34
N VAL J 5 43.63 -32.03 5.15
CA VAL J 5 43.76 -33.33 5.82
C VAL J 5 43.30 -33.19 7.26
N MET J 6 42.47 -34.13 7.71
CA MET J 6 42.01 -34.20 9.09
C MET J 6 42.71 -35.37 9.80
N THR J 7 43.35 -35.06 10.93
CA THR J 7 44.06 -36.06 11.72
C THR J 7 43.40 -36.14 13.09
N GLN J 8 42.51 -37.12 13.26
CA GLN J 8 41.87 -37.34 14.55
C GLN J 8 42.80 -38.10 15.48
N SER J 9 42.72 -37.77 16.77
CA SER J 9 43.55 -38.42 17.77
C SER J 9 42.79 -38.46 19.09
N PRO J 10 42.72 -39.63 19.75
CA PRO J 10 43.32 -40.88 19.27
C PRO J 10 42.44 -41.62 18.28
N SER J 11 42.85 -42.83 17.90
CA SER J 11 42.05 -43.68 17.02
C SER J 11 41.02 -44.49 17.79
N SER J 12 41.42 -45.10 18.90
CA SER J 12 40.52 -45.81 19.79
C SER J 12 40.58 -45.16 21.17
N LEU J 13 39.41 -44.90 21.75
CA LEU J 13 39.31 -44.20 23.03
C LEU J 13 38.43 -45.00 23.98
N PRO J 14 39.00 -45.97 24.69
CA PRO J 14 38.26 -46.63 25.77
C PRO J 14 38.06 -45.68 26.93
N VAL J 15 36.83 -45.60 27.42
CA VAL J 15 36.48 -44.67 28.50
C VAL J 15 35.57 -45.38 29.48
N THR J 16 35.83 -45.20 30.78
CA THR J 16 34.93 -45.70 31.81
C THR J 16 33.66 -44.84 31.85
N PRO J 17 32.48 -45.47 31.93
CA PRO J 17 31.24 -44.70 32.07
C PRO J 17 31.28 -43.82 33.31
N GLY J 18 30.66 -42.65 33.21
CA GLY J 18 30.67 -41.67 34.27
C GLY J 18 31.95 -40.89 34.40
N GLU J 19 32.81 -40.91 33.39
CA GLU J 19 34.09 -40.23 33.38
C GLU J 19 34.21 -39.41 32.11
N PRO J 20 35.01 -38.35 32.12
CA PRO J 20 35.14 -37.50 30.93
C PRO J 20 36.01 -38.14 29.85
N ALA J 21 36.02 -37.49 28.69
CA ALA J 21 36.80 -37.95 27.55
C ALA J 21 37.11 -36.74 26.67
N SER J 22 37.99 -36.95 25.71
CA SER J 22 38.42 -35.87 24.82
C SER J 22 38.92 -36.45 23.51
N ILE J 23 38.46 -35.88 22.40
CA ILE J 23 38.90 -36.26 21.05
C ILE J 23 39.30 -34.98 20.32
N SER J 24 40.56 -34.90 19.92
CA SER J 24 41.08 -33.74 19.22
C SER J 24 41.07 -33.98 17.72
N CYS J 25 40.53 -33.02 16.97
CA CYS J 25 40.50 -33.06 15.51
C CYS J 25 41.37 -31.93 14.99
N ARG J 26 42.47 -32.30 14.33
CA ARG J 26 43.46 -31.34 13.84
C ARG J 26 43.45 -31.32 12.32
N SER J 27 43.29 -30.13 11.76
CA SER J 27 43.29 -29.94 10.31
C SER J 27 44.67 -29.56 9.80
N SER J 28 44.80 -29.53 8.48
CA SER J 28 46.04 -29.11 7.84
C SER J 28 46.00 -27.69 7.31
N GLN J 29 44.81 -27.08 7.24
CA GLN J 29 44.67 -25.69 6.81
C GLN J 29 43.70 -24.99 7.76
N SER J 30 43.66 -23.66 7.65
CA SER J 30 42.80 -22.87 8.52
C SER J 30 41.34 -23.10 8.19
N LEU J 31 40.53 -23.37 9.21
CA LEU J 31 39.09 -23.60 9.05
C LEU J 31 38.27 -22.43 9.59
N LEU J 32 38.86 -21.25 9.69
CA LEU J 32 38.20 -20.07 10.24
C LEU J 32 38.01 -19.06 9.10
N HIS J 33 36.79 -19.02 8.57
CA HIS J 33 36.45 -18.00 7.58
C HIS J 33 36.46 -16.62 8.23
N SER J 34 36.67 -15.59 7.41
CA SER J 34 36.76 -14.22 7.91
C SER J 34 35.57 -13.82 8.76
N ASN J 35 34.47 -14.57 8.70
CA ASN J 35 33.28 -14.30 9.50
C ASN J 35 33.51 -14.50 10.99
N GLY J 36 34.68 -15.00 11.39
CA GLY J 36 34.89 -15.41 12.76
C GLY J 36 34.29 -16.75 13.11
N TYR J 37 33.78 -17.48 12.12
CA TYR J 37 33.16 -18.78 12.33
C TYR J 37 34.13 -19.88 11.93
N ASN J 38 34.39 -20.81 12.84
CA ASN J 38 35.21 -21.98 12.55
C ASN J 38 34.31 -23.04 11.93
N TYR J 39 34.44 -23.25 10.63
CA TYR J 39 33.55 -24.16 9.89
C TYR J 39 34.03 -25.60 10.05
N LEU J 40 33.76 -26.14 11.24
CA LEU J 40 34.03 -27.53 11.56
C LEU J 40 32.82 -28.12 12.27
N ASP J 41 32.43 -29.32 11.87
CA ASP J 41 31.29 -30.02 12.45
C ASP J 41 31.72 -31.36 13.01
N TRP J 42 31.05 -31.78 14.08
CA TRP J 42 31.32 -33.06 14.74
C TRP J 42 30.14 -34.00 14.51
N TYR J 43 30.45 -35.23 14.11
CA TYR J 43 29.43 -36.24 13.84
C TYR J 43 29.65 -37.44 14.75
N LEU J 44 28.55 -38.12 15.07
CA LEU J 44 28.58 -39.37 15.84
C LEU J 44 27.77 -40.41 15.08
N GLN J 45 28.45 -41.45 14.61
CA GLN J 45 27.79 -42.57 13.95
C GLN J 45 27.63 -43.68 14.99
N LYS J 46 26.43 -43.76 15.58
CA LYS J 46 26.14 -44.79 16.54
C LYS J 46 26.20 -46.17 15.87
N PRO J 47 26.46 -47.22 16.66
CA PRO J 47 26.62 -48.57 16.06
C PRO J 47 25.41 -48.98 15.24
N GLY J 48 25.63 -49.14 13.94
CA GLY J 48 24.55 -49.51 13.03
C GLY J 48 23.54 -48.42 12.80
N GLN J 49 23.99 -47.18 12.63
CA GLN J 49 23.11 -46.04 12.47
C GLN J 49 23.68 -45.09 11.43
N SER J 50 22.83 -44.17 10.97
CA SER J 50 23.28 -43.12 10.07
C SER J 50 24.06 -42.06 10.85
N PRO J 51 25.00 -41.39 10.20
CA PRO J 51 25.73 -40.30 10.87
C PRO J 51 24.78 -39.21 11.33
N GLN J 52 24.95 -38.78 12.57
CA GLN J 52 24.15 -37.71 13.16
C GLN J 52 25.07 -36.59 13.62
N LEU J 53 24.49 -35.40 13.75
CA LEU J 53 25.24 -34.19 14.08
C LEU J 53 25.25 -33.97 15.59
N LEU J 54 26.43 -33.67 16.13
CA LEU J 54 26.59 -33.37 17.55
C LEU J 54 26.98 -31.92 17.79
N ILE J 55 28.10 -31.48 17.23
CA ILE J 55 28.57 -30.10 17.36
C ILE J 55 28.77 -29.54 15.96
N TYR J 56 28.23 -28.34 15.72
CA TYR J 56 28.35 -27.69 14.43
C TYR J 56 28.99 -26.32 14.60
N LEU J 57 29.73 -25.91 13.57
CA LEU J 57 30.37 -24.59 13.50
C LEU J 57 31.38 -24.38 14.63
N GLY J 58 31.94 -25.48 15.14
CA GLY J 58 32.99 -25.37 16.13
C GLY J 58 32.55 -25.69 17.54
N SER J 59 31.71 -24.83 18.12
CA SER J 59 31.29 -24.98 19.50
C SER J 59 29.78 -24.96 19.70
N ASN J 60 28.99 -24.56 18.70
CA ASN J 60 27.54 -24.52 18.85
C ASN J 60 26.98 -25.94 18.92
N ARG J 61 26.31 -26.24 20.03
CA ARG J 61 25.72 -27.57 20.21
C ARG J 61 24.51 -27.74 19.30
N ALA J 62 24.43 -28.90 18.64
CA ALA J 62 23.36 -29.15 17.70
C ALA J 62 22.04 -29.40 18.44
N SER J 63 20.97 -29.53 17.66
CA SER J 63 19.64 -29.69 18.22
C SER J 63 19.52 -31.02 18.96
N GLY J 64 18.92 -30.98 20.14
CA GLY J 64 18.68 -32.17 20.93
C GLY J 64 19.90 -32.79 21.58
N VAL J 65 21.10 -32.37 21.21
CA VAL J 65 22.31 -32.96 21.79
C VAL J 65 22.35 -32.64 23.28
N PRO J 66 22.60 -33.62 24.15
CA PRO J 66 22.63 -33.35 25.59
C PRO J 66 23.73 -32.36 25.95
N ASP J 67 23.50 -31.64 27.05
CA ASP J 67 24.44 -30.63 27.51
C ASP J 67 25.77 -31.23 27.95
N ARG J 68 25.85 -32.56 28.10
CA ARG J 68 27.11 -33.19 28.49
C ARG J 68 28.19 -32.96 27.44
N PHE J 69 27.82 -32.99 26.16
CA PHE J 69 28.78 -32.78 25.09
C PHE J 69 29.19 -31.31 25.04
N SER J 70 30.38 -31.07 24.47
CA SER J 70 30.91 -29.72 24.35
C SER J 70 32.05 -29.73 23.34
N GLY J 71 32.21 -28.59 22.65
CA GLY J 71 33.28 -28.44 21.68
C GLY J 71 34.08 -27.18 21.95
N SER J 72 35.24 -27.11 21.32
CA SER J 72 36.14 -25.97 21.45
C SER J 72 37.15 -26.02 20.30
N GLY J 73 38.13 -25.13 20.34
CA GLY J 73 39.17 -25.07 19.34
C GLY J 73 38.93 -24.00 18.30
N SER J 74 39.99 -23.71 17.55
CA SER J 74 39.94 -22.69 16.50
C SER J 74 41.13 -22.88 15.57
N GLY J 75 40.97 -22.40 14.34
CA GLY J 75 42.04 -22.44 13.37
C GLY J 75 42.31 -23.84 12.82
N THR J 76 43.29 -24.53 13.41
CA THR J 76 43.68 -25.84 12.95
C THR J 76 43.64 -26.91 14.04
N ASP J 77 43.38 -26.54 15.30
CA ASP J 77 43.32 -27.50 16.39
C ASP J 77 41.99 -27.34 17.11
N PHE J 78 41.23 -28.43 17.20
CA PHE J 78 39.94 -28.44 17.85
C PHE J 78 39.86 -29.63 18.80
N THR J 79 38.83 -29.65 19.65
CA THR J 79 38.69 -30.69 20.64
C THR J 79 37.22 -30.86 21.00
N LEU J 80 36.74 -32.11 20.98
CA LEU J 80 35.41 -32.46 21.43
C LEU J 80 35.51 -33.08 22.82
N LYS J 81 34.63 -32.65 23.73
CA LYS J 81 34.68 -33.08 25.11
C LYS J 81 33.30 -33.56 25.57
N ILE J 82 33.30 -34.55 26.45
CA ILE J 82 32.09 -35.05 27.10
C ILE J 82 32.33 -34.98 28.60
N SER J 83 31.40 -34.34 29.31
CA SER J 83 31.56 -34.20 30.76
C SER J 83 31.48 -35.55 31.46
N ARG J 84 30.40 -36.30 31.22
CA ARG J 84 30.22 -37.63 31.79
C ARG J 84 29.70 -38.54 30.69
N VAL J 85 30.58 -39.40 30.16
CA VAL J 85 30.16 -40.34 29.13
C VAL J 85 29.19 -41.35 29.71
N GLU J 86 28.26 -41.80 28.88
CA GLU J 86 27.26 -42.79 29.26
C GLU J 86 27.16 -43.85 28.16
N ALA J 87 26.32 -44.86 28.39
CA ALA J 87 26.24 -45.98 27.46
C ALA J 87 25.75 -45.53 26.09
N GLU J 88 24.84 -44.56 26.05
CA GLU J 88 24.29 -44.07 24.78
C GLU J 88 25.31 -43.34 23.92
N ASP J 89 26.53 -43.14 24.42
CA ASP J 89 27.54 -42.35 23.73
C ASP J 89 28.54 -43.20 22.96
N VAL J 90 28.33 -44.51 22.87
CA VAL J 90 29.27 -45.36 22.15
C VAL J 90 29.09 -45.18 20.65
N GLY J 91 30.19 -45.35 19.92
CA GLY J 91 30.17 -45.20 18.48
C GLY J 91 31.49 -44.62 18.01
N VAL J 92 31.48 -44.17 16.76
CA VAL J 92 32.65 -43.58 16.11
C VAL J 92 32.34 -42.11 15.83
N TYR J 93 33.25 -41.23 16.21
CA TYR J 93 33.08 -39.78 16.06
C TYR J 93 33.96 -39.28 14.92
N TYR J 94 33.34 -38.63 13.94
CA TYR J 94 34.04 -38.02 12.82
C TYR J 94 33.89 -36.51 12.88
N CYS J 95 34.90 -35.81 12.36
CA CYS J 95 34.85 -34.37 12.18
C CYS J 95 34.88 -34.02 10.69
N LYS J 96 34.40 -32.82 10.37
CA LYS J 96 34.12 -32.48 8.98
C LYS J 96 35.03 -31.34 8.51
N GLN J 97 34.62 -30.66 7.44
CA GLN J 97 35.39 -29.57 6.85
C GLN J 97 34.45 -28.63 6.09
N ALA J 98 33.60 -27.88 6.81
CA ALA J 98 32.61 -27.04 6.16
C ALA J 98 33.23 -25.88 5.40
N LEU J 99 34.49 -25.53 5.70
CA LEU J 99 35.14 -24.40 5.03
C LEU J 99 35.11 -24.57 3.52
N GLN J 100 35.80 -25.58 3.01
CA GLN J 100 35.77 -25.90 1.59
C GLN J 100 34.66 -26.92 1.32
N THR J 101 33.88 -26.66 0.28
CA THR J 101 32.80 -27.58 -0.07
C THR J 101 33.32 -28.96 -0.45
N LEU J 102 34.59 -29.07 -0.81
CA LEU J 102 35.23 -30.38 -0.96
C LEU J 102 35.42 -30.99 0.42
N TYR J 103 34.34 -31.44 1.03
CA TYR J 103 34.37 -31.88 2.42
C TYR J 103 35.29 -33.08 2.59
N THR J 104 36.10 -33.05 3.65
CA THR J 104 37.02 -34.13 3.97
C THR J 104 36.80 -34.52 5.43
N PHE J 105 36.32 -35.74 5.67
CA PHE J 105 36.07 -36.21 7.01
C PHE J 105 37.37 -36.71 7.65
N GLY J 106 37.26 -37.15 8.90
CA GLY J 106 38.38 -37.72 9.63
C GLY J 106 38.33 -39.24 9.63
N GLN J 107 39.38 -39.82 10.22
CA GLN J 107 39.45 -41.27 10.33
C GLN J 107 38.41 -41.81 11.31
N GLY J 108 37.99 -41.00 12.27
CA GLY J 108 37.04 -41.45 13.26
C GLY J 108 37.72 -42.03 14.49
N THR J 109 37.08 -41.83 15.64
CA THR J 109 37.59 -42.31 16.91
C THR J 109 36.51 -43.18 17.56
N LYS J 110 36.79 -44.47 17.70
CA LYS J 110 35.86 -45.39 18.32
C LYS J 110 35.90 -45.26 19.83
N LEU J 111 34.72 -45.27 20.46
CA LEU J 111 34.58 -45.12 21.91
C LEU J 111 34.13 -46.45 22.49
N GLU J 112 35.02 -47.10 23.23
CA GLU J 112 34.74 -48.38 23.86
C GLU J 112 34.55 -48.21 25.36
N ILE J 113 33.82 -49.16 25.95
CA ILE J 113 33.63 -49.20 27.40
C ILE J 113 34.83 -49.90 28.02
N LYS J 114 35.37 -49.31 29.09
CA LYS J 114 36.53 -49.89 29.75
C LYS J 114 36.14 -51.13 30.54
N ARG J 115 36.90 -52.21 30.36
CA ARG J 115 36.73 -53.45 31.08
C ARG J 115 38.07 -53.88 31.64
N THR J 116 38.07 -54.43 32.85
CA THR J 116 39.28 -54.99 33.42
C THR J 116 39.88 -56.01 32.46
N VAL J 117 41.22 -56.01 32.37
CA VAL J 117 41.94 -56.83 31.40
C VAL J 117 41.50 -58.28 31.50
N ALA J 118 40.82 -58.76 30.47
CA ALA J 118 40.24 -60.10 30.46
C ALA J 118 41.15 -61.08 29.73
N ALA J 119 41.10 -62.34 30.16
CA ALA J 119 41.94 -63.38 29.59
C ALA J 119 41.22 -64.02 28.41
N PRO J 120 41.82 -64.04 27.21
CA PRO J 120 41.18 -64.67 26.05
C PRO J 120 41.26 -66.19 26.12
N SER J 121 40.11 -66.83 26.27
CA SER J 121 40.04 -68.29 26.24
C SER J 121 40.18 -68.77 24.80
N VAL J 122 41.27 -69.49 24.52
CA VAL J 122 41.61 -69.90 23.16
C VAL J 122 41.17 -71.34 22.95
N PHE J 123 40.49 -71.59 21.84
CA PHE J 123 40.11 -72.92 21.42
C PHE J 123 40.41 -73.10 19.94
N ILE J 124 40.52 -74.36 19.52
CA ILE J 124 40.79 -74.69 18.13
C ILE J 124 39.87 -75.85 17.73
N PHE J 125 39.37 -75.80 16.50
CA PHE J 125 38.42 -76.77 16.00
C PHE J 125 38.96 -77.41 14.73
N PRO J 126 39.17 -78.73 14.70
CA PRO J 126 39.62 -79.38 13.47
C PRO J 126 38.52 -79.40 12.43
N PRO J 127 38.88 -79.48 11.14
CA PRO J 127 37.84 -79.55 10.10
C PRO J 127 37.00 -80.81 10.24
N SER J 128 35.70 -80.65 10.08
CA SER J 128 34.78 -81.78 10.19
C SER J 128 34.93 -82.72 9.00
N ASP J 129 34.50 -83.96 9.19
CA ASP J 129 34.60 -84.96 8.12
C ASP J 129 33.74 -84.59 6.92
N GLU J 130 32.63 -83.90 7.14
CA GLU J 130 31.75 -83.53 6.04
C GLU J 130 32.41 -82.52 5.12
N GLN J 131 33.08 -81.51 5.68
CA GLN J 131 33.74 -80.51 4.85
C GLN J 131 34.94 -81.08 4.13
N LEU J 132 35.68 -81.98 4.78
CA LEU J 132 36.81 -82.64 4.13
C LEU J 132 36.34 -83.48 2.93
N LYS J 133 35.13 -84.01 3.00
CA LYS J 133 34.59 -84.77 1.87
C LYS J 133 34.36 -83.89 0.66
N SER J 134 33.97 -82.63 0.88
CA SER J 134 33.72 -81.73 -0.25
C SER J 134 35.00 -81.34 -0.97
N GLY J 135 36.13 -81.39 -0.28
CA GLY J 135 37.41 -80.98 -0.83
C GLY J 135 38.02 -79.73 -0.22
N THR J 136 37.54 -79.28 0.93
CA THR J 136 38.04 -78.08 1.57
C THR J 136 38.17 -78.32 3.07
N ALA J 137 39.21 -77.76 3.67
CA ALA J 137 39.46 -77.88 5.11
C ALA J 137 39.47 -76.49 5.73
N SER J 138 38.64 -76.32 6.76
CA SER J 138 38.54 -75.05 7.48
C SER J 138 38.84 -75.29 8.95
N VAL J 139 39.97 -74.75 9.41
CA VAL J 139 40.35 -74.82 10.82
C VAL J 139 39.96 -73.51 11.48
N VAL J 140 39.15 -73.60 12.53
CA VAL J 140 38.60 -72.42 13.20
C VAL J 140 39.28 -72.27 14.55
N CYS J 141 39.72 -71.04 14.85
CA CYS J 141 40.30 -70.70 16.14
C CYS J 141 39.38 -69.71 16.85
N LEU J 142 39.12 -69.96 18.13
CA LEU J 142 38.14 -69.18 18.89
C LEU J 142 38.84 -68.41 20.00
N LEU J 143 38.59 -67.09 20.04
CA LEU J 143 39.03 -66.23 21.13
C LEU J 143 37.78 -65.68 21.80
N ASN J 144 37.55 -66.05 23.05
CA ASN J 144 36.30 -65.76 23.74
C ASN J 144 36.54 -64.80 24.90
N ASN J 145 35.77 -63.70 24.91
CA ASN J 145 35.70 -62.78 26.05
C ASN J 145 37.06 -62.26 26.47
N PHE J 146 37.53 -61.21 25.79
CA PHE J 146 38.82 -60.61 26.10
C PHE J 146 38.71 -59.10 25.97
N TYR J 147 39.63 -58.40 26.66
CA TYR J 147 39.70 -56.95 26.60
C TYR J 147 41.15 -56.56 26.79
N PRO J 148 41.69 -55.63 25.97
CA PRO J 148 40.96 -54.89 24.92
C PRO J 148 40.80 -55.65 23.61
N ARG J 149 40.43 -54.90 22.56
CA ARG J 149 40.12 -55.50 21.27
C ARG J 149 41.38 -55.98 20.54
N GLU J 150 42.47 -55.25 20.67
CA GLU J 150 43.69 -55.56 19.94
C GLU J 150 44.19 -56.96 20.29
N ALA J 151 44.26 -57.83 19.28
CA ALA J 151 44.71 -59.20 19.48
C ALA J 151 45.44 -59.67 18.23
N LYS J 152 46.46 -60.51 18.44
CA LYS J 152 47.26 -61.06 17.37
C LYS J 152 47.04 -62.57 17.31
N VAL J 153 46.60 -63.06 16.15
CA VAL J 153 46.33 -64.47 15.95
C VAL J 153 47.24 -64.97 14.83
N GLN J 154 48.12 -65.91 15.15
CA GLN J 154 49.10 -66.45 14.21
C GLN J 154 48.87 -67.93 14.04
N TRP J 155 48.69 -68.36 12.79
CA TRP J 155 48.50 -69.78 12.47
C TRP J 155 49.84 -70.46 12.25
N LYS J 156 49.89 -71.76 12.56
CA LYS J 156 51.09 -72.56 12.36
C LYS J 156 50.69 -73.94 11.85
N VAL J 157 51.10 -74.26 10.63
CA VAL J 157 50.94 -75.59 10.05
C VAL J 157 52.32 -76.25 10.03
N ASP J 158 52.44 -77.36 10.76
CA ASP J 158 53.73 -78.02 10.96
C ASP J 158 54.75 -77.06 11.55
N ASN J 159 54.30 -76.23 12.50
CA ASN J 159 55.08 -75.20 13.16
C ASN J 159 55.57 -74.12 12.19
N ALA J 160 55.06 -74.10 10.96
CA ALA J 160 55.42 -73.09 9.98
C ALA J 160 54.33 -72.04 9.91
N LEU J 161 54.73 -70.77 9.93
CA LEU J 161 53.75 -69.68 9.96
C LEU J 161 53.05 -69.53 8.62
N GLN J 162 51.74 -69.36 8.67
CA GLN J 162 50.91 -69.20 7.49
C GLN J 162 50.57 -67.73 7.27
N SER J 163 50.16 -67.41 6.04
CA SER J 163 49.79 -66.05 5.69
C SER J 163 48.95 -66.06 4.43
N GLY J 164 47.97 -65.18 4.37
CA GLY J 164 47.12 -65.04 3.21
C GLY J 164 46.05 -66.09 3.03
N ASN J 165 45.97 -67.07 3.94
CA ASN J 165 44.99 -68.14 3.84
C ASN J 165 44.05 -68.19 5.04
N SER J 166 44.00 -67.11 5.82
CA SER J 166 43.15 -67.05 7.01
C SER J 166 42.42 -65.72 7.05
N GLN J 167 41.18 -65.76 7.51
CA GLN J 167 40.33 -64.58 7.64
C GLN J 167 39.71 -64.59 9.02
N GLU J 168 39.73 -63.44 9.69
CA GLU J 168 39.22 -63.33 11.05
C GLU J 168 38.09 -62.30 11.13
N SER J 169 37.16 -62.56 12.03
CA SER J 169 36.05 -61.65 12.31
C SER J 169 35.90 -61.51 13.82
N VAL J 170 35.38 -60.36 14.24
CA VAL J 170 35.25 -60.04 15.65
C VAL J 170 33.81 -59.61 15.93
N THR J 171 33.30 -59.97 17.10
CA THR J 171 31.98 -59.54 17.52
C THR J 171 32.04 -58.12 18.07
N GLU J 172 30.87 -57.50 18.18
CA GLU J 172 30.78 -56.20 18.82
C GLU J 172 30.95 -56.35 20.33
N GLN J 173 31.16 -55.22 21.00
CA GLN J 173 31.30 -55.22 22.44
C GLN J 173 30.03 -55.75 23.09
N ASP J 174 30.19 -56.75 23.96
CA ASP J 174 29.03 -57.36 24.61
C ASP J 174 28.32 -56.36 25.50
N SER J 175 27.00 -56.49 25.56
CA SER J 175 26.17 -55.53 26.28
C SER J 175 26.21 -55.72 27.79
N LYS J 176 26.82 -56.80 28.28
CA LYS J 176 26.84 -57.09 29.71
C LYS J 176 28.25 -56.98 30.30
N ASP J 177 29.20 -57.75 29.78
CA ASP J 177 30.56 -57.76 30.31
C ASP J 177 31.53 -56.91 29.49
N SER J 178 31.06 -56.27 28.43
CA SER J 178 31.88 -55.37 27.60
C SER J 178 33.11 -56.09 27.03
N THR J 179 32.97 -57.37 26.70
CA THR J 179 34.06 -58.16 26.17
C THR J 179 33.91 -58.33 24.67
N TYR J 180 34.99 -58.79 24.03
CA TYR J 180 35.03 -59.05 22.60
C TYR J 180 35.27 -60.53 22.35
N SER J 181 34.85 -60.98 21.17
CA SER J 181 35.06 -62.36 20.74
C SER J 181 35.53 -62.35 19.30
N LEU J 182 36.60 -63.10 19.02
CA LEU J 182 37.20 -63.13 17.70
C LEU J 182 37.28 -64.58 17.22
N SER J 183 37.04 -64.77 15.92
CA SER J 183 37.10 -66.08 15.29
C SER J 183 37.98 -65.99 14.05
N SER J 184 38.98 -66.87 13.97
CA SER J 184 39.90 -66.92 12.84
C SER J 184 39.76 -68.27 12.17
N THR J 185 39.33 -68.27 10.91
CA THR J 185 39.15 -69.49 10.13
C THR J 185 40.28 -69.62 9.12
N LEU J 186 40.91 -70.80 9.09
CA LEU J 186 42.01 -71.09 8.17
C LEU J 186 41.47 -71.99 7.05
N THR J 187 41.40 -71.45 5.84
CA THR J 187 40.83 -72.15 4.69
C THR J 187 41.96 -72.83 3.91
N LEU J 188 41.94 -74.16 3.89
CA LEU J 188 42.90 -74.95 3.14
C LEU J 188 42.17 -75.85 2.15
N SER J 189 42.89 -76.25 1.11
CA SER J 189 42.38 -77.27 0.22
C SER J 189 42.53 -78.65 0.86
N LYS J 190 41.74 -79.61 0.37
CA LYS J 190 41.81 -80.96 0.92
C LYS J 190 43.17 -81.60 0.68
N ALA J 191 43.84 -81.22 -0.41
CA ALA J 191 45.16 -81.77 -0.69
C ALA J 191 46.21 -81.25 0.29
N ASP J 192 46.27 -79.93 0.47
CA ASP J 192 47.27 -79.34 1.36
C ASP J 192 46.99 -79.65 2.82
N TYR J 193 45.74 -79.93 3.19
CA TYR J 193 45.44 -80.27 4.58
C TYR J 193 46.02 -81.62 4.96
N GLU J 194 45.89 -82.61 4.07
CA GLU J 194 46.44 -83.94 4.32
C GLU J 194 47.94 -84.01 4.09
N LYS J 195 48.53 -83.00 3.43
CA LYS J 195 49.97 -82.97 3.22
C LYS J 195 50.74 -82.70 4.51
N HIS J 196 50.06 -82.28 5.58
CA HIS J 196 50.72 -81.91 6.83
C HIS J 196 49.97 -82.56 7.99
N LYS J 197 50.40 -82.23 9.21
CA LYS J 197 49.91 -82.94 10.39
C LYS J 197 49.59 -81.98 11.54
N VAL J 198 50.54 -81.12 11.90
CA VAL J 198 50.40 -80.27 13.08
C VAL J 198 49.78 -78.95 12.66
N TYR J 199 48.72 -78.56 13.37
CA TYR J 199 48.02 -77.29 13.15
C TYR J 199 47.90 -76.57 14.47
N ALA J 200 48.50 -75.40 14.57
CA ALA J 200 48.57 -74.64 15.82
C ALA J 200 47.92 -73.28 15.65
N CYS J 201 47.55 -72.69 16.80
CA CYS J 201 46.97 -71.34 16.84
C CYS J 201 47.62 -70.59 17.99
N GLU J 202 48.50 -69.64 17.66
CA GLU J 202 49.21 -68.85 18.66
C GLU J 202 48.50 -67.51 18.82
N VAL J 203 48.20 -67.16 20.07
CA VAL J 203 47.45 -65.95 20.39
C VAL J 203 48.28 -65.09 21.33
N THR J 204 48.45 -63.82 20.97
CA THR J 204 49.13 -62.83 21.79
C THR J 204 48.15 -61.71 22.13
N HIS J 205 48.08 -61.35 23.41
CA HIS J 205 47.11 -60.37 23.87
C HIS J 205 47.67 -59.68 25.11
N GLN J 206 47.10 -58.51 25.42
CA GLN J 206 47.49 -57.79 26.61
C GLN J 206 47.18 -58.57 27.89
N GLY J 207 46.22 -59.48 27.84
CA GLY J 207 45.85 -60.28 28.99
C GLY J 207 46.54 -61.63 29.03
N LEU J 208 47.72 -61.72 28.42
CA LEU J 208 48.53 -62.93 28.44
C LEU J 208 49.98 -62.53 28.66
N SER J 209 50.57 -63.02 29.75
CA SER J 209 51.99 -62.75 30.00
C SER J 209 52.87 -63.34 28.92
N SER J 210 52.44 -64.45 28.32
CA SER J 210 53.13 -65.10 27.23
C SER J 210 52.10 -65.67 26.27
N PRO J 211 52.45 -65.78 24.98
CA PRO J 211 51.47 -66.31 24.01
C PRO J 211 51.00 -67.71 24.36
N VAL J 212 49.75 -68.00 24.03
CA VAL J 212 49.11 -69.27 24.30
C VAL J 212 48.88 -69.99 22.98
N THR J 213 49.18 -71.29 22.94
CA THR J 213 49.06 -72.09 21.73
C THR J 213 48.14 -73.28 21.98
N LYS J 214 47.17 -73.45 21.08
CA LYS J 214 46.29 -74.61 21.08
C LYS J 214 46.48 -75.36 19.76
N SER J 215 46.69 -76.67 19.84
CA SER J 215 47.08 -77.46 18.68
C SER J 215 46.29 -78.76 18.64
N PHE J 216 46.39 -79.43 17.49
CA PHE J 216 45.83 -80.76 17.29
C PHE J 216 46.60 -81.43 16.18
N ASN J 217 46.53 -82.77 16.14
CA ASN J 217 47.33 -83.57 15.23
C ASN J 217 46.43 -84.58 14.53
N ARG J 218 46.21 -84.39 13.23
CA ARG J 218 45.49 -85.35 12.40
C ARG J 218 45.96 -85.29 10.95
N ASP K 3 -35.61 9.85 37.57
CA ASP K 3 -34.40 9.63 38.36
C ASP K 3 -34.45 8.29 39.07
N ILE K 4 -33.28 7.71 39.33
CA ILE K 4 -33.16 6.39 39.94
C ILE K 4 -32.81 6.57 41.41
N VAL K 5 -33.66 6.04 42.28
CA VAL K 5 -33.45 6.12 43.72
C VAL K 5 -32.59 4.93 44.16
N MET K 6 -31.51 5.21 44.87
CA MET K 6 -30.58 4.19 45.34
C MET K 6 -30.68 4.11 46.86
N THR K 7 -31.08 2.94 47.36
CA THR K 7 -31.24 2.71 48.79
C THR K 7 -30.22 1.67 49.24
N GLN K 8 -29.44 2.01 50.27
CA GLN K 8 -28.46 1.12 50.85
C GLN K 8 -28.90 0.65 52.23
N SER K 9 -28.40 -0.52 52.62
CA SER K 9 -28.68 -1.09 53.92
C SER K 9 -27.61 -2.11 54.28
N PRO K 10 -27.04 -2.06 55.48
CA PRO K 10 -27.41 -1.12 56.55
C PRO K 10 -26.75 0.25 56.41
N SER K 11 -26.98 1.12 57.38
CA SER K 11 -26.36 2.43 57.41
C SER K 11 -25.04 2.43 58.17
N SER K 12 -25.00 1.74 59.30
CA SER K 12 -23.77 1.54 60.08
C SER K 12 -23.53 0.05 60.22
N LEU K 13 -22.30 -0.38 59.97
CA LEU K 13 -21.95 -1.81 59.94
C LEU K 13 -20.70 -2.04 60.80
N PRO K 14 -20.88 -2.19 62.12
CA PRO K 14 -19.76 -2.63 62.96
C PRO K 14 -19.39 -4.07 62.64
N VAL K 15 -18.10 -4.30 62.37
CA VAL K 15 -17.61 -5.63 62.03
C VAL K 15 -16.32 -5.89 62.80
N THR K 16 -16.22 -7.07 63.42
CA THR K 16 -14.98 -7.46 64.06
C THR K 16 -13.94 -7.82 63.00
N PRO K 17 -12.68 -7.43 63.20
CA PRO K 17 -11.61 -7.88 62.28
C PRO K 17 -11.57 -9.40 62.21
N GLY K 18 -11.44 -9.91 60.99
CA GLY K 18 -11.47 -11.33 60.75
C GLY K 18 -12.85 -11.92 60.54
N GLU K 19 -13.89 -11.08 60.49
CA GLU K 19 -15.26 -11.52 60.28
C GLU K 19 -15.79 -11.01 58.94
N PRO K 20 -16.57 -11.80 58.22
CA PRO K 20 -17.11 -11.34 56.94
C PRO K 20 -18.15 -10.25 57.14
N ALA K 21 -18.48 -9.58 56.04
CA ALA K 21 -19.45 -8.49 56.06
C ALA K 21 -20.19 -8.47 54.73
N SER K 22 -21.30 -7.74 54.71
CA SER K 22 -22.13 -7.65 53.51
C SER K 22 -22.90 -6.34 53.54
N ILE K 23 -22.99 -5.68 52.38
CA ILE K 23 -23.73 -4.44 52.22
C ILE K 23 -24.65 -4.59 51.01
N SER K 24 -25.91 -4.21 51.18
CA SER K 24 -26.91 -4.33 50.13
C SER K 24 -27.29 -2.96 49.60
N CYS K 25 -27.20 -2.79 48.28
CA CYS K 25 -27.62 -1.57 47.60
C CYS K 25 -28.77 -1.91 46.67
N ARG K 26 -29.92 -1.28 46.89
CA ARG K 26 -31.14 -1.57 46.14
C ARG K 26 -31.57 -0.32 45.39
N SER K 27 -31.91 -0.49 44.11
CA SER K 27 -32.33 0.60 43.25
C SER K 27 -33.85 0.63 43.11
N SER K 28 -34.34 1.68 42.46
CA SER K 28 -35.75 1.83 42.18
C SER K 28 -36.12 1.44 40.76
N GLN K 29 -35.13 1.26 39.88
CA GLN K 29 -35.36 0.81 38.52
C GLN K 29 -34.33 -0.26 38.17
N SER K 30 -34.57 -0.95 37.07
CA SER K 30 -33.65 -2.01 36.64
C SER K 30 -32.35 -1.40 36.12
N LEU K 31 -31.23 -2.00 36.52
CA LEU K 31 -29.91 -1.53 36.12
C LEU K 31 -29.25 -2.47 35.11
N LEU K 32 -30.04 -3.33 34.48
CA LEU K 32 -29.53 -4.32 33.52
C LEU K 32 -29.81 -3.80 32.12
N HIS K 33 -28.79 -3.20 31.50
CA HIS K 33 -28.88 -2.82 30.11
C HIS K 33 -28.99 -4.08 29.25
N SER K 34 -29.53 -3.91 28.03
CA SER K 34 -29.69 -5.03 27.11
C SER K 34 -28.39 -5.79 26.88
N ASN K 35 -27.23 -5.16 27.12
CA ASN K 35 -25.94 -5.82 26.98
C ASN K 35 -25.76 -6.96 27.97
N GLY K 36 -26.63 -7.08 28.98
CA GLY K 36 -26.42 -8.00 30.07
C GLY K 36 -25.51 -7.48 31.16
N TYR K 37 -24.91 -6.31 30.97
CA TYR K 37 -24.03 -5.71 31.96
C TYR K 37 -24.88 -4.89 32.94
N ASN K 38 -24.74 -5.20 34.23
CA ASN K 38 -25.42 -4.44 35.28
C ASN K 38 -24.57 -3.20 35.56
N TYR K 39 -25.00 -2.04 35.05
CA TYR K 39 -24.22 -0.81 35.17
C TYR K 39 -24.38 -0.23 36.57
N LEU K 40 -23.72 -0.89 37.52
CA LEU K 40 -23.66 -0.43 38.91
C LEU K 40 -22.21 -0.54 39.39
N ASP K 41 -21.76 0.49 40.11
CA ASP K 41 -20.41 0.54 40.63
C ASP K 41 -20.42 0.69 42.14
N TRP K 42 -19.37 0.21 42.78
CA TRP K 42 -19.18 0.32 44.23
C TRP K 42 -17.98 1.21 44.51
N TYR K 43 -18.17 2.21 45.35
CA TYR K 43 -17.10 3.12 45.73
C TYR K 43 -16.84 3.02 47.23
N LEU K 44 -15.57 3.22 47.60
CA LEU K 44 -15.16 3.25 49.00
C LEU K 44 -14.40 4.54 49.25
N GLN K 45 -14.95 5.39 50.12
CA GLN K 45 -14.29 6.63 50.53
C GLN K 45 -13.63 6.38 51.87
N LYS K 46 -12.33 6.10 51.84
CA LYS K 46 -11.57 5.88 53.07
C LYS K 46 -11.55 7.16 53.90
N PRO K 47 -11.33 7.03 55.21
CA PRO K 47 -11.35 8.22 56.09
C PRO K 47 -10.36 9.29 55.63
N GLY K 48 -10.91 10.46 55.28
CA GLY K 48 -10.10 11.58 54.82
C GLY K 48 -9.41 11.32 53.50
N GLN K 49 -10.17 10.85 52.52
CA GLN K 49 -9.61 10.52 51.21
C GLN K 49 -10.64 10.82 50.14
N SER K 50 -10.27 10.56 48.89
CA SER K 50 -11.16 10.71 47.75
C SER K 50 -11.86 9.38 47.45
N PRO K 51 -13.07 9.43 46.91
CA PRO K 51 -13.78 8.20 46.55
C PRO K 51 -12.97 7.37 45.55
N GLN K 52 -12.80 6.10 45.88
CA GLN K 52 -12.08 5.16 45.02
C GLN K 52 -13.02 4.02 44.61
N LEU K 53 -12.69 3.39 43.49
CA LEU K 53 -13.54 2.36 42.91
C LEU K 53 -13.13 0.98 43.42
N LEU K 54 -14.13 0.19 43.82
CA LEU K 54 -13.90 -1.18 44.28
C LEU K 54 -14.46 -2.21 43.31
N ILE K 55 -15.74 -2.13 43.00
CA ILE K 55 -16.40 -3.05 42.08
C ILE K 55 -17.12 -2.25 41.02
N TYR K 56 -16.86 -2.53 39.75
CA TYR K 56 -17.54 -1.91 38.63
C TYR K 56 -18.36 -2.96 37.89
N LEU K 57 -19.49 -2.50 37.31
CA LEU K 57 -20.39 -3.36 36.54
C LEU K 57 -20.95 -4.49 37.39
N GLY K 58 -21.28 -4.19 38.64
CA GLY K 58 -21.93 -5.13 39.54
C GLY K 58 -21.08 -6.20 40.21
N SER K 59 -20.19 -6.83 39.44
CA SER K 59 -19.37 -7.92 39.99
C SER K 59 -17.92 -7.89 39.55
N ASN K 60 -17.55 -7.19 38.47
CA ASN K 60 -16.17 -7.16 38.02
C ASN K 60 -15.32 -6.35 38.99
N ARG K 61 -14.32 -7.01 39.58
CA ARG K 61 -13.47 -6.35 40.56
C ARG K 61 -12.57 -5.33 39.88
N ALA K 62 -12.41 -4.17 40.51
CA ALA K 62 -11.59 -3.11 39.94
C ALA K 62 -10.11 -3.48 39.99
N SER K 63 -9.30 -2.64 39.37
CA SER K 63 -7.86 -2.89 39.29
C SER K 63 -7.21 -2.73 40.66
N GLY K 64 -6.37 -3.69 41.03
CA GLY K 64 -5.63 -3.63 42.28
C GLY K 64 -6.40 -3.99 43.52
N VAL K 65 -7.70 -4.22 43.42
CA VAL K 65 -8.50 -4.57 44.60
C VAL K 65 -8.20 -6.01 45.01
N PRO K 66 -7.95 -6.27 46.29
CA PRO K 66 -7.69 -7.66 46.71
C PRO K 66 -8.90 -8.56 46.47
N ASP K 67 -8.63 -9.85 46.32
CA ASP K 67 -9.67 -10.82 46.05
C ASP K 67 -10.64 -11.01 47.20
N ARG K 68 -10.39 -10.37 48.35
CA ARG K 68 -11.31 -10.46 49.48
C ARG K 68 -12.62 -9.74 49.21
N PHE K 69 -12.66 -8.84 48.23
CA PHE K 69 -13.87 -8.13 47.86
C PHE K 69 -14.55 -8.84 46.70
N SER K 70 -15.87 -8.66 46.62
CA SER K 70 -16.65 -9.29 45.56
C SER K 70 -18.00 -8.60 45.45
N GLY K 71 -18.52 -8.56 44.23
CA GLY K 71 -19.83 -7.98 43.98
C GLY K 71 -20.79 -9.01 43.39
N SER K 72 -22.09 -8.78 43.57
CA SER K 72 -23.10 -9.72 43.07
C SER K 72 -24.41 -8.97 42.91
N GLY K 73 -25.42 -9.68 42.43
CA GLY K 73 -26.75 -9.12 42.24
C GLY K 73 -27.03 -8.79 40.78
N SER K 74 -28.27 -8.39 40.54
CA SER K 74 -28.71 -8.02 39.20
C SER K 74 -30.04 -7.28 39.32
N GLY K 75 -30.38 -6.55 38.26
CA GLY K 75 -31.64 -5.84 38.20
C GLY K 75 -31.75 -4.69 39.18
N THR K 76 -32.38 -4.93 40.33
CA THR K 76 -32.61 -3.90 41.32
C THR K 76 -32.03 -4.23 42.70
N ASP K 77 -31.52 -5.43 42.91
CA ASP K 77 -30.96 -5.84 44.20
C ASP K 77 -29.54 -6.34 44.00
N PHE K 78 -28.59 -5.74 44.70
CA PHE K 78 -27.19 -6.09 44.61
C PHE K 78 -26.60 -6.24 46.00
N THR K 79 -25.38 -6.77 46.08
CA THR K 79 -24.74 -7.02 47.36
C THR K 79 -23.24 -6.97 47.21
N LEU K 80 -22.58 -6.23 48.10
CA LEU K 80 -21.13 -6.18 48.18
C LEU K 80 -20.68 -6.98 49.40
N LYS K 81 -19.74 -7.90 49.20
CA LYS K 81 -19.31 -8.81 50.25
C LYS K 81 -17.80 -8.71 50.44
N ILE K 82 -17.37 -8.82 51.70
CA ILE K 82 -15.96 -8.88 52.06
C ILE K 82 -15.75 -10.19 52.81
N SER K 83 -14.81 -11.01 52.31
CA SER K 83 -14.57 -12.31 52.94
C SER K 83 -14.05 -12.16 54.36
N ARG K 84 -12.97 -11.40 54.52
CA ARG K 84 -12.38 -11.15 55.85
C ARG K 84 -12.00 -9.67 55.91
N VAL K 85 -12.76 -8.90 56.69
CA VAL K 85 -12.48 -7.47 56.80
C VAL K 85 -11.20 -7.25 57.60
N GLU K 86 -10.51 -6.16 57.29
CA GLU K 86 -9.31 -5.76 58.00
C GLU K 86 -9.39 -4.27 58.31
N ALA K 87 -8.38 -3.76 59.02
CA ALA K 87 -8.40 -2.37 59.45
C ALA K 87 -8.34 -1.41 58.27
N GLU K 88 -7.70 -1.80 57.17
CA GLU K 88 -7.60 -0.94 56.00
C GLU K 88 -8.92 -0.80 55.25
N ASP K 89 -9.96 -1.54 55.64
CA ASP K 89 -11.24 -1.51 54.95
C ASP K 89 -12.24 -0.53 55.58
N VAL K 90 -11.84 0.20 56.61
CA VAL K 90 -12.75 1.14 57.25
C VAL K 90 -13.04 2.30 56.32
N GLY K 91 -14.24 2.87 56.45
CA GLY K 91 -14.66 3.98 55.63
C GLY K 91 -16.14 3.87 55.33
N VAL K 92 -16.57 4.59 54.30
CA VAL K 92 -17.96 4.62 53.86
C VAL K 92 -18.03 4.10 52.44
N TYR K 93 -18.97 3.21 52.18
CA TYR K 93 -19.14 2.57 50.88
C TYR K 93 -20.38 3.14 50.20
N TYR K 94 -20.19 3.71 49.01
CA TYR K 94 -21.29 4.22 48.19
C TYR K 94 -21.44 3.37 46.95
N CYS K 95 -22.69 3.19 46.51
CA CYS K 95 -22.99 2.53 45.25
C CYS K 95 -23.46 3.57 44.24
N LYS K 96 -23.08 3.37 42.99
CA LYS K 96 -23.30 4.38 41.95
C LYS K 96 -24.58 4.10 41.18
N GLN K 97 -24.63 4.54 39.91
CA GLN K 97 -25.78 4.36 39.04
C GLN K 97 -25.38 4.71 37.60
N ALA K 98 -24.75 3.77 36.92
CA ALA K 98 -24.14 4.05 35.61
C ALA K 98 -25.11 3.92 34.44
N LEU K 99 -26.32 3.39 34.67
CA LEU K 99 -27.28 3.25 33.57
C LEU K 99 -27.62 4.62 32.98
N GLN K 100 -28.24 5.48 33.77
CA GLN K 100 -28.50 6.86 33.35
C GLN K 100 -27.29 7.72 33.68
N THR K 101 -26.93 8.60 32.74
CA THR K 101 -25.83 9.52 32.98
C THR K 101 -26.13 10.51 34.09
N LEU K 102 -27.40 10.67 34.45
CA LEU K 102 -27.77 11.39 35.67
C LEU K 102 -27.43 10.50 36.87
N TYR K 103 -26.15 10.31 37.13
CA TYR K 103 -25.71 9.35 38.15
C TYR K 103 -26.27 9.73 39.52
N THR K 104 -26.79 8.73 40.23
CA THR K 104 -27.33 8.91 41.57
C THR K 104 -26.63 7.94 42.51
N PHE K 105 -25.89 8.48 43.47
CA PHE K 105 -25.18 7.65 44.44
C PHE K 105 -26.17 7.21 45.53
N GLY K 106 -25.64 6.62 46.61
CA GLY K 106 -26.42 6.20 47.73
C GLY K 106 -26.13 7.00 48.98
N GLN K 107 -26.75 6.57 50.08
CA GLN K 107 -26.54 7.24 51.36
C GLN K 107 -25.17 6.91 51.94
N GLY K 108 -24.64 5.73 51.66
CA GLY K 108 -23.35 5.33 52.18
C GLY K 108 -23.45 4.52 53.45
N THR K 109 -22.61 3.50 53.58
CA THR K 109 -22.59 2.64 54.76
C THR K 109 -21.24 2.77 55.44
N LYS K 110 -21.25 3.27 56.68
CA LYS K 110 -20.03 3.40 57.45
C LYS K 110 -19.65 2.08 58.09
N LEU K 111 -18.37 1.74 57.99
CA LEU K 111 -17.84 0.47 58.49
C LEU K 111 -17.00 0.74 59.73
N GLU K 112 -17.61 0.58 60.91
CA GLU K 112 -16.90 0.72 62.16
C GLU K 112 -16.33 -0.63 62.60
N ILE K 113 -15.38 -0.57 63.53
CA ILE K 113 -14.77 -1.77 64.09
C ILE K 113 -15.51 -2.17 65.36
N LYS K 114 -15.97 -3.42 65.41
CA LYS K 114 -16.61 -3.93 66.61
C LYS K 114 -15.63 -3.89 67.78
N ARG K 115 -16.05 -3.27 68.87
CA ARG K 115 -15.20 -3.10 70.05
C ARG K 115 -15.96 -3.56 71.28
N THR K 116 -15.34 -4.43 72.08
CA THR K 116 -15.99 -4.96 73.27
C THR K 116 -15.89 -4.00 74.45
N VAL K 117 -14.76 -3.32 74.60
CA VAL K 117 -14.56 -2.42 75.73
C VAL K 117 -15.51 -1.23 75.61
N ALA K 118 -16.00 -0.74 76.76
CA ALA K 118 -16.98 0.34 76.79
C ALA K 118 -16.90 1.04 78.16
N ALA K 119 -15.90 1.91 78.29
CA ALA K 119 -15.67 2.65 79.54
C ALA K 119 -15.48 4.13 79.22
N PRO K 120 -16.58 4.90 79.18
CA PRO K 120 -16.45 6.34 78.90
C PRO K 120 -15.97 7.14 80.10
N SER K 121 -14.68 7.48 80.12
CA SER K 121 -14.13 8.30 81.19
C SER K 121 -14.64 9.72 81.07
N VAL K 122 -15.23 10.24 82.14
CA VAL K 122 -15.89 11.54 82.15
C VAL K 122 -15.06 12.50 82.99
N PHE K 123 -14.73 13.65 82.41
CA PHE K 123 -14.09 14.75 83.12
C PHE K 123 -14.83 16.04 82.81
N ILE K 124 -14.64 17.02 83.68
CA ILE K 124 -15.26 18.34 83.52
C ILE K 124 -14.20 19.40 83.78
N PHE K 125 -14.22 20.47 82.99
CA PHE K 125 -13.23 21.53 83.07
C PHE K 125 -13.94 22.87 83.27
N PRO K 126 -13.69 23.58 84.37
CA PRO K 126 -14.29 24.90 84.56
C PRO K 126 -13.74 25.91 83.57
N PRO K 127 -14.45 27.00 83.33
CA PRO K 127 -13.92 28.04 82.42
C PRO K 127 -12.65 28.65 82.97
N SER K 128 -11.72 28.97 82.07
CA SER K 128 -10.45 29.54 82.48
C SER K 128 -10.64 30.95 83.04
N ASP K 129 -9.68 31.36 83.88
CA ASP K 129 -9.76 32.67 84.51
C ASP K 129 -9.66 33.79 83.47
N GLU K 130 -8.83 33.61 82.45
CA GLU K 130 -8.67 34.63 81.44
C GLU K 130 -9.92 34.75 80.57
N GLN K 131 -10.62 33.65 80.33
CA GLN K 131 -11.84 33.70 79.54
C GLN K 131 -12.96 34.41 80.29
N LEU K 132 -13.06 34.19 81.60
CA LEU K 132 -14.04 34.90 82.41
C LEU K 132 -13.82 36.39 82.34
N LYS K 133 -12.56 36.82 82.32
CA LYS K 133 -12.25 38.24 82.17
C LYS K 133 -12.66 38.76 80.80
N SER K 134 -12.58 37.91 79.77
CA SER K 134 -12.96 38.33 78.43
C SER K 134 -14.44 38.63 78.32
N GLY K 135 -15.28 37.91 79.06
CA GLY K 135 -16.71 38.12 79.03
C GLY K 135 -17.48 36.91 78.55
N THR K 136 -16.89 35.73 78.72
CA THR K 136 -17.53 34.49 78.30
C THR K 136 -17.02 33.36 79.19
N ALA K 137 -17.89 32.40 79.47
CA ALA K 137 -17.55 31.23 80.27
C ALA K 137 -17.85 29.97 79.47
N SER K 138 -16.83 29.13 79.30
CA SER K 138 -16.96 27.89 78.54
C SER K 138 -16.64 26.71 79.44
N VAL K 139 -17.62 25.85 79.66
CA VAL K 139 -17.47 24.64 80.46
C VAL K 139 -17.35 23.46 79.50
N VAL K 140 -16.27 22.70 79.61
CA VAL K 140 -15.96 21.61 78.70
C VAL K 140 -16.14 20.29 79.44
N CYS K 141 -16.86 19.36 78.81
CA CYS K 141 -17.05 18.01 79.33
C CYS K 141 -16.34 17.04 78.40
N LEU K 142 -15.61 16.09 78.98
CA LEU K 142 -14.75 15.19 78.21
C LEU K 142 -15.21 13.76 78.37
N LEU K 143 -15.55 13.13 77.25
CA LEU K 143 -15.82 11.70 77.17
C LEU K 143 -14.66 11.04 76.43
N ASN K 144 -13.92 10.18 77.11
CA ASN K 144 -12.68 9.63 76.60
C ASN K 144 -12.79 8.12 76.42
N ASN K 145 -12.46 7.65 75.21
CA ASN K 145 -12.29 6.22 74.93
C ASN K 145 -13.54 5.41 75.27
N PHE K 146 -14.50 5.38 74.35
CA PHE K 146 -15.74 4.64 74.58
C PHE K 146 -16.22 4.05 73.27
N TYR K 147 -17.13 3.08 73.38
CA TYR K 147 -17.74 2.41 72.23
C TYR K 147 -19.05 1.81 72.70
N PRO K 148 -20.15 1.94 71.93
CA PRO K 148 -20.20 2.54 70.59
C PRO K 148 -20.22 4.07 70.58
N ARG K 149 -20.35 4.63 69.38
CA ARG K 149 -20.32 6.08 69.22
C ARG K 149 -21.51 6.75 69.91
N GLU K 150 -22.66 6.09 69.95
CA GLU K 150 -23.87 6.68 70.51
C GLU K 150 -23.67 6.98 71.99
N ALA K 151 -23.84 8.25 72.35
CA ALA K 151 -23.69 8.68 73.73
C ALA K 151 -24.52 9.94 73.96
N LYS K 152 -25.09 10.07 75.15
CA LYS K 152 -25.92 11.19 75.52
C LYS K 152 -25.21 12.03 76.57
N VAL K 153 -25.14 13.33 76.34
CA VAL K 153 -24.51 14.28 77.26
C VAL K 153 -25.53 15.34 77.62
N GLN K 154 -25.87 15.42 78.90
CA GLN K 154 -26.86 16.37 79.40
C GLN K 154 -26.20 17.32 80.37
N TRP K 155 -26.32 18.62 80.11
CA TRP K 155 -25.78 19.63 81.00
C TRP K 155 -26.81 20.02 82.06
N LYS K 156 -26.31 20.32 83.26
CA LYS K 156 -27.16 20.75 84.36
C LYS K 156 -26.51 21.94 85.05
N VAL K 157 -27.21 23.07 85.05
CA VAL K 157 -26.79 24.26 85.78
C VAL K 157 -27.75 24.45 86.96
N ASP K 158 -27.22 24.35 88.17
CA ASP K 158 -28.03 24.34 89.39
C ASP K 158 -29.06 23.20 89.34
N ASN K 159 -28.62 22.05 88.84
CA ASN K 159 -29.44 20.85 88.65
C ASN K 159 -30.58 21.07 87.68
N ALA K 160 -30.60 22.19 86.95
CA ALA K 160 -31.61 22.47 85.94
C ALA K 160 -31.05 22.12 84.57
N LEU K 161 -31.83 21.38 83.79
CA LEU K 161 -31.36 20.91 82.49
C LEU K 161 -31.25 22.06 81.50
N GLN K 162 -30.16 22.08 80.75
CA GLN K 162 -29.89 23.12 79.76
C GLN K 162 -30.14 22.60 78.36
N SER K 163 -30.34 23.53 77.43
CA SER K 163 -30.61 23.18 76.04
C SER K 163 -30.29 24.38 75.16
N GLY K 164 -29.79 24.10 73.95
CA GLY K 164 -29.52 25.13 72.98
C GLY K 164 -28.31 25.99 73.25
N ASN K 165 -27.51 25.67 74.26
CA ASN K 165 -26.33 26.46 74.60
C ASN K 165 -25.07 25.60 74.67
N SER K 166 -25.10 24.40 74.12
CA SER K 166 -23.96 23.49 74.12
C SER K 166 -23.75 22.92 72.73
N GLN K 167 -22.49 22.75 72.35
CA GLN K 167 -22.13 22.20 71.05
C GLN K 167 -21.07 21.13 71.26
N GLU K 168 -21.32 19.94 70.72
CA GLU K 168 -20.45 18.80 70.92
C GLU K 168 -19.80 18.36 69.61
N SER K 169 -18.61 17.78 69.72
CA SER K 169 -17.89 17.22 68.59
C SER K 169 -17.27 15.89 69.02
N VAL K 170 -17.08 15.01 68.05
CA VAL K 170 -16.58 13.66 68.31
C VAL K 170 -15.37 13.41 67.42
N THR K 171 -14.38 12.69 67.97
CA THR K 171 -13.21 12.31 67.21
C THR K 171 -13.52 11.11 66.31
N GLU K 172 -12.62 10.85 65.37
CA GLU K 172 -12.74 9.68 64.53
C GLU K 172 -12.32 8.43 65.31
N GLN K 173 -12.64 7.27 64.75
CA GLN K 173 -12.29 6.02 65.40
C GLN K 173 -10.78 5.88 65.50
N ASP K 174 -10.30 5.60 66.71
CA ASP K 174 -8.87 5.51 66.95
C ASP K 174 -8.27 4.34 66.17
N SER K 175 -7.05 4.52 65.68
CA SER K 175 -6.39 3.55 64.82
C SER K 175 -5.77 2.39 65.59
N LYS K 176 -5.77 2.43 66.92
CA LYS K 176 -5.14 1.37 67.72
C LYS K 176 -6.14 0.62 68.57
N ASP K 177 -7.00 1.32 69.31
CA ASP K 177 -7.99 0.68 70.18
C ASP K 177 -9.43 0.87 69.70
N SER K 178 -9.62 1.51 68.55
CA SER K 178 -10.94 1.67 67.93
C SER K 178 -11.93 2.37 68.85
N THR K 179 -11.43 3.33 69.64
CA THR K 179 -12.27 4.07 70.56
C THR K 179 -12.83 5.34 69.91
N TYR K 180 -13.73 5.99 70.63
CA TYR K 180 -14.24 7.30 70.27
C TYR K 180 -14.05 8.25 71.44
N SER K 181 -13.90 9.53 71.13
CA SER K 181 -13.75 10.58 72.14
C SER K 181 -14.70 11.72 71.79
N LEU K 182 -15.43 12.20 72.78
CA LEU K 182 -16.43 13.24 72.58
C LEU K 182 -16.22 14.36 73.59
N SER K 183 -16.30 15.60 73.11
CA SER K 183 -16.20 16.79 73.94
C SER K 183 -17.44 17.63 73.77
N SER K 184 -17.96 18.17 74.88
CA SER K 184 -19.14 19.02 74.87
C SER K 184 -18.81 20.30 75.61
N THR K 185 -18.83 21.42 74.89
CA THR K 185 -18.53 22.73 75.47
C THR K 185 -19.82 23.49 75.72
N LEU K 186 -19.98 23.99 76.94
CA LEU K 186 -21.15 24.77 77.34
C LEU K 186 -20.76 26.25 77.34
N THR K 187 -21.37 27.02 76.44
CA THR K 187 -21.03 28.42 76.24
C THR K 187 -22.04 29.29 77.01
N LEU K 188 -21.56 29.98 78.03
CA LEU K 188 -22.36 30.89 78.83
C LEU K 188 -21.77 32.29 78.80
N SER K 189 -22.61 33.27 79.09
CA SER K 189 -22.12 34.63 79.28
C SER K 189 -21.56 34.78 80.69
N LYS K 190 -20.70 35.79 80.86
CA LYS K 190 -20.09 36.02 82.16
C LYS K 190 -21.14 36.36 83.21
N ALA K 191 -22.21 37.05 82.81
CA ALA K 191 -23.27 37.38 83.75
C ALA K 191 -24.02 36.13 84.20
N ASP K 192 -24.43 35.30 83.25
CA ASP K 192 -25.22 34.11 83.59
C ASP K 192 -24.36 33.06 84.29
N TYR K 193 -23.05 33.05 84.06
CA TYR K 193 -22.19 32.09 84.73
C TYR K 193 -22.11 32.37 86.22
N GLU K 194 -21.88 33.63 86.59
CA GLU K 194 -21.83 34.02 88.00
C GLU K 194 -23.21 34.04 88.65
N LYS K 195 -24.28 33.98 87.85
CA LYS K 195 -25.63 33.93 88.41
C LYS K 195 -25.96 32.58 89.05
N HIS K 196 -25.16 31.54 88.79
CA HIS K 196 -25.42 30.21 89.29
C HIS K 196 -24.16 29.65 89.93
N LYS K 197 -24.26 28.41 90.44
CA LYS K 197 -23.20 27.83 91.25
C LYS K 197 -22.85 26.42 90.82
N VAL K 198 -23.84 25.54 90.76
CA VAL K 198 -23.60 24.12 90.47
C VAL K 198 -23.65 23.90 88.97
N TYR K 199 -22.63 23.22 88.44
CA TYR K 199 -22.54 22.88 87.03
C TYR K 199 -22.22 21.40 86.92
N ALA K 200 -23.12 20.64 86.30
CA ALA K 200 -23.01 19.19 86.21
C ALA K 200 -22.98 18.74 84.76
N CYS K 201 -22.50 17.52 84.56
CA CYS K 201 -22.43 16.90 83.23
C CYS K 201 -22.84 15.43 83.38
N GLU K 202 -24.08 15.12 83.01
CA GLU K 202 -24.60 13.76 83.09
C GLU K 202 -24.35 13.05 81.77
N VAL K 203 -23.76 11.86 81.85
CA VAL K 203 -23.38 11.07 80.68
C VAL K 203 -24.07 9.72 80.76
N THR K 204 -24.79 9.36 79.69
CA THR K 204 -25.44 8.07 79.58
C THR K 204 -24.84 7.32 78.39
N HIS K 205 -24.44 6.08 78.62
CA HIS K 205 -23.79 5.30 77.57
C HIS K 205 -24.14 3.82 77.77
N GLN K 206 -23.93 3.05 76.70
CA GLN K 206 -24.25 1.63 76.75
C GLN K 206 -23.41 0.89 77.79
N GLY K 207 -22.14 1.29 77.91
CA GLY K 207 -21.25 0.63 78.86
C GLY K 207 -21.56 0.95 80.31
N LEU K 208 -22.28 2.04 80.57
CA LEU K 208 -22.60 2.44 81.93
C LEU K 208 -23.93 1.84 82.35
N SER K 209 -23.94 1.14 83.48
CA SER K 209 -25.19 0.61 84.02
C SER K 209 -26.09 1.73 84.52
N SER K 210 -25.52 2.85 84.93
CA SER K 210 -26.24 4.02 85.39
C SER K 210 -25.51 5.27 84.92
N PRO K 211 -26.23 6.37 84.70
CA PRO K 211 -25.56 7.60 84.23
C PRO K 211 -24.51 8.07 85.21
N VAL K 212 -23.47 8.70 84.67
CA VAL K 212 -22.34 9.21 85.44
C VAL K 212 -22.34 10.73 85.36
N THR K 213 -22.13 11.38 86.50
CA THR K 213 -22.17 12.83 86.60
C THR K 213 -20.90 13.34 87.25
N LYS K 214 -20.29 14.36 86.65
CA LYS K 214 -19.14 15.06 87.22
C LYS K 214 -19.50 16.52 87.38
N SER K 215 -19.25 17.08 88.56
CA SER K 215 -19.72 18.42 88.90
C SER K 215 -18.61 19.23 89.56
N PHE K 216 -18.83 20.54 89.61
CA PHE K 216 -17.96 21.46 90.32
C PHE K 216 -18.81 22.63 90.81
N ASN K 217 -18.28 23.37 91.79
CA ASN K 217 -19.02 24.45 92.43
C ASN K 217 -18.11 25.67 92.54
N ARG K 218 -18.39 26.69 91.72
CA ARG K 218 -17.71 27.97 91.80
C ARG K 218 -18.63 29.10 91.34
N GLU L 3 20.42 -8.10 -26.73
CA GLU L 3 19.50 -8.01 -27.87
C GLU L 3 18.92 -9.38 -28.21
N VAL L 4 17.77 -9.38 -28.87
CA VAL L 4 17.11 -10.62 -29.23
C VAL L 4 17.94 -11.36 -30.27
N GLN L 5 18.13 -12.67 -30.07
CA GLN L 5 18.92 -13.51 -30.95
C GLN L 5 18.02 -14.60 -31.53
N LEU L 6 17.92 -14.63 -32.85
CA LEU L 6 17.12 -15.63 -33.55
C LEU L 6 18.06 -16.65 -34.18
N VAL L 7 17.92 -17.91 -33.76
CA VAL L 7 18.78 -19.00 -34.24
C VAL L 7 17.90 -19.99 -34.99
N GLN L 8 18.24 -20.25 -36.24
CA GLN L 8 17.52 -21.18 -37.08
C GLN L 8 18.21 -22.54 -37.10
N SER L 9 17.44 -23.57 -37.41
CA SER L 9 17.97 -24.92 -37.47
C SER L 9 18.91 -25.07 -38.67
N GLY L 10 19.70 -26.14 -38.64
CA GLY L 10 20.64 -26.39 -39.72
C GLY L 10 19.95 -26.67 -41.04
N ALA L 11 20.77 -26.70 -42.09
CA ALA L 11 20.25 -26.92 -43.44
C ALA L 11 19.52 -28.26 -43.53
N GLU L 12 18.56 -28.33 -44.46
CA GLU L 12 17.73 -29.50 -44.61
C GLU L 12 17.57 -29.82 -46.10
N VAL L 13 17.84 -31.07 -46.46
CA VAL L 13 17.68 -31.54 -47.84
C VAL L 13 16.67 -32.67 -47.82
N LYS L 14 15.53 -32.47 -48.50
CA LYS L 14 14.47 -33.46 -48.56
C LYS L 14 14.07 -33.67 -50.02
N LYS L 15 13.97 -34.94 -50.42
CA LYS L 15 13.56 -35.27 -51.78
C LYS L 15 12.13 -34.77 -52.02
N PRO L 16 11.77 -34.55 -53.29
CA PRO L 16 10.47 -33.93 -53.59
C PRO L 16 9.30 -34.73 -53.03
N GLY L 17 8.29 -34.01 -52.55
CA GLY L 17 7.11 -34.61 -51.98
C GLY L 17 7.16 -34.82 -50.48
N ALA L 18 8.30 -34.56 -49.84
CA ALA L 18 8.44 -34.76 -48.40
C ALA L 18 7.91 -33.55 -47.63
N SER L 19 8.27 -33.46 -46.36
CA SER L 19 7.83 -32.36 -45.50
C SER L 19 8.98 -31.91 -44.63
N VAL L 20 9.28 -30.60 -44.67
CA VAL L 20 10.38 -30.04 -43.88
C VAL L 20 9.83 -29.50 -42.57
N LYS L 21 10.72 -29.22 -41.63
CA LYS L 21 10.33 -28.67 -40.33
C LYS L 21 11.48 -27.80 -39.84
N VAL L 22 11.35 -26.50 -40.04
CA VAL L 22 12.40 -25.53 -39.72
C VAL L 22 12.16 -24.98 -38.32
N SER L 23 13.23 -24.84 -37.55
CA SER L 23 13.18 -24.32 -36.19
C SER L 23 13.70 -22.90 -36.14
N CYS L 24 13.28 -22.17 -35.10
CA CYS L 24 13.72 -20.80 -34.88
C CYS L 24 13.63 -20.51 -33.38
N LYS L 25 14.76 -20.67 -32.69
CA LYS L 25 14.80 -20.46 -31.24
C LYS L 25 15.09 -18.99 -30.94
N VAL L 26 14.34 -18.43 -30.00
CA VAL L 26 14.49 -17.04 -29.59
C VAL L 26 15.21 -17.01 -28.25
N SER L 27 16.31 -16.26 -28.17
CA SER L 27 17.06 -16.07 -26.94
C SER L 27 17.21 -14.58 -26.71
N GLY L 28 16.77 -14.12 -25.54
CA GLY L 28 16.75 -12.71 -25.22
C GLY L 28 15.36 -12.11 -25.07
N TYR L 29 14.31 -12.89 -25.32
CA TYR L 29 12.93 -12.43 -25.21
C TYR L 29 12.02 -13.63 -25.30
N ARG L 30 10.94 -13.61 -24.52
CA ARG L 30 9.96 -14.68 -24.56
C ARG L 30 9.14 -14.61 -25.84
N LEU L 31 8.93 -15.77 -26.47
CA LEU L 31 8.03 -15.84 -27.61
C LEU L 31 6.60 -15.49 -27.23
N THR L 32 6.24 -15.66 -25.95
CA THR L 32 4.94 -15.23 -25.46
C THR L 32 4.71 -13.74 -25.65
N ALA L 33 5.77 -12.97 -25.90
CA ALA L 33 5.70 -11.52 -26.08
C ALA L 33 6.28 -11.10 -27.42
N LEU L 34 6.27 -11.99 -28.41
CA LEU L 34 6.82 -11.71 -29.73
C LEU L 34 5.93 -12.33 -30.80
N SER L 35 5.74 -11.59 -31.89
CA SER L 35 5.03 -12.08 -33.07
C SER L 35 6.07 -12.50 -34.11
N MET L 36 6.05 -13.77 -34.49
CA MET L 36 7.02 -14.32 -35.42
C MET L 36 6.42 -14.40 -36.82
N HIS L 37 7.28 -14.17 -37.82
CA HIS L 37 6.89 -14.26 -39.22
C HIS L 37 7.95 -15.04 -39.99
N TRP L 38 7.65 -15.32 -41.26
CA TRP L 38 8.51 -16.14 -42.09
C TRP L 38 8.54 -15.60 -43.50
N VAL L 39 9.75 -15.44 -44.05
CA VAL L 39 9.94 -14.93 -45.41
C VAL L 39 11.01 -15.77 -46.09
N ARG L 40 10.69 -16.32 -47.26
CA ARG L 40 11.63 -17.08 -48.05
C ARG L 40 12.12 -16.27 -49.24
N GLN L 41 13.27 -16.67 -49.78
CA GLN L 41 13.85 -16.02 -50.95
C GLN L 41 14.40 -17.10 -51.87
N ALA L 42 13.80 -17.23 -53.05
CA ALA L 42 14.33 -18.15 -54.04
C ALA L 42 15.66 -17.62 -54.57
N PRO L 43 16.64 -18.49 -54.81
CA PRO L 43 17.95 -18.01 -55.25
C PRO L 43 17.87 -17.20 -56.54
N GLY L 44 18.58 -16.09 -56.57
CA GLY L 44 18.58 -15.21 -57.72
C GLY L 44 17.30 -14.42 -57.93
N LYS L 45 16.42 -14.39 -56.93
CA LYS L 45 15.16 -13.67 -57.07
C LYS L 45 14.98 -12.63 -55.96
N GLY L 46 13.81 -12.61 -55.33
CA GLY L 46 13.51 -11.61 -54.32
C GLY L 46 12.85 -12.24 -53.10
N LEU L 47 12.50 -11.36 -52.15
CA LEU L 47 11.91 -11.80 -50.90
C LEU L 47 10.41 -12.05 -51.08
N GLU L 48 9.91 -13.10 -50.41
CA GLU L 48 8.51 -13.47 -50.50
C GLU L 48 7.99 -13.80 -49.11
N TRP L 49 6.95 -13.07 -48.69
CA TRP L 49 6.36 -13.29 -47.38
C TRP L 49 5.50 -14.54 -47.39
N MET L 50 5.67 -15.40 -46.37
CA MET L 50 4.97 -16.67 -46.30
C MET L 50 3.85 -16.70 -45.26
N GLY L 51 3.97 -15.92 -44.20
CA GLY L 51 2.98 -15.93 -43.14
C GLY L 51 3.60 -15.48 -41.84
N GLY L 52 2.79 -15.53 -40.79
CA GLY L 52 3.26 -15.15 -39.47
C GLY L 52 2.10 -14.97 -38.52
N PHE L 53 2.35 -14.19 -37.46
CA PHE L 53 1.39 -13.94 -36.40
C PHE L 53 1.04 -12.45 -36.39
N ASP L 54 -0.26 -12.16 -36.28
CA ASP L 54 -0.74 -10.79 -36.18
C ASP L 54 -1.17 -10.52 -34.75
N PRO L 55 -0.55 -9.56 -34.06
CA PRO L 55 -1.02 -9.22 -32.70
C PRO L 55 -2.51 -8.92 -32.64
N GLU L 56 -2.99 -8.02 -33.50
CA GLU L 56 -4.42 -7.82 -33.63
C GLU L 56 -5.03 -9.03 -34.31
N GLU L 57 -6.33 -9.25 -34.02
CA GLU L 57 -7.07 -10.45 -34.43
C GLU L 57 -6.59 -11.70 -33.70
N ASP L 58 -5.34 -11.70 -33.25
CA ASP L 58 -4.77 -12.76 -32.42
C ASP L 58 -4.93 -14.13 -33.07
N GLU L 59 -4.23 -14.29 -34.19
CA GLU L 59 -4.33 -15.52 -34.97
C GLU L 59 -3.18 -15.57 -35.97
N THR L 60 -2.49 -16.70 -36.02
CA THR L 60 -1.42 -16.92 -36.99
C THR L 60 -1.99 -16.88 -38.40
N ILE L 61 -1.63 -15.87 -39.17
CA ILE L 61 -2.13 -15.68 -40.52
C ILE L 61 -1.13 -16.27 -41.51
N TYR L 62 -1.60 -17.19 -42.34
CA TYR L 62 -0.77 -17.80 -43.37
C TYR L 62 -1.12 -17.20 -44.73
N ALA L 63 -0.09 -16.90 -45.52
CA ALA L 63 -0.30 -16.38 -46.86
C ALA L 63 -0.94 -17.47 -47.73
N GLN L 64 -2.11 -17.17 -48.29
CA GLN L 64 -2.86 -18.17 -49.04
C GLN L 64 -2.16 -18.57 -50.33
N ASN L 65 -1.16 -17.81 -50.78
CA ASN L 65 -0.43 -18.18 -51.99
C ASN L 65 0.36 -19.47 -51.82
N PHE L 66 0.69 -19.85 -50.59
CA PHE L 66 1.37 -21.10 -50.31
C PHE L 66 0.41 -22.27 -50.14
N GLN L 67 -0.88 -22.07 -50.42
CA GLN L 67 -1.87 -23.14 -50.50
C GLN L 67 -2.05 -23.87 -49.18
N GLY L 68 -1.89 -23.16 -48.06
CA GLY L 68 -2.02 -23.78 -46.76
C GLY L 68 -0.98 -24.84 -46.43
N ARG L 69 0.03 -25.03 -47.29
CA ARG L 69 1.07 -26.01 -47.00
C ARG L 69 1.90 -25.62 -45.79
N VAL L 70 1.96 -24.33 -45.48
CA VAL L 70 2.71 -23.86 -44.31
C VAL L 70 1.95 -24.23 -43.04
N THR L 71 2.70 -24.64 -42.02
CA THR L 71 2.13 -25.01 -40.73
C THR L 71 3.02 -24.40 -39.65
N LEU L 72 2.54 -23.33 -39.02
CA LEU L 72 3.30 -22.60 -38.02
C LEU L 72 2.87 -23.06 -36.63
N THR L 73 3.79 -23.70 -35.91
CA THR L 73 3.58 -24.10 -34.53
C THR L 73 4.66 -23.48 -33.65
N GLU L 74 4.30 -23.18 -32.40
CA GLU L 74 5.19 -22.52 -31.48
C GLU L 74 5.24 -23.28 -30.16
N ASP L 75 6.46 -23.46 -29.64
CA ASP L 75 6.68 -24.11 -28.36
C ASP L 75 7.13 -23.03 -27.38
N THR L 76 6.21 -22.60 -26.52
CA THR L 76 6.50 -21.52 -25.58
C THR L 76 7.51 -21.93 -24.52
N SER L 77 7.64 -23.22 -24.24
CA SER L 77 8.61 -23.66 -23.23
C SER L 77 10.03 -23.48 -23.73
N THR L 78 10.31 -23.93 -24.95
CA THR L 78 11.64 -23.78 -25.54
C THR L 78 11.84 -22.46 -26.26
N ASP L 79 10.78 -21.65 -26.39
CA ASP L 79 10.82 -20.39 -27.14
C ASP L 79 11.33 -20.61 -28.56
N THR L 80 10.63 -21.50 -29.27
CA THR L 80 11.03 -21.91 -30.61
C THR L 80 9.80 -21.97 -31.51
N VAL L 81 9.91 -21.37 -32.70
CA VAL L 81 8.86 -21.39 -33.71
C VAL L 81 9.20 -22.45 -34.75
N TYR L 82 8.20 -23.22 -35.16
CA TYR L 82 8.39 -24.29 -36.14
C TYR L 82 7.62 -23.97 -37.40
N MET L 83 8.27 -24.13 -38.55
CA MET L 83 7.66 -23.93 -39.86
C MET L 83 7.70 -25.24 -40.62
N GLU L 84 6.52 -25.78 -40.93
CA GLU L 84 6.39 -27.07 -41.61
C GLU L 84 5.78 -26.83 -42.99
N LEU L 85 6.56 -27.04 -44.03
CA LEU L 85 6.10 -26.92 -45.41
C LEU L 85 5.98 -28.32 -46.01
N SER L 86 4.76 -28.71 -46.36
CA SER L 86 4.49 -30.01 -46.95
C SER L 86 4.36 -29.89 -48.46
N SER L 87 4.33 -31.04 -49.13
CA SER L 87 4.21 -31.14 -50.59
C SER L 87 5.33 -30.33 -51.27
N LEU L 88 6.56 -30.76 -51.02
CA LEU L 88 7.72 -30.05 -51.55
C LEU L 88 7.81 -30.24 -53.06
N ARG L 89 8.10 -29.14 -53.76
CA ARG L 89 8.26 -29.14 -55.21
C ARG L 89 9.62 -28.55 -55.56
N SER L 90 9.95 -28.59 -56.86
CA SER L 90 11.24 -28.13 -57.34
C SER L 90 11.42 -26.62 -57.21
N GLU L 91 10.35 -25.86 -56.96
CA GLU L 91 10.43 -24.41 -56.85
C GLU L 91 10.54 -23.93 -55.41
N ASP L 92 10.42 -24.81 -54.43
CA ASP L 92 10.48 -24.44 -53.02
C ASP L 92 11.89 -24.45 -52.45
N THR L 93 12.91 -24.40 -53.32
CA THR L 93 14.30 -24.36 -52.88
C THR L 93 14.73 -22.92 -52.64
N GLY L 94 15.38 -22.68 -51.51
CA GLY L 94 15.86 -21.37 -51.19
C GLY L 94 16.10 -21.22 -49.70
N VAL L 95 16.40 -19.99 -49.30
CA VAL L 95 16.63 -19.65 -47.91
C VAL L 95 15.31 -19.29 -47.26
N TYR L 96 15.10 -19.78 -46.03
CA TYR L 96 13.86 -19.54 -45.29
C TYR L 96 14.22 -18.82 -43.99
N TYR L 97 13.73 -17.59 -43.85
CA TYR L 97 14.05 -16.75 -42.71
C TYR L 97 12.90 -16.71 -41.72
N CYS L 98 13.25 -16.64 -40.43
CA CYS L 98 12.31 -16.33 -39.37
C CYS L 98 12.66 -14.94 -38.82
N ALA L 99 11.64 -14.11 -38.63
CA ALA L 99 11.89 -12.73 -38.25
C ALA L 99 10.71 -12.17 -37.49
N THR L 100 11.00 -11.30 -36.51
CA THR L 100 9.98 -10.56 -35.78
C THR L 100 9.84 -9.19 -36.45
N LEU L 101 9.03 -9.17 -37.52
CA LEU L 101 8.93 -8.00 -38.37
C LEU L 101 8.38 -6.80 -37.61
N MET L 102 8.65 -5.61 -38.14
CA MET L 102 8.34 -4.38 -37.43
C MET L 102 6.84 -4.12 -37.39
N GLY L 103 6.12 -4.51 -38.43
CA GLY L 103 4.69 -4.23 -38.48
C GLY L 103 3.92 -4.87 -37.34
N ALA L 104 4.47 -5.94 -36.77
CA ALA L 104 3.82 -6.65 -35.68
C ALA L 104 4.42 -6.31 -34.31
N ASN L 105 5.74 -6.30 -34.21
CA ASN L 105 6.43 -6.02 -32.96
C ASN L 105 7.30 -4.78 -33.11
N PRO L 106 7.54 -4.04 -32.02
CA PRO L 106 8.42 -2.87 -32.11
C PRO L 106 9.84 -3.22 -32.52
N PHE L 107 10.24 -4.47 -32.34
CA PHE L 107 11.56 -4.93 -32.75
C PHE L 107 11.55 -5.33 -34.22
N ASP L 108 12.75 -5.57 -34.75
CA ASP L 108 12.88 -6.08 -36.11
C ASP L 108 14.17 -6.86 -36.26
N TYR L 109 14.17 -8.12 -35.81
CA TYR L 109 15.33 -8.99 -35.89
C TYR L 109 15.03 -10.16 -36.83
N TRP L 110 16.09 -10.74 -37.39
CA TRP L 110 15.97 -11.82 -38.36
C TRP L 110 16.83 -12.99 -37.91
N GLY L 111 16.80 -14.06 -38.73
CA GLY L 111 17.61 -15.24 -38.48
C GLY L 111 18.62 -15.44 -39.60
N GLN L 112 19.49 -16.44 -39.39
CA GLN L 112 20.54 -16.72 -40.37
C GLN L 112 19.99 -17.41 -41.62
N GLY L 113 18.85 -18.07 -41.51
CA GLY L 113 18.28 -18.76 -42.66
C GLY L 113 18.55 -20.26 -42.60
N THR L 114 17.60 -21.02 -43.10
CA THR L 114 17.69 -22.48 -43.16
C THR L 114 17.51 -22.89 -44.62
N LEU L 115 18.62 -23.19 -45.30
CA LEU L 115 18.57 -23.56 -46.70
C LEU L 115 17.86 -24.91 -46.86
N ILE L 116 16.90 -24.96 -47.77
CA ILE L 116 16.13 -26.17 -48.05
C ILE L 116 16.32 -26.51 -49.52
N ILE L 117 17.01 -27.62 -49.78
CA ILE L 117 17.21 -28.13 -51.14
C ILE L 117 16.24 -29.28 -51.35
N VAL L 118 15.40 -29.16 -52.38
CA VAL L 118 14.36 -30.16 -52.61
C VAL L 118 14.81 -31.29 -53.53
N SER L 119 15.97 -31.15 -54.18
CA SER L 119 16.40 -32.16 -55.15
C SER L 119 16.66 -33.49 -54.46
N GLY L 120 16.22 -34.57 -55.10
CA GLY L 120 16.35 -35.89 -54.54
C GLY L 120 17.54 -36.68 -55.06
N ALA L 121 18.56 -36.83 -54.22
CA ALA L 121 19.77 -37.58 -54.57
C ALA L 121 20.54 -37.84 -53.28
N SER L 122 21.70 -38.47 -53.42
CA SER L 122 22.61 -38.72 -52.32
C SER L 122 23.97 -38.11 -52.65
N THR L 123 24.93 -38.28 -51.74
CA THR L 123 26.26 -37.73 -51.94
C THR L 123 26.93 -38.38 -53.14
N LYS L 124 27.42 -37.54 -54.06
CA LYS L 124 28.06 -38.02 -55.28
C LYS L 124 29.23 -37.11 -55.62
N GLY L 125 30.36 -37.72 -55.97
CA GLY L 125 31.54 -36.98 -56.35
C GLY L 125 31.41 -36.35 -57.73
N PRO L 126 32.19 -35.31 -57.99
CA PRO L 126 32.08 -34.59 -59.26
C PRO L 126 32.81 -35.32 -60.39
N SER L 127 32.64 -34.78 -61.59
CA SER L 127 33.31 -35.27 -62.79
C SER L 127 33.88 -34.07 -63.53
N VAL L 128 35.21 -33.97 -63.58
CA VAL L 128 35.91 -32.82 -64.13
C VAL L 128 36.28 -33.10 -65.57
N PHE L 129 36.01 -32.13 -66.46
CA PHE L 129 36.35 -32.25 -67.87
C PHE L 129 36.97 -30.93 -68.32
N PRO L 130 38.17 -30.96 -68.89
CA PRO L 130 38.86 -29.72 -69.23
C PRO L 130 38.19 -28.98 -70.37
N LEU L 131 38.20 -27.65 -70.28
CA LEU L 131 37.74 -26.79 -71.35
C LEU L 131 38.93 -26.43 -72.22
N ALA L 132 38.99 -27.02 -73.41
CA ALA L 132 40.15 -26.83 -74.29
C ALA L 132 40.30 -25.36 -74.65
N PRO L 133 41.53 -24.89 -74.91
CA PRO L 133 41.75 -23.51 -75.35
C PRO L 133 40.86 -23.14 -76.52
N SER L 134 40.05 -22.09 -76.35
CA SER L 134 39.05 -21.72 -77.33
C SER L 134 39.68 -21.38 -78.67
N SER L 135 39.35 -22.17 -79.69
CA SER L 135 39.80 -21.84 -81.04
C SER L 135 39.14 -20.57 -81.56
N LYS L 136 37.97 -20.20 -81.03
CA LYS L 136 37.31 -18.96 -81.40
C LYS L 136 37.93 -17.73 -80.76
N SER L 137 39.03 -17.90 -80.03
CA SER L 137 39.80 -16.77 -79.51
C SER L 137 40.67 -16.12 -80.58
N THR L 138 40.42 -16.40 -81.86
CA THR L 138 41.16 -15.77 -82.94
C THR L 138 41.02 -14.25 -82.87
N SER L 139 42.11 -13.56 -83.18
CA SER L 139 42.21 -12.09 -83.15
C SER L 139 42.08 -11.54 -81.73
N GLY L 140 41.89 -12.44 -80.76
CA GLY L 140 41.78 -12.02 -79.37
C GLY L 140 43.10 -11.73 -78.69
N GLY L 141 44.18 -12.38 -79.14
CA GLY L 141 45.48 -12.23 -78.53
C GLY L 141 45.61 -12.77 -77.12
N THR L 142 44.55 -13.35 -76.56
CA THR L 142 44.55 -13.88 -75.21
C THR L 142 43.89 -15.25 -75.22
N ALA L 143 44.43 -16.17 -74.42
CA ALA L 143 43.92 -17.53 -74.36
C ALA L 143 42.81 -17.65 -73.33
N ALA L 144 41.82 -18.50 -73.64
CA ALA L 144 40.70 -18.76 -72.74
C ALA L 144 40.60 -20.26 -72.52
N LEU L 145 40.78 -20.68 -71.27
CA LEU L 145 40.71 -22.08 -70.90
C LEU L 145 40.04 -22.20 -69.53
N GLY L 146 39.59 -23.41 -69.22
CA GLY L 146 38.92 -23.61 -67.96
C GLY L 146 38.67 -25.07 -67.67
N CYS L 147 37.89 -25.31 -66.61
CA CYS L 147 37.52 -26.64 -66.17
C CYS L 147 36.02 -26.69 -65.92
N LEU L 148 35.43 -27.85 -66.17
CA LEU L 148 33.99 -28.07 -65.99
C LEU L 148 33.79 -29.09 -64.88
N VAL L 149 33.37 -28.62 -63.71
CA VAL L 149 33.04 -29.49 -62.59
C VAL L 149 31.56 -29.80 -62.68
N LYS L 150 31.22 -31.06 -62.96
CA LYS L 150 29.86 -31.46 -63.28
C LYS L 150 29.40 -32.59 -62.38
N ASP L 151 28.12 -32.55 -62.01
CA ASP L 151 27.46 -33.64 -61.28
C ASP L 151 28.11 -33.93 -59.94
N TYR L 152 27.83 -33.10 -58.94
CA TYR L 152 28.31 -33.34 -57.58
C TYR L 152 27.24 -32.89 -56.59
N PHE L 153 27.29 -33.47 -55.39
CA PHE L 153 26.31 -33.19 -54.36
C PHE L 153 26.82 -33.67 -53.01
N PRO L 154 26.70 -32.85 -51.96
CA PRO L 154 26.18 -31.48 -52.03
C PRO L 154 27.29 -30.46 -52.28
N GLU L 155 26.99 -29.18 -52.03
CA GLU L 155 27.96 -28.11 -52.17
C GLU L 155 28.80 -27.98 -50.91
N PRO L 156 29.98 -27.33 -51.00
CA PRO L 156 30.60 -26.74 -52.18
C PRO L 156 31.82 -27.50 -52.70
N VAL L 157 32.37 -27.01 -53.81
CA VAL L 157 33.64 -27.48 -54.35
C VAL L 157 34.58 -26.29 -54.45
N THR L 158 35.85 -26.51 -54.10
CA THR L 158 36.87 -25.48 -54.17
C THR L 158 37.75 -25.74 -55.38
N VAL L 159 37.85 -24.75 -56.27
CA VAL L 159 38.60 -24.87 -57.50
C VAL L 159 39.77 -23.91 -57.46
N SER L 160 40.98 -24.45 -57.47
CA SER L 160 42.20 -23.68 -57.60
C SER L 160 42.88 -24.00 -58.92
N TRP L 161 43.87 -23.19 -59.28
CA TRP L 161 44.58 -23.34 -60.54
C TRP L 161 46.07 -23.40 -60.24
N ASN L 162 46.72 -24.52 -60.61
CA ASN L 162 48.14 -24.74 -60.36
C ASN L 162 48.45 -24.66 -58.86
N SER L 163 47.64 -25.37 -58.07
CA SER L 163 47.82 -25.46 -56.62
C SER L 163 47.80 -24.08 -55.96
N GLY L 164 46.94 -23.20 -56.45
CA GLY L 164 46.79 -21.87 -55.90
C GLY L 164 47.80 -20.85 -56.36
N ALA L 165 48.76 -21.24 -57.21
CA ALA L 165 49.74 -20.29 -57.70
C ALA L 165 49.12 -19.32 -58.70
N LEU L 166 48.23 -19.81 -59.57
CA LEU L 166 47.56 -18.99 -60.56
C LEU L 166 46.28 -18.41 -59.96
N THR L 167 46.28 -17.11 -59.71
CA THR L 167 45.12 -16.42 -59.16
C THR L 167 44.63 -15.25 -60.01
N SER L 168 45.47 -14.69 -60.88
CA SER L 168 45.07 -13.56 -61.70
C SER L 168 44.22 -14.04 -62.87
N GLY L 169 43.10 -13.35 -63.11
CA GLY L 169 42.21 -13.73 -64.18
C GLY L 169 41.39 -14.96 -63.93
N VAL L 170 41.20 -15.33 -62.66
CA VAL L 170 40.45 -16.53 -62.29
C VAL L 170 39.02 -16.14 -61.99
N HIS L 171 38.07 -16.83 -62.64
CA HIS L 171 36.64 -16.63 -62.40
C HIS L 171 36.01 -17.98 -62.16
N THR L 172 35.66 -18.26 -60.89
CA THR L 172 34.98 -19.48 -60.52
C THR L 172 33.48 -19.17 -60.43
N PHE L 173 32.73 -19.65 -61.40
CA PHE L 173 31.32 -19.32 -61.50
C PHE L 173 30.52 -20.04 -60.41
N PRO L 174 29.47 -19.40 -59.88
CA PRO L 174 28.58 -20.09 -58.94
C PRO L 174 27.94 -21.31 -59.60
N ALA L 175 27.69 -22.33 -58.79
CA ALA L 175 27.12 -23.56 -59.29
C ALA L 175 25.65 -23.37 -59.68
N VAL L 176 25.16 -24.27 -60.52
CA VAL L 176 23.76 -24.31 -60.89
C VAL L 176 23.19 -25.67 -60.53
N LEU L 177 21.93 -25.69 -60.12
CA LEU L 177 21.26 -26.92 -59.70
C LEU L 177 20.53 -27.50 -60.92
N GLN L 178 21.10 -28.54 -61.51
CA GLN L 178 20.49 -29.18 -62.66
C GLN L 178 19.23 -29.94 -62.24
N SER L 179 18.44 -30.32 -63.24
CA SER L 179 17.19 -31.03 -62.98
C SER L 179 17.41 -32.42 -62.37
N SER L 180 18.60 -32.99 -62.57
CA SER L 180 18.90 -34.31 -62.01
C SER L 180 19.10 -34.27 -60.50
N GLY L 181 19.28 -33.09 -59.92
CA GLY L 181 19.57 -32.96 -58.50
C GLY L 181 21.03 -32.82 -58.16
N LEU L 182 21.89 -32.55 -59.15
CA LEU L 182 23.32 -32.43 -58.95
C LEU L 182 23.79 -31.06 -59.43
N TYR L 183 24.83 -30.55 -58.78
CA TYR L 183 25.35 -29.23 -59.11
C TYR L 183 26.39 -29.32 -60.23
N SER L 184 26.66 -28.17 -60.84
CA SER L 184 27.59 -28.08 -61.95
C SER L 184 28.05 -26.63 -62.10
N LEU L 185 29.36 -26.41 -62.10
CA LEU L 185 29.91 -25.08 -62.29
C LEU L 185 31.10 -25.15 -63.22
N SER L 186 31.48 -23.99 -63.75
CA SER L 186 32.64 -23.84 -64.59
C SER L 186 33.62 -22.89 -63.93
N SER L 187 34.91 -23.09 -64.21
CA SER L 187 35.97 -22.24 -63.66
C SER L 187 36.99 -22.00 -64.77
N VAL L 188 37.07 -20.76 -65.24
CA VAL L 188 37.90 -20.40 -66.38
C VAL L 188 38.97 -19.43 -65.94
N VAL L 189 40.06 -19.38 -66.72
CA VAL L 189 41.17 -18.46 -66.48
C VAL L 189 41.60 -17.89 -67.83
N THR L 190 42.16 -16.69 -67.80
CA THR L 190 42.66 -16.01 -68.98
C THR L 190 44.16 -15.87 -68.88
N VAL L 191 44.87 -16.37 -69.89
CA VAL L 191 46.33 -16.36 -69.90
C VAL L 191 46.81 -15.89 -71.28
N PRO L 192 48.05 -15.43 -71.39
CA PRO L 192 48.57 -15.02 -72.69
C PRO L 192 48.56 -16.16 -73.70
N SER L 193 48.40 -15.80 -74.97
CA SER L 193 48.34 -16.81 -76.03
C SER L 193 49.71 -17.45 -76.26
N SER L 194 50.79 -16.71 -76.05
CA SER L 194 52.12 -17.28 -76.22
C SER L 194 52.43 -18.30 -75.14
N SER L 195 51.79 -18.18 -73.97
CA SER L 195 51.96 -19.14 -72.88
C SER L 195 51.25 -20.46 -73.12
N LEU L 196 50.66 -20.64 -74.31
CA LEU L 196 49.94 -21.88 -74.61
C LEU L 196 50.89 -23.06 -74.68
N GLY L 197 52.02 -22.89 -75.37
CA GLY L 197 53.02 -23.94 -75.51
C GLY L 197 54.22 -23.80 -74.60
N THR L 198 54.19 -22.88 -73.63
CA THR L 198 55.31 -22.69 -72.72
C THR L 198 54.96 -22.90 -71.25
N GLN L 199 53.68 -23.02 -70.91
CA GLN L 199 53.27 -23.19 -69.53
C GLN L 199 52.20 -24.27 -69.44
N THR L 200 52.25 -25.05 -68.37
CA THR L 200 51.31 -26.14 -68.13
C THR L 200 50.32 -25.71 -67.05
N TYR L 201 49.03 -25.78 -67.36
CA TYR L 201 47.98 -25.37 -66.44
C TYR L 201 47.15 -26.58 -66.03
N ILE L 202 46.86 -26.68 -64.73
CA ILE L 202 46.09 -27.78 -64.16
C ILE L 202 45.19 -27.23 -63.06
N CYS L 203 43.90 -27.50 -63.14
CA CYS L 203 42.95 -27.07 -62.13
C CYS L 203 42.80 -28.15 -61.06
N ASN L 204 42.69 -27.72 -59.81
CA ASN L 204 42.62 -28.61 -58.66
C ASN L 204 41.24 -28.45 -58.01
N VAL L 205 40.43 -29.51 -58.09
CA VAL L 205 39.07 -29.50 -57.59
C VAL L 205 39.02 -30.34 -56.32
N ASN L 206 38.36 -29.82 -55.28
CA ASN L 206 38.24 -30.51 -54.01
C ASN L 206 36.78 -30.53 -53.59
N HIS L 207 36.28 -31.72 -53.26
CA HIS L 207 34.91 -31.91 -52.78
C HIS L 207 34.98 -32.72 -51.48
N LYS L 208 34.87 -32.03 -50.36
CA LYS L 208 35.00 -32.66 -49.04
C LYS L 208 33.90 -33.67 -48.73
N PRO L 209 32.62 -33.41 -49.04
CA PRO L 209 31.58 -34.41 -48.72
C PRO L 209 31.80 -35.78 -49.34
N SER L 210 32.65 -35.89 -50.36
CA SER L 210 32.97 -37.17 -50.97
C SER L 210 34.44 -37.52 -50.88
N ASN L 211 35.25 -36.69 -50.21
CA ASN L 211 36.69 -36.91 -50.06
C ASN L 211 37.35 -37.03 -51.44
N THR L 212 37.00 -36.12 -52.34
CA THR L 212 37.48 -36.13 -53.71
C THR L 212 38.36 -34.91 -53.96
N LYS L 213 39.57 -35.15 -54.51
CA LYS L 213 40.55 -34.10 -54.81
C LYS L 213 41.22 -34.45 -56.14
N VAL L 214 40.52 -34.19 -57.24
CA VAL L 214 41.00 -34.57 -58.57
C VAL L 214 41.63 -33.35 -59.24
N ASP L 215 42.63 -33.62 -60.09
CA ASP L 215 43.29 -32.62 -60.90
C ASP L 215 43.04 -32.95 -62.37
N LYS L 216 43.31 -31.97 -63.25
CA LYS L 216 43.01 -32.15 -64.66
C LYS L 216 43.91 -31.27 -65.51
N ARG L 217 44.49 -31.86 -66.56
CA ARG L 217 45.28 -31.11 -67.51
C ARG L 217 44.40 -30.46 -68.57
N VAL L 218 44.73 -29.22 -68.93
CA VAL L 218 44.02 -28.47 -69.96
C VAL L 218 45.01 -28.18 -71.08
N GLU L 219 44.84 -28.88 -72.20
CA GLU L 219 45.73 -28.76 -73.34
C GLU L 219 44.95 -28.41 -74.60
N PRO L 220 45.60 -27.78 -75.59
CA PRO L 220 44.98 -27.43 -76.87
C PRO L 220 44.29 -28.60 -77.56
N GLU M 3 -24.76 23.20 1.69
CA GLU M 3 -25.36 24.27 0.90
C GLU M 3 -24.78 25.62 1.32
N VAL M 4 -24.03 26.25 0.42
CA VAL M 4 -23.37 27.51 0.72
C VAL M 4 -24.42 28.60 0.93
N GLN M 5 -24.28 29.34 2.03
CA GLN M 5 -25.21 30.41 2.36
C GLN M 5 -24.41 31.62 2.85
N LEU M 6 -24.58 32.75 2.17
CA LEU M 6 -23.88 33.98 2.51
C LEU M 6 -24.84 34.89 3.27
N VAL M 7 -24.55 35.11 4.55
CA VAL M 7 -25.37 35.96 5.42
C VAL M 7 -24.59 37.23 5.71
N GLN M 8 -25.21 38.38 5.44
CA GLN M 8 -24.58 39.67 5.63
C GLN M 8 -25.06 40.33 6.91
N SER M 9 -24.27 41.28 7.39
CA SER M 9 -24.61 42.02 8.60
C SER M 9 -25.83 42.91 8.35
N GLY M 10 -26.44 43.34 9.45
CA GLY M 10 -27.61 44.20 9.37
C GLY M 10 -27.29 45.56 8.76
N ALA M 11 -28.36 46.31 8.49
CA ALA M 11 -28.21 47.62 7.88
C ALA M 11 -27.40 48.55 8.77
N GLU M 12 -26.68 49.47 8.13
CA GLU M 12 -25.81 50.40 8.82
C GLU M 12 -26.10 51.82 8.37
N VAL M 13 -26.07 52.76 9.31
CA VAL M 13 -26.31 54.18 9.03
C VAL M 13 -25.15 54.96 9.62
N LYS M 14 -24.34 55.59 8.76
CA LYS M 14 -23.18 56.35 9.19
C LYS M 14 -23.21 57.73 8.52
N LYS M 15 -23.06 58.78 9.32
CA LYS M 15 -23.03 60.13 8.79
C LYS M 15 -21.83 60.32 7.86
N PRO M 16 -21.89 61.30 6.96
CA PRO M 16 -20.83 61.44 5.96
C PRO M 16 -19.45 61.63 6.59
N GLY M 17 -18.44 61.08 5.92
CA GLY M 17 -17.08 61.12 6.40
C GLY M 17 -16.67 59.96 7.29
N ALA M 18 -17.61 59.12 7.70
CA ALA M 18 -17.30 58.00 8.58
C ALA M 18 -16.75 56.81 7.79
N SER M 19 -16.86 55.62 8.37
CA SER M 19 -16.37 54.41 7.71
C SER M 19 -17.25 53.23 8.13
N VAL M 20 -17.63 52.41 7.16
CA VAL M 20 -18.51 51.28 7.41
C VAL M 20 -17.66 50.01 7.45
N LYS M 21 -18.26 48.93 7.97
CA LYS M 21 -17.59 47.63 8.04
C LYS M 21 -18.68 46.57 7.95
N VAL M 22 -18.87 46.02 6.75
CA VAL M 22 -19.93 45.06 6.48
C VAL M 22 -19.39 43.65 6.65
N SER M 23 -20.19 42.78 7.25
CA SER M 23 -19.83 41.38 7.46
C SER M 23 -20.50 40.48 6.44
N CYS M 24 -19.91 39.30 6.24
CA CYS M 24 -20.44 38.31 5.31
C CYS M 24 -19.93 36.94 5.76
N LYS M 25 -20.72 36.26 6.59
CA LYS M 25 -20.33 34.99 7.19
C LYS M 25 -20.78 33.84 6.27
N VAL M 26 -19.83 33.03 5.84
CA VAL M 26 -20.13 31.87 5.02
C VAL M 26 -20.58 30.72 5.91
N SER M 27 -21.67 30.06 5.53
CA SER M 27 -22.19 28.92 6.27
C SER M 27 -22.44 27.77 5.28
N GLY M 28 -22.00 26.58 5.65
CA GLY M 28 -22.10 25.42 4.79
C GLY M 28 -20.91 25.18 3.90
N TYR M 29 -19.83 25.93 4.08
CA TYR M 29 -18.62 25.79 3.28
C TYR M 29 -17.49 26.50 4.02
N ARG M 30 -16.29 26.44 3.46
CA ARG M 30 -15.13 27.08 4.04
C ARG M 30 -14.71 28.26 3.17
N LEU M 31 -14.51 29.42 3.80
CA LEU M 31 -14.00 30.59 3.10
C LEU M 31 -12.62 30.32 2.51
N THR M 32 -11.87 29.35 3.05
CA THR M 32 -10.56 29.02 2.52
C THR M 32 -10.62 28.63 1.06
N ALA M 33 -11.76 28.14 0.59
CA ALA M 33 -11.96 27.72 -0.80
C ALA M 33 -13.05 28.54 -1.47
N LEU M 34 -13.05 29.85 -1.26
CA LEU M 34 -14.07 30.73 -1.81
C LEU M 34 -13.45 32.07 -2.17
N SER M 35 -13.50 32.43 -3.45
CA SER M 35 -13.05 33.74 -3.92
C SER M 35 -14.22 34.70 -3.80
N MET M 36 -14.26 35.44 -2.70
CA MET M 36 -15.38 36.35 -2.44
C MET M 36 -15.23 37.64 -3.25
N HIS M 37 -16.38 38.21 -3.60
CA HIS M 37 -16.43 39.48 -4.32
C HIS M 37 -17.51 40.35 -3.69
N TRP M 38 -17.61 41.59 -4.16
CA TRP M 38 -18.54 42.56 -3.59
C TRP M 38 -19.11 43.42 -4.70
N VAL M 39 -20.44 43.55 -4.72
CA VAL M 39 -21.14 44.33 -5.73
C VAL M 39 -22.20 45.17 -5.02
N ARG M 40 -22.15 46.48 -5.22
CA ARG M 40 -23.15 47.39 -4.69
C ARG M 40 -24.15 47.78 -5.77
N GLN M 41 -25.25 48.40 -5.35
CA GLN M 41 -26.27 48.86 -6.27
C GLN M 41 -26.93 50.10 -5.67
N ALA M 42 -26.66 51.26 -6.25
CA ALA M 42 -27.36 52.47 -5.82
C ALA M 42 -28.84 52.35 -6.16
N PRO M 43 -29.73 52.86 -5.30
CA PRO M 43 -31.17 52.67 -5.52
C PRO M 43 -31.61 53.25 -6.86
N GLY M 44 -32.42 52.47 -7.58
CA GLY M 44 -32.93 52.89 -8.86
C GLY M 44 -31.92 52.90 -9.99
N LYS M 45 -30.75 52.28 -9.80
CA LYS M 45 -29.73 52.27 -10.84
C LYS M 45 -29.35 50.85 -11.22
N GLY M 46 -28.05 50.58 -11.39
CA GLY M 46 -27.59 49.29 -11.84
C GLY M 46 -26.56 48.69 -10.89
N LEU M 47 -26.09 47.50 -11.27
CA LEU M 47 -25.09 46.80 -10.48
C LEU M 47 -23.69 47.30 -10.80
N GLU M 48 -22.87 47.46 -9.76
CA GLU M 48 -21.52 48.00 -9.90
C GLU M 48 -20.55 47.13 -9.12
N TRP M 49 -19.50 46.67 -9.79
CA TRP M 49 -18.52 45.79 -9.18
C TRP M 49 -17.50 46.60 -8.39
N MET M 50 -17.30 46.22 -7.13
CA MET M 50 -16.40 46.95 -6.24
C MET M 50 -15.04 46.29 -6.08
N GLY M 51 -14.96 44.98 -6.24
CA GLY M 51 -13.71 44.28 -6.07
C GLY M 51 -13.96 42.85 -5.63
N GLY M 52 -12.89 42.18 -5.25
CA GLY M 52 -12.98 40.79 -4.81
C GLY M 52 -11.63 40.13 -4.74
N PHE M 53 -11.62 38.83 -4.98
CA PHE M 53 -10.39 38.03 -4.97
C PHE M 53 -10.33 37.21 -6.25
N ASP M 54 -9.15 37.21 -6.88
CA ASP M 54 -8.91 36.41 -8.06
C ASP M 54 -8.17 35.14 -7.65
N PRO M 55 -8.69 33.95 -7.95
CA PRO M 55 -7.93 32.73 -7.63
C PRO M 55 -6.52 32.74 -8.19
N GLU M 56 -6.38 33.05 -9.47
CA GLU M 56 -5.06 33.33 -10.03
C GLU M 56 -4.53 34.64 -9.46
N GLU M 57 -3.21 34.74 -9.38
CA GLU M 57 -2.48 35.89 -8.84
C GLU M 57 -2.48 35.92 -7.31
N ASP M 58 -3.48 35.30 -6.68
CA ASP M 58 -3.56 35.18 -5.22
C ASP M 58 -3.52 36.56 -4.56
N GLU M 59 -4.28 37.49 -5.11
CA GLU M 59 -4.23 38.87 -4.65
C GLU M 59 -5.63 39.47 -4.77
N THR M 60 -6.16 39.94 -3.65
CA THR M 60 -7.48 40.58 -3.64
C THR M 60 -7.50 41.77 -4.60
N ILE M 61 -8.28 41.67 -5.66
CA ILE M 61 -8.35 42.71 -6.68
C ILE M 61 -9.36 43.76 -6.23
N TYR M 62 -8.89 45.00 -6.10
CA TYR M 62 -9.73 46.13 -5.75
C TYR M 62 -10.00 46.96 -6.99
N ALA M 63 -11.26 47.31 -7.23
CA ALA M 63 -11.61 48.18 -8.34
C ALA M 63 -11.11 49.58 -8.07
N GLN M 64 -10.21 50.07 -8.93
CA GLN M 64 -9.60 51.38 -8.71
C GLN M 64 -10.60 52.52 -8.85
N ASN M 65 -11.77 52.27 -9.43
CA ASN M 65 -12.77 53.32 -9.58
C ASN M 65 -13.31 53.79 -8.23
N PHE M 66 -13.13 53.00 -7.17
CA PHE M 66 -13.60 53.35 -5.85
C PHE M 66 -12.58 54.15 -5.04
N GLN M 67 -11.58 54.72 -5.71
CA GLN M 67 -10.65 55.68 -5.10
C GLN M 67 -9.89 55.09 -3.92
N GLY M 68 -9.71 53.77 -3.91
CA GLY M 68 -8.92 53.12 -2.87
C GLY M 68 -9.59 53.16 -1.50
N ARG M 69 -10.81 53.68 -1.44
CA ARG M 69 -11.53 53.74 -0.17
C ARG M 69 -11.93 52.36 0.32
N VAL M 70 -11.93 51.35 -0.55
CA VAL M 70 -12.34 50.00 -0.18
C VAL M 70 -11.24 49.31 0.61
N THR M 71 -11.65 48.46 1.55
CA THR M 71 -10.71 47.72 2.39
C THR M 71 -11.33 46.35 2.66
N LEU M 72 -10.87 45.34 1.93
CA LEU M 72 -11.37 43.98 2.05
C LEU M 72 -10.48 43.18 2.98
N THR M 73 -11.04 42.70 4.09
CA THR M 73 -10.34 41.83 5.03
C THR M 73 -11.12 40.54 5.18
N GLU M 74 -10.47 39.54 5.78
CA GLU M 74 -11.05 38.21 5.89
C GLU M 74 -10.63 37.57 7.21
N ASP M 75 -11.53 36.77 7.78
CA ASP M 75 -11.27 36.01 8.99
C ASP M 75 -11.56 34.54 8.68
N THR M 76 -10.51 33.73 8.60
CA THR M 76 -10.67 32.33 8.25
C THR M 76 -11.22 31.48 9.39
N SER M 77 -11.11 31.95 10.64
CA SER M 77 -11.63 31.18 11.75
C SER M 77 -13.15 31.24 11.80
N THR M 78 -13.73 32.40 11.54
CA THR M 78 -15.18 32.58 11.54
C THR M 78 -15.79 32.42 10.16
N ASP M 79 -14.98 32.25 9.12
CA ASP M 79 -15.45 32.17 7.74
C ASP M 79 -16.30 33.39 7.38
N THR M 80 -15.73 34.57 7.63
CA THR M 80 -16.44 35.83 7.44
C THR M 80 -15.55 36.80 6.68
N VAL M 81 -16.14 37.48 5.68
CA VAL M 81 -15.45 38.51 4.90
C VAL M 81 -15.94 39.87 5.37
N TYR M 82 -15.01 40.82 5.50
CA TYR M 82 -15.34 42.17 5.91
C TYR M 82 -15.04 43.15 4.77
N MET M 83 -15.96 44.10 4.57
CA MET M 83 -15.80 45.16 3.59
C MET M 83 -15.82 46.49 4.33
N GLU M 84 -14.73 47.25 4.22
CA GLU M 84 -14.59 48.53 4.89
C GLU M 84 -14.48 49.63 3.84
N LEU M 85 -15.50 50.48 3.76
CA LEU M 85 -15.52 51.62 2.85
C LEU M 85 -15.32 52.89 3.66
N SER M 86 -14.21 53.58 3.42
CA SER M 86 -13.89 54.81 4.12
C SER M 86 -14.26 56.02 3.27
N SER M 87 -14.25 57.19 3.91
CA SER M 87 -14.57 58.47 3.27
C SER M 87 -15.94 58.40 2.60
N LEU M 88 -16.96 58.18 3.42
CA LEU M 88 -18.32 58.03 2.91
C LEU M 88 -18.85 59.35 2.36
N ARG M 89 -19.55 59.27 1.23
CA ARG M 89 -20.16 60.42 0.59
C ARG M 89 -21.64 60.14 0.36
N SER M 90 -22.36 61.15 -0.14
CA SER M 90 -23.80 61.05 -0.33
C SER M 90 -24.18 60.12 -1.47
N GLU M 91 -23.22 59.69 -2.30
CA GLU M 91 -23.50 58.80 -3.42
C GLU M 91 -23.26 57.34 -3.09
N ASP M 92 -22.60 57.03 -1.97
CA ASP M 92 -22.31 55.67 -1.57
C ASP M 92 -23.47 54.99 -0.86
N THR M 93 -24.68 55.49 -1.00
CA THR M 93 -25.86 54.90 -0.37
C THR M 93 -26.45 53.83 -1.28
N GLY M 94 -26.77 52.69 -0.71
CA GLY M 94 -27.37 51.61 -1.47
C GLY M 94 -27.17 50.28 -0.76
N VAL M 95 -27.56 49.22 -1.46
CA VAL M 95 -27.41 47.87 -0.96
C VAL M 95 -26.05 47.33 -1.39
N TYR M 96 -25.38 46.62 -0.49
CA TYR M 96 -24.05 46.09 -0.74
C TYR M 96 -24.09 44.57 -0.60
N TYR M 97 -23.71 43.88 -1.67
CA TYR M 97 -23.79 42.43 -1.73
C TYR M 97 -22.40 41.80 -1.67
N CYS M 98 -22.31 40.67 -0.97
CA CYS M 98 -21.17 39.78 -1.04
C CYS M 98 -21.59 38.51 -1.78
N ALA M 99 -20.74 38.04 -2.69
CA ALA M 99 -21.13 36.93 -3.54
C ALA M 99 -19.90 36.20 -4.05
N THR M 100 -19.98 34.87 -4.08
CA THR M 100 -18.95 34.03 -4.68
C THR M 100 -19.30 33.87 -6.16
N LEU M 101 -18.86 34.84 -6.96
CA LEU M 101 -19.25 34.90 -8.37
C LEU M 101 -18.71 33.70 -9.14
N MET M 102 -19.31 33.46 -10.32
CA MET M 102 -19.00 32.26 -11.09
C MET M 102 -17.65 32.36 -11.79
N GLY M 103 -17.27 33.55 -12.23
CA GLY M 103 -16.02 33.70 -12.97
C GLY M 103 -14.80 33.28 -12.17
N ALA M 104 -14.90 33.32 -10.85
CA ALA M 104 -13.80 32.93 -9.96
C ALA M 104 -14.02 31.59 -9.29
N ASN M 105 -15.26 31.26 -8.92
CA ASN M 105 -15.58 30.01 -8.25
C ASN M 105 -16.63 29.24 -9.05
N PRO M 106 -16.57 27.92 -9.04
CA PRO M 106 -17.59 27.13 -9.75
C PRO M 106 -18.99 27.36 -9.24
N PHE M 107 -19.14 27.88 -8.03
CA PHE M 107 -20.44 28.21 -7.47
C PHE M 107 -20.87 29.61 -7.91
N ASP M 108 -22.04 30.02 -7.45
CA ASP M 108 -22.52 31.39 -7.70
C ASP M 108 -23.60 31.76 -6.69
N TYR M 109 -23.21 31.97 -5.43
CA TYR M 109 -24.13 32.31 -4.37
C TYR M 109 -23.98 33.77 -3.99
N TRP M 110 -25.07 34.36 -3.51
CA TRP M 110 -25.11 35.77 -3.14
C TRP M 110 -25.63 35.92 -1.72
N GLY M 111 -25.60 37.14 -1.21
CA GLY M 111 -26.10 37.47 0.10
C GLY M 111 -27.35 38.34 0.03
N GLN M 112 -27.94 38.57 1.20
CA GLN M 112 -29.17 39.36 1.25
C GLN M 112 -28.91 40.83 1.00
N GLY M 113 -27.70 41.32 1.30
CA GLY M 113 -27.39 42.72 1.11
C GLY M 113 -27.42 43.51 2.40
N THR M 114 -26.48 44.45 2.55
CA THR M 114 -26.40 45.31 3.73
C THR M 114 -26.65 46.75 3.28
N LEU M 115 -27.82 47.27 3.58
CA LEU M 115 -28.16 48.63 3.19
C LEU M 115 -27.39 49.63 4.05
N ILE M 116 -26.73 50.58 3.39
CA ILE M 116 -25.92 51.59 4.07
C ILE M 116 -26.45 52.96 3.68
N ILE M 117 -26.94 53.70 4.67
CA ILE M 117 -27.42 55.07 4.47
C ILE M 117 -26.39 56.02 5.06
N VAL M 118 -26.08 57.08 4.33
CA VAL M 118 -25.06 58.04 4.72
C VAL M 118 -25.65 59.37 5.15
N SER M 119 -26.95 59.43 5.40
CA SER M 119 -27.60 60.70 5.74
C SER M 119 -27.05 61.25 7.05
N GLY M 120 -26.64 62.51 7.01
CA GLY M 120 -26.10 63.17 8.19
C GLY M 120 -27.15 63.85 9.03
N ALA M 121 -27.98 63.06 9.70
CA ALA M 121 -29.03 63.60 10.56
C ALA M 121 -29.37 62.56 11.61
N SER M 122 -30.20 62.96 12.56
CA SER M 122 -30.65 62.08 13.63
C SER M 122 -32.04 61.54 13.32
N THR M 123 -32.44 60.54 14.10
CA THR M 123 -33.76 59.94 13.93
C THR M 123 -34.85 60.96 14.25
N LYS M 124 -35.95 60.90 13.50
CA LYS M 124 -36.99 61.91 13.63
C LYS M 124 -38.32 61.31 13.18
N GLY M 125 -39.39 61.64 13.90
CA GLY M 125 -40.72 61.20 13.55
C GLY M 125 -41.30 61.98 12.40
N PRO M 126 -42.39 61.48 11.85
CA PRO M 126 -43.00 62.08 10.66
C PRO M 126 -44.09 63.10 11.00
N SER M 127 -44.45 63.88 9.98
CA SER M 127 -45.54 64.83 10.06
C SER M 127 -46.57 64.46 9.00
N VAL M 128 -47.78 64.09 9.43
CA VAL M 128 -48.83 63.61 8.55
C VAL M 128 -49.80 64.75 8.28
N PHE M 129 -50.19 64.91 7.01
CA PHE M 129 -51.12 65.95 6.60
C PHE M 129 -52.16 65.35 5.66
N PRO M 130 -53.43 65.73 5.84
CA PRO M 130 -54.49 65.12 5.03
C PRO M 130 -54.48 65.64 3.60
N LEU M 131 -54.55 64.71 2.65
CA LEU M 131 -54.73 65.04 1.24
C LEU M 131 -56.22 64.98 0.93
N ALA M 132 -56.91 66.08 1.24
CA ALA M 132 -58.36 66.13 1.16
C ALA M 132 -58.83 65.99 -0.30
N PRO M 133 -59.98 65.38 -0.52
CA PRO M 133 -60.49 65.22 -1.88
C PRO M 133 -61.17 66.48 -2.39
N SER M 134 -61.33 66.54 -3.71
CA SER M 134 -61.97 67.67 -4.36
C SER M 134 -63.49 67.60 -4.22
N GLY M 140 -64.23 61.30 -11.07
CA GLY M 140 -65.64 61.39 -11.34
C GLY M 140 -66.50 60.70 -10.30
N GLY M 141 -67.08 59.56 -10.68
CA GLY M 141 -67.86 58.79 -9.72
C GLY M 141 -67.04 58.24 -8.58
N THR M 142 -65.74 58.09 -8.76
CA THR M 142 -64.83 57.68 -7.71
C THR M 142 -64.35 58.94 -6.98
N ALA M 143 -63.39 58.80 -6.07
CA ALA M 143 -62.82 59.94 -5.37
C ALA M 143 -61.39 59.62 -4.98
N ALA M 144 -60.59 60.66 -4.80
CA ALA M 144 -59.18 60.53 -4.47
C ALA M 144 -58.91 61.21 -3.13
N LEU M 145 -58.49 60.41 -2.15
CA LEU M 145 -58.13 60.92 -0.83
C LEU M 145 -56.87 60.21 -0.37
N GLY M 146 -56.08 60.90 0.44
CA GLY M 146 -54.82 60.33 0.87
C GLY M 146 -54.22 61.07 2.04
N CYS M 147 -52.99 60.67 2.38
CA CYS M 147 -52.22 61.27 3.46
C CYS M 147 -50.82 61.58 2.97
N LEU M 148 -50.21 62.61 3.55
CA LEU M 148 -48.86 63.03 3.20
C LEU M 148 -47.96 62.82 4.42
N VAL M 149 -47.17 61.75 4.39
CA VAL M 149 -46.19 61.48 5.43
C VAL M 149 -44.91 62.21 5.04
N LYS M 150 -44.60 63.28 5.77
CA LYS M 150 -43.51 64.19 5.40
C LYS M 150 -42.49 64.29 6.51
N ASP M 151 -41.22 64.37 6.13
CA ASP M 151 -40.10 64.63 7.04
C ASP M 151 -39.99 63.57 8.13
N TYR M 152 -39.35 62.44 7.81
CA TYR M 152 -39.09 61.40 8.79
C TYR M 152 -37.77 60.73 8.46
N PHE M 153 -37.15 60.13 9.49
CA PHE M 153 -35.86 59.49 9.34
C PHE M 153 -35.60 58.60 10.55
N PRO M 154 -35.10 57.37 10.34
CA PRO M 154 -34.87 56.80 9.01
C PRO M 154 -36.08 56.01 8.52
N GLU M 155 -35.93 55.35 7.37
CA GLU M 155 -36.98 54.52 6.83
C GLU M 155 -37.05 53.21 7.62
N PRO M 156 -38.20 52.50 7.56
CA PRO M 156 -39.43 52.82 6.82
C PRO M 156 -40.60 53.24 7.70
N VAL M 157 -41.70 53.62 7.06
CA VAL M 157 -42.97 53.87 7.71
C VAL M 157 -43.99 52.90 7.13
N THR M 158 -44.97 52.53 7.95
CA THR M 158 -46.04 51.63 7.53
C THR M 158 -47.35 52.40 7.59
N VAL M 159 -48.04 52.48 6.45
CA VAL M 159 -49.27 53.24 6.33
C VAL M 159 -50.41 52.27 6.03
N SER M 160 -51.41 52.25 6.90
CA SER M 160 -52.64 51.52 6.68
C SER M 160 -53.81 52.49 6.67
N TRP M 161 -54.96 52.02 6.21
CA TRP M 161 -56.16 52.84 6.10
C TRP M 161 -57.28 52.18 6.89
N ASN M 162 -57.83 52.89 7.87
CA ASN M 162 -58.89 52.39 8.74
C ASN M 162 -58.46 51.10 9.43
N SER M 163 -57.26 51.14 10.04
CA SER M 163 -56.69 50.02 10.77
C SER M 163 -56.56 48.77 9.91
N GLY M 164 -56.29 48.95 8.62
CA GLY M 164 -56.11 47.84 7.71
C GLY M 164 -57.38 47.28 7.11
N ALA M 165 -58.55 47.78 7.51
CA ALA M 165 -59.80 47.28 6.94
C ALA M 165 -59.96 47.70 5.49
N LEU M 166 -59.45 48.87 5.12
CA LEU M 166 -59.51 49.36 3.75
C LEU M 166 -58.22 49.02 3.03
N THR M 167 -58.30 48.18 2.01
CA THR M 167 -57.13 47.76 1.27
C THR M 167 -57.30 47.96 -0.22
N SER M 168 -58.54 47.83 -0.71
CA SER M 168 -58.79 47.92 -2.14
C SER M 168 -58.60 49.36 -2.64
N GLY M 169 -57.76 49.51 -3.65
CA GLY M 169 -57.51 50.81 -4.24
C GLY M 169 -56.50 51.67 -3.53
N VAL M 170 -55.71 51.09 -2.63
CA VAL M 170 -54.73 51.85 -1.85
C VAL M 170 -53.38 51.80 -2.55
N HIS M 171 -52.71 52.94 -2.59
CA HIS M 171 -51.37 53.06 -3.18
C HIS M 171 -50.48 53.85 -2.22
N THR M 172 -49.48 53.17 -1.68
CA THR M 172 -48.47 53.80 -0.82
C THR M 172 -47.21 54.01 -1.65
N PHE M 173 -46.95 55.25 -2.04
CA PHE M 173 -45.84 55.54 -2.93
C PHE M 173 -44.50 55.35 -2.22
N PRO M 174 -43.46 54.95 -2.96
CA PRO M 174 -42.12 54.92 -2.36
C PRO M 174 -41.67 56.30 -1.92
N ALA M 175 -40.93 56.33 -0.82
CA ALA M 175 -40.48 57.60 -0.27
C ALA M 175 -39.42 58.23 -1.16
N VAL M 176 -39.32 59.56 -1.07
CA VAL M 176 -38.30 60.33 -1.77
C VAL M 176 -37.40 60.99 -0.74
N LEU M 177 -36.11 61.06 -1.04
CA LEU M 177 -35.13 61.65 -0.13
C LEU M 177 -35.00 63.13 -0.49
N GLN M 178 -35.60 64.00 0.33
CA GLN M 178 -35.52 65.42 0.10
C GLN M 178 -34.09 65.93 0.36
N SER M 179 -33.87 67.19 -0.01
CA SER M 179 -32.55 67.79 0.18
C SER M 179 -32.21 67.98 1.65
N SER M 180 -33.20 67.98 2.53
CA SER M 180 -32.97 68.13 3.96
C SER M 180 -32.51 66.84 4.63
N GLY M 181 -32.34 65.77 3.88
CA GLY M 181 -31.95 64.49 4.46
C GLY M 181 -33.08 63.72 5.09
N LEU M 182 -34.32 64.14 4.91
CA LEU M 182 -35.49 63.47 5.46
C LEU M 182 -36.35 62.90 4.34
N TYR M 183 -37.04 61.82 4.63
CA TYR M 183 -37.88 61.15 3.64
C TYR M 183 -39.29 61.72 3.66
N SER M 184 -40.01 61.47 2.57
CA SER M 184 -41.38 61.95 2.43
C SER M 184 -42.09 61.11 1.38
N LEU M 185 -43.31 60.66 1.69
CA LEU M 185 -44.08 59.87 0.77
C LEU M 185 -45.56 60.21 0.90
N SER M 186 -46.34 59.81 -0.10
CA SER M 186 -47.78 59.98 -0.10
C SER M 186 -48.45 58.62 -0.16
N SER M 187 -49.61 58.51 0.48
CA SER M 187 -50.40 57.29 0.48
C SER M 187 -51.85 57.65 0.19
N VAL M 188 -52.34 57.27 -0.99
CA VAL M 188 -53.66 57.64 -1.44
C VAL M 188 -54.53 56.38 -1.53
N VAL M 189 -55.82 56.60 -1.74
CA VAL M 189 -56.78 55.51 -1.91
C VAL M 189 -57.99 56.02 -2.69
N THR M 190 -58.38 55.29 -3.72
CA THR M 190 -59.51 55.66 -4.56
C THR M 190 -60.77 54.99 -4.04
N VAL M 191 -61.76 55.79 -3.68
CA VAL M 191 -63.02 55.28 -3.13
C VAL M 191 -64.18 55.97 -3.86
N PRO M 192 -65.34 55.33 -3.89
CA PRO M 192 -66.51 55.97 -4.52
C PRO M 192 -66.83 57.31 -3.87
N SER M 193 -67.30 58.25 -4.69
CA SER M 193 -67.60 59.59 -4.21
C SER M 193 -68.77 59.61 -3.22
N SER M 194 -69.63 58.59 -3.25
CA SER M 194 -70.76 58.56 -2.33
C SER M 194 -70.32 58.24 -0.91
N SER M 195 -69.19 57.54 -0.75
CA SER M 195 -68.72 57.13 0.57
C SER M 195 -68.03 58.25 1.33
N LEU M 196 -68.02 59.47 0.80
CA LEU M 196 -67.40 60.59 1.51
C LEU M 196 -68.24 61.04 2.70
N GLY M 197 -69.53 60.77 2.70
CA GLY M 197 -70.40 61.16 3.80
C GLY M 197 -70.85 60.00 4.64
N THR M 198 -70.84 58.80 4.06
CA THR M 198 -71.26 57.59 4.75
C THR M 198 -70.11 56.82 5.38
N GLN M 199 -68.87 57.30 5.24
CA GLN M 199 -67.72 56.58 5.75
C GLN M 199 -66.66 57.59 6.20
N THR M 200 -65.99 57.28 7.30
CA THR M 200 -64.89 58.09 7.82
C THR M 200 -63.58 57.41 7.48
N TYR M 201 -62.63 58.17 6.92
CA TYR M 201 -61.37 57.65 6.45
C TYR M 201 -60.24 58.16 7.34
N ILE M 202 -59.42 57.24 7.84
CA ILE M 202 -58.28 57.56 8.69
C ILE M 202 -57.08 56.72 8.25
N CYS M 203 -55.96 57.38 8.02
CA CYS M 203 -54.71 56.70 7.71
C CYS M 203 -53.89 56.53 9.00
N ASN M 204 -53.34 55.34 9.18
CA ASN M 204 -52.59 54.98 10.38
C ASN M 204 -51.12 54.84 10.02
N VAL M 205 -50.32 55.82 10.41
CA VAL M 205 -48.90 55.87 10.10
C VAL M 205 -48.11 55.42 11.32
N ASN M 206 -47.19 54.48 11.11
CA ASN M 206 -46.36 53.94 12.19
C ASN M 206 -44.90 54.08 11.80
N HIS M 207 -44.11 54.70 12.68
CA HIS M 207 -42.67 54.86 12.49
C HIS M 207 -41.99 54.33 13.75
N LYS M 208 -41.43 53.12 13.67
CA LYS M 208 -40.81 52.45 14.79
C LYS M 208 -39.54 53.13 15.29
N PRO M 209 -38.64 53.61 14.41
CA PRO M 209 -37.41 54.25 14.92
C PRO M 209 -37.66 55.44 15.84
N SER M 210 -38.87 56.00 15.82
CA SER M 210 -39.22 57.09 16.73
C SER M 210 -40.39 56.74 17.64
N ASN M 211 -40.85 55.48 17.60
CA ASN M 211 -42.00 55.02 18.40
C ASN M 211 -43.23 55.89 18.15
N THR M 212 -43.38 56.36 16.91
CA THR M 212 -44.47 57.25 16.53
C THR M 212 -45.56 56.47 15.83
N LYS M 213 -46.79 56.59 16.34
CA LYS M 213 -47.98 55.95 15.76
C LYS M 213 -49.08 57.00 15.75
N VAL M 214 -49.22 57.70 14.62
CA VAL M 214 -50.15 58.80 14.50
C VAL M 214 -51.22 58.47 13.47
N ASP M 215 -52.40 59.05 13.67
CA ASP M 215 -53.53 58.93 12.77
C ASP M 215 -53.93 60.31 12.27
N LYS M 216 -54.77 60.34 11.24
CA LYS M 216 -55.21 61.60 10.68
C LYS M 216 -56.51 61.40 9.91
N ARG M 217 -57.43 62.34 10.08
CA ARG M 217 -58.69 62.31 9.34
C ARG M 217 -58.48 62.90 7.95
N VAL M 218 -59.29 62.43 7.01
CA VAL M 218 -59.32 62.95 5.64
C VAL M 218 -60.76 63.33 5.34
N GLU M 219 -61.07 64.61 5.43
CA GLU M 219 -62.41 65.12 5.18
C GLU M 219 -62.41 66.09 4.01
N PRO M 220 -63.50 66.13 3.23
CA PRO M 220 -63.65 67.07 2.10
C PRO M 220 -63.47 68.53 2.51
N GLU N 3 -22.41 -19.43 -16.11
CA GLU N 3 -23.00 -20.08 -17.27
C GLU N 3 -22.38 -21.45 -17.50
N VAL N 4 -22.53 -22.34 -16.52
CA VAL N 4 -21.95 -23.67 -16.61
C VAL N 4 -22.68 -24.48 -17.68
N GLN N 5 -21.91 -25.20 -18.50
CA GLN N 5 -22.46 -26.03 -19.57
C GLN N 5 -21.78 -27.39 -19.50
N LEU N 6 -22.53 -28.41 -19.08
CA LEU N 6 -22.01 -29.76 -18.94
C LEU N 6 -22.41 -30.58 -20.17
N VAL N 7 -21.41 -31.05 -20.90
CA VAL N 7 -21.62 -31.88 -22.09
C VAL N 7 -21.08 -33.28 -21.79
N GLN N 8 -21.93 -34.28 -21.97
CA GLN N 8 -21.54 -35.65 -21.69
C GLN N 8 -21.03 -36.34 -22.95
N SER N 9 -20.55 -37.57 -22.77
CA SER N 9 -20.07 -38.36 -23.90
C SER N 9 -21.25 -38.91 -24.69
N GLY N 10 -20.95 -39.35 -25.91
CA GLY N 10 -21.97 -39.94 -26.75
C GLY N 10 -22.47 -41.26 -26.22
N ALA N 11 -23.58 -41.72 -26.80
CA ALA N 11 -24.19 -42.96 -26.37
C ALA N 11 -23.22 -44.13 -26.57
N GLU N 12 -23.25 -45.08 -25.65
CA GLU N 12 -22.32 -46.20 -25.63
C GLU N 12 -23.09 -47.51 -25.52
N VAL N 13 -22.68 -48.50 -26.29
CA VAL N 13 -23.26 -49.84 -26.26
C VAL N 13 -22.14 -50.83 -26.02
N LYS N 14 -22.18 -51.50 -24.87
CA LYS N 14 -21.16 -52.46 -24.49
C LYS N 14 -21.83 -53.76 -24.05
N LYS N 15 -21.40 -54.86 -24.66
CA LYS N 15 -21.95 -56.17 -24.31
C LYS N 15 -21.66 -56.51 -22.85
N PRO N 16 -22.44 -57.40 -22.25
CA PRO N 16 -22.34 -57.61 -20.80
C PRO N 16 -20.95 -58.05 -20.36
N GLY N 17 -20.54 -57.58 -19.19
CA GLY N 17 -19.25 -57.91 -18.63
C GLY N 17 -18.14 -56.92 -18.96
N ALA N 18 -18.39 -55.97 -19.86
CA ALA N 18 -17.37 -55.00 -20.26
C ALA N 18 -17.27 -53.86 -19.26
N SER N 19 -16.73 -52.73 -19.71
CA SER N 19 -16.57 -51.55 -18.86
C SER N 19 -16.80 -50.30 -19.68
N VAL N 20 -17.59 -49.37 -19.16
CA VAL N 20 -17.91 -48.14 -19.84
C VAL N 20 -17.07 -47.01 -19.25
N LYS N 21 -16.94 -45.92 -20.00
CA LYS N 21 -16.18 -44.75 -19.57
C LYS N 21 -16.92 -43.52 -20.12
N VAL N 22 -17.71 -42.87 -19.27
CA VAL N 22 -18.55 -41.75 -19.66
C VAL N 22 -17.81 -40.45 -19.34
N SER N 23 -17.81 -39.52 -20.28
CA SER N 23 -17.17 -38.23 -20.12
C SER N 23 -18.19 -37.16 -19.72
N CYS N 24 -17.68 -36.05 -19.19
CA CYS N 24 -18.53 -34.94 -18.76
C CYS N 24 -17.64 -33.69 -18.69
N LYS N 25 -17.56 -32.98 -19.81
CA LYS N 25 -16.72 -31.79 -19.91
C LYS N 25 -17.48 -30.57 -19.39
N VAL N 26 -16.75 -29.71 -18.67
CA VAL N 26 -17.32 -28.49 -18.10
C VAL N 26 -16.84 -27.31 -18.93
N SER N 27 -17.78 -26.44 -19.32
CA SER N 27 -17.48 -25.21 -20.03
C SER N 27 -18.25 -24.08 -19.38
N GLY N 28 -17.56 -22.98 -19.08
CA GLY N 28 -18.13 -21.89 -18.33
C GLY N 28 -17.71 -21.84 -16.88
N TYR N 29 -16.92 -22.81 -16.43
CA TYR N 29 -16.41 -22.86 -15.06
C TYR N 29 -15.13 -23.68 -15.08
N ARG N 30 -14.68 -24.13 -13.91
CA ARG N 30 -13.52 -25.00 -13.81
C ARG N 30 -13.82 -26.11 -12.82
N LEU N 31 -13.47 -27.34 -13.20
CA LEU N 31 -13.72 -28.50 -12.35
C LEU N 31 -13.04 -28.37 -10.99
N THR N 32 -11.99 -27.55 -10.88
CA THR N 32 -11.31 -27.33 -9.62
C THR N 32 -12.25 -26.76 -8.56
N ALA N 33 -13.39 -26.18 -8.96
CA ALA N 33 -14.33 -25.57 -8.06
C ALA N 33 -15.72 -26.16 -8.20
N LEU N 34 -15.81 -27.43 -8.58
CA LEU N 34 -17.10 -28.10 -8.76
C LEU N 34 -17.05 -29.50 -8.17
N SER N 35 -17.99 -29.80 -7.29
CA SER N 35 -18.14 -31.15 -6.74
C SER N 35 -19.11 -31.90 -7.64
N MET N 36 -18.55 -32.61 -8.63
CA MET N 36 -19.37 -33.32 -9.59
C MET N 36 -20.01 -34.55 -8.97
N HIS N 37 -21.20 -34.89 -9.46
CA HIS N 37 -21.93 -36.06 -9.00
C HIS N 37 -22.48 -36.81 -10.21
N TRP N 38 -23.07 -37.97 -9.95
CA TRP N 38 -23.56 -38.84 -11.01
C TRP N 38 -24.84 -39.52 -10.57
N VAL N 39 -25.86 -39.44 -11.42
CA VAL N 39 -27.16 -40.04 -11.14
C VAL N 39 -27.64 -40.76 -12.39
N ARG N 40 -28.00 -42.04 -12.24
CA ARG N 40 -28.53 -42.84 -13.33
C ARG N 40 -30.03 -43.04 -13.14
N GLN N 41 -30.72 -43.32 -14.24
CA GLN N 41 -32.15 -43.58 -14.22
C GLN N 41 -32.45 -44.73 -15.17
N ALA N 42 -32.87 -45.87 -14.62
CA ALA N 42 -33.30 -46.97 -15.45
C ALA N 42 -34.58 -46.58 -16.19
N PRO N 43 -34.73 -46.97 -17.46
CA PRO N 43 -35.90 -46.54 -18.24
C PRO N 43 -37.21 -46.96 -17.57
N GLY N 44 -38.11 -45.99 -17.43
CA GLY N 44 -39.40 -46.23 -16.82
C GLY N 44 -39.40 -46.31 -15.31
N LYS N 45 -38.31 -45.93 -14.65
CA LYS N 45 -38.25 -45.99 -13.20
C LYS N 45 -37.96 -44.62 -12.60
N GLY N 46 -37.10 -44.57 -11.58
CA GLY N 46 -36.79 -43.33 -10.89
C GLY N 46 -35.32 -43.01 -10.91
N LEU N 47 -34.98 -41.89 -10.28
CA LEU N 47 -33.60 -41.43 -10.21
C LEU N 47 -32.85 -42.14 -9.09
N GLU N 48 -31.62 -42.55 -9.38
CA GLU N 48 -30.78 -43.27 -8.42
C GLU N 48 -29.41 -42.63 -8.38
N TRP N 49 -28.96 -42.27 -7.18
CA TRP N 49 -27.68 -41.60 -7.01
C TRP N 49 -26.54 -42.63 -7.03
N MET N 50 -25.52 -42.36 -7.82
CA MET N 50 -24.39 -43.27 -7.99
C MET N 50 -23.17 -42.89 -7.16
N GLY N 51 -22.92 -41.60 -6.99
CA GLY N 51 -21.74 -41.15 -6.28
C GLY N 51 -21.41 -39.73 -6.67
N GLY N 52 -20.33 -39.24 -6.08
CA GLY N 52 -19.88 -37.88 -6.36
C GLY N 52 -18.75 -37.49 -5.44
N PHE N 53 -18.56 -36.18 -5.29
CA PHE N 53 -17.51 -35.62 -4.45
C PHE N 53 -18.14 -34.71 -3.41
N ASP N 54 -17.73 -34.87 -2.16
CA ASP N 54 -18.21 -34.04 -1.07
C ASP N 54 -17.19 -32.92 -0.85
N PRO N 55 -17.60 -31.65 -0.89
CA PRO N 55 -16.64 -30.57 -0.60
C PRO N 55 -15.92 -30.77 0.73
N GLU N 56 -16.68 -30.95 1.81
CA GLU N 56 -16.09 -31.38 3.07
C GLU N 56 -15.56 -32.81 2.91
N GLU N 57 -14.54 -33.14 3.71
CA GLU N 57 -13.89 -34.45 3.73
C GLU N 57 -12.95 -34.66 2.55
N ASP N 58 -13.16 -33.92 1.46
CA ASP N 58 -12.32 -34.01 0.26
C ASP N 58 -12.22 -35.44 -0.25
N GLU N 59 -13.37 -36.07 -0.42
CA GLU N 59 -13.40 -37.48 -0.80
C GLU N 59 -14.43 -37.69 -1.89
N THR N 60 -14.01 -38.34 -2.98
CA THR N 60 -14.96 -38.76 -4.00
C THR N 60 -15.76 -39.94 -3.47
N ILE N 61 -16.85 -39.64 -2.76
CA ILE N 61 -17.63 -40.70 -2.13
C ILE N 61 -18.39 -41.51 -3.18
N TYR N 62 -18.67 -42.76 -2.85
CA TYR N 62 -19.34 -43.67 -3.77
C TYR N 62 -20.52 -44.32 -3.06
N ALA N 63 -21.52 -44.72 -3.85
CA ALA N 63 -22.68 -45.42 -3.31
C ALA N 63 -22.36 -46.89 -3.13
N GLN N 64 -22.71 -47.43 -1.97
CA GLN N 64 -22.38 -48.82 -1.65
C GLN N 64 -23.20 -49.79 -2.47
N ASN N 65 -24.42 -49.42 -2.84
CA ASN N 65 -25.29 -50.33 -3.59
C ASN N 65 -24.72 -50.66 -4.97
N PHE N 66 -23.83 -49.83 -5.50
CA PHE N 66 -23.23 -50.06 -6.80
C PHE N 66 -22.02 -50.98 -6.75
N GLN N 67 -21.81 -51.67 -5.62
CA GLN N 67 -20.80 -52.71 -5.46
C GLN N 67 -19.39 -52.21 -5.73
N GLY N 68 -19.15 -50.90 -5.61
CA GLY N 68 -17.84 -50.37 -5.90
C GLY N 68 -17.37 -50.49 -7.34
N ARG N 69 -18.24 -50.93 -8.26
CA ARG N 69 -17.87 -51.03 -9.67
C ARG N 69 -17.61 -49.68 -10.29
N VAL N 70 -18.06 -48.60 -9.66
CA VAL N 70 -17.85 -47.25 -10.17
C VAL N 70 -16.42 -46.82 -9.89
N THR N 71 -15.86 -46.02 -10.80
CA THR N 71 -14.49 -45.52 -10.68
C THR N 71 -14.48 -44.09 -11.24
N LEU N 72 -14.71 -43.11 -10.36
CA LEU N 72 -14.75 -41.71 -10.77
C LEU N 72 -13.35 -41.14 -10.84
N THR N 73 -13.01 -40.55 -11.98
CA THR N 73 -11.73 -39.89 -12.18
C THR N 73 -11.96 -38.48 -12.70
N GLU N 74 -10.97 -37.62 -12.52
CA GLU N 74 -11.07 -36.22 -12.91
C GLU N 74 -9.79 -35.80 -13.62
N ASP N 75 -9.94 -34.89 -14.58
CA ASP N 75 -8.82 -34.30 -15.30
C ASP N 75 -9.00 -32.79 -15.29
N THR N 76 -8.18 -32.10 -14.49
CA THR N 76 -8.31 -30.65 -14.35
C THR N 76 -7.93 -29.91 -15.63
N SER N 77 -7.09 -30.51 -16.49
CA SER N 77 -6.69 -29.83 -17.71
C SER N 77 -7.85 -29.72 -18.70
N THR N 78 -8.61 -30.79 -18.88
CA THR N 78 -9.73 -30.80 -19.79
C THR N 78 -11.04 -30.40 -19.14
N ASP N 79 -11.05 -30.19 -17.82
CA ASP N 79 -12.27 -29.88 -17.08
C ASP N 79 -13.34 -30.93 -17.32
N THR N 80 -12.93 -32.21 -17.27
CA THR N 80 -13.78 -33.33 -17.63
C THR N 80 -13.77 -34.36 -16.52
N VAL N 81 -14.96 -34.86 -16.18
CA VAL N 81 -15.13 -35.93 -15.20
C VAL N 81 -15.44 -37.22 -15.95
N TYR N 82 -14.82 -38.32 -15.50
CA TYR N 82 -15.02 -39.62 -16.11
C TYR N 82 -15.70 -40.56 -15.12
N MET N 83 -16.70 -41.29 -15.59
CA MET N 83 -17.41 -42.29 -14.80
C MET N 83 -17.18 -43.65 -15.44
N GLU N 84 -16.54 -44.56 -14.70
CA GLU N 84 -16.21 -45.89 -15.19
C GLU N 84 -16.99 -46.92 -14.38
N LEU N 85 -17.90 -47.63 -15.04
CA LEU N 85 -18.68 -48.69 -14.43
C LEU N 85 -18.24 -50.03 -15.02
N SER N 86 -17.67 -50.89 -14.18
CA SER N 86 -17.18 -52.19 -14.61
C SER N 86 -18.19 -53.28 -14.26
N SER N 87 -17.96 -54.46 -14.81
CA SER N 87 -18.80 -55.64 -14.60
C SER N 87 -20.25 -55.33 -14.96
N LEU N 88 -20.45 -54.98 -16.24
CA LEU N 88 -21.78 -54.56 -16.71
C LEU N 88 -22.75 -55.74 -16.68
N ARG N 89 -23.98 -55.46 -16.22
CA ARG N 89 -25.04 -56.44 -16.16
C ARG N 89 -26.25 -55.93 -16.91
N SER N 90 -27.26 -56.81 -17.05
CA SER N 90 -28.45 -56.47 -17.83
C SER N 90 -29.30 -55.40 -17.16
N GLU N 91 -29.08 -55.13 -15.88
CA GLU N 91 -29.87 -54.14 -15.16
C GLU N 91 -29.24 -52.75 -15.17
N ASP N 92 -28.02 -52.61 -15.69
CA ASP N 92 -27.32 -51.33 -15.69
C ASP N 92 -27.57 -50.52 -16.97
N THR N 93 -28.65 -50.78 -17.67
CA THR N 93 -29.00 -50.03 -18.88
C THR N 93 -29.85 -48.82 -18.52
N GLY N 94 -29.48 -47.67 -19.04
CA GLY N 94 -30.25 -46.46 -18.79
C GLY N 94 -29.43 -45.23 -19.15
N VAL N 95 -29.97 -44.09 -18.76
CA VAL N 95 -29.33 -42.79 -19.00
C VAL N 95 -28.53 -42.42 -17.75
N TYR N 96 -27.29 -41.99 -17.96
CA TYR N 96 -26.38 -41.66 -16.87
C TYR N 96 -26.08 -40.17 -16.91
N TYR N 97 -26.44 -39.47 -15.83
CA TYR N 97 -26.30 -38.02 -15.75
C TYR N 97 -25.10 -37.63 -14.92
N CYS N 98 -24.44 -36.55 -15.32
CA CYS N 98 -23.44 -35.87 -14.50
C CYS N 98 -23.98 -34.48 -14.16
N ALA N 99 -23.82 -34.08 -12.91
CA ALA N 99 -24.45 -32.83 -12.47
C ALA N 99 -23.71 -32.29 -11.25
N THR N 100 -23.71 -30.96 -11.13
CA THR N 100 -23.19 -30.27 -9.97
C THR N 100 -24.37 -29.96 -9.06
N LEU N 101 -24.70 -30.91 -8.20
CA LEU N 101 -25.92 -30.84 -7.39
C LEU N 101 -25.84 -29.70 -6.37
N MET N 102 -27.02 -29.25 -5.94
CA MET N 102 -27.11 -28.09 -5.06
C MET N 102 -26.62 -28.39 -3.65
N GLY N 103 -26.84 -29.62 -3.16
CA GLY N 103 -26.42 -29.96 -1.81
C GLY N 103 -24.95 -29.72 -1.55
N ALA N 104 -24.11 -29.93 -2.57
CA ALA N 104 -22.67 -29.72 -2.47
C ALA N 104 -22.22 -28.38 -3.02
N ASN N 105 -22.74 -27.98 -4.18
CA ASN N 105 -22.35 -26.76 -4.86
C ASN N 105 -23.48 -25.73 -4.81
N PRO N 106 -23.16 -24.44 -4.70
CA PRO N 106 -24.22 -23.43 -4.71
C PRO N 106 -25.03 -23.41 -5.99
N PHE N 107 -24.48 -23.93 -7.08
CA PHE N 107 -25.15 -23.98 -8.37
C PHE N 107 -26.00 -25.25 -8.46
N ASP N 108 -26.58 -25.50 -9.63
CA ASP N 108 -27.29 -26.74 -9.88
C ASP N 108 -27.54 -26.94 -11.38
N TYR N 109 -26.53 -27.42 -12.09
CA TYR N 109 -26.64 -27.73 -13.50
C TYR N 109 -26.48 -29.23 -13.72
N TRP N 110 -27.04 -29.71 -14.82
CA TRP N 110 -27.00 -31.13 -15.17
C TRP N 110 -26.42 -31.30 -16.57
N GLY N 111 -26.38 -32.55 -17.04
CA GLY N 111 -25.93 -32.88 -18.37
C GLY N 111 -27.05 -33.52 -19.16
N GLN N 112 -26.80 -33.69 -20.47
CA GLN N 112 -27.83 -34.24 -21.35
C GLN N 112 -28.04 -35.74 -21.10
N GLY N 113 -27.00 -36.45 -20.69
CA GLY N 113 -27.13 -37.87 -20.40
C GLY N 113 -26.44 -38.72 -21.45
N THR N 114 -25.81 -39.80 -21.00
CA THR N 114 -25.12 -40.75 -21.87
C THR N 114 -25.83 -42.09 -21.76
N LEU N 115 -26.54 -42.47 -22.82
CA LEU N 115 -27.28 -43.73 -22.82
C LEU N 115 -26.31 -44.90 -22.96
N ILE N 116 -26.42 -45.86 -22.04
CA ILE N 116 -25.58 -47.05 -22.04
C ILE N 116 -26.50 -48.26 -22.15
N ILE N 117 -26.41 -48.99 -23.26
CA ILE N 117 -27.15 -50.22 -23.48
C ILE N 117 -26.20 -51.39 -23.33
N VAL N 118 -26.54 -52.34 -22.46
CA VAL N 118 -25.65 -53.46 -22.18
C VAL N 118 -25.99 -54.70 -22.98
N SER N 119 -27.11 -54.71 -23.69
CA SER N 119 -27.54 -55.93 -24.38
C SER N 119 -26.52 -56.33 -25.45
N GLY N 120 -26.45 -57.63 -25.71
CA GLY N 120 -25.51 -58.18 -26.67
C GLY N 120 -25.96 -58.00 -28.10
N ALA N 121 -25.62 -58.98 -28.94
CA ALA N 121 -25.95 -59.00 -30.35
C ALA N 121 -25.32 -57.82 -31.10
N SER N 122 -25.54 -57.74 -32.41
CA SER N 122 -24.96 -56.68 -33.21
C SER N 122 -26.02 -56.04 -34.11
N THR N 123 -25.60 -55.20 -35.04
CA THR N 123 -26.53 -54.49 -35.91
C THR N 123 -27.29 -55.48 -36.78
N LYS N 124 -28.63 -55.40 -36.74
CA LYS N 124 -29.49 -56.28 -37.51
C LYS N 124 -30.66 -55.50 -38.06
N GLY N 125 -30.93 -55.65 -39.36
CA GLY N 125 -32.06 -55.03 -39.99
C GLY N 125 -33.38 -55.58 -39.47
N PRO N 126 -34.43 -54.77 -39.53
CA PRO N 126 -35.72 -55.19 -38.99
C PRO N 126 -36.56 -55.97 -39.98
N SER N 127 -37.45 -56.80 -39.44
CA SER N 127 -38.41 -57.55 -40.21
C SER N 127 -39.79 -56.91 -40.03
N VAL N 128 -40.39 -56.48 -41.14
CA VAL N 128 -41.65 -55.76 -41.12
C VAL N 128 -42.75 -56.67 -41.65
N PHE N 129 -43.87 -56.71 -40.94
CA PHE N 129 -45.01 -57.54 -41.30
C PHE N 129 -46.29 -56.72 -41.25
N PRO N 130 -47.21 -56.94 -42.18
CA PRO N 130 -48.42 -56.09 -42.25
C PRO N 130 -49.45 -56.48 -41.20
N LEU N 131 -49.99 -55.49 -40.51
CA LEU N 131 -51.11 -55.66 -39.58
C LEU N 131 -52.37 -55.17 -40.29
N ALA N 132 -53.14 -56.11 -40.84
CA ALA N 132 -54.27 -55.84 -41.71
C ALA N 132 -55.56 -55.72 -40.93
N PRO N 133 -56.56 -55.04 -41.48
CA PRO N 133 -57.86 -54.97 -40.81
C PRO N 133 -58.59 -56.31 -40.84
N SER N 134 -59.60 -56.41 -39.99
CA SER N 134 -60.41 -57.63 -39.89
C SER N 134 -61.78 -57.43 -40.52
N GLY N 140 -64.65 -48.74 -35.53
CA GLY N 140 -65.80 -49.18 -36.31
C GLY N 140 -65.83 -48.61 -37.71
N GLY N 141 -66.48 -47.46 -37.86
CA GLY N 141 -66.54 -46.82 -39.16
C GLY N 141 -65.17 -46.46 -39.70
N THR N 142 -64.20 -46.22 -38.81
CA THR N 142 -62.81 -46.02 -39.19
C THR N 142 -62.02 -47.26 -38.79
N ALA N 143 -61.29 -47.82 -39.75
CA ALA N 143 -60.55 -49.05 -39.52
C ALA N 143 -59.13 -48.74 -39.04
N ALA N 144 -58.46 -49.77 -38.54
CA ALA N 144 -57.11 -49.67 -38.02
C ALA N 144 -56.19 -50.61 -38.79
N LEU N 145 -55.13 -50.06 -39.37
CA LEU N 145 -54.11 -50.83 -40.08
C LEU N 145 -52.75 -50.39 -39.58
N GLY N 146 -51.82 -51.35 -39.48
CA GLY N 146 -50.53 -51.07 -38.90
C GLY N 146 -49.42 -51.91 -39.48
N CYS N 147 -48.21 -51.66 -38.99
CA CYS N 147 -47.02 -52.40 -39.37
C CYS N 147 -46.32 -52.89 -38.11
N LEU N 148 -45.74 -54.07 -38.17
CA LEU N 148 -45.00 -54.67 -37.05
C LEU N 148 -43.52 -54.72 -37.43
N VAL N 149 -42.74 -53.82 -36.85
CA VAL N 149 -41.30 -53.78 -37.06
C VAL N 149 -40.66 -54.65 -35.99
N LYS N 150 -40.22 -55.84 -36.37
CA LYS N 150 -39.80 -56.87 -35.42
C LYS N 150 -38.33 -57.20 -35.60
N ASP N 151 -37.64 -57.42 -34.48
CA ASP N 151 -36.27 -57.92 -34.44
C ASP N 151 -35.29 -56.98 -35.15
N TYR N 152 -34.89 -55.91 -34.46
CA TYR N 152 -33.85 -55.01 -34.96
C TYR N 152 -33.00 -54.54 -33.79
N PHE N 153 -31.79 -54.09 -34.13
CA PHE N 153 -30.81 -53.66 -33.15
C PHE N 153 -29.69 -52.90 -33.85
N PRO N 154 -29.21 -51.78 -33.29
CA PRO N 154 -29.81 -51.15 -32.10
C PRO N 154 -30.87 -50.13 -32.48
N GLU N 155 -31.40 -49.42 -31.48
CA GLU N 155 -32.37 -48.37 -31.74
C GLU N 155 -31.69 -47.16 -32.35
N PRO N 156 -32.45 -46.28 -33.03
CA PRO N 156 -33.89 -46.33 -33.29
C PRO N 156 -34.26 -46.64 -34.75
N VAL N 157 -35.56 -46.59 -35.02
CA VAL N 157 -36.09 -46.72 -36.38
C VAL N 157 -37.14 -45.64 -36.57
N THR N 158 -37.20 -45.08 -37.77
CA THR N 158 -38.19 -44.07 -38.13
C THR N 158 -39.25 -44.69 -39.01
N VAL N 159 -40.52 -44.48 -38.66
CA VAL N 159 -41.64 -45.06 -39.37
C VAL N 159 -42.51 -43.93 -39.91
N SER N 160 -42.87 -44.01 -41.18
CA SER N 160 -43.79 -43.07 -41.81
C SER N 160 -44.84 -43.87 -42.59
N TRP N 161 -45.83 -43.16 -43.12
CA TRP N 161 -46.89 -43.79 -43.89
C TRP N 161 -47.21 -42.95 -45.11
N ASN N 162 -47.32 -43.61 -46.26
CA ASN N 162 -47.61 -42.96 -47.54
C ASN N 162 -46.62 -41.82 -47.82
N SER N 163 -45.34 -42.21 -47.87
CA SER N 163 -44.25 -41.26 -48.07
C SER N 163 -44.20 -40.19 -47.00
N GLY N 164 -44.70 -40.51 -45.80
CA GLY N 164 -44.77 -39.55 -44.72
C GLY N 164 -45.87 -38.54 -44.81
N ALA N 165 -46.65 -38.53 -45.90
CA ALA N 165 -47.74 -37.57 -46.03
C ALA N 165 -48.86 -37.87 -45.04
N LEU N 166 -49.23 -39.15 -44.90
CA LEU N 166 -50.26 -39.53 -43.94
C LEU N 166 -49.73 -39.35 -42.52
N THR N 167 -50.37 -38.49 -41.75
CA THR N 167 -49.94 -38.21 -40.39
C THR N 167 -51.05 -38.39 -39.35
N SER N 168 -52.29 -38.05 -39.70
CA SER N 168 -53.39 -38.14 -38.75
C SER N 168 -53.67 -39.59 -38.39
N GLY N 169 -53.65 -39.90 -37.10
CA GLY N 169 -53.89 -41.23 -36.61
C GLY N 169 -52.65 -42.06 -36.35
N VAL N 170 -51.47 -41.55 -36.73
CA VAL N 170 -50.24 -42.31 -36.55
C VAL N 170 -49.94 -42.44 -35.06
N HIS N 171 -49.69 -43.68 -34.62
CA HIS N 171 -49.37 -43.99 -33.23
C HIS N 171 -48.23 -45.00 -33.22
N THR N 172 -47.01 -44.50 -33.44
CA THR N 172 -45.82 -45.34 -33.43
C THR N 172 -45.47 -45.68 -31.98
N PHE N 173 -45.85 -46.89 -31.57
CA PHE N 173 -45.63 -47.31 -30.18
C PHE N 173 -44.13 -47.47 -29.91
N PRO N 174 -43.70 -47.24 -28.67
CA PRO N 174 -42.29 -47.43 -28.34
C PRO N 174 -41.88 -48.89 -28.47
N ALA N 175 -40.59 -49.09 -28.72
CA ALA N 175 -40.06 -50.44 -28.86
C ALA N 175 -40.05 -51.16 -27.51
N VAL N 176 -39.91 -52.48 -27.58
CA VAL N 176 -39.78 -53.31 -26.39
C VAL N 176 -38.60 -54.26 -26.62
N LEU N 177 -37.65 -54.24 -25.69
CA LEU N 177 -36.47 -55.10 -25.78
C LEU N 177 -36.87 -56.52 -25.41
N GLN N 178 -37.10 -57.35 -26.43
CA GLN N 178 -37.46 -58.74 -26.19
C GLN N 178 -36.30 -59.47 -25.50
N SER N 179 -36.62 -60.64 -24.95
CA SER N 179 -35.63 -61.41 -24.22
C SER N 179 -34.44 -61.81 -25.10
N SER N 180 -34.67 -61.90 -26.42
CA SER N 180 -33.59 -62.20 -27.35
C SER N 180 -32.60 -61.05 -27.50
N GLY N 181 -32.94 -59.85 -27.03
CA GLY N 181 -32.10 -58.69 -27.21
C GLY N 181 -32.42 -57.88 -28.44
N LEU N 182 -33.60 -58.06 -29.02
CA LEU N 182 -34.01 -57.37 -30.23
C LEU N 182 -35.27 -56.56 -29.96
N TYR N 183 -35.36 -55.39 -30.57
CA TYR N 183 -36.51 -54.51 -30.37
C TYR N 183 -37.67 -54.93 -31.27
N SER N 184 -38.85 -54.40 -30.97
CA SER N 184 -40.06 -54.72 -31.74
C SER N 184 -41.13 -53.67 -31.41
N LEU N 185 -41.36 -52.75 -32.33
CA LEU N 185 -42.38 -51.74 -32.14
C LEU N 185 -43.66 -52.14 -32.86
N SER N 186 -44.69 -51.32 -32.69
CA SER N 186 -45.94 -51.42 -33.44
C SER N 186 -46.31 -50.03 -33.91
N SER N 187 -46.55 -49.87 -35.20
CA SER N 187 -46.93 -48.59 -35.78
C SER N 187 -48.26 -48.77 -36.48
N VAL N 188 -49.29 -48.10 -35.96
CA VAL N 188 -50.65 -48.22 -36.48
C VAL N 188 -51.13 -46.84 -36.92
N VAL N 189 -52.26 -46.82 -37.62
CA VAL N 189 -52.87 -45.58 -38.07
C VAL N 189 -54.35 -45.84 -38.33
N THR N 190 -55.20 -44.93 -37.86
CA THR N 190 -56.64 -45.05 -38.01
C THR N 190 -57.08 -44.38 -39.31
N VAL N 191 -57.84 -45.11 -40.12
CA VAL N 191 -58.28 -44.59 -41.43
C VAL N 191 -59.74 -44.96 -41.62
N PRO N 192 -60.47 -44.13 -42.39
CA PRO N 192 -61.87 -44.43 -42.68
C PRO N 192 -62.00 -45.71 -43.50
N SER N 193 -63.12 -46.40 -43.30
CA SER N 193 -63.33 -47.68 -43.98
C SER N 193 -63.42 -47.52 -45.49
N SER N 194 -63.99 -46.41 -45.96
CA SER N 194 -64.09 -46.18 -47.40
C SER N 194 -62.73 -45.98 -48.03
N SER N 195 -61.78 -45.41 -47.29
CA SER N 195 -60.44 -45.16 -47.82
C SER N 195 -59.63 -46.44 -48.01
N LEU N 196 -60.09 -47.57 -47.45
CA LEU N 196 -59.41 -48.83 -47.70
C LEU N 196 -59.47 -49.22 -49.17
N GLY N 197 -60.64 -49.07 -49.79
CA GLY N 197 -60.80 -49.38 -51.19
C GLY N 197 -60.22 -48.38 -52.15
N THR N 198 -59.64 -47.28 -51.65
CA THR N 198 -59.06 -46.24 -52.51
C THR N 198 -57.58 -46.06 -52.21
N GLN N 199 -57.22 -45.44 -51.09
CA GLN N 199 -55.83 -45.15 -50.80
C GLN N 199 -55.06 -46.43 -50.49
N THR N 200 -53.85 -46.53 -51.05
CA THR N 200 -52.95 -47.65 -50.81
C THR N 200 -51.96 -47.26 -49.71
N TYR N 201 -51.98 -47.98 -48.61
CA TYR N 201 -51.19 -47.65 -47.43
C TYR N 201 -49.91 -48.48 -47.41
N ILE N 202 -48.77 -47.80 -47.31
CA ILE N 202 -47.46 -48.42 -47.26
C ILE N 202 -46.63 -47.72 -46.21
N CYS N 203 -46.20 -48.46 -45.18
CA CYS N 203 -45.36 -47.90 -44.13
C CYS N 203 -43.89 -47.96 -44.55
N ASN N 204 -43.18 -46.87 -44.29
CA ASN N 204 -41.77 -46.73 -44.67
C ASN N 204 -40.92 -46.80 -43.41
N VAL N 205 -40.18 -47.88 -43.25
CA VAL N 205 -39.35 -48.12 -42.08
C VAL N 205 -37.90 -47.88 -42.46
N ASN N 206 -37.18 -47.12 -41.63
CA ASN N 206 -35.78 -46.78 -41.90
C ASN N 206 -34.96 -47.11 -40.67
N HIS N 207 -33.95 -47.95 -40.84
CA HIS N 207 -33.01 -48.32 -39.77
C HIS N 207 -31.61 -47.98 -40.26
N LYS N 208 -31.10 -46.82 -39.84
CA LYS N 208 -29.77 -46.39 -40.27
C LYS N 208 -28.64 -47.30 -39.80
N PRO N 209 -28.62 -47.83 -38.57
CA PRO N 209 -27.50 -48.71 -38.17
C PRO N 209 -27.33 -49.94 -39.05
N SER N 210 -28.30 -50.28 -39.91
CA SER N 210 -28.18 -51.39 -40.83
C SER N 210 -28.40 -50.98 -42.28
N ASN N 211 -28.56 -49.68 -42.55
CA ASN N 211 -28.81 -49.16 -43.90
C ASN N 211 -30.04 -49.83 -44.53
N THR N 212 -31.06 -50.08 -43.71
CA THR N 212 -32.28 -50.75 -44.14
C THR N 212 -33.40 -49.73 -44.25
N LYS N 213 -34.04 -49.68 -45.43
CA LYS N 213 -35.15 -48.77 -45.71
C LYS N 213 -36.23 -49.54 -46.46
N VAL N 214 -36.93 -50.40 -45.74
CA VAL N 214 -37.93 -51.28 -46.33
C VAL N 214 -39.30 -50.64 -46.28
N ASP N 215 -40.17 -51.04 -47.21
CA ASP N 215 -41.56 -50.64 -47.26
C ASP N 215 -42.42 -51.89 -47.22
N LYS N 216 -43.72 -51.71 -46.94
CA LYS N 216 -44.61 -52.86 -46.84
C LYS N 216 -46.05 -52.43 -47.08
N ARG N 217 -46.76 -53.19 -47.91
CA ARG N 217 -48.17 -52.95 -48.15
C ARG N 217 -49.01 -53.46 -46.97
N VAL N 218 -50.17 -52.84 -46.78
CA VAL N 218 -51.14 -53.26 -45.77
C VAL N 218 -52.49 -53.36 -46.47
N GLU N 219 -52.91 -54.58 -46.81
CA GLU N 219 -54.17 -54.84 -47.49
C GLU N 219 -55.08 -55.70 -46.63
N PRO N 220 -56.40 -55.48 -46.68
CA PRO N 220 -57.39 -56.25 -45.93
C PRO N 220 -57.29 -57.76 -46.15
N GLU O 3 18.86 27.45 1.63
CA GLU O 3 19.66 28.63 1.95
C GLU O 3 19.05 29.40 3.11
N VAL O 4 19.83 29.60 4.16
CA VAL O 4 19.37 30.26 5.38
C VAL O 4 19.91 31.68 5.40
N GLN O 5 19.13 32.59 5.95
CA GLN O 5 19.49 34.00 6.06
C GLN O 5 19.17 34.49 7.46
N LEU O 6 20.17 34.97 8.18
CA LEU O 6 20.02 35.47 9.54
C LEU O 6 20.08 36.99 9.52
N VAL O 7 19.03 37.63 10.04
CA VAL O 7 18.93 39.07 10.11
C VAL O 7 18.73 39.48 11.57
N GLN O 8 19.58 40.36 12.05
CA GLN O 8 19.52 40.82 13.44
C GLN O 8 18.86 42.20 13.52
N SER O 9 18.49 42.58 14.74
CA SER O 9 17.89 43.87 14.97
C SER O 9 18.94 44.98 14.82
N GLY O 10 18.44 46.21 14.70
CA GLY O 10 19.33 47.35 14.55
C GLY O 10 20.15 47.60 15.80
N ALA O 11 21.08 48.55 15.67
CA ALA O 11 21.95 48.89 16.79
C ALA O 11 21.14 49.40 17.97
N GLU O 12 21.65 49.14 19.17
CA GLU O 12 20.96 49.49 20.41
C GLU O 12 21.95 50.19 21.34
N VAL O 13 21.51 51.31 21.93
CA VAL O 13 22.32 52.07 22.88
C VAL O 13 21.51 52.20 24.17
N LYS O 14 22.02 51.61 25.24
CA LYS O 14 21.36 51.63 26.54
C LYS O 14 22.35 52.04 27.61
N LYS O 15 21.92 52.94 28.49
CA LYS O 15 22.76 53.38 29.59
C LYS O 15 23.01 52.23 30.57
N PRO O 16 24.09 52.30 31.35
CA PRO O 16 24.42 51.17 32.24
C PRO O 16 23.31 50.86 33.23
N GLY O 17 23.21 49.57 33.57
CA GLY O 17 22.17 49.09 34.46
C GLY O 17 20.88 48.70 33.76
N ALA O 18 20.71 49.04 32.49
CA ALA O 18 19.49 48.72 31.76
C ALA O 18 19.52 47.27 31.27
N SER O 19 18.71 46.97 30.26
CA SER O 19 18.63 45.63 29.70
C SER O 19 18.33 45.73 28.22
N VAL O 20 19.09 44.98 27.42
CA VAL O 20 18.94 44.99 25.98
C VAL O 20 18.09 43.80 25.56
N LYS O 21 17.62 43.83 24.30
CA LYS O 21 16.80 42.75 23.76
C LYS O 21 17.07 42.70 22.26
N VAL O 22 17.98 41.80 21.86
CA VAL O 22 18.42 41.69 20.47
C VAL O 22 17.58 40.65 19.76
N SER O 23 17.20 40.94 18.52
CA SER O 23 16.42 40.03 17.70
C SER O 23 17.30 39.36 16.65
N CYS O 24 16.83 38.19 16.18
CA CYS O 24 17.51 37.45 15.13
C CYS O 24 16.45 36.63 14.40
N LYS O 25 16.00 37.15 13.25
CA LYS O 25 14.95 36.51 12.47
C LYS O 25 15.56 35.58 11.42
N VAL O 26 14.98 34.39 11.29
CA VAL O 26 15.45 33.38 10.35
C VAL O 26 14.52 33.37 9.15
N SER O 27 15.10 33.36 7.96
CA SER O 27 14.35 33.27 6.72
C SER O 27 14.99 32.20 5.84
N GLY O 28 14.16 31.31 5.28
CA GLY O 28 14.65 30.17 4.53
C GLY O 28 14.68 28.87 5.30
N TYR O 29 14.36 28.89 6.58
CA TYR O 29 14.32 27.71 7.42
C TYR O 29 13.33 27.96 8.55
N ARG O 30 13.30 27.05 9.53
CA ARG O 30 12.46 27.21 10.70
C ARG O 30 13.29 27.02 11.95
N LEU O 31 13.09 27.90 12.93
CA LEU O 31 13.81 27.80 14.20
C LEU O 31 13.53 26.48 14.90
N THR O 32 12.37 25.87 14.61
CA THR O 32 12.06 24.56 15.14
C THR O 32 13.07 23.50 14.71
N ALA O 33 13.83 23.77 13.64
CA ALA O 33 14.84 22.84 13.15
C ALA O 33 16.24 23.46 13.14
N LEU O 34 16.47 24.49 13.97
CA LEU O 34 17.75 25.17 14.03
C LEU O 34 18.17 25.37 15.48
N SER O 35 19.43 25.07 15.78
CA SER O 35 20.00 25.29 17.10
C SER O 35 20.75 26.63 17.06
N MET O 36 20.12 27.66 17.61
CA MET O 36 20.70 28.99 17.58
C MET O 36 21.73 29.16 18.69
N HIS O 37 22.76 29.96 18.42
CA HIS O 37 23.78 30.28 19.39
C HIS O 37 24.09 31.77 19.32
N TRP O 38 24.93 32.24 20.25
CA TRP O 38 25.23 33.66 20.35
C TRP O 38 26.68 33.84 20.76
N VAL O 39 27.39 34.71 20.03
CA VAL O 39 28.79 35.00 20.28
C VAL O 39 29.00 36.50 20.16
N ARG O 40 29.56 37.11 21.21
CA ARG O 40 29.88 38.53 21.20
C ARG O 40 31.38 38.74 21.01
N GLN O 41 31.73 39.94 20.56
CA GLN O 41 33.13 40.30 20.33
C GLN O 41 33.33 41.75 20.76
N ALA O 42 34.04 41.95 21.85
CA ALA O 42 34.40 43.31 22.24
C ALA O 42 35.33 43.91 21.19
N PRO O 43 35.17 45.19 20.86
CA PRO O 43 35.97 45.78 19.77
C PRO O 43 37.47 45.67 20.06
N GLY O 44 38.22 45.30 19.02
CA GLY O 44 39.66 45.19 19.15
C GLY O 44 40.13 44.00 19.94
N LYS O 45 39.26 43.00 20.18
CA LYS O 45 39.64 41.83 20.95
C LYS O 45 39.36 40.56 20.17
N GLY O 46 38.69 39.58 20.81
CA GLY O 46 38.41 38.31 20.19
C GLY O 46 36.96 37.89 20.38
N LEU O 47 36.64 36.75 19.76
CA LEU O 47 35.29 36.21 19.84
C LEU O 47 35.07 35.48 21.16
N GLU O 48 33.87 35.61 21.71
CA GLU O 48 33.55 35.05 23.01
C GLU O 48 32.15 34.44 22.96
N TRP O 49 32.05 33.15 23.27
CA TRP O 49 30.77 32.47 23.25
C TRP O 49 29.89 32.94 24.41
N MET O 50 28.58 32.97 24.16
CA MET O 50 27.60 33.42 25.14
C MET O 50 26.59 32.36 25.52
N GLY O 51 26.19 31.50 24.59
CA GLY O 51 25.18 30.50 24.88
C GLY O 51 24.55 30.02 23.59
N GLY O 52 23.66 29.05 23.75
CA GLY O 52 22.97 28.49 22.61
C GLY O 52 22.04 27.37 23.00
N PHE O 53 21.74 26.51 22.04
CA PHE O 53 20.86 25.37 22.25
C PHE O 53 21.57 24.11 21.78
N ASP O 54 21.83 23.21 22.71
CA ASP O 54 22.39 21.91 22.36
C ASP O 54 21.30 21.02 21.78
N PRO O 55 21.49 20.45 20.59
CA PRO O 55 20.51 19.49 20.07
C PRO O 55 20.20 18.38 21.06
N GLU O 56 21.23 17.68 21.55
CA GLU O 56 21.05 16.77 22.66
C GLU O 56 20.76 17.56 23.94
N GLU O 57 20.22 16.86 24.93
CA GLU O 57 19.81 17.43 26.23
C GLU O 57 18.54 18.27 26.13
N ASP O 58 18.27 18.83 24.94
CA ASP O 58 17.04 19.59 24.69
C ASP O 58 16.91 20.78 25.64
N GLU O 59 18.03 21.43 25.94
CA GLU O 59 18.06 22.50 26.92
C GLU O 59 18.97 23.60 26.42
N THR O 60 18.48 24.84 26.49
CA THR O 60 19.29 25.99 26.11
C THR O 60 20.46 26.14 27.06
N ILE O 61 21.67 26.07 26.51
CA ILE O 61 22.89 26.18 27.31
C ILE O 61 23.32 27.64 27.36
N TYR O 62 23.64 28.12 28.55
CA TYR O 62 24.11 29.48 28.75
C TYR O 62 25.53 29.44 29.30
N ALA O 63 26.37 30.37 28.86
CA ALA O 63 27.73 30.44 29.34
C ALA O 63 27.76 30.85 30.81
N GLN O 64 28.87 30.54 31.48
CA GLN O 64 29.00 30.80 32.90
C GLN O 64 29.55 32.18 33.21
N ASN O 65 30.48 32.68 32.38
CA ASN O 65 31.09 33.98 32.64
C ASN O 65 30.04 35.09 32.66
N PHE O 66 28.97 34.94 31.90
CA PHE O 66 27.92 35.95 31.85
C PHE O 66 27.00 35.90 33.07
N GLN O 67 27.24 34.98 34.01
CA GLN O 67 26.59 34.98 35.32
C GLN O 67 25.06 34.92 35.21
N GLY O 68 24.54 34.28 34.18
CA GLY O 68 23.11 34.11 34.04
C GLY O 68 22.39 35.39 33.68
N ARG O 69 23.14 36.46 33.45
CA ARG O 69 22.53 37.71 33.00
C ARG O 69 21.85 37.57 31.65
N VAL O 70 22.25 36.56 30.87
CA VAL O 70 21.66 36.34 29.55
C VAL O 70 20.28 35.69 29.70
N THR O 71 19.46 35.86 28.67
CA THR O 71 18.12 35.30 28.64
C THR O 71 17.75 35.03 27.18
N LEU O 72 17.79 33.76 26.78
CA LEU O 72 17.49 33.37 25.41
C LEU O 72 16.06 32.89 25.31
N THR O 73 15.24 33.61 24.55
CA THR O 73 13.86 33.21 24.26
C THR O 73 13.69 33.06 22.76
N GLU O 74 12.73 32.23 22.36
CA GLU O 74 12.51 31.93 20.95
C GLU O 74 11.02 32.03 20.63
N ASP O 75 10.71 32.68 19.50
CA ASP O 75 9.35 32.80 19.00
C ASP O 75 9.28 31.97 17.72
N THR O 76 8.64 30.80 17.81
CA THR O 76 8.56 29.90 16.65
C THR O 76 7.62 30.42 15.58
N SER O 77 6.68 31.30 15.93
CA SER O 77 5.76 31.84 14.93
C SER O 77 6.49 32.80 13.99
N THR O 78 7.30 33.69 14.54
CA THR O 78 8.06 34.64 13.75
C THR O 78 9.44 34.11 13.35
N ASP O 79 9.81 32.92 13.84
CA ASP O 79 11.12 32.33 13.57
C ASP O 79 12.24 33.28 14.00
N THR O 80 12.10 33.85 15.20
CA THR O 80 13.00 34.88 15.69
C THR O 80 13.51 34.50 17.07
N VAL O 81 14.82 34.69 17.28
CA VAL O 81 15.47 34.44 18.56
C VAL O 81 15.70 35.77 19.25
N TYR O 82 15.53 35.80 20.56
CA TYR O 82 15.73 37.01 21.36
C TYR O 82 16.80 36.76 22.40
N MET O 83 17.73 37.71 22.51
CA MET O 83 18.80 37.67 23.52
C MET O 83 18.64 38.87 24.44
N GLU O 84 18.53 38.60 25.74
CA GLU O 84 18.34 39.66 26.75
C GLU O 84 19.51 39.61 27.73
N LEU O 85 20.32 40.67 27.73
CA LEU O 85 21.44 40.81 28.64
C LEU O 85 21.10 41.91 29.65
N SER O 86 20.96 41.52 30.92
CA SER O 86 20.63 42.44 31.98
C SER O 86 21.89 42.86 32.75
N SER O 87 21.73 43.86 33.60
CA SER O 87 22.82 44.42 34.40
C SER O 87 23.99 44.84 33.51
N LEU O 88 23.70 45.77 32.61
CA LEU O 88 24.68 46.21 31.64
C LEU O 88 25.83 46.94 32.31
N ARG O 89 27.06 46.57 31.96
CA ARG O 89 28.26 47.21 32.48
C ARG O 89 29.11 47.71 31.31
N SER O 90 30.08 48.57 31.66
CA SER O 90 30.90 49.23 30.64
C SER O 90 31.68 48.25 29.77
N GLU O 91 31.84 47.01 30.21
CA GLU O 91 32.60 46.02 29.44
C GLU O 91 31.74 45.22 28.46
N ASP O 92 30.42 45.32 28.56
CA ASP O 92 29.52 44.59 27.66
C ASP O 92 29.32 45.29 26.32
N THR O 93 30.17 46.25 25.97
CA THR O 93 30.07 46.94 24.69
C THR O 93 30.73 46.11 23.60
N GLY O 94 30.04 45.93 22.48
CA GLY O 94 30.59 45.21 21.37
C GLY O 94 29.48 44.72 20.44
N VAL O 95 29.92 44.03 19.39
CA VAL O 95 29.00 43.47 18.41
C VAL O 95 28.51 42.12 18.92
N TYR O 96 27.21 41.87 18.77
CA TYR O 96 26.59 40.63 19.23
C TYR O 96 26.03 39.89 18.01
N TYR O 97 26.50 38.67 17.82
CA TYR O 97 26.14 37.85 16.66
C TYR O 97 25.22 36.71 17.07
N CYS O 98 24.29 36.38 16.18
CA CYS O 98 23.51 35.15 16.26
C CYS O 98 23.96 34.23 15.12
N ALA O 99 24.18 32.97 15.43
CA ALA O 99 24.76 32.06 14.44
C ALA O 99 24.31 30.63 14.71
N THR O 100 24.08 29.89 13.62
CA THR O 100 23.80 28.45 13.70
C THR O 100 25.13 27.72 13.51
N LEU O 101 25.84 27.56 14.62
CA LEU O 101 27.20 27.04 14.58
C LEU O 101 27.23 25.59 14.08
N MET O 102 28.41 25.18 13.62
CA MET O 102 28.55 23.88 12.96
C MET O 102 28.48 22.72 13.96
N GLY O 103 28.97 22.92 15.18
CA GLY O 103 28.98 21.84 16.15
C GLY O 103 27.59 21.31 16.47
N ALA O 104 26.58 22.16 16.35
CA ALA O 104 25.20 21.76 16.62
C ALA O 104 24.37 21.54 15.37
N ASN O 105 24.72 22.21 14.27
CA ASN O 105 23.95 22.16 13.04
C ASN O 105 24.87 21.84 11.86
N PRO O 106 24.41 21.02 10.91
CA PRO O 106 25.20 20.79 9.69
C PRO O 106 25.44 22.07 8.92
N PHE O 107 24.55 23.05 9.06
CA PHE O 107 24.74 24.37 8.48
C PHE O 107 25.71 25.20 9.31
N ASP O 108 26.08 26.36 8.78
CA ASP O 108 26.92 27.30 9.54
C ASP O 108 26.69 28.69 8.93
N TYR O 109 25.73 29.42 9.51
CA TYR O 109 25.37 30.75 9.04
C TYR O 109 25.43 31.72 10.21
N TRP O 110 25.70 32.99 9.89
CA TRP O 110 25.86 34.03 10.89
C TRP O 110 24.98 35.22 10.53
N GLY O 111 24.90 36.18 11.46
CA GLY O 111 24.15 37.39 11.27
C GLY O 111 25.08 38.60 11.13
N GLN O 112 24.46 39.75 10.83
CA GLN O 112 25.24 40.96 10.62
C GLN O 112 25.79 41.52 11.92
N GLY O 113 25.13 41.26 13.05
CA GLY O 113 25.57 41.76 14.33
C GLY O 113 24.77 42.95 14.81
N THR O 114 24.52 43.01 16.12
CA THR O 114 23.77 44.10 16.75
C THR O 114 24.73 44.82 17.71
N LEU O 115 25.25 45.96 17.28
CA LEU O 115 26.16 46.74 18.11
C LEU O 115 25.42 47.30 19.31
N ILE O 116 25.96 47.06 20.49
CA ILE O 116 25.36 47.53 21.75
C ILE O 116 26.38 48.41 22.45
N ILE O 117 26.09 49.71 22.53
CA ILE O 117 26.93 50.67 23.23
C ILE O 117 26.27 50.96 24.58
N VAL O 118 26.99 50.66 25.66
CA VAL O 118 26.47 50.84 27.01
C VAL O 118 27.01 52.07 27.69
N SER O 119 27.86 52.84 27.01
CA SER O 119 28.57 53.95 27.64
C SER O 119 27.59 54.94 28.25
N GLY O 120 27.75 55.21 29.55
CA GLY O 120 26.89 56.13 30.26
C GLY O 120 27.08 57.56 29.83
N ALA O 121 26.26 58.01 28.88
CA ALA O 121 26.33 59.37 28.37
C ALA O 121 25.02 59.71 27.69
N SER O 122 24.93 60.93 27.18
CA SER O 122 23.78 61.39 26.42
C SER O 122 24.25 61.90 25.07
N THR O 123 23.31 61.97 24.13
CA THR O 123 23.64 62.39 22.77
C THR O 123 24.16 63.82 22.76
N LYS O 124 25.05 64.10 21.81
CA LYS O 124 25.66 65.42 21.69
C LYS O 124 26.28 65.56 20.32
N GLY O 125 26.16 66.76 19.73
CA GLY O 125 26.74 67.05 18.45
C GLY O 125 28.23 67.29 18.54
N PRO O 126 28.92 67.22 17.41
CA PRO O 126 30.38 67.33 17.41
C PRO O 126 30.88 68.76 17.21
N SER O 127 32.07 69.00 17.77
CA SER O 127 32.78 70.26 17.60
C SER O 127 33.93 70.05 16.63
N VAL O 128 33.97 70.86 15.56
CA VAL O 128 34.96 70.72 14.50
C VAL O 128 35.90 71.90 14.56
N PHE O 129 37.21 71.62 14.49
CA PHE O 129 38.25 72.63 14.52
C PHE O 129 39.26 72.37 13.42
N PRO O 130 39.69 73.41 12.71
CA PRO O 130 40.60 73.18 11.58
C PRO O 130 42.01 72.84 12.04
N LEU O 131 42.65 71.93 11.31
CA LEU O 131 44.04 71.58 11.52
C LEU O 131 44.83 72.26 10.40
N ALA O 132 45.25 73.49 10.66
CA ALA O 132 45.83 74.32 9.61
C ALA O 132 47.21 73.82 9.21
N PRO O 133 47.55 73.88 7.93
CA PRO O 133 48.90 73.51 7.49
C PRO O 133 49.88 74.65 7.65
N SER O 134 51.16 74.31 7.61
CA SER O 134 52.23 75.29 7.75
C SER O 134 53.09 75.36 6.49
N GLY O 140 59.04 68.20 1.86
CA GLY O 140 57.85 67.58 1.30
C GLY O 140 57.04 68.49 0.40
N GLY O 141 57.05 68.20 -0.90
CA GLY O 141 56.31 69.03 -1.83
C GLY O 141 54.81 69.02 -1.58
N THR O 142 54.33 67.99 -0.91
CA THR O 142 52.94 67.91 -0.49
C THR O 142 52.86 68.09 1.03
N ALA O 143 51.85 68.83 1.47
CA ALA O 143 51.63 69.11 2.88
C ALA O 143 50.34 68.43 3.33
N ALA O 144 50.06 68.53 4.63
CA ALA O 144 48.92 67.86 5.25
C ALA O 144 48.04 68.88 5.96
N LEU O 145 46.75 68.87 5.64
CA LEU O 145 45.75 69.64 6.36
C LEU O 145 44.64 68.70 6.80
N GLY O 146 43.95 69.06 7.88
CA GLY O 146 42.96 68.16 8.44
C GLY O 146 41.89 68.89 9.23
N CYS O 147 40.98 68.09 9.79
CA CYS O 147 39.90 68.58 10.64
C CYS O 147 39.86 67.74 11.91
N LEU O 148 39.53 68.37 13.02
CA LEU O 148 39.44 67.71 14.32
C LEU O 148 37.98 67.68 14.76
N VAL O 149 37.35 66.52 14.67
CA VAL O 149 35.98 66.33 15.12
C VAL O 149 36.03 65.88 16.57
N LYS O 150 35.60 66.74 17.48
CA LYS O 150 35.78 66.54 18.91
C LYS O 150 34.45 66.57 19.63
N ASP O 151 34.32 65.71 20.65
CA ASP O 151 33.15 65.66 21.53
C ASP O 151 31.85 65.36 20.79
N TYR O 152 31.50 64.09 20.69
CA TYR O 152 30.25 63.69 20.06
C TYR O 152 29.88 62.29 20.56
N PHE O 153 28.57 62.02 20.58
CA PHE O 153 28.07 60.74 21.05
C PHE O 153 26.72 60.46 20.37
N PRO O 154 26.52 59.25 19.82
CA PRO O 154 27.46 58.13 19.70
C PRO O 154 28.53 58.38 18.64
N GLU O 155 29.06 57.33 18.03
CA GLU O 155 30.15 57.44 17.05
C GLU O 155 29.79 56.96 15.65
N PRO O 156 28.72 57.47 15.04
CA PRO O 156 28.53 57.23 13.60
C PRO O 156 28.74 58.50 12.78
N VAL O 157 29.86 59.19 12.99
CA VAL O 157 30.13 60.44 12.29
C VAL O 157 30.55 60.15 10.86
N THR O 158 30.25 61.09 9.96
CA THR O 158 30.59 60.99 8.55
C THR O 158 31.37 62.22 8.15
N VAL O 159 32.56 62.02 7.59
CA VAL O 159 33.45 63.10 7.18
C VAL O 159 33.75 62.96 5.70
N SER O 160 33.52 64.05 4.95
CA SER O 160 33.84 64.10 3.52
C SER O 160 34.47 65.44 3.22
N TRP O 161 35.44 65.44 2.31
CA TRP O 161 36.19 66.65 1.97
C TRP O 161 35.72 67.19 0.64
N ASN O 162 35.40 68.49 0.61
CA ASN O 162 34.94 69.18 -0.58
C ASN O 162 33.74 68.48 -1.21
N SER O 163 32.76 68.15 -0.35
CA SER O 163 31.53 67.48 -0.77
C SER O 163 31.82 66.16 -1.49
N GLY O 164 32.80 65.43 -0.99
CA GLY O 164 33.16 64.14 -1.57
C GLY O 164 34.02 64.21 -2.81
N ALA O 165 34.31 65.41 -3.33
CA ALA O 165 35.14 65.52 -4.53
C ALA O 165 36.60 65.18 -4.23
N LEU O 166 37.08 65.52 -3.03
CA LEU O 166 38.45 65.23 -2.64
C LEU O 166 38.49 63.89 -1.90
N THR O 167 39.04 62.88 -2.55
CA THR O 167 39.14 61.54 -1.98
C THR O 167 40.57 61.02 -1.91
N SER O 168 41.43 61.38 -2.87
CA SER O 168 42.80 60.88 -2.87
C SER O 168 43.60 61.50 -1.74
N GLY O 169 44.29 60.66 -0.97
CA GLY O 169 45.10 61.14 0.14
C GLY O 169 44.34 61.43 1.41
N VAL O 170 43.07 61.07 1.48
CA VAL O 170 42.24 61.33 2.65
C VAL O 170 42.41 60.19 3.65
N HIS O 171 42.58 60.54 4.93
CA HIS O 171 42.68 59.57 6.01
C HIS O 171 41.77 60.01 7.15
N THR O 172 40.72 59.23 7.39
CA THR O 172 39.78 59.48 8.49
C THR O 172 40.07 58.45 9.58
N PHE O 173 40.71 58.91 10.65
CA PHE O 173 41.16 58.00 11.69
C PHE O 173 39.98 57.47 12.50
N PRO O 174 40.09 56.27 13.07
CA PRO O 174 39.06 55.79 13.99
C PRO O 174 38.95 56.69 15.20
N ALA O 175 37.73 56.79 15.73
CA ALA O 175 37.49 57.64 16.89
C ALA O 175 38.07 57.01 18.15
N VAL O 176 38.45 57.86 19.10
CA VAL O 176 38.93 57.44 20.41
C VAL O 176 37.90 57.88 21.45
N LEU O 177 37.65 57.00 22.41
CA LEU O 177 36.68 57.28 23.48
C LEU O 177 37.40 58.01 24.60
N GLN O 178 37.14 59.31 24.71
CA GLN O 178 37.77 60.11 25.76
C GLN O 178 37.24 59.72 27.13
N SER O 179 37.92 60.19 28.17
CA SER O 179 37.49 59.92 29.54
C SER O 179 36.16 60.56 29.86
N SER O 180 35.75 61.59 29.11
CA SER O 180 34.46 62.23 29.31
C SER O 180 33.30 61.45 28.71
N GLY O 181 33.55 60.28 28.15
CA GLY O 181 32.51 59.50 27.51
C GLY O 181 32.17 59.93 26.10
N LEU O 182 32.86 60.92 25.56
CA LEU O 182 32.62 61.43 24.21
C LEU O 182 33.74 60.98 23.28
N TYR O 183 33.38 60.73 22.03
CA TYR O 183 34.33 60.30 21.02
C TYR O 183 35.02 61.49 20.37
N SER O 184 36.13 61.21 19.71
CA SER O 184 36.89 62.26 19.03
C SER O 184 37.82 61.59 18.01
N LEU O 185 37.83 62.13 16.79
CA LEU O 185 38.70 61.61 15.74
C LEU O 185 39.31 62.77 14.97
N SER O 186 40.31 62.45 14.16
CA SER O 186 40.94 63.40 13.26
C SER O 186 40.80 62.90 11.83
N SER O 187 40.63 63.83 10.90
CA SER O 187 40.51 63.51 9.48
C SER O 187 41.43 64.45 8.71
N VAL O 188 42.52 63.91 8.18
CA VAL O 188 43.53 64.71 7.49
C VAL O 188 43.54 64.33 6.01
N VAL O 189 44.31 65.10 5.24
CA VAL O 189 44.46 64.86 3.80
C VAL O 189 45.75 65.52 3.35
N THR O 190 46.47 64.84 2.47
CA THR O 190 47.72 65.33 1.92
C THR O 190 47.45 65.97 0.56
N VAL O 191 47.79 67.25 0.43
CA VAL O 191 47.52 68.00 -0.79
C VAL O 191 48.81 68.71 -1.22
N PRO O 192 48.91 69.08 -2.49
CA PRO O 192 50.10 69.83 -2.94
C PRO O 192 50.26 71.14 -2.21
N SER O 193 51.52 71.52 -1.97
CA SER O 193 51.79 72.77 -1.27
C SER O 193 51.50 73.99 -2.14
N SER O 194 51.74 73.87 -3.45
CA SER O 194 51.42 74.98 -4.35
C SER O 194 49.91 75.15 -4.50
N SER O 195 49.15 74.06 -4.39
CA SER O 195 47.69 74.15 -4.45
C SER O 195 47.12 74.82 -3.21
N LEU O 196 47.89 74.89 -2.12
CA LEU O 196 47.43 75.58 -0.92
C LEU O 196 47.23 77.06 -1.21
N GLY O 197 46.09 77.58 -0.79
CA GLY O 197 45.72 78.96 -1.09
C GLY O 197 45.01 79.13 -2.40
N THR O 198 45.56 78.56 -3.47
CA THR O 198 44.90 78.57 -4.77
C THR O 198 43.69 77.64 -4.82
N GLN O 199 43.50 76.82 -3.80
CA GLN O 199 42.37 75.90 -3.72
C GLN O 199 41.75 75.99 -2.34
N THR O 200 40.42 75.92 -2.29
CA THR O 200 39.67 75.98 -1.04
C THR O 200 39.38 74.57 -0.55
N TYR O 201 39.66 74.31 0.73
CA TYR O 201 39.48 73.00 1.33
C TYR O 201 38.44 73.10 2.44
N ILE O 202 37.40 72.28 2.34
CA ILE O 202 36.33 72.23 3.32
C ILE O 202 36.05 70.77 3.65
N CYS O 203 36.01 70.45 4.95
CA CYS O 203 35.62 69.13 5.42
C CYS O 203 34.16 69.17 5.85
N ASN O 204 33.38 68.18 5.42
CA ASN O 204 31.95 68.12 5.68
C ASN O 204 31.70 67.01 6.71
N VAL O 205 31.35 67.42 7.93
CA VAL O 205 31.10 66.49 9.02
C VAL O 205 29.60 66.30 9.18
N ASN O 206 29.16 65.05 9.26
CA ASN O 206 27.75 64.72 9.40
C ASN O 206 27.58 63.79 10.59
N HIS O 207 26.69 64.17 11.51
CA HIS O 207 26.36 63.36 12.69
C HIS O 207 24.84 63.26 12.76
N LYS O 208 24.31 62.12 12.31
CA LYS O 208 22.87 61.91 12.22
C LYS O 208 22.17 61.87 13.58
N PRO O 209 22.72 61.22 14.61
CA PRO O 209 22.02 61.18 15.91
C PRO O 209 21.70 62.55 16.49
N SER O 210 22.36 63.61 16.02
CA SER O 210 22.06 64.97 16.47
C SER O 210 21.60 65.88 15.34
N ASN O 211 21.38 65.32 14.14
CA ASN O 211 20.97 66.09 12.97
C ASN O 211 21.94 67.24 12.70
N THR O 212 23.22 66.98 12.95
CA THR O 212 24.27 67.99 12.83
C THR O 212 25.03 67.77 11.52
N LYS O 213 25.07 68.80 10.69
CA LYS O 213 25.85 68.79 9.45
C LYS O 213 26.63 70.10 9.40
N VAL O 214 27.89 70.05 9.79
CA VAL O 214 28.73 71.24 9.90
C VAL O 214 29.92 71.11 8.97
N ASP O 215 30.36 72.26 8.46
CA ASP O 215 31.54 72.37 7.61
C ASP O 215 32.55 73.30 8.26
N LYS O 216 33.76 73.31 7.71
CA LYS O 216 34.82 74.14 8.28
C LYS O 216 35.89 74.39 7.23
N ARG O 217 36.31 75.65 7.12
CA ARG O 217 37.41 76.01 6.23
C ARG O 217 38.74 75.67 6.88
N VAL O 218 39.69 75.23 6.06
CA VAL O 218 41.04 74.92 6.52
C VAL O 218 41.99 75.82 5.75
N GLU O 219 42.42 76.91 6.39
CA GLU O 219 43.30 77.88 5.78
C GLU O 219 44.63 77.95 6.53
N PRO O 220 45.73 78.28 5.84
CA PRO O 220 47.05 78.44 6.47
C PRO O 220 47.05 79.47 7.61
N GLU P 3 9.11 -31.64 9.25
CA GLU P 3 10.48 -32.07 9.52
C GLU P 3 11.07 -32.76 8.29
N VAL P 4 12.29 -32.35 7.92
CA VAL P 4 12.95 -32.90 6.75
C VAL P 4 13.25 -34.38 6.99
N GLN P 5 12.93 -35.22 6.00
CA GLN P 5 13.12 -36.66 6.11
C GLN P 5 13.66 -37.17 4.79
N LEU P 6 14.82 -37.84 4.84
CA LEU P 6 15.47 -38.38 3.66
C LEU P 6 15.31 -39.90 3.65
N VAL P 7 14.80 -40.44 2.55
CA VAL P 7 14.58 -41.87 2.39
C VAL P 7 15.38 -42.33 1.18
N GLN P 8 16.24 -43.32 1.38
CA GLN P 8 17.09 -43.84 0.32
C GLN P 8 16.48 -45.11 -0.29
N SER P 9 17.00 -45.48 -1.46
CA SER P 9 16.53 -46.67 -2.13
C SER P 9 16.97 -47.92 -1.38
N GLY P 10 16.27 -49.02 -1.65
CA GLY P 10 16.59 -50.28 -1.00
C GLY P 10 17.94 -50.83 -1.43
N ALA P 11 18.35 -51.89 -0.74
CA ALA P 11 19.63 -52.52 -1.02
C ALA P 11 19.70 -53.01 -2.47
N GLU P 12 20.89 -52.93 -3.04
CA GLU P 12 21.10 -53.27 -4.44
C GLU P 12 22.34 -54.15 -4.56
N VAL P 13 22.21 -55.25 -5.30
CA VAL P 13 23.31 -56.18 -5.55
C VAL P 13 23.49 -56.28 -7.06
N LYS P 14 24.64 -55.83 -7.55
CA LYS P 14 24.95 -55.85 -8.97
C LYS P 14 26.32 -56.46 -9.17
N LYS P 15 26.41 -57.43 -10.09
CA LYS P 15 27.66 -58.10 -10.38
C LYS P 15 28.68 -57.09 -10.95
N PRO P 16 29.98 -57.39 -10.83
CA PRO P 16 31.00 -56.40 -11.20
C PRO P 16 30.86 -55.95 -12.66
N GLY P 17 31.19 -54.69 -12.90
CA GLY P 17 31.09 -54.10 -14.21
C GLY P 17 29.77 -53.44 -14.52
N ALA P 18 28.75 -53.66 -13.69
CA ALA P 18 27.42 -53.10 -13.94
C ALA P 18 27.35 -51.65 -13.48
N SER P 19 26.13 -51.17 -13.22
CA SER P 19 25.93 -49.79 -12.79
C SER P 19 24.72 -49.73 -11.86
N VAL P 20 24.86 -49.04 -10.73
CA VAL P 20 23.80 -48.92 -9.76
C VAL P 20 23.13 -47.56 -9.92
N LYS P 21 21.95 -47.44 -9.32
CA LYS P 21 21.19 -46.18 -9.34
C LYS P 21 20.48 -46.07 -8.00
N VAL P 22 21.03 -45.26 -7.10
CA VAL P 22 20.52 -45.10 -5.75
C VAL P 22 19.62 -43.87 -5.70
N SER P 23 18.45 -44.01 -5.09
CA SER P 23 17.49 -42.92 -4.95
C SER P 23 17.58 -42.29 -3.57
N CYS P 24 17.05 -41.08 -3.46
CA CYS P 24 17.05 -40.35 -2.18
C CYS P 24 15.88 -39.35 -2.22
N LYS P 25 14.73 -39.79 -1.73
CA LYS P 25 13.53 -38.96 -1.73
C LYS P 25 13.49 -38.08 -0.49
N VAL P 26 13.13 -36.81 -0.69
CA VAL P 26 13.07 -35.83 0.38
C VAL P 26 11.61 -35.59 0.74
N SER P 27 11.29 -35.63 2.03
CA SER P 27 9.95 -35.36 2.53
C SER P 27 10.06 -34.38 3.69
N GLY P 28 9.19 -33.36 3.68
CA GLY P 28 9.25 -32.29 4.65
C GLY P 28 9.94 -31.04 4.16
N TYR P 29 10.50 -31.06 2.96
CA TYR P 29 11.14 -29.90 2.36
C TYR P 29 11.07 -30.06 0.84
N ARG P 30 11.80 -29.22 0.13
CA ARG P 30 11.86 -29.28 -1.33
C ARG P 30 13.30 -29.34 -1.78
N LEU P 31 13.60 -30.28 -2.69
CA LEU P 31 14.93 -30.39 -3.25
C LEU P 31 15.36 -29.12 -3.97
N THR P 32 14.41 -28.28 -4.37
CA THR P 32 14.72 -27.01 -5.01
C THR P 32 15.55 -26.10 -4.12
N ALA P 33 15.59 -26.36 -2.81
CA ALA P 33 16.34 -25.53 -1.87
C ALA P 33 17.10 -26.41 -0.88
N LEU P 34 17.66 -27.53 -1.36
CA LEU P 34 18.44 -28.43 -0.52
C LEU P 34 19.64 -28.91 -1.31
N SER P 35 20.84 -28.55 -0.87
CA SER P 35 22.07 -29.05 -1.46
C SER P 35 22.30 -30.47 -0.96
N MET P 36 22.20 -31.45 -1.86
CA MET P 36 22.36 -32.84 -1.51
C MET P 36 23.79 -33.29 -1.80
N HIS P 37 24.30 -34.17 -0.93
CA HIS P 37 25.65 -34.71 -1.06
C HIS P 37 25.59 -36.22 -0.88
N TRP P 38 26.74 -36.87 -1.05
CA TRP P 38 26.80 -38.33 -0.99
C TRP P 38 28.12 -38.75 -0.35
N VAL P 39 28.04 -39.66 0.61
CA VAL P 39 29.20 -40.16 1.32
C VAL P 39 29.08 -41.68 1.44
N ARG P 40 30.12 -42.40 1.04
CA ARG P 40 30.15 -43.86 1.14
C ARG P 40 31.14 -44.28 2.21
N GLN P 41 30.85 -45.43 2.84
CA GLN P 41 31.68 -45.98 3.90
C GLN P 41 31.93 -47.45 3.60
N ALA P 42 33.18 -47.80 3.34
CA ALA P 42 33.54 -49.19 3.16
C ALA P 42 33.39 -49.93 4.50
N PRO P 43 32.93 -51.19 4.47
CA PRO P 43 32.74 -51.93 5.73
C PRO P 43 33.97 -51.94 6.61
N GLY P 44 33.89 -51.27 7.76
CA GLY P 44 35.00 -51.15 8.67
C GLY P 44 35.86 -49.92 8.47
N LYS P 45 35.85 -49.35 7.28
CA LYS P 45 36.66 -48.17 6.99
C LYS P 45 35.91 -46.91 7.43
N GLY P 46 36.41 -45.74 7.03
CA GLY P 46 35.82 -44.48 7.40
C GLY P 46 34.87 -43.95 6.34
N LEU P 47 34.52 -42.68 6.49
CA LEU P 47 33.60 -42.01 5.57
C LEU P 47 34.39 -41.27 4.50
N GLU P 48 33.90 -41.33 3.26
CA GLU P 48 34.53 -40.69 2.13
C GLU P 48 33.51 -39.88 1.36
N TRP P 49 33.84 -38.62 1.07
CA TRP P 49 32.95 -37.78 0.29
C TRP P 49 33.01 -38.17 -1.18
N MET P 50 31.84 -38.32 -1.80
CA MET P 50 31.73 -38.70 -3.21
C MET P 50 31.39 -37.52 -4.11
N GLY P 51 30.58 -36.59 -3.64
CA GLY P 51 30.19 -35.45 -4.45
C GLY P 51 28.94 -34.81 -3.89
N GLY P 52 28.59 -33.68 -4.49
CA GLY P 52 27.42 -32.95 -4.05
C GLY P 52 27.25 -31.69 -4.86
N PHE P 53 26.39 -30.80 -4.37
CA PHE P 53 26.08 -29.55 -5.03
C PHE P 53 26.58 -28.39 -4.17
N ASP P 54 27.48 -27.59 -4.73
CA ASP P 54 27.93 -26.38 -4.05
C ASP P 54 26.95 -25.25 -4.32
N PRO P 55 26.31 -24.69 -3.28
CA PRO P 55 25.36 -23.59 -3.50
C PRO P 55 25.92 -22.47 -4.34
N GLU P 56 27.06 -21.92 -3.92
CA GLU P 56 27.81 -21.00 -4.76
C GLU P 56 28.36 -21.76 -5.96
N GLU P 57 28.39 -21.07 -7.11
CA GLU P 57 28.86 -21.57 -8.41
C GLU P 57 27.77 -22.31 -9.18
N ASP P 58 26.76 -22.83 -8.48
CA ASP P 58 25.61 -23.51 -9.10
C ASP P 58 26.08 -24.67 -9.99
N GLU P 59 26.71 -25.66 -9.37
CA GLU P 59 27.19 -26.81 -10.11
C GLU P 59 27.40 -27.97 -9.15
N THR P 60 26.88 -29.13 -9.51
CA THR P 60 27.12 -30.35 -8.75
C THR P 60 28.58 -30.73 -8.88
N ILE P 61 29.36 -30.49 -7.83
CA ILE P 61 30.79 -30.79 -7.84
C ILE P 61 31.00 -32.25 -7.48
N TYR P 62 31.66 -32.99 -8.37
CA TYR P 62 31.96 -34.40 -8.14
C TYR P 62 33.41 -34.54 -7.68
N ALA P 63 33.63 -35.46 -6.75
CA ALA P 63 35.00 -35.75 -6.32
C ALA P 63 35.73 -36.50 -7.42
N GLN P 64 36.84 -35.92 -7.88
CA GLN P 64 37.60 -36.50 -8.99
C GLN P 64 38.23 -37.84 -8.65
N ASN P 65 38.29 -38.21 -7.36
CA ASN P 65 38.86 -39.50 -7.00
C ASN P 65 38.01 -40.65 -7.52
N PHE P 66 36.71 -40.44 -7.71
CA PHE P 66 35.82 -41.45 -8.26
C PHE P 66 35.85 -41.51 -9.79
N GLN P 67 36.77 -40.76 -10.41
CA GLN P 67 37.06 -40.87 -11.84
C GLN P 67 35.85 -40.52 -12.71
N GLY P 68 35.00 -39.60 -12.24
CA GLY P 68 33.80 -39.25 -12.96
C GLY P 68 32.78 -40.34 -13.12
N ARG P 69 33.00 -41.52 -12.53
CA ARG P 69 32.01 -42.59 -12.60
C ARG P 69 30.71 -42.20 -11.92
N VAL P 70 30.78 -41.31 -10.93
CA VAL P 70 29.59 -40.85 -10.23
C VAL P 70 28.78 -39.96 -11.15
N THR P 71 27.45 -40.13 -11.10
CA THR P 71 26.54 -39.35 -11.92
C THR P 71 25.37 -38.94 -11.05
N LEU P 72 25.30 -37.66 -10.68
CA LEU P 72 24.26 -37.15 -9.79
C LEU P 72 23.22 -36.40 -10.60
N THR P 73 22.00 -36.92 -10.63
CA THR P 73 20.86 -36.27 -11.26
C THR P 73 19.73 -36.18 -10.25
N GLU P 74 18.69 -35.42 -10.62
CA GLU P 74 17.58 -35.22 -9.71
C GLU P 74 16.35 -34.78 -10.50
N ASP P 75 15.18 -35.18 -9.99
CA ASP P 75 13.89 -34.77 -10.53
C ASP P 75 13.17 -33.98 -9.45
N THR P 76 12.92 -32.70 -9.70
CA THR P 76 12.34 -31.83 -8.69
C THR P 76 10.91 -32.25 -8.34
N SER P 77 10.16 -32.73 -9.34
CA SER P 77 8.79 -33.14 -9.09
C SER P 77 8.72 -34.36 -8.18
N THR P 78 9.60 -35.34 -8.41
CA THR P 78 9.63 -36.53 -7.57
C THR P 78 10.26 -36.27 -6.21
N ASP P 79 10.92 -35.12 -6.03
CA ASP P 79 11.62 -34.79 -4.78
C ASP P 79 12.66 -35.85 -4.44
N THR P 80 13.36 -36.34 -5.46
CA THR P 80 14.29 -37.46 -5.30
C THR P 80 15.59 -37.17 -6.04
N VAL P 81 16.71 -37.45 -5.38
CA VAL P 81 18.03 -37.36 -5.99
C VAL P 81 18.46 -38.77 -6.39
N TYR P 82 19.33 -38.86 -7.40
CA TYR P 82 19.76 -40.13 -7.93
C TYR P 82 21.27 -40.16 -8.07
N MET P 83 21.89 -41.23 -7.59
CA MET P 83 23.33 -41.44 -7.68
C MET P 83 23.59 -42.66 -8.58
N GLU P 84 24.37 -42.46 -9.63
CA GLU P 84 24.69 -43.52 -10.58
C GLU P 84 26.20 -43.74 -10.59
N LEU P 85 26.63 -44.89 -10.09
CA LEU P 85 28.04 -45.27 -10.07
C LEU P 85 28.27 -46.36 -11.11
N SER P 86 29.06 -46.05 -12.14
CA SER P 86 29.36 -46.99 -13.21
C SER P 86 30.70 -47.66 -12.96
N SER P 87 30.95 -48.71 -13.74
CA SER P 87 32.19 -49.49 -13.67
C SER P 87 32.44 -50.00 -12.26
N LEU P 88 31.50 -50.82 -11.78
CA LEU P 88 31.56 -51.33 -10.42
C LEU P 88 32.74 -52.29 -10.26
N ARG P 89 33.46 -52.13 -9.15
CA ARG P 89 34.59 -52.98 -8.81
C ARG P 89 34.38 -53.58 -7.43
N SER P 90 35.25 -54.51 -7.05
CA SER P 90 35.12 -55.22 -5.79
C SER P 90 35.34 -54.31 -4.58
N GLU P 91 35.94 -53.14 -4.77
CA GLU P 91 36.15 -52.21 -3.67
C GLU P 91 35.00 -51.23 -3.49
N ASP P 92 34.02 -51.22 -4.40
CA ASP P 92 32.89 -50.31 -4.33
C ASP P 92 31.73 -50.87 -3.52
N THR P 93 32.00 -51.76 -2.57
CA THR P 93 30.98 -52.33 -1.70
C THR P 93 30.93 -51.56 -0.39
N GLY P 94 29.73 -51.22 0.05
CA GLY P 94 29.57 -50.51 1.30
C GLY P 94 28.22 -49.81 1.34
N VAL P 95 28.05 -49.02 2.39
CA VAL P 95 26.83 -48.25 2.60
C VAL P 95 27.00 -46.88 1.94
N TYR P 96 25.97 -46.45 1.22
CA TYR P 96 25.99 -45.17 0.50
C TYR P 96 24.92 -44.27 1.09
N TYR P 97 25.35 -43.14 1.64
CA TYR P 97 24.46 -42.20 2.31
C TYR P 97 24.19 -40.98 1.43
N CYS P 98 22.96 -40.48 1.48
CA CYS P 98 22.62 -39.17 0.94
C CYS P 98 22.30 -38.24 2.10
N ALA P 99 22.85 -37.03 2.05
CA ALA P 99 22.73 -36.13 3.19
C ALA P 99 22.81 -34.69 2.73
N THR P 100 22.13 -33.81 3.48
CA THR P 100 22.20 -32.37 3.27
C THR P 100 23.20 -31.82 4.28
N LEU P 101 24.47 -31.81 3.88
CA LEU P 101 25.55 -31.50 4.80
C LEU P 101 25.49 -30.03 5.25
N MET P 102 26.22 -29.74 6.33
CA MET P 102 26.11 -28.44 6.98
C MET P 102 26.82 -27.34 6.21
N GLY P 103 27.97 -27.66 5.60
CA GLY P 103 28.73 -26.63 4.91
C GLY P 103 27.97 -25.97 3.79
N ALA P 104 26.96 -26.67 3.25
CA ALA P 104 26.14 -26.15 2.17
C ALA P 104 24.74 -25.77 2.63
N ASN P 105 24.13 -26.53 3.53
CA ASN P 105 22.79 -26.26 4.01
C ASN P 105 22.81 -26.01 5.52
N PRO P 106 21.95 -25.10 6.01
CA PRO P 106 21.86 -24.91 7.46
C PRO P 106 21.44 -26.16 8.20
N PHE P 107 20.59 -26.98 7.57
CA PHE P 107 20.19 -28.26 8.13
C PHE P 107 21.37 -29.23 8.08
N ASP P 108 21.14 -30.42 8.63
CA ASP P 108 22.11 -31.50 8.50
C ASP P 108 21.44 -32.86 8.73
N TYR P 109 20.67 -33.31 7.75
CA TYR P 109 19.97 -34.58 7.80
C TYR P 109 20.68 -35.60 6.92
N TRP P 110 20.49 -36.88 7.27
CA TRP P 110 21.08 -38.00 6.54
C TRP P 110 19.99 -38.99 6.16
N GLY P 111 20.41 -40.08 5.50
CA GLY P 111 19.51 -41.15 5.13
C GLY P 111 19.94 -42.46 5.77
N GLN P 112 19.07 -43.46 5.62
CA GLN P 112 19.32 -44.76 6.22
C GLN P 112 20.46 -45.52 5.55
N GLY P 113 20.73 -45.24 4.28
CA GLY P 113 21.82 -45.90 3.58
C GLY P 113 21.36 -46.98 2.62
N THR P 114 22.04 -47.10 1.48
CA THR P 114 21.72 -48.09 0.47
C THR P 114 22.92 -49.00 0.29
N LEU P 115 22.82 -50.23 0.81
CA LEU P 115 23.91 -51.18 0.70
C LEU P 115 24.07 -51.65 -0.74
N ILE P 116 25.31 -51.68 -1.21
CA ILE P 116 25.63 -52.08 -2.58
C ILE P 116 26.67 -53.19 -2.51
N ILE P 117 26.22 -54.43 -2.61
CA ILE P 117 27.12 -55.58 -2.66
C ILE P 117 27.40 -55.90 -4.13
N VAL P 118 28.68 -55.92 -4.50
CA VAL P 118 29.07 -56.06 -5.90
C VAL P 118 29.54 -57.47 -6.23
N SER P 119 29.40 -58.42 -5.30
CA SER P 119 29.89 -59.76 -5.53
C SER P 119 29.14 -60.42 -6.70
N GLY P 120 29.90 -61.06 -7.58
CA GLY P 120 29.32 -61.73 -8.73
C GLY P 120 28.90 -63.16 -8.43
N ALA P 121 27.88 -63.30 -7.59
CA ALA P 121 27.37 -64.61 -7.19
C ALA P 121 25.85 -64.62 -7.26
N SER P 122 25.29 -65.81 -7.17
CA SER P 122 23.85 -66.01 -7.13
C SER P 122 23.46 -66.67 -5.82
N THR P 123 22.16 -66.77 -5.58
CA THR P 123 21.65 -67.32 -4.34
C THR P 123 22.12 -68.77 -4.16
N LYS P 124 22.75 -69.05 -3.02
CA LYS P 124 23.31 -70.35 -2.73
C LYS P 124 23.01 -70.73 -1.30
N GLY P 125 22.62 -72.00 -1.09
CA GLY P 125 22.34 -72.51 0.23
C GLY P 125 23.61 -72.64 1.05
N PRO P 126 23.50 -72.41 2.36
CA PRO P 126 24.69 -72.46 3.22
C PRO P 126 25.08 -73.89 3.58
N SER P 127 26.39 -74.13 3.58
CA SER P 127 26.94 -75.40 4.02
C SER P 127 27.35 -75.27 5.49
N VAL P 128 26.88 -76.22 6.31
CA VAL P 128 27.09 -76.19 7.76
C VAL P 128 27.95 -77.38 8.15
N PHE P 129 28.99 -77.11 8.93
CA PHE P 129 29.92 -78.13 9.39
C PHE P 129 30.13 -77.97 10.90
N PRO P 130 30.00 -79.03 11.68
CA PRO P 130 30.14 -78.90 13.14
C PRO P 130 31.58 -78.59 13.53
N LEU P 131 31.70 -77.93 14.68
CA LEU P 131 33.00 -77.62 15.28
C LEU P 131 33.28 -78.64 16.38
N ALA P 132 34.30 -79.46 16.19
CA ALA P 132 34.59 -80.55 17.11
C ALA P 132 34.99 -80.03 18.48
N PRO P 133 34.27 -80.39 19.55
CA PRO P 133 34.66 -79.93 20.89
C PRO P 133 35.63 -80.87 21.58
N SER P 134 36.92 -80.55 21.49
CA SER P 134 37.97 -81.30 22.17
C SER P 134 38.82 -80.43 23.07
N SER P 135 38.47 -79.16 23.22
CA SER P 135 39.23 -78.23 24.05
C SER P 135 38.32 -77.50 25.02
N GLY P 140 40.64 -76.57 31.41
CA GLY P 140 39.62 -75.72 32.03
C GLY P 140 38.29 -76.41 32.19
N GLY P 141 37.54 -76.02 33.22
CA GLY P 141 36.24 -76.60 33.48
C GLY P 141 35.13 -76.00 32.64
N THR P 142 35.41 -75.81 31.35
CA THR P 142 34.45 -75.23 30.42
C THR P 142 34.72 -75.78 29.03
N ALA P 143 33.66 -75.95 28.25
CA ALA P 143 33.76 -76.46 26.89
C ALA P 143 33.35 -75.38 25.90
N ALA P 144 33.79 -75.56 24.65
CA ALA P 144 33.48 -74.64 23.56
C ALA P 144 33.11 -75.45 22.33
N LEU P 145 31.86 -75.34 21.91
CA LEU P 145 31.37 -76.03 20.72
C LEU P 145 30.61 -75.03 19.84
N GLY P 146 30.63 -75.26 18.55
CA GLY P 146 30.00 -74.34 17.64
C GLY P 146 29.69 -74.94 16.29
N CYS P 147 29.33 -74.07 15.35
CA CYS P 147 28.99 -74.45 13.99
C CYS P 147 29.72 -73.52 13.01
N LEU P 148 29.91 -74.02 11.79
CA LEU P 148 30.56 -73.26 10.73
C LEU P 148 29.61 -73.17 9.54
N VAL P 149 29.00 -72.02 9.34
CA VAL P 149 28.12 -71.78 8.21
C VAL P 149 28.96 -71.19 7.08
N LYS P 150 29.15 -71.96 6.01
CA LYS P 150 30.11 -71.62 4.97
C LYS P 150 29.44 -71.60 3.61
N ASP P 151 29.88 -70.68 2.75
CA ASP P 151 29.47 -70.59 1.35
C ASP P 151 27.98 -70.36 1.22
N TYR P 152 27.54 -69.12 1.41
CA TYR P 152 26.15 -68.73 1.22
C TYR P 152 26.12 -67.29 0.73
N PHE P 153 25.06 -66.96 0.00
CA PHE P 153 24.88 -65.62 -0.54
C PHE P 153 23.40 -65.39 -0.80
N PRO P 154 22.81 -64.29 -0.30
CA PRO P 154 23.43 -63.16 0.42
C PRO P 154 23.75 -63.47 1.89
N GLU P 155 23.75 -62.44 2.74
CA GLU P 155 24.16 -62.56 4.14
C GLU P 155 23.04 -62.23 5.12
N PRO P 156 21.92 -62.96 5.10
CA PRO P 156 20.93 -62.78 6.17
C PRO P 156 20.76 -64.05 7.01
N VAL P 157 21.85 -64.77 7.23
CA VAL P 157 21.78 -66.05 7.92
C VAL P 157 21.44 -65.84 9.40
N THR P 158 20.51 -66.65 9.90
CA THR P 158 20.20 -66.70 11.31
C THR P 158 20.65 -68.04 11.89
N VAL P 159 21.06 -68.01 13.15
CA VAL P 159 21.55 -69.21 13.84
C VAL P 159 20.93 -69.24 15.24
N SER P 160 20.27 -70.35 15.57
CA SER P 160 19.66 -70.54 16.87
C SER P 160 20.09 -71.89 17.44
N TRP P 161 20.54 -71.89 18.69
CA TRP P 161 21.02 -73.10 19.34
C TRP P 161 19.89 -73.77 20.11
N ASN P 162 19.65 -75.05 19.83
CA ASN P 162 18.62 -75.83 20.48
C ASN P 162 17.24 -75.15 20.36
N SER P 163 16.94 -74.70 19.14
CA SER P 163 15.68 -74.02 18.84
C SER P 163 15.48 -72.78 19.73
N GLY P 164 16.58 -72.05 19.96
CA GLY P 164 16.53 -70.86 20.78
C GLY P 164 16.51 -71.08 22.27
N ALA P 165 16.42 -72.34 22.73
CA ALA P 165 16.44 -72.60 24.17
C ALA P 165 17.80 -72.30 24.77
N LEU P 166 18.86 -72.38 23.98
CA LEU P 166 20.21 -72.09 24.44
C LEU P 166 20.60 -70.71 23.94
N THR P 167 20.74 -69.75 24.86
CA THR P 167 21.11 -68.39 24.50
C THR P 167 22.34 -67.93 25.28
N SER P 168 22.53 -68.48 26.48
CA SER P 168 23.64 -68.05 27.33
C SER P 168 24.96 -68.53 26.75
N GLY P 169 25.94 -67.62 26.68
CA GLY P 169 27.25 -67.95 26.15
C GLY P 169 27.31 -68.13 24.65
N VAL P 170 26.27 -67.75 23.92
CA VAL P 170 26.21 -67.93 22.49
C VAL P 170 26.83 -66.71 21.81
N HIS P 171 27.76 -66.96 20.88
CA HIS P 171 28.38 -65.89 20.10
C HIS P 171 28.28 -66.25 18.62
N THR P 172 27.60 -65.40 17.85
CA THR P 172 27.48 -65.56 16.41
C THR P 172 28.31 -64.46 15.74
N PHE P 173 29.41 -64.85 15.13
CA PHE P 173 30.35 -63.88 14.59
C PHE P 173 29.80 -63.24 13.32
N PRO P 174 30.16 -61.98 13.05
CA PRO P 174 29.78 -61.36 11.78
C PRO P 174 30.37 -62.12 10.60
N ALA P 175 29.62 -62.17 9.51
CA ALA P 175 30.05 -62.90 8.33
C ALA P 175 31.24 -62.22 7.67
N VAL P 176 32.09 -63.03 7.03
CA VAL P 176 33.19 -62.54 6.24
C VAL P 176 32.92 -62.87 4.78
N LEU P 177 33.20 -61.92 3.90
CA LEU P 177 32.99 -62.10 2.46
C LEU P 177 34.26 -62.71 1.87
N GLN P 178 34.22 -64.01 1.61
CA GLN P 178 35.36 -64.70 1.03
C GLN P 178 35.61 -64.20 -0.40
N SER P 179 36.77 -64.56 -0.93
CA SER P 179 37.13 -64.15 -2.29
C SER P 179 36.20 -64.75 -3.34
N SER P 180 35.49 -65.82 -3.00
CA SER P 180 34.58 -66.47 -3.93
C SER P 180 33.23 -65.75 -4.06
N GLY P 181 33.06 -64.62 -3.38
CA GLY P 181 31.79 -63.93 -3.39
C GLY P 181 30.75 -64.52 -2.47
N LEU P 182 31.12 -65.49 -1.64
CA LEU P 182 30.22 -66.14 -0.70
C LEU P 182 30.62 -65.80 0.73
N TYR P 183 29.64 -65.64 1.60
CA TYR P 183 29.89 -65.30 2.99
C TYR P 183 30.16 -66.55 3.82
N SER P 184 30.68 -66.33 5.03
CA SER P 184 30.99 -67.43 5.93
C SER P 184 31.11 -66.86 7.34
N LEU P 185 30.46 -67.52 8.30
CA LEU P 185 30.52 -67.10 9.69
C LEU P 185 30.62 -68.31 10.59
N SER P 186 30.99 -68.06 11.84
CA SER P 186 31.05 -69.08 12.87
C SER P 186 30.11 -68.70 14.01
N SER P 187 29.49 -69.69 14.62
CA SER P 187 28.57 -69.48 15.75
C SER P 187 28.91 -70.50 16.83
N VAL P 188 29.51 -70.04 17.91
CA VAL P 188 29.95 -70.92 18.98
C VAL P 188 29.12 -70.67 20.24
N VAL P 189 29.29 -71.54 21.22
CA VAL P 189 28.62 -71.43 22.51
C VAL P 189 29.46 -72.14 23.55
N THR P 190 29.70 -71.46 24.68
CA THR P 190 30.51 -72.01 25.77
C THR P 190 29.58 -72.63 26.81
N VAL P 191 29.81 -73.90 27.11
CA VAL P 191 28.98 -74.64 28.07
C VAL P 191 29.89 -75.41 29.01
N PRO P 192 29.39 -75.83 30.17
CA PRO P 192 30.19 -76.66 31.07
C PRO P 192 30.64 -77.94 30.39
N SER P 193 31.81 -78.44 30.82
CA SER P 193 32.37 -79.64 30.22
C SER P 193 31.57 -80.89 30.57
N SER P 194 30.88 -80.88 31.72
CA SER P 194 30.10 -82.04 32.12
C SER P 194 28.85 -82.22 31.27
N SER P 195 28.38 -81.17 30.61
CA SER P 195 27.16 -81.24 29.81
C SER P 195 27.37 -81.88 28.45
N LEU P 196 28.58 -82.34 28.14
CA LEU P 196 28.84 -82.97 26.85
C LEU P 196 28.17 -84.34 26.72
N GLY P 197 27.89 -85.00 27.83
CA GLY P 197 27.24 -86.30 27.80
C GLY P 197 25.81 -86.25 28.30
N THR P 198 25.42 -85.13 28.91
CA THR P 198 24.10 -84.96 29.48
C THR P 198 23.23 -83.98 28.69
N GLN P 199 23.66 -83.58 27.50
CA GLN P 199 22.91 -82.62 26.71
C GLN P 199 23.33 -82.74 25.25
N THR P 200 22.35 -82.62 24.35
CA THR P 200 22.59 -82.65 22.91
C THR P 200 22.56 -81.22 22.38
N TYR P 201 23.54 -80.88 21.56
CA TYR P 201 23.72 -79.52 21.05
C TYR P 201 23.60 -79.54 19.53
N ILE P 202 22.64 -78.78 19.00
CA ILE P 202 22.43 -78.65 17.56
C ILE P 202 22.08 -77.20 17.25
N CYS P 203 22.82 -76.61 16.32
CA CYS P 203 22.52 -75.26 15.85
C CYS P 203 21.53 -75.32 14.70
N ASN P 204 20.60 -74.36 14.67
CA ASN P 204 19.55 -74.32 13.66
C ASN P 204 19.80 -73.11 12.77
N VAL P 205 20.35 -73.36 11.59
CA VAL P 205 20.67 -72.32 10.62
C VAL P 205 19.45 -72.10 9.72
N ASN P 206 19.27 -70.86 9.27
CA ASN P 206 18.17 -70.51 8.38
C ASN P 206 18.66 -69.47 7.38
N HIS P 207 18.34 -69.68 6.11
CA HIS P 207 18.69 -68.76 5.03
C HIS P 207 17.45 -68.61 4.15
N LYS P 208 16.57 -67.68 4.52
CA LYS P 208 15.30 -67.54 3.83
C LYS P 208 15.43 -67.20 2.36
N PRO P 209 16.35 -66.33 1.92
CA PRO P 209 16.51 -66.11 0.47
C PRO P 209 16.70 -67.40 -0.32
N SER P 210 17.50 -68.34 0.20
CA SER P 210 17.66 -69.64 -0.44
C SER P 210 16.62 -70.66 0.03
N ASN P 211 15.75 -70.28 0.97
CA ASN P 211 14.74 -71.17 1.54
C ASN P 211 15.38 -72.45 2.07
N THR P 212 16.50 -72.28 2.77
CA THR P 212 17.31 -73.41 3.25
C THR P 212 17.49 -73.29 4.75
N LYS P 213 16.75 -74.10 5.50
CA LYS P 213 16.91 -74.23 6.94
C LYS P 213 17.50 -75.60 7.25
N VAL P 214 18.53 -75.65 8.08
CA VAL P 214 19.24 -76.89 8.36
C VAL P 214 19.56 -77.00 9.83
N ASP P 215 19.87 -78.23 10.25
CA ASP P 215 20.30 -78.54 11.60
C ASP P 215 21.53 -79.44 11.54
N LYS P 216 22.38 -79.33 12.55
CA LYS P 216 23.61 -80.11 12.56
C LYS P 216 24.06 -80.36 13.99
N ARG P 217 24.38 -81.61 14.30
CA ARG P 217 24.85 -81.95 15.64
C ARG P 217 26.25 -81.38 15.89
N VAL P 218 26.61 -81.36 17.16
CA VAL P 218 27.98 -81.05 17.59
C VAL P 218 28.38 -82.08 18.65
N GLU P 219 29.05 -83.15 18.22
CA GLU P 219 29.48 -84.20 19.13
C GLU P 219 30.99 -84.18 19.31
N PRO P 220 31.50 -84.55 20.50
CA PRO P 220 32.93 -84.63 20.78
C PRO P 220 33.67 -85.55 19.81
N GLU Q 3 -0.94 6.41 33.76
CA GLU Q 3 -2.14 6.53 34.56
C GLU Q 3 -2.62 7.98 34.61
N VAL Q 4 -3.94 8.17 34.49
CA VAL Q 4 -4.51 9.51 34.50
C VAL Q 4 -4.47 10.08 35.90
N GLN Q 5 -4.16 11.36 36.01
CA GLN Q 5 -4.08 12.05 37.30
C GLN Q 5 -4.89 13.33 37.22
N LEU Q 6 -5.88 13.46 38.10
CA LEU Q 6 -6.74 14.64 38.16
C LEU Q 6 -6.33 15.47 39.38
N VAL Q 7 -5.82 16.68 39.12
CA VAL Q 7 -5.39 17.59 40.18
C VAL Q 7 -6.34 18.77 40.18
N GLN Q 8 -7.12 18.90 41.26
CA GLN Q 8 -8.07 19.99 41.37
C GLN Q 8 -7.36 21.27 41.81
N SER Q 9 -8.12 22.35 41.91
CA SER Q 9 -7.58 23.62 42.38
C SER Q 9 -7.48 23.64 43.90
N GLY Q 10 -6.74 24.61 44.41
CA GLY Q 10 -6.60 24.77 45.85
C GLY Q 10 -7.90 25.21 46.49
N ALA Q 11 -7.88 25.21 47.83
CA ALA Q 11 -9.06 25.60 48.59
C ALA Q 11 -9.46 27.03 48.28
N GLU Q 12 -10.74 27.33 48.46
CA GLU Q 12 -11.29 28.64 48.14
C GLU Q 12 -12.28 29.07 49.22
N VAL Q 13 -12.27 30.34 49.56
CA VAL Q 13 -13.17 30.93 50.54
C VAL Q 13 -13.76 32.18 49.92
N LYS Q 14 -15.07 32.16 49.65
CA LYS Q 14 -15.77 33.28 49.03
C LYS Q 14 -17.00 33.62 49.87
N LYS Q 15 -17.11 34.90 50.24
CA LYS Q 15 -18.25 35.34 51.06
C LYS Q 15 -19.56 35.11 50.31
N PRO Q 16 -20.67 34.98 51.04
CA PRO Q 16 -21.94 34.62 50.39
C PRO Q 16 -22.33 35.61 49.31
N GLY Q 17 -22.87 35.09 48.21
CA GLY Q 17 -23.25 35.89 47.06
C GLY Q 17 -22.21 35.97 45.98
N ALA Q 18 -20.99 35.49 46.23
CA ALA Q 18 -19.92 35.55 45.23
C ALA Q 18 -20.03 34.40 44.24
N SER Q 19 -18.94 34.14 43.52
CA SER Q 19 -18.90 33.07 42.53
C SER Q 19 -17.53 32.40 42.58
N VAL Q 20 -17.52 31.08 42.70
CA VAL Q 20 -16.27 30.32 42.77
C VAL Q 20 -15.90 29.85 41.37
N LYS Q 21 -14.65 29.37 41.22
CA LYS Q 21 -14.18 28.84 39.94
C LYS Q 21 -13.13 27.78 40.27
N VAL Q 22 -13.52 26.51 40.23
CA VAL Q 22 -12.66 25.39 40.59
C VAL Q 22 -12.00 24.84 39.33
N SER Q 23 -10.71 24.53 39.44
CA SER Q 23 -9.95 23.96 38.34
C SER Q 23 -9.80 22.45 38.52
N CYS Q 24 -9.48 21.77 37.41
CA CYS Q 24 -9.29 20.32 37.44
C CYS Q 24 -8.43 19.96 36.23
N LYS Q 25 -7.11 20.01 36.41
CA LYS Q 25 -6.17 19.73 35.34
C LYS Q 25 -5.90 18.24 35.25
N VAL Q 26 -5.87 17.73 34.01
CA VAL Q 26 -5.67 16.31 33.74
C VAL Q 26 -4.26 16.11 33.19
N SER Q 27 -3.59 15.08 33.68
CA SER Q 27 -2.25 14.72 33.23
C SER Q 27 -2.20 13.23 32.93
N GLY Q 28 -1.59 12.87 31.81
CA GLY Q 28 -1.52 11.50 31.37
C GLY Q 28 -2.56 11.10 30.34
N TYR Q 29 -3.53 11.97 30.08
CA TYR Q 29 -4.56 11.69 29.08
C TYR Q 29 -5.20 13.01 28.67
N ARG Q 30 -5.32 13.23 27.36
CA ARG Q 30 -5.91 14.46 26.86
C ARG Q 30 -7.38 14.54 27.24
N LEU Q 31 -7.81 15.72 27.70
CA LEU Q 31 -9.20 15.96 28.02
C LEU Q 31 -10.10 15.80 26.80
N THR Q 32 -9.54 15.91 25.59
CA THR Q 32 -10.32 15.75 24.37
C THR Q 32 -11.02 14.41 24.28
N ALA Q 33 -10.54 13.41 25.01
CA ALA Q 33 -11.14 12.07 25.00
C ALA Q 33 -11.48 11.62 26.40
N LEU Q 34 -11.99 12.54 27.22
CA LEU Q 34 -12.37 12.24 28.59
C LEU Q 34 -13.67 12.95 28.93
N SER Q 35 -14.60 12.20 29.52
CA SER Q 35 -15.88 12.75 29.97
C SER Q 35 -15.78 13.05 31.46
N MET Q 36 -15.77 14.34 31.80
CA MET Q 36 -15.60 14.76 33.18
C MET Q 36 -16.95 14.98 33.84
N HIS Q 37 -17.00 14.69 35.15
CA HIS Q 37 -18.18 14.91 35.96
C HIS Q 37 -17.76 15.56 37.27
N TRP Q 38 -18.75 15.96 38.06
CA TRP Q 38 -18.50 16.69 39.30
C TRP Q 38 -19.45 16.21 40.38
N VAL Q 39 -18.90 15.91 41.56
CA VAL Q 39 -19.66 15.43 42.70
C VAL Q 39 -19.24 16.22 43.92
N ARG Q 40 -20.21 16.86 44.58
CA ARG Q 40 -19.94 17.60 45.81
C ARG Q 40 -20.39 16.77 47.02
N GLN Q 41 -19.74 17.03 48.15
CA GLN Q 41 -20.05 16.34 49.40
C GLN Q 41 -20.03 17.37 50.52
N ALA Q 42 -21.21 17.76 51.00
CA ALA Q 42 -21.28 18.64 52.16
C ALA Q 42 -20.68 17.92 53.37
N PRO Q 43 -20.06 18.67 54.30
CA PRO Q 43 -19.38 18.04 55.44
C PRO Q 43 -20.25 17.06 56.21
N GLY Q 44 -19.82 15.81 56.26
CA GLY Q 44 -20.57 14.79 56.98
C GLY Q 44 -21.87 14.37 56.32
N LYS Q 45 -21.97 14.52 55.00
CA LYS Q 45 -23.18 14.17 54.26
C LYS Q 45 -22.81 13.28 53.09
N GLY Q 46 -23.82 12.90 52.30
CA GLY Q 46 -23.59 12.00 51.19
C GLY Q 46 -23.11 12.72 49.93
N LEU Q 47 -22.76 11.92 48.94
CA LEU Q 47 -22.30 12.45 47.66
C LEU Q 47 -23.49 12.94 46.84
N GLU Q 48 -23.23 13.94 46.00
CA GLU Q 48 -24.26 14.55 45.18
C GLU Q 48 -23.72 14.85 43.80
N TRP Q 49 -24.41 14.35 42.77
CA TRP Q 49 -23.99 14.54 41.38
C TRP Q 49 -24.42 15.94 40.93
N MET Q 50 -23.43 16.82 40.71
CA MET Q 50 -23.73 18.18 40.28
C MET Q 50 -23.93 18.27 38.77
N GLY Q 51 -23.27 17.40 38.01
CA GLY Q 51 -23.37 17.46 36.56
C GLY Q 51 -22.19 16.74 35.92
N GLY Q 52 -22.01 17.00 34.65
CA GLY Q 52 -20.93 16.41 33.89
C GLY Q 52 -21.28 16.36 32.42
N PHE Q 53 -20.45 15.64 31.66
CA PHE Q 53 -20.62 15.51 30.22
C PHE Q 53 -21.04 14.10 29.88
N ASP Q 54 -22.15 13.96 29.17
CA ASP Q 54 -22.60 12.67 28.67
C ASP Q 54 -21.89 12.38 27.36
N PRO Q 55 -21.15 11.27 27.23
CA PRO Q 55 -20.53 10.95 25.93
C PRO Q 55 -21.54 10.87 24.81
N GLU Q 56 -22.59 10.08 24.97
CA GLU Q 56 -23.71 10.15 24.04
C GLU Q 56 -24.43 11.49 24.22
N GLU Q 57 -25.26 11.84 23.23
CA GLU Q 57 -25.93 13.14 23.15
C GLU Q 57 -24.94 14.26 22.88
N ASP Q 58 -23.66 14.04 23.21
CA ASP Q 58 -22.58 14.99 22.94
C ASP Q 58 -22.89 16.37 23.52
N GLU Q 59 -23.18 16.39 24.83
CA GLU Q 59 -23.55 17.63 25.49
C GLU Q 59 -23.30 17.49 26.98
N THR Q 60 -22.76 18.55 27.58
CA THR Q 60 -22.61 18.60 29.03
C THR Q 60 -23.98 18.72 29.69
N ILE Q 61 -24.27 17.81 30.62
CA ILE Q 61 -25.55 17.79 31.32
C ILE Q 61 -25.36 18.38 32.70
N TYR Q 62 -26.22 19.33 33.07
CA TYR Q 62 -26.21 19.97 34.37
C TYR Q 62 -27.41 19.50 35.17
N ALA Q 63 -27.18 19.17 36.44
CA ALA Q 63 -28.26 18.71 37.29
C ALA Q 63 -29.28 19.82 37.52
N GLN Q 64 -30.52 19.43 37.81
CA GLN Q 64 -31.62 20.37 37.93
C GLN Q 64 -31.88 20.84 39.35
N ASN Q 65 -31.44 20.08 40.36
CA ASN Q 65 -31.59 20.54 41.74
C ASN Q 65 -30.80 21.82 41.96
N PHE Q 66 -29.59 21.91 41.42
CA PHE Q 66 -28.88 23.17 41.36
C PHE Q 66 -29.58 24.11 40.40
N GLN Q 67 -29.76 25.37 40.81
CA GLN Q 67 -30.56 26.32 40.04
C GLN Q 67 -29.82 26.81 38.81
N GLY Q 68 -29.27 25.90 38.00
CA GLY Q 68 -28.47 26.30 36.87
C GLY Q 68 -27.24 27.12 37.18
N ARG Q 69 -26.90 27.29 38.46
CA ARG Q 69 -25.75 28.10 38.84
C ARG Q 69 -24.44 27.48 38.36
N VAL Q 70 -24.41 26.16 38.19
CA VAL Q 70 -23.21 25.48 37.72
C VAL Q 70 -22.91 25.89 36.28
N THR Q 71 -21.64 26.10 35.99
CA THR Q 71 -21.18 26.48 34.65
C THR Q 71 -19.90 25.71 34.37
N LEU Q 72 -20.02 24.64 33.59
CA LEU Q 72 -18.88 23.76 33.29
C LEU Q 72 -18.23 24.21 32.00
N THR Q 73 -17.02 24.73 32.09
CA THR Q 73 -16.21 25.08 30.94
C THR Q 73 -14.93 24.25 30.93
N GLU Q 74 -14.40 24.01 29.74
CA GLU Q 74 -13.22 23.17 29.58
C GLU Q 74 -12.20 23.86 28.68
N ASP Q 75 -10.94 23.77 29.06
CA ASP Q 75 -9.82 24.32 28.29
C ASP Q 75 -9.02 23.13 27.76
N THR Q 76 -9.19 22.84 26.47
CA THR Q 76 -8.53 21.69 25.88
C THR Q 76 -7.02 21.87 25.74
N SER Q 77 -6.54 23.11 25.69
CA SER Q 77 -5.10 23.34 25.58
C SER Q 77 -4.38 22.97 26.87
N THR Q 78 -4.94 23.38 28.02
CA THR Q 78 -4.35 23.07 29.31
C THR Q 78 -4.86 21.75 29.89
N ASP Q 79 -5.82 21.10 29.23
CA ASP Q 79 -6.46 19.88 29.73
C ASP Q 79 -7.02 20.11 31.12
N THR Q 80 -7.83 21.16 31.25
CA THR Q 80 -8.36 21.59 32.54
C THR Q 80 -9.86 21.84 32.43
N VAL Q 81 -10.60 21.35 33.41
CA VAL Q 81 -12.05 21.55 33.51
C VAL Q 81 -12.32 22.58 34.60
N TYR Q 82 -13.26 23.47 34.34
CA TYR Q 82 -13.61 24.53 35.28
C TYR Q 82 -15.07 24.38 35.70
N MET Q 83 -15.32 24.50 37.01
CA MET Q 83 -16.66 24.47 37.58
C MET Q 83 -16.93 25.80 38.26
N GLU Q 84 -17.96 26.51 37.79
CA GLU Q 84 -18.31 27.83 38.31
C GLU Q 84 -19.69 27.76 38.92
N LEU Q 85 -19.76 27.93 40.24
CA LEU Q 85 -21.02 27.94 40.98
C LEU Q 85 -21.27 29.35 41.48
N SER Q 86 -22.27 30.02 40.89
CA SER Q 86 -22.62 31.37 41.27
C SER Q 86 -23.73 31.37 42.32
N SER Q 87 -24.03 32.56 42.85
CA SER Q 87 -25.05 32.75 43.88
C SER Q 87 -24.82 31.82 45.06
N LEU Q 88 -23.66 31.98 45.68
CA LEU Q 88 -23.26 31.11 46.77
C LEU Q 88 -24.15 31.31 47.99
N ARG Q 89 -24.44 30.22 48.68
CA ARG Q 89 -25.26 30.23 49.89
C ARG Q 89 -24.53 29.49 51.00
N SER Q 90 -25.10 29.56 52.21
CA SER Q 90 -24.49 28.93 53.37
C SER Q 90 -24.48 27.41 53.29
N GLU Q 91 -25.35 26.83 52.47
CA GLU Q 91 -25.43 25.37 52.33
C GLU Q 91 -24.48 24.82 51.26
N ASP Q 92 -23.88 25.69 50.44
CA ASP Q 92 -22.98 25.26 49.38
C ASP Q 92 -21.57 24.97 49.87
N THR Q 93 -21.37 24.83 51.17
CA THR Q 93 -20.05 24.51 51.70
C THR Q 93 -19.81 23.01 51.63
N GLY Q 94 -18.60 22.64 51.22
CA GLY Q 94 -18.23 21.24 51.18
C GLY Q 94 -17.05 21.03 50.24
N VAL Q 95 -16.68 19.75 50.12
CA VAL Q 95 -15.62 19.34 49.23
C VAL Q 95 -16.21 19.07 47.85
N TYR Q 96 -15.57 19.61 46.82
CA TYR Q 96 -16.05 19.48 45.44
C TYR Q 96 -15.05 18.63 44.66
N TYR Q 97 -15.54 17.53 44.08
CA TYR Q 97 -14.70 16.58 43.38
C TYR Q 97 -14.95 16.64 41.88
N CYS Q 98 -13.88 16.52 41.11
CA CYS Q 98 -13.96 16.30 39.67
C CYS Q 98 -13.51 14.87 39.39
N ALA Q 99 -14.28 14.15 38.58
CA ALA Q 99 -14.03 12.73 38.39
C ALA Q 99 -14.50 12.28 37.01
N THR Q 100 -13.75 11.36 36.42
CA THR Q 100 -14.12 10.71 35.17
C THR Q 100 -14.77 9.37 35.54
N LEU Q 101 -16.06 9.42 35.82
CA LEU Q 101 -16.77 8.28 36.37
C LEU Q 101 -16.85 7.14 35.34
N MET Q 102 -17.32 5.99 35.82
CA MET Q 102 -17.29 4.76 35.02
C MET Q 102 -18.40 4.73 33.97
N GLY Q 103 -19.58 5.23 34.31
CA GLY Q 103 -20.70 5.19 33.37
C GLY Q 103 -20.43 5.95 32.08
N ALA Q 104 -19.57 6.97 32.14
CA ALA Q 104 -19.20 7.76 30.98
C ALA Q 104 -17.90 7.31 30.33
N ASN Q 105 -16.88 7.02 31.13
CA ASN Q 105 -15.58 6.61 30.64
C ASN Q 105 -15.20 5.25 31.19
N PRO Q 106 -14.46 4.45 30.42
CA PRO Q 106 -14.03 3.14 30.94
C PRO Q 106 -13.16 3.25 32.18
N PHE Q 107 -12.41 4.34 32.30
CA PHE Q 107 -11.63 4.60 33.49
C PHE Q 107 -12.53 5.15 34.59
N ASP Q 108 -11.99 5.21 35.81
CA ASP Q 108 -12.71 5.78 36.95
C ASP Q 108 -11.67 6.42 37.87
N TYR Q 109 -11.42 7.70 37.64
CA TYR Q 109 -10.45 8.47 38.42
C TYR Q 109 -11.15 9.65 39.07
N TRP Q 110 -10.56 10.15 40.15
CA TRP Q 110 -11.11 11.26 40.93
C TRP Q 110 -10.03 12.29 41.19
N GLY Q 111 -10.38 13.31 41.97
CA GLY Q 111 -9.46 14.34 42.38
C GLY Q 111 -9.37 14.44 43.90
N GLN Q 112 -8.47 15.31 44.34
CA GLN Q 112 -8.24 15.47 45.77
C GLN Q 112 -9.36 16.25 46.45
N GLY Q 113 -10.04 17.12 45.72
CA GLY Q 113 -11.13 17.89 46.29
C GLY Q 113 -10.75 19.34 46.49
N THR Q 114 -11.70 20.23 46.24
CA THR Q 114 -11.52 21.67 46.42
C THR Q 114 -12.52 22.14 47.47
N LEU Q 115 -12.05 22.35 48.70
CA LEU Q 115 -12.93 22.79 49.77
C LEU Q 115 -13.34 24.24 49.57
N ILE Q 116 -14.64 24.50 49.69
CA ILE Q 116 -15.19 25.84 49.47
C ILE Q 116 -15.99 26.22 50.71
N ILE Q 117 -15.58 27.29 51.39
CA ILE Q 117 -16.28 27.83 52.54
C ILE Q 117 -16.90 29.16 52.13
N VAL Q 118 -18.13 29.41 52.56
CA VAL Q 118 -18.89 30.57 52.12
C VAL Q 118 -18.95 31.66 53.19
N SER Q 119 -19.28 31.30 54.42
CA SER Q 119 -19.59 32.27 55.48
C SER Q 119 -18.52 33.35 55.61
N GLY Q 120 -18.85 34.55 55.17
CA GLY Q 120 -17.91 35.66 55.19
C GLY Q 120 -17.81 36.35 56.53
N ALA Q 121 -16.62 36.29 57.13
CA ALA Q 121 -16.42 36.94 58.43
C ALA Q 121 -15.01 37.47 58.62
N SER Q 122 -14.16 37.45 57.58
CA SER Q 122 -12.78 37.90 57.64
C SER Q 122 -11.92 37.05 58.56
N THR Q 123 -10.61 37.10 58.38
CA THR Q 123 -9.71 36.27 59.19
C THR Q 123 -9.71 36.74 60.64
N LYS Q 124 -9.45 35.79 61.54
CA LYS Q 124 -9.40 36.09 62.98
C LYS Q 124 -8.56 35.03 63.67
N GLY Q 125 -7.61 35.48 64.49
CA GLY Q 125 -6.79 34.58 65.26
C GLY Q 125 -7.56 33.94 66.40
N PRO Q 126 -7.06 32.82 66.91
CA PRO Q 126 -7.77 32.08 67.97
C PRO Q 126 -7.47 32.66 69.34
N SER Q 127 -8.07 32.03 70.35
CA SER Q 127 -7.83 32.36 71.75
C SER Q 127 -7.77 31.06 72.53
N VAL Q 128 -6.65 30.82 73.21
CA VAL Q 128 -6.40 29.56 73.91
C VAL Q 128 -6.69 29.75 75.38
N PHE Q 129 -7.48 28.84 75.96
CA PHE Q 129 -7.82 28.86 77.37
C PHE Q 129 -7.56 27.47 77.93
N PRO Q 130 -6.69 27.33 78.93
CA PRO Q 130 -6.35 25.99 79.42
C PRO Q 130 -7.51 25.34 80.14
N LEU Q 131 -7.60 24.02 79.99
CA LEU Q 131 -8.58 23.20 80.70
C LEU Q 131 -7.93 22.70 81.98
N ALA Q 132 -8.39 23.23 83.11
CA ALA Q 132 -7.77 22.93 84.40
C ALA Q 132 -7.89 21.44 84.74
N PRO Q 133 -6.79 20.74 84.97
CA PRO Q 133 -6.89 19.32 85.31
C PRO Q 133 -7.49 19.11 86.68
N SER Q 134 -8.17 17.97 86.84
CA SER Q 134 -8.83 17.63 88.09
C SER Q 134 -7.82 17.38 89.20
N GLY Q 140 -8.16 10.97 88.59
CA GLY Q 140 -7.79 9.57 88.72
C GLY Q 140 -6.30 9.34 88.65
N GLY Q 141 -5.90 8.07 88.59
CA GLY Q 141 -4.49 7.74 88.50
C GLY Q 141 -3.83 8.28 87.24
N THR Q 142 -4.61 8.42 86.16
CA THR Q 142 -4.15 9.02 84.91
C THR Q 142 -5.08 10.20 84.63
N ALA Q 143 -4.72 11.37 85.14
CA ALA Q 143 -5.54 12.56 84.99
C ALA Q 143 -5.48 13.08 83.56
N ALA Q 144 -6.39 13.99 83.24
CA ALA Q 144 -6.50 14.55 81.90
C ALA Q 144 -6.44 16.08 81.97
N LEU Q 145 -5.71 16.67 81.03
CA LEU Q 145 -5.61 18.11 80.90
C LEU Q 145 -5.70 18.48 79.44
N GLY Q 146 -6.11 19.72 79.16
CA GLY Q 146 -6.31 20.10 77.79
C GLY Q 146 -6.25 21.61 77.58
N CYS Q 147 -6.51 22.00 76.33
CA CYS Q 147 -6.53 23.39 75.92
C CYS Q 147 -7.79 23.66 75.11
N LEU Q 148 -8.34 24.86 75.23
CA LEU Q 148 -9.55 25.25 74.54
C LEU Q 148 -9.19 26.33 73.50
N VAL Q 149 -9.11 25.93 72.25
CA VAL Q 149 -8.87 26.86 71.14
C VAL Q 149 -10.23 27.41 70.72
N LYS Q 150 -10.46 28.69 70.98
CA LYS Q 150 -11.77 29.30 70.83
C LYS Q 150 -11.71 30.50 69.89
N ASP Q 151 -12.75 30.65 69.07
CA ASP Q 151 -12.96 31.82 68.24
C ASP Q 151 -11.82 32.05 67.25
N TYR Q 152 -11.86 31.36 66.12
CA TYR Q 152 -10.88 31.57 65.06
C TYR Q 152 -11.54 31.33 63.71
N PHE Q 153 -10.95 31.94 62.69
CA PHE Q 153 -11.47 31.85 61.32
C PHE Q 153 -10.41 32.31 60.33
N PRO Q 154 -10.20 31.59 59.23
CA PRO Q 154 -10.86 30.32 58.93
C PRO Q 154 -10.08 29.11 59.46
N GLU Q 155 -10.55 27.92 59.11
CA GLU Q 155 -9.87 26.70 59.50
C GLU Q 155 -8.62 26.50 58.64
N PRO Q 156 -7.66 25.68 59.09
CA PRO Q 156 -7.62 24.95 60.35
C PRO Q 156 -6.58 25.47 61.34
N VAL Q 157 -6.55 24.86 62.53
CA VAL Q 157 -5.52 25.10 63.53
C VAL Q 157 -4.81 23.79 63.80
N THR Q 158 -3.52 23.88 64.10
CA THR Q 158 -2.70 22.72 64.44
C THR Q 158 -2.31 22.83 65.90
N VAL Q 159 -2.64 21.79 66.68
CA VAL Q 159 -2.41 21.78 68.11
C VAL Q 159 -1.44 20.66 68.44
N SER Q 160 -0.30 21.01 69.02
CA SER Q 160 0.68 20.05 69.52
C SER Q 160 0.91 20.31 71.00
N TRP Q 161 1.41 19.29 71.69
CA TRP Q 161 1.61 19.34 73.14
C TRP Q 161 3.09 19.16 73.45
N ASN Q 162 3.68 20.16 74.11
CA ASN Q 162 5.09 20.16 74.49
C ASN Q 162 5.99 19.94 73.26
N SER Q 163 5.94 20.93 72.37
CA SER Q 163 6.66 20.89 71.10
C SER Q 163 6.30 19.66 70.27
N GLY Q 164 5.08 19.14 70.48
CA GLY Q 164 4.65 17.93 69.82
C GLY Q 164 5.27 16.66 70.35
N ALA Q 165 6.22 16.73 71.28
CA ALA Q 165 6.84 15.52 71.81
C ALA Q 165 5.83 14.67 72.58
N LEU Q 166 4.85 15.30 73.22
CA LEU Q 166 3.78 14.58 73.89
C LEU Q 166 2.77 14.14 72.83
N THR Q 167 2.98 12.93 72.31
CA THR Q 167 2.13 12.38 71.25
C THR Q 167 1.05 11.45 71.79
N SER Q 168 1.43 10.48 72.61
CA SER Q 168 0.48 9.49 73.11
C SER Q 168 -0.53 10.15 74.05
N GLY Q 169 -1.77 9.68 73.97
CA GLY Q 169 -2.84 10.19 74.81
C GLY Q 169 -3.47 11.47 74.34
N VAL Q 170 -2.98 12.07 73.25
CA VAL Q 170 -3.48 13.35 72.78
C VAL Q 170 -4.74 13.14 71.96
N HIS Q 171 -5.74 13.98 72.18
CA HIS Q 171 -6.99 13.94 71.43
C HIS Q 171 -7.36 15.37 71.03
N THR Q 172 -7.24 15.68 69.75
CA THR Q 172 -7.60 16.98 69.21
C THR Q 172 -8.97 16.85 68.54
N PHE Q 173 -9.99 17.46 69.13
CA PHE Q 173 -11.35 17.32 68.65
C PHE Q 173 -11.57 18.16 67.39
N PRO Q 174 -12.46 17.71 66.50
CA PRO Q 174 -12.82 18.53 65.34
C PRO Q 174 -13.44 19.85 65.77
N ALA Q 175 -13.26 20.87 64.93
CA ALA Q 175 -13.79 22.19 65.24
C ALA Q 175 -15.32 22.20 65.19
N VAL Q 176 -15.90 23.18 65.88
CA VAL Q 176 -17.33 23.40 65.86
C VAL Q 176 -17.60 24.84 65.43
N LEU Q 177 -18.65 25.03 64.65
CA LEU Q 177 -19.05 26.36 64.20
C LEU Q 177 -19.97 26.97 65.24
N GLN Q 178 -19.44 27.93 65.99
CA GLN Q 178 -20.22 28.57 67.05
C GLN Q 178 -21.27 29.51 66.45
N SER Q 179 -22.17 29.98 67.30
CA SER Q 179 -23.24 30.86 66.86
C SER Q 179 -22.70 32.17 66.29
N SER Q 180 -21.50 32.57 66.68
CA SER Q 180 -20.88 33.78 66.14
C SER Q 180 -20.37 33.60 64.71
N GLY Q 181 -20.52 32.42 64.13
CA GLY Q 181 -19.99 32.16 62.81
C GLY Q 181 -18.50 31.91 62.77
N LEU Q 182 -17.92 31.48 63.88
CA LEU Q 182 -16.48 31.27 63.98
C LEU Q 182 -16.22 29.86 64.54
N TYR Q 183 -15.00 29.39 64.33
CA TYR Q 183 -14.63 28.04 64.73
C TYR Q 183 -14.16 28.00 66.19
N SER Q 184 -14.15 26.80 66.75
CA SER Q 184 -13.70 26.53 68.11
C SER Q 184 -13.59 25.03 68.29
N LEU Q 185 -12.68 24.61 69.17
CA LEU Q 185 -12.49 23.20 69.44
C LEU Q 185 -11.78 23.04 70.78
N SER Q 186 -11.51 21.79 71.15
CA SER Q 186 -10.76 21.46 72.34
C SER Q 186 -9.72 20.41 71.99
N SER Q 187 -8.64 20.38 72.78
CA SER Q 187 -7.56 19.42 72.58
C SER Q 187 -7.09 18.96 73.95
N VAL Q 188 -7.36 17.70 74.28
CA VAL Q 188 -7.07 17.16 75.61
C VAL Q 188 -5.98 16.09 75.49
N VAL Q 189 -5.48 15.67 76.65
CA VAL Q 189 -4.47 14.62 76.72
C VAL Q 189 -4.49 14.03 78.14
N THR Q 190 -4.47 12.70 78.22
CA THR Q 190 -4.45 12.00 79.50
C THR Q 190 -3.03 11.64 79.87
N VAL Q 191 -2.62 12.04 81.06
CA VAL Q 191 -1.25 11.79 81.54
C VAL Q 191 -1.32 11.27 82.97
N PRO Q 192 -0.32 10.50 83.43
CA PRO Q 192 -0.34 10.03 84.82
C PRO Q 192 -0.39 11.20 85.79
N SER Q 193 -1.18 11.01 86.86
CA SER Q 193 -1.36 12.08 87.85
C SER Q 193 -0.06 12.41 88.58
N SER Q 194 0.92 11.49 88.58
CA SER Q 194 2.20 11.78 89.20
C SER Q 194 2.96 12.87 88.44
N SER Q 195 2.74 12.96 87.13
CA SER Q 195 3.41 13.97 86.31
C SER Q 195 2.74 15.34 86.39
N LEU Q 196 1.63 15.46 87.13
CA LEU Q 196 0.97 16.75 87.26
C LEU Q 196 1.82 17.78 88.00
N GLY Q 197 2.77 17.34 88.82
CA GLY Q 197 3.63 18.24 89.55
C GLY Q 197 5.10 18.05 89.23
N THR Q 198 5.41 17.09 88.36
CA THR Q 198 6.79 16.80 87.97
C THR Q 198 6.96 16.85 86.46
N GLN Q 199 6.10 17.59 85.77
CA GLN Q 199 6.17 17.69 84.32
C GLN Q 199 5.38 18.92 83.88
N THR Q 200 5.86 19.58 82.84
CA THR Q 200 5.22 20.77 82.30
C THR Q 200 4.45 20.42 81.04
N TYR Q 201 3.25 21.00 80.90
CA TYR Q 201 2.34 20.70 79.82
C TYR Q 201 1.96 22.00 79.12
N ILE Q 202 2.48 22.21 77.92
CA ILE Q 202 2.24 23.42 77.14
C ILE Q 202 1.68 23.00 75.78
N CYS Q 203 0.48 23.47 75.46
CA CYS Q 203 -0.12 23.22 74.16
C CYS Q 203 0.34 24.29 73.17
N ASN Q 204 0.77 23.85 72.00
CA ASN Q 204 1.29 24.75 70.96
C ASN Q 204 0.23 24.85 69.87
N VAL Q 205 -0.41 26.01 69.77
CA VAL Q 205 -1.49 26.25 68.81
C VAL Q 205 -0.95 27.16 67.72
N ASN Q 206 -1.18 26.77 66.46
CA ASN Q 206 -0.72 27.53 65.31
C ASN Q 206 -1.89 27.77 64.37
N HIS Q 207 -2.07 29.02 63.96
CA HIS Q 207 -3.13 29.40 63.02
C HIS Q 207 -2.48 30.24 61.91
N LYS Q 208 -2.20 29.59 60.79
CA LYS Q 208 -1.50 30.27 59.70
C LYS Q 208 -2.28 31.43 59.08
N PRO Q 209 -3.61 31.36 58.88
CA PRO Q 209 -4.31 32.50 58.27
C PRO Q 209 -4.16 33.82 59.03
N SER Q 210 -3.72 33.78 60.28
CA SER Q 210 -3.48 34.99 61.05
C SER Q 210 -2.05 35.10 61.57
N ASN Q 211 -1.17 34.20 61.12
CA ASN Q 211 0.23 34.18 61.57
C ASN Q 211 0.32 34.10 63.09
N THR Q 212 -0.62 33.36 63.69
CA THR Q 212 -0.74 33.25 65.13
C THR Q 212 -0.10 31.94 65.59
N LYS Q 213 0.86 32.05 66.51
CA LYS Q 213 1.51 30.89 67.13
C LYS Q 213 1.55 31.16 68.63
N VAL Q 214 0.54 30.67 69.34
CA VAL Q 214 0.37 30.94 70.77
C VAL Q 214 0.56 29.65 71.56
N ASP Q 215 1.14 29.78 72.74
CA ASP Q 215 1.33 28.69 73.68
C ASP Q 215 0.55 29.01 74.97
N LYS Q 216 0.40 27.99 75.81
CA LYS Q 216 -0.34 28.15 77.05
C LYS Q 216 0.00 27.02 78.00
N ARG Q 217 0.21 27.36 79.27
CA ARG Q 217 0.43 26.35 80.29
C ARG Q 217 -0.88 25.67 80.66
N VAL Q 218 -0.74 24.50 81.30
CA VAL Q 218 -1.87 23.83 81.93
C VAL Q 218 -1.42 23.36 83.32
N GLU Q 219 -1.87 24.07 84.35
CA GLU Q 219 -1.51 23.74 85.73
C GLU Q 219 -2.74 23.35 86.53
N PRO Q 220 -2.58 22.46 87.54
CA PRO Q 220 -3.67 22.07 88.44
C PRO Q 220 -4.30 23.27 89.14
N ASP R 3 -29.18 -44.08 5.63
CA ASP R 3 -29.88 -43.44 4.52
C ASP R 3 -31.22 -42.87 4.97
N ILE R 4 -31.57 -41.69 4.44
CA ILE R 4 -32.85 -41.06 4.70
C ILE R 4 -33.79 -41.39 3.54
N VAL R 5 -34.97 -41.90 3.87
CA VAL R 5 -35.93 -42.37 2.87
C VAL R 5 -36.88 -41.22 2.53
N MET R 6 -37.07 -40.99 1.23
CA MET R 6 -37.97 -39.95 0.74
C MET R 6 -39.22 -40.62 0.18
N THR R 7 -40.37 -40.28 0.76
CA THR R 7 -41.65 -40.87 0.38
C THR R 7 -42.52 -39.76 -0.23
N GLN R 8 -42.63 -39.76 -1.55
CA GLN R 8 -43.46 -38.79 -2.24
C GLN R 8 -44.90 -39.27 -2.30
N SER R 9 -45.82 -38.31 -2.23
CA SER R 9 -47.24 -38.61 -2.28
C SER R 9 -47.96 -37.46 -2.99
N PRO R 10 -48.81 -37.75 -3.98
CA PRO R 10 -49.09 -39.11 -4.45
C PRO R 10 -48.08 -39.59 -5.48
N SER R 11 -48.31 -40.78 -6.05
CA SER R 11 -47.45 -41.30 -7.09
C SER R 11 -47.84 -40.77 -8.45
N SER R 12 -49.14 -40.68 -8.73
CA SER R 12 -49.67 -40.12 -9.96
C SER R 12 -50.63 -38.99 -9.61
N LEU R 13 -50.49 -37.85 -10.29
CA LEU R 13 -51.28 -36.65 -9.99
C LEU R 13 -51.83 -36.06 -11.28
N PRO R 14 -52.99 -36.53 -11.73
CA PRO R 14 -53.67 -35.85 -12.84
C PRO R 14 -54.28 -34.54 -12.37
N VAL R 15 -54.07 -33.47 -13.15
CA VAL R 15 -54.56 -32.14 -12.79
C VAL R 15 -55.12 -31.49 -14.05
N THR R 16 -56.31 -30.91 -13.92
CA THR R 16 -56.88 -30.13 -15.02
C THR R 16 -56.08 -28.85 -15.21
N PRO R 17 -55.76 -28.48 -16.46
CA PRO R 17 -55.07 -27.21 -16.69
C PRO R 17 -55.86 -26.04 -16.14
N GLY R 18 -55.15 -25.07 -15.58
CA GLY R 18 -55.77 -23.94 -14.93
C GLY R 18 -56.23 -24.17 -13.51
N GLU R 19 -55.79 -25.26 -12.89
CA GLU R 19 -56.18 -25.63 -11.53
C GLU R 19 -54.93 -25.89 -10.69
N PRO R 20 -55.02 -25.71 -9.38
CA PRO R 20 -53.84 -25.90 -8.52
C PRO R 20 -53.55 -27.38 -8.31
N ALA R 21 -52.41 -27.63 -7.67
CA ALA R 21 -51.96 -28.98 -7.37
C ALA R 21 -50.99 -28.93 -6.20
N SER R 22 -50.79 -30.08 -5.57
CA SER R 22 -49.93 -30.18 -4.40
C SER R 22 -49.25 -31.54 -4.37
N ILE R 23 -47.93 -31.53 -4.19
CA ILE R 23 -47.14 -32.75 -4.05
C ILE R 23 -46.40 -32.66 -2.73
N SER R 24 -46.62 -33.64 -1.86
CA SER R 24 -45.99 -33.68 -0.54
C SER R 24 -44.82 -34.63 -0.55
N CYS R 25 -43.65 -34.15 -0.12
CA CYS R 25 -42.44 -34.96 0.01
C CYS R 25 -42.12 -35.11 1.49
N ARG R 26 -42.07 -36.35 1.96
CA ARG R 26 -41.86 -36.65 3.38
C ARG R 26 -40.60 -37.48 3.53
N SER R 27 -39.70 -37.02 4.39
CA SER R 27 -38.45 -37.71 4.67
C SER R 27 -38.57 -38.53 5.94
N SER R 28 -37.51 -39.30 6.23
CA SER R 28 -37.45 -40.11 7.44
C SER R 28 -36.61 -39.46 8.54
N GLN R 29 -35.80 -38.46 8.21
CA GLN R 29 -34.99 -37.75 9.17
C GLN R 29 -35.15 -36.26 8.97
N SER R 30 -34.88 -35.50 10.03
CA SER R 30 -35.02 -34.05 9.97
C SER R 30 -34.02 -33.46 8.99
N LEU R 31 -34.52 -32.66 8.04
CA LEU R 31 -33.69 -31.99 7.05
C LEU R 31 -33.43 -30.53 7.40
N LEU R 32 -33.49 -30.20 8.69
CA LEU R 32 -33.29 -28.83 9.18
C LEU R 32 -31.93 -28.77 9.86
N HIS R 33 -30.94 -28.23 9.16
CA HIS R 33 -29.66 -27.96 9.79
C HIS R 33 -29.80 -26.82 10.79
N SER R 34 -28.86 -26.75 11.72
CA SER R 34 -28.87 -25.68 12.72
C SER R 34 -28.86 -24.29 12.09
N ASN R 35 -28.46 -24.18 10.82
CA ASN R 35 -28.51 -22.90 10.11
C ASN R 35 -29.92 -22.36 9.98
N GLY R 36 -30.94 -23.22 10.10
CA GLY R 36 -32.30 -22.88 9.79
C GLY R 36 -32.68 -23.18 8.36
N TYR R 37 -31.73 -23.13 7.44
CA TYR R 37 -31.97 -23.47 6.05
C TYR R 37 -32.22 -24.97 5.93
N ASN R 38 -33.44 -25.34 5.57
CA ASN R 38 -33.76 -26.74 5.32
C ASN R 38 -33.21 -27.14 3.96
N TYR R 39 -32.47 -28.24 3.91
CA TYR R 39 -31.79 -28.67 2.69
C TYR R 39 -32.68 -29.68 1.98
N LEU R 40 -33.63 -29.16 1.21
CA LEU R 40 -34.47 -29.97 0.34
C LEU R 40 -34.66 -29.22 -0.96
N ASP R 41 -34.51 -29.92 -2.09
CA ASP R 41 -34.65 -29.32 -3.40
C ASP R 41 -35.72 -30.05 -4.20
N TRP R 42 -36.43 -29.30 -5.04
CA TRP R 42 -37.47 -29.84 -5.90
C TRP R 42 -36.99 -29.81 -7.35
N TYR R 43 -37.03 -30.96 -8.00
CA TYR R 43 -36.61 -31.09 -9.39
C TYR R 43 -37.78 -31.50 -10.26
N LEU R 44 -37.78 -30.99 -11.49
CA LEU R 44 -38.80 -31.34 -12.49
C LEU R 44 -38.07 -31.90 -13.70
N GLN R 45 -38.31 -33.18 -13.99
CA GLN R 45 -37.74 -33.84 -15.17
C GLN R 45 -38.83 -33.85 -16.24
N LYS R 46 -38.76 -32.87 -17.13
CA LYS R 46 -39.73 -32.76 -18.21
C LYS R 46 -39.61 -33.95 -19.15
N PRO R 47 -40.67 -34.29 -19.89
CA PRO R 47 -40.64 -35.48 -20.75
C PRO R 47 -39.50 -35.43 -21.75
N GLY R 48 -38.59 -36.39 -21.61
CA GLY R 48 -37.44 -36.48 -22.48
C GLY R 48 -36.45 -35.34 -22.29
N GLN R 49 -36.10 -35.05 -21.04
CA GLN R 49 -35.22 -33.95 -20.72
C GLN R 49 -34.35 -34.31 -19.53
N SER R 50 -33.37 -33.46 -19.25
CA SER R 50 -32.54 -33.63 -18.07
C SER R 50 -33.23 -33.01 -16.84
N PRO R 51 -32.95 -33.53 -15.66
CA PRO R 51 -33.54 -32.94 -14.44
C PRO R 51 -33.12 -31.49 -14.27
N GLN R 52 -34.10 -30.65 -13.95
CA GLN R 52 -33.87 -29.23 -13.70
C GLN R 52 -34.43 -28.86 -12.34
N LEU R 53 -33.88 -27.78 -11.78
CA LEU R 53 -34.22 -27.37 -10.42
C LEU R 53 -35.36 -26.35 -10.44
N LEU R 54 -36.34 -26.55 -9.57
CA LEU R 54 -37.48 -25.65 -9.43
C LEU R 54 -37.49 -24.91 -8.10
N ILE R 55 -37.35 -25.63 -6.99
CA ILE R 55 -37.32 -25.04 -5.66
C ILE R 55 -36.05 -25.52 -4.96
N TYR R 56 -35.28 -24.59 -4.41
CA TYR R 56 -34.05 -24.92 -3.70
C TYR R 56 -34.14 -24.42 -2.26
N LEU R 57 -33.48 -25.15 -1.37
CA LEU R 57 -33.38 -24.83 0.05
C LEU R 57 -34.74 -24.82 0.75
N GLY R 58 -35.72 -25.54 0.20
CA GLY R 58 -37.01 -25.67 0.86
C GLY R 58 -38.11 -24.84 0.23
N SER R 59 -38.00 -23.51 0.31
CA SER R 59 -39.00 -22.62 -0.21
C SER R 59 -38.47 -21.59 -1.20
N ASN R 60 -37.16 -21.43 -1.32
CA ASN R 60 -36.60 -20.43 -2.22
C ASN R 60 -36.75 -20.90 -3.66
N ARG R 61 -37.47 -20.10 -4.45
CA ARG R 61 -37.72 -20.44 -5.84
C ARG R 61 -36.44 -20.33 -6.66
N ALA R 62 -36.22 -21.31 -7.53
CA ALA R 62 -35.00 -21.34 -8.32
C ALA R 62 -35.02 -20.25 -9.39
N SER R 63 -33.91 -20.11 -10.10
CA SER R 63 -33.74 -19.06 -11.08
C SER R 63 -34.67 -19.25 -12.28
N GLY R 64 -35.25 -18.14 -12.74
CA GLY R 64 -36.12 -18.16 -13.90
C GLY R 64 -37.41 -18.94 -13.73
N VAL R 65 -37.70 -19.47 -12.56
CA VAL R 65 -38.93 -20.25 -12.35
C VAL R 65 -40.09 -19.28 -12.16
N PRO R 66 -41.23 -19.50 -12.83
CA PRO R 66 -42.36 -18.59 -12.66
C PRO R 66 -42.88 -18.60 -11.23
N ASP R 67 -43.46 -17.46 -10.83
CA ASP R 67 -43.99 -17.33 -9.47
C ASP R 67 -45.17 -18.25 -9.20
N ARG R 68 -45.64 -18.98 -10.21
CA ARG R 68 -46.72 -19.95 -10.01
C ARG R 68 -46.29 -21.12 -9.15
N PHE R 69 -44.99 -21.38 -9.03
CA PHE R 69 -44.48 -22.46 -8.20
C PHE R 69 -44.14 -21.93 -6.81
N SER R 70 -44.22 -22.83 -5.82
CA SER R 70 -43.95 -22.44 -4.44
C SER R 70 -43.63 -23.69 -3.62
N GLY R 71 -42.71 -23.53 -2.68
CA GLY R 71 -42.36 -24.60 -1.77
C GLY R 71 -42.61 -24.18 -0.33
N SER R 72 -42.83 -25.17 0.52
CA SER R 72 -43.12 -24.92 1.93
C SER R 72 -42.79 -26.16 2.73
N GLY R 73 -43.08 -26.12 4.02
CA GLY R 73 -42.81 -27.22 4.92
C GLY R 73 -41.46 -27.12 5.59
N SER R 74 -41.28 -27.94 6.62
CA SER R 74 -40.03 -27.95 7.37
C SER R 74 -39.87 -29.28 8.08
N GLY R 75 -38.63 -29.61 8.41
CA GLY R 75 -38.32 -30.80 9.17
C GLY R 75 -38.42 -32.09 8.37
N THR R 76 -39.57 -32.76 8.48
CA THR R 76 -39.77 -34.05 7.82
C THR R 76 -40.98 -34.06 6.89
N ASP R 77 -41.65 -32.93 6.70
CA ASP R 77 -42.81 -32.86 5.81
C ASP R 77 -42.75 -31.56 5.03
N PHE R 78 -42.80 -31.67 3.70
CA PHE R 78 -42.74 -30.52 2.81
C PHE R 78 -43.82 -30.64 1.76
N THR R 79 -44.03 -29.56 1.00
CA THR R 79 -45.09 -29.52 0.01
C THR R 79 -44.70 -28.59 -1.13
N LEU R 80 -44.79 -29.08 -2.36
CA LEU R 80 -44.63 -28.28 -3.56
C LEU R 80 -46.01 -27.93 -4.11
N LYS R 81 -46.26 -26.64 -4.31
CA LYS R 81 -47.56 -26.15 -4.73
C LYS R 81 -47.43 -25.37 -6.02
N ILE R 82 -48.42 -25.53 -6.90
CA ILE R 82 -48.54 -24.75 -8.13
C ILE R 82 -49.88 -24.02 -8.09
N SER R 83 -49.84 -22.71 -8.35
CA SER R 83 -51.07 -21.93 -8.33
C SER R 83 -52.00 -22.31 -9.48
N ARG R 84 -51.48 -22.23 -10.71
CA ARG R 84 -52.25 -22.59 -11.90
C ARG R 84 -51.34 -23.40 -12.82
N VAL R 85 -51.57 -24.72 -12.87
CA VAL R 85 -50.76 -25.57 -13.74
C VAL R 85 -51.10 -25.28 -15.20
N GLU R 86 -50.11 -25.46 -16.07
CA GLU R 86 -50.28 -25.27 -17.50
C GLU R 86 -49.63 -26.45 -18.23
N ALA R 87 -49.65 -26.38 -19.57
CA ALA R 87 -49.19 -27.51 -20.37
C ALA R 87 -47.69 -27.75 -20.19
N GLU R 88 -46.91 -26.67 -20.11
CA GLU R 88 -45.46 -26.81 -19.99
C GLU R 88 -45.01 -27.34 -18.63
N ASP R 89 -45.94 -27.70 -17.75
CA ASP R 89 -45.62 -28.17 -16.41
C ASP R 89 -45.72 -29.69 -16.28
N VAL R 90 -45.85 -30.41 -17.39
CA VAL R 90 -45.95 -31.87 -17.34
C VAL R 90 -44.56 -32.47 -17.13
N GLY R 91 -44.53 -33.64 -16.51
CA GLY R 91 -43.29 -34.33 -16.24
C GLY R 91 -43.37 -35.09 -14.93
N VAL R 92 -42.20 -35.39 -14.38
CA VAL R 92 -42.09 -36.11 -13.12
C VAL R 92 -41.29 -35.24 -12.16
N TYR R 93 -41.83 -35.02 -10.97
CA TYR R 93 -41.22 -34.16 -9.95
C TYR R 93 -40.53 -35.01 -8.90
N TYR R 94 -39.25 -34.73 -8.66
CA TYR R 94 -38.47 -35.41 -7.64
C TYR R 94 -38.04 -34.41 -6.57
N CYS R 95 -37.98 -34.90 -5.33
CA CYS R 95 -37.42 -34.13 -4.21
C CYS R 95 -36.14 -34.81 -3.75
N LYS R 96 -35.11 -34.00 -3.50
CA LYS R 96 -33.78 -34.49 -3.21
C LYS R 96 -33.43 -34.26 -1.75
N GLN R 97 -32.91 -35.30 -1.10
CA GLN R 97 -32.64 -35.25 0.33
C GLN R 97 -31.69 -34.11 0.69
N ALA R 98 -30.69 -33.85 -0.16
CA ALA R 98 -29.64 -32.88 0.14
C ALA R 98 -29.03 -33.15 1.50
N LEU R 99 -28.65 -32.09 2.23
CA LEU R 99 -28.06 -32.22 3.56
C LEU R 99 -26.87 -33.18 3.52
N GLN R 100 -27.13 -34.46 3.77
CA GLN R 100 -26.10 -35.47 3.64
C GLN R 100 -25.77 -35.67 2.17
N THR R 101 -24.48 -35.73 1.84
CA THR R 101 -24.07 -35.89 0.44
C THR R 101 -24.64 -37.15 -0.18
N LEU R 102 -25.14 -38.08 0.65
CA LEU R 102 -25.90 -39.23 0.17
C LEU R 102 -27.26 -38.77 -0.36
N TYR R 103 -27.26 -38.05 -1.48
CA TYR R 103 -28.49 -37.45 -1.99
C TYR R 103 -29.46 -38.54 -2.44
N THR R 104 -30.54 -38.73 -1.69
CA THR R 104 -31.57 -39.71 -2.01
C THR R 104 -32.78 -38.97 -2.59
N PHE R 105 -33.05 -39.20 -3.87
CA PHE R 105 -34.24 -38.65 -4.49
C PHE R 105 -35.46 -39.50 -4.16
N GLY R 106 -36.64 -38.91 -4.35
CA GLY R 106 -37.89 -39.61 -4.12
C GLY R 106 -38.28 -40.50 -5.28
N GLN R 107 -39.43 -41.15 -5.14
CA GLN R 107 -39.93 -42.00 -6.20
C GLN R 107 -40.37 -41.19 -7.41
N GLY R 108 -40.80 -39.96 -7.20
CA GLY R 108 -41.25 -39.11 -8.28
C GLY R 108 -42.76 -39.13 -8.41
N THR R 109 -43.32 -38.01 -8.88
CA THR R 109 -44.76 -37.85 -9.05
C THR R 109 -45.02 -37.37 -10.47
N LYS R 110 -45.65 -38.23 -11.28
CA LYS R 110 -45.98 -37.87 -12.65
C LYS R 110 -47.20 -36.97 -12.69
N LEU R 111 -47.16 -35.97 -13.58
CA LEU R 111 -48.23 -34.99 -13.72
C LEU R 111 -48.88 -35.17 -15.09
N GLU R 112 -50.08 -35.76 -15.10
CA GLU R 112 -50.84 -35.96 -16.32
C GLU R 112 -51.91 -34.88 -16.48
N ILE R 113 -52.41 -34.76 -17.70
CA ILE R 113 -53.52 -33.87 -18.02
C ILE R 113 -54.82 -34.67 -17.93
N LYS R 114 -55.92 -33.98 -17.63
CA LYS R 114 -57.23 -34.60 -17.53
C LYS R 114 -58.01 -34.35 -18.82
N ARG R 115 -58.64 -35.41 -19.33
CA ARG R 115 -59.31 -35.38 -20.62
C ARG R 115 -60.67 -36.09 -20.53
N THR R 116 -61.23 -36.15 -19.33
CA THR R 116 -62.44 -36.93 -19.04
C THR R 116 -62.22 -38.39 -19.36
N VAL R 117 -63.25 -39.21 -19.20
CA VAL R 117 -63.12 -40.64 -19.43
C VAL R 117 -63.21 -40.92 -20.92
N ALA R 118 -62.27 -41.69 -21.43
CA ALA R 118 -62.18 -42.01 -22.85
C ALA R 118 -62.28 -43.51 -23.05
N ALA R 119 -63.03 -43.92 -24.06
CA ALA R 119 -63.23 -45.34 -24.34
C ALA R 119 -62.07 -45.86 -25.21
N PRO R 120 -61.48 -47.01 -24.87
CA PRO R 120 -60.39 -47.55 -25.68
C PRO R 120 -60.93 -48.35 -26.87
N SER R 121 -60.62 -47.88 -28.08
CA SER R 121 -61.00 -48.60 -29.29
C SER R 121 -60.11 -49.83 -29.45
N VAL R 122 -60.69 -51.01 -29.23
CA VAL R 122 -59.93 -52.25 -29.20
C VAL R 122 -59.90 -52.86 -30.60
N PHE R 123 -58.72 -53.28 -31.04
CA PHE R 123 -58.55 -53.99 -32.29
C PHE R 123 -57.60 -55.16 -32.07
N ILE R 124 -57.64 -56.11 -33.00
CA ILE R 124 -56.76 -57.28 -32.96
C ILE R 124 -56.29 -57.59 -34.38
N PHE R 125 -55.02 -57.92 -34.51
CA PHE R 125 -54.40 -58.19 -35.81
C PHE R 125 -53.85 -59.61 -35.83
N PRO R 126 -54.35 -60.49 -36.68
CA PRO R 126 -53.77 -61.84 -36.79
C PRO R 126 -52.39 -61.79 -37.40
N PRO R 127 -51.55 -62.79 -37.15
CA PRO R 127 -50.21 -62.81 -37.76
C PRO R 127 -50.31 -62.87 -39.28
N SER R 128 -49.29 -62.31 -39.94
CA SER R 128 -49.25 -62.32 -41.39
C SER R 128 -48.68 -63.64 -41.90
N ASP R 129 -49.12 -64.02 -43.10
CA ASP R 129 -48.59 -65.22 -43.73
C ASP R 129 -47.09 -65.09 -44.01
N GLU R 130 -46.62 -63.86 -44.23
CA GLU R 130 -45.20 -63.65 -44.45
C GLU R 130 -44.38 -63.89 -43.18
N GLN R 131 -44.95 -63.57 -42.01
CA GLN R 131 -44.23 -63.79 -40.77
C GLN R 131 -44.22 -65.25 -40.37
N LEU R 132 -45.35 -65.95 -40.54
CA LEU R 132 -45.41 -67.38 -40.26
C LEU R 132 -44.51 -68.18 -41.20
N LYS R 133 -44.11 -67.60 -42.33
CA LYS R 133 -43.13 -68.23 -43.20
C LYS R 133 -41.77 -68.35 -42.52
N SER R 134 -41.49 -67.50 -41.54
CA SER R 134 -40.21 -67.52 -40.83
C SER R 134 -40.25 -68.35 -39.55
N GLY R 135 -41.41 -68.84 -39.13
CA GLY R 135 -41.51 -69.67 -37.96
C GLY R 135 -41.88 -68.96 -36.67
N THR R 136 -42.54 -67.81 -36.75
CA THR R 136 -42.94 -67.07 -35.56
C THR R 136 -44.26 -66.38 -35.82
N ALA R 137 -45.14 -66.39 -34.82
CA ALA R 137 -46.45 -65.76 -34.91
C ALA R 137 -46.57 -64.68 -33.84
N SER R 138 -46.91 -63.47 -34.26
CA SER R 138 -47.07 -62.33 -33.35
C SER R 138 -48.48 -61.78 -33.51
N VAL R 139 -49.28 -61.87 -32.47
CA VAL R 139 -50.64 -61.35 -32.44
C VAL R 139 -50.61 -60.02 -31.70
N VAL R 140 -51.03 -58.95 -32.37
CA VAL R 140 -50.97 -57.59 -31.84
C VAL R 140 -52.37 -57.15 -31.43
N CYS R 141 -52.50 -56.67 -30.21
CA CYS R 141 -53.73 -56.07 -29.72
C CYS R 141 -53.54 -54.57 -29.61
N LEU R 142 -54.54 -53.81 -30.06
CA LEU R 142 -54.44 -52.35 -30.15
C LEU R 142 -55.47 -51.70 -29.25
N LEU R 143 -55.00 -50.82 -28.36
CA LEU R 143 -55.85 -49.98 -27.52
C LEU R 143 -55.59 -48.54 -27.92
N ASN R 144 -56.59 -47.88 -28.48
CA ASN R 144 -56.42 -46.57 -29.09
C ASN R 144 -57.20 -45.51 -28.31
N ASN R 145 -56.49 -44.46 -27.88
CA ASN R 145 -57.09 -43.26 -27.31
C ASN R 145 -57.98 -43.57 -26.11
N PHE R 146 -57.38 -43.67 -24.92
CA PHE R 146 -58.13 -43.93 -23.71
C PHE R 146 -57.55 -43.10 -22.58
N TYR R 147 -58.34 -42.96 -21.52
CA TYR R 147 -57.91 -42.28 -20.30
C TYR R 147 -58.73 -42.79 -19.11
N PRO R 148 -58.09 -43.07 -17.96
CA PRO R 148 -56.66 -42.87 -17.67
C PRO R 148 -55.73 -43.93 -18.26
N ARG R 149 -54.47 -43.90 -17.82
CA ARG R 149 -53.45 -44.79 -18.38
C ARG R 149 -53.66 -46.22 -17.91
N GLU R 150 -54.12 -46.41 -16.67
CA GLU R 150 -54.25 -47.74 -16.10
C GLU R 150 -55.21 -48.59 -16.93
N ALA R 151 -54.69 -49.71 -17.47
CA ALA R 151 -55.49 -50.60 -18.29
C ALA R 151 -54.99 -52.02 -18.11
N LYS R 152 -55.91 -52.97 -18.27
CA LYS R 152 -55.62 -54.39 -18.14
C LYS R 152 -55.84 -55.08 -19.48
N VAL R 153 -54.86 -55.87 -19.92
CA VAL R 153 -54.94 -56.59 -21.18
C VAL R 153 -54.69 -58.07 -20.89
N GLN R 154 -55.67 -58.91 -21.21
CA GLN R 154 -55.61 -60.34 -20.94
C GLN R 154 -55.79 -61.11 -22.25
N TRP R 155 -54.79 -61.90 -22.60
CA TRP R 155 -54.84 -62.73 -23.79
C TRP R 155 -55.54 -64.05 -23.50
N LYS R 156 -56.22 -64.58 -24.51
CA LYS R 156 -56.92 -65.86 -24.41
C LYS R 156 -56.68 -66.67 -25.68
N VAL R 157 -55.91 -67.74 -25.55
CA VAL R 157 -55.71 -68.69 -26.64
C VAL R 157 -56.56 -69.92 -26.32
N ASP R 158 -57.58 -70.17 -27.15
CA ASP R 158 -58.59 -71.21 -26.87
C ASP R 158 -59.23 -70.97 -25.51
N ASN R 159 -59.77 -69.77 -25.35
CA ASN R 159 -60.36 -69.23 -24.12
C ASN R 159 -59.55 -69.56 -22.87
N ALA R 160 -58.25 -69.79 -23.04
CA ALA R 160 -57.34 -70.07 -21.93
C ALA R 160 -56.40 -68.88 -21.74
N LEU R 161 -56.27 -68.41 -20.50
CA LEU R 161 -55.50 -67.21 -20.23
C LEU R 161 -54.01 -67.47 -20.38
N GLN R 162 -53.33 -66.55 -21.06
CA GLN R 162 -51.90 -66.64 -21.29
C GLN R 162 -51.14 -65.82 -20.26
N SER R 163 -49.84 -66.13 -20.13
CA SER R 163 -49.00 -65.43 -19.17
C SER R 163 -47.53 -65.67 -19.54
N GLY R 164 -46.74 -64.60 -19.55
CA GLY R 164 -45.32 -64.69 -19.78
C GLY R 164 -44.88 -64.65 -21.23
N ASN R 165 -45.82 -64.64 -22.19
CA ASN R 165 -45.49 -64.62 -23.60
C ASN R 165 -45.98 -63.37 -24.31
N SER R 166 -46.40 -62.35 -23.56
CA SER R 166 -46.87 -61.10 -24.15
C SER R 166 -46.11 -59.92 -23.55
N GLN R 167 -45.90 -58.90 -24.39
CA GLN R 167 -45.19 -57.70 -23.98
C GLN R 167 -45.95 -56.50 -24.52
N GLU R 168 -46.20 -55.51 -23.66
CA GLU R 168 -46.98 -54.35 -24.04
C GLU R 168 -46.17 -53.07 -23.93
N SER R 169 -46.48 -52.12 -24.81
CA SER R 169 -45.87 -50.80 -24.80
C SER R 169 -46.95 -49.75 -24.95
N VAL R 170 -46.73 -48.60 -24.32
CA VAL R 170 -47.72 -47.52 -24.28
C VAL R 170 -47.08 -46.25 -24.80
N THR R 171 -47.86 -45.46 -25.55
CA THR R 171 -47.39 -44.19 -26.06
C THR R 171 -47.40 -43.12 -24.96
N GLU R 172 -46.74 -42.01 -25.23
CA GLU R 172 -46.79 -40.87 -24.33
C GLU R 172 -48.16 -40.18 -24.46
N GLN R 173 -48.45 -39.31 -23.50
CA GLN R 173 -49.68 -38.54 -23.53
C GLN R 173 -49.71 -37.66 -24.78
N ASP R 174 -50.78 -37.77 -25.56
CA ASP R 174 -50.88 -37.03 -26.80
C ASP R 174 -50.89 -35.53 -26.54
N SER R 175 -50.25 -34.78 -27.43
CA SER R 175 -50.12 -33.34 -27.24
C SER R 175 -51.42 -32.60 -27.50
N LYS R 176 -52.39 -33.23 -28.18
CA LYS R 176 -53.63 -32.56 -28.55
C LYS R 176 -54.81 -33.05 -27.73
N ASP R 177 -55.09 -34.36 -27.72
CA ASP R 177 -56.23 -34.90 -27.02
C ASP R 177 -55.85 -35.61 -25.72
N SER R 178 -54.59 -35.53 -25.30
CA SER R 178 -54.13 -36.04 -24.00
C SER R 178 -54.53 -37.50 -23.78
N THR R 179 -54.61 -38.27 -24.86
CA THR R 179 -54.98 -39.67 -24.78
C THR R 179 -53.74 -40.56 -24.76
N TYR R 180 -53.96 -41.81 -24.37
CA TYR R 180 -52.92 -42.83 -24.37
C TYR R 180 -53.27 -43.93 -25.36
N SER R 181 -52.25 -44.57 -25.90
CA SER R 181 -52.42 -45.71 -26.79
C SER R 181 -51.50 -46.83 -26.31
N LEU R 182 -52.05 -48.04 -26.22
CA LEU R 182 -51.30 -49.20 -25.73
C LEU R 182 -51.39 -50.33 -26.75
N SER R 183 -50.25 -50.97 -27.00
CA SER R 183 -50.17 -52.09 -27.93
C SER R 183 -49.56 -53.28 -27.20
N SER R 184 -50.24 -54.42 -27.25
CA SER R 184 -49.79 -55.65 -26.63
C SER R 184 -49.58 -56.70 -27.71
N THR R 185 -48.35 -57.20 -27.84
CA THR R 185 -48.01 -58.20 -28.85
C THR R 185 -47.85 -59.56 -28.18
N LEU R 186 -48.45 -60.59 -28.77
CA LEU R 186 -48.38 -61.95 -28.26
C LEU R 186 -47.46 -62.75 -29.17
N THR R 187 -46.29 -63.11 -28.66
CA THR R 187 -45.27 -63.81 -29.43
C THR R 187 -45.39 -65.31 -29.20
N LEU R 188 -45.73 -66.05 -30.25
CA LEU R 188 -45.84 -67.49 -30.22
C LEU R 188 -44.92 -68.11 -31.28
N SER R 189 -44.56 -69.36 -31.05
CA SER R 189 -43.87 -70.13 -32.08
C SER R 189 -44.88 -70.58 -33.13
N LYS R 190 -44.37 -70.86 -34.33
CA LYS R 190 -45.25 -71.31 -35.40
C LYS R 190 -45.91 -72.65 -35.08
N ALA R 191 -45.26 -73.47 -34.25
CA ALA R 191 -45.85 -74.74 -33.87
C ALA R 191 -47.04 -74.56 -32.95
N ASP R 192 -46.88 -73.76 -31.89
CA ASP R 192 -47.97 -73.57 -30.94
C ASP R 192 -49.10 -72.75 -31.52
N TYR R 193 -48.81 -71.89 -32.51
CA TYR R 193 -49.86 -71.08 -33.11
C TYR R 193 -50.85 -71.95 -33.88
N GLU R 194 -50.34 -72.90 -34.66
CA GLU R 194 -51.20 -73.82 -35.40
C GLU R 194 -51.80 -74.91 -34.53
N LYS R 195 -51.32 -75.05 -33.28
CA LYS R 195 -51.89 -76.01 -32.35
C LYS R 195 -53.23 -75.57 -31.78
N HIS R 196 -53.63 -74.31 -32.00
CA HIS R 196 -54.85 -73.77 -31.44
C HIS R 196 -55.59 -72.99 -32.51
N LYS R 197 -56.76 -72.46 -32.15
CA LYS R 197 -57.66 -71.85 -33.13
C LYS R 197 -58.14 -70.47 -32.69
N VAL R 198 -58.70 -70.38 -31.49
CA VAL R 198 -59.32 -69.14 -31.02
C VAL R 198 -58.26 -68.28 -30.33
N TYR R 199 -58.23 -67.00 -30.70
CA TYR R 199 -57.32 -66.03 -30.10
C TYR R 199 -58.12 -64.78 -29.75
N ALA R 200 -58.11 -64.42 -28.47
CA ALA R 200 -58.93 -63.32 -27.97
C ALA R 200 -58.07 -62.32 -27.22
N CYS R 201 -58.60 -61.10 -27.09
CA CYS R 201 -57.95 -60.02 -26.35
C CYS R 201 -59.00 -59.34 -25.48
N GLU R 202 -58.92 -59.57 -24.18
CA GLU R 202 -59.87 -59.00 -23.23
C GLU R 202 -59.28 -57.74 -22.61
N VAL R 203 -60.03 -56.65 -22.64
CA VAL R 203 -59.57 -55.34 -22.17
C VAL R 203 -60.50 -54.86 -21.07
N THR R 204 -59.91 -54.47 -19.94
CA THR R 204 -60.64 -53.89 -18.82
C THR R 204 -60.13 -52.48 -18.59
N HIS R 205 -61.05 -51.53 -18.47
CA HIS R 205 -60.68 -50.12 -18.35
C HIS R 205 -61.76 -49.39 -17.56
N GLN R 206 -61.38 -48.23 -17.02
CA GLN R 206 -62.35 -47.41 -16.28
C GLN R 206 -63.49 -46.96 -17.17
N GLY R 207 -63.21 -46.73 -18.46
CA GLY R 207 -64.21 -46.31 -19.42
C GLY R 207 -65.07 -47.40 -20.00
N LEU R 208 -64.99 -48.61 -19.46
CA LEU R 208 -65.79 -49.73 -19.90
C LEU R 208 -66.56 -50.29 -18.71
N SER R 209 -67.89 -50.22 -18.78
CA SER R 209 -68.72 -50.82 -17.73
C SER R 209 -68.48 -52.32 -17.63
N SER R 210 -68.25 -52.96 -18.77
CA SER R 210 -67.90 -54.37 -18.84
C SER R 210 -66.75 -54.55 -19.81
N PRO R 211 -65.88 -55.53 -19.56
CA PRO R 211 -64.71 -55.73 -20.44
C PRO R 211 -65.13 -56.03 -21.88
N VAL R 212 -64.23 -55.69 -22.81
CA VAL R 212 -64.46 -55.83 -24.24
C VAL R 212 -63.47 -56.85 -24.79
N THR R 213 -63.95 -57.73 -25.68
CA THR R 213 -63.13 -58.78 -26.26
C THR R 213 -63.26 -58.76 -27.78
N LYS R 214 -62.13 -58.78 -28.46
CA LYS R 214 -62.06 -58.92 -29.92
C LYS R 214 -61.32 -60.20 -30.24
N SER R 215 -61.88 -61.01 -31.13
CA SER R 215 -61.37 -62.35 -31.39
C SER R 215 -61.27 -62.61 -32.90
N PHE R 216 -60.53 -63.67 -33.23
CA PHE R 216 -60.43 -64.17 -34.58
C PHE R 216 -60.10 -65.66 -34.52
N ASN R 217 -60.44 -66.38 -35.59
CA ASN R 217 -60.32 -67.83 -35.62
C ASN R 217 -59.62 -68.26 -36.90
N ARG R 218 -58.40 -68.80 -36.76
CA ARG R 218 -57.67 -69.39 -37.87
C ARG R 218 -56.73 -70.48 -37.38
#